data_9NLW
#
_entry.id   9NLW
#
loop_
_entity.id
_entity.type
_entity.pdbx_description
1 polymer 'Vesicular-fusion protein SEC18'
2 polymer 'Alpha-soluble NSF attachment protein'
3 polymer 'Synaptobrevin homolog 1'
4 polymer 'Protein SSO1'
5 polymer 'Protein transport protein SEC9'
6 non-polymer "ADENOSINE-5'-DIPHOSPHATE"
7 non-polymer "ADENOSINE-5'-TRIPHOSPHATE"
#
loop_
_entity_poly.entity_id
_entity_poly.type
_entity_poly.pdbx_seq_one_letter_code
_entity_poly.pdbx_strand_id
1 'polypeptide(L)'
;GAHMFKIPGFGKAAANHTPPDMTNMDTRTRHLKVSNCPNNSYALANVAAVSPNDFPNNIYIIIDNLFVFTTRHSNDIPPG
TIGFNGNQRTWGGWSLNQDVQAKAFDLFKYSGKQSYLGSIDIDISFRARGKAVSTVFDQDELAKQFVRCYESQIFSPTQY
LIMEFQGHFFDLKIRNVQAIDLGDIEPTSAVATGIETKGILTKQTQINFFKGRDGLVNLKSSNSLRPRSNAVIRPDFKFE
DLGVGGLDKEFTKIFRRAFASRIFPPSVIEKLGISHVKGLLLYGPPGTGKTLIARKIGTMLNAKEPKIVNGPEILSKYVG
SSEENIRNLFKDAEAEYRAKGEESSLHIIIFDELDSVFKQRGSRGDGTGVGDNVVNQLLAKMDGVDQLNNILVIGMTNRK
DLIDSALLRPGRFEVQVEIHLPDEKGRLQIFDIQTKKMRENNMMSDDVNLAELAALTKNFSGAEIEGLVKSASSFAINKT
VNIGKGATKLNTKDIAKLKVTREDFLNALNDVTPAFGISEEDLKTCVEGGMMLYSERVNSILKNGARYVRQVRESDKSRL
VSLLIHGPAGSGKTALAAEIALKSGFPFIRLISPNELSGMSESAKIAYIDNTFRDAYKSPLNILVIDSLETLVDWVPIGP
RFSNNILQMLKVALKRKPPQDRRLLIMTTTSAYSVLQQMDILSCFDNEIAVPNMTNLDELNNVMIESNFLDDAGRVKVIN
ELSRSCPNFNVGIKKTLTNIETARHDEDPVNELVELMTQSA
;
A,B,C,D,E,F
2 'polypeptide(L)'
;GMSDPVELLKRAEKKGVPSSGFMKLFSGSDSYKFEEAADLCVQAATIYRLRKELNLAGDSFLKAADYQKKAGNEDEAGNT
YVEAYKCFKSGGNSVNAVDSLENAIQIFTHRGQFRRGANFKFELGEILENDLHDYAKAIDCYELAGEWYAQDQSVALSNK
CFIKCADLKALDGQYIEASDIYSKLIKSSMGNRLSQWSLKDYFLKKGLCQLAATDAVAAARTLQEGQSEDPNFADSRESN
FLKSLIDAVNEGDSEQLSEHCKEFDNFMRLDKWKITILNKIKESIQQQEDDLL
;
G,H,I
3 'polypeptide(L)'
;GASHMSSSTPFDPYALSEHDEERPQNVQSKSRTAELQAEIDDTVGIMRDNINKVAERGERLTSIEDKADNLAVSAQGFKR
GANRVRKAMWYKDLKMK
;
J
4 'polypeptide(L)'
;GASHMSYNNPYQLETPFEESYELDEGSSAIGAEGHDFVGFMNKISQINRDLDKYDHTINQVDSLHKRLLTEVNEEQASHL
RHSLDNFVAQATDLQFKLKNEIKSAQRDGIHDTNKQAQAENSRQRFLKLIQDYRIVDSNYKEENKEQAKRQYMIIQPEAT
EDEVEAAISDVGGQQIFSQALLNANRRGEAKTALAEVQARHQELLKLEKSMAELTQLFNDMEELVIEQQENVDVIDKNVE
DAQLDVEQGVGHTDKAVKSARKARKNKIR
;
K
5 'polypeptide(L)'
;GASHIKFTKQSSVASTRNTLKMAQDAERAGMNTLGMLGHQSEQLNNVEGNLDLMKVQNKVADEKVAELKKLNRSILAVHV
SNPFNSKRRRREREEQLKNRKIEEKLMREQTSQQLSQSTQRIEGAMNANNNISEVRERYQRKNVLEKAKRYQFENDEEDD
EMELEIDRNLDQIQQVSNRLKKMALTTGKELDSQQKRLNNIEESTDDLDINLHMNTNRLAGI
;
L
#
loop_
_chem_comp.id
_chem_comp.type
_chem_comp.name
_chem_comp.formula
ADP non-polymer ADENOSINE-5'-DIPHOSPHATE 'C10 H15 N5 O10 P2'
ATP non-polymer ADENOSINE-5'-TRIPHOSPHATE 'C10 H16 N5 O13 P3'
#
# COMPACT_ATOMS: atom_id res chain seq x y z
N LYS A 238 11.82 -67.32 10.35
CA LYS A 238 11.48 -67.19 11.76
C LYS A 238 11.99 -65.88 12.35
N PHE A 239 13.30 -65.76 12.51
CA PHE A 239 13.88 -64.49 12.90
C PHE A 239 15.18 -64.19 12.15
N GLU A 240 16.01 -65.21 11.95
CA GLU A 240 17.33 -65.03 11.39
C GLU A 240 17.38 -65.32 9.89
N ASP A 241 16.28 -65.78 9.30
CA ASP A 241 16.24 -65.91 7.85
C ASP A 241 16.45 -64.57 7.18
N LEU A 242 16.17 -63.49 7.88
CA LEU A 242 16.58 -62.15 7.49
C LEU A 242 17.85 -61.77 8.25
N GLY A 243 18.40 -60.61 7.89
CA GLY A 243 19.70 -60.22 8.41
C GLY A 243 19.66 -59.53 9.76
N VAL A 244 19.35 -60.28 10.81
CA VAL A 244 19.49 -59.79 12.17
C VAL A 244 19.83 -60.95 13.09
N GLY A 245 20.95 -60.87 13.77
CA GLY A 245 21.43 -61.95 14.64
C GLY A 245 21.65 -61.45 16.05
N GLY A 246 21.29 -62.28 17.02
CA GLY A 246 21.47 -61.99 18.42
C GLY A 246 20.24 -61.45 19.12
N LEU A 247 19.26 -60.95 18.36
CA LEU A 247 18.02 -60.42 18.93
C LEU A 247 16.95 -61.49 18.74
N ASP A 248 16.65 -62.21 19.81
CA ASP A 248 15.67 -63.30 19.75
C ASP A 248 14.44 -62.99 20.59
N LYS A 249 14.61 -62.75 21.89
CA LYS A 249 13.46 -62.49 22.75
C LYS A 249 12.75 -61.21 22.33
N GLU A 250 13.53 -60.16 22.04
CA GLU A 250 12.93 -58.89 21.68
C GLU A 250 12.04 -59.03 20.45
N PHE A 251 12.49 -59.80 19.47
CA PHE A 251 11.71 -59.91 18.25
C PHE A 251 10.45 -60.73 18.47
N THR A 252 10.52 -61.74 19.32
CA THR A 252 9.31 -62.48 19.67
C THR A 252 8.30 -61.56 20.34
N LYS A 253 8.76 -60.74 21.28
CA LYS A 253 7.86 -59.79 21.93
C LYS A 253 7.24 -58.85 20.90
N ILE A 254 8.07 -58.32 20.01
CA ILE A 254 7.57 -57.36 19.02
C ILE A 254 6.53 -58.02 18.12
N PHE A 255 6.82 -59.23 17.66
CA PHE A 255 5.90 -59.91 16.77
C PHE A 255 4.59 -60.20 17.48
N ARG A 256 4.66 -60.64 18.74
CA ARG A 256 3.44 -60.97 19.47
C ARG A 256 2.59 -59.74 19.70
N ARG A 257 3.20 -58.61 20.04
CA ARG A 257 2.41 -57.47 20.47
C ARG A 257 2.02 -56.55 19.32
N ALA A 258 2.79 -56.52 18.23
CA ALA A 258 2.57 -55.56 17.16
C ALA A 258 1.86 -56.16 15.95
N PHE A 259 2.30 -57.33 15.49
CA PHE A 259 1.76 -57.92 14.27
C PHE A 259 0.89 -59.14 14.55
N ALA A 260 0.32 -59.22 15.75
CA ALA A 260 -0.61 -60.28 16.08
C ALA A 260 -2.05 -59.90 15.80
N SER A 261 -2.28 -58.70 15.26
CA SER A 261 -3.62 -58.27 14.86
C SER A 261 -3.68 -57.82 13.41
N ARG A 262 -2.58 -57.89 12.67
CA ARG A 262 -2.58 -57.53 11.26
C ARG A 262 -2.41 -58.74 10.36
N ILE A 263 -2.32 -59.94 10.94
CA ILE A 263 -2.10 -61.15 10.19
C ILE A 263 -3.36 -62.02 10.12
N PHE A 264 -4.17 -62.01 11.17
CA PHE A 264 -5.34 -62.86 11.23
C PHE A 264 -6.39 -62.38 10.23
N PRO A 265 -7.34 -63.24 9.87
CA PRO A 265 -8.41 -62.82 8.98
C PRO A 265 -9.17 -61.63 9.57
N PRO A 266 -9.52 -60.64 8.75
CA PRO A 266 -10.16 -59.45 9.32
C PRO A 266 -11.43 -59.75 10.08
N SER A 267 -12.15 -60.79 9.69
CA SER A 267 -13.43 -61.07 10.33
C SER A 267 -13.24 -61.39 11.82
N VAL A 268 -12.25 -62.21 12.13
CA VAL A 268 -12.04 -62.61 13.52
C VAL A 268 -11.69 -61.40 14.38
N ILE A 269 -10.77 -60.57 13.89
CA ILE A 269 -10.34 -59.41 14.67
C ILE A 269 -11.50 -58.43 14.80
N GLU A 270 -12.32 -58.29 13.77
CA GLU A 270 -13.49 -57.43 13.89
C GLU A 270 -14.45 -57.96 14.95
N LYS A 271 -14.65 -59.28 14.98
CA LYS A 271 -15.50 -59.85 16.00
C LYS A 271 -14.96 -59.57 17.39
N LEU A 272 -13.64 -59.73 17.55
CA LEU A 272 -13.04 -59.50 18.86
C LEU A 272 -13.20 -58.07 19.31
N GLY A 273 -13.27 -57.13 18.38
CA GLY A 273 -13.46 -55.73 18.72
C GLY A 273 -12.26 -55.12 19.40
N ILE A 274 -11.14 -55.01 18.67
CA ILE A 274 -9.92 -54.42 19.20
C ILE A 274 -9.24 -53.64 18.09
N SER A 275 -8.57 -52.56 18.48
CA SER A 275 -7.86 -51.72 17.53
C SER A 275 -6.43 -52.23 17.34
N HIS A 276 -5.62 -51.45 16.64
CA HIS A 276 -4.23 -51.81 16.35
C HIS A 276 -3.27 -50.90 17.10
N VAL A 277 -2.10 -51.44 17.41
CA VAL A 277 -1.06 -50.67 18.08
C VAL A 277 -0.55 -49.60 17.12
N LYS A 278 -0.31 -48.41 17.64
CA LYS A 278 0.04 -47.26 16.80
C LYS A 278 1.32 -46.58 17.26
N GLY A 279 2.25 -47.35 17.80
CA GLY A 279 3.52 -46.77 18.22
C GLY A 279 4.50 -47.85 18.58
N LEU A 280 5.77 -47.48 18.57
CA LEU A 280 6.81 -48.42 18.97
C LEU A 280 8.07 -47.66 19.29
N LEU A 281 8.50 -47.73 20.55
CA LEU A 281 9.68 -47.01 21.01
C LEU A 281 10.72 -48.02 21.45
N LEU A 282 11.82 -48.09 20.70
CA LEU A 282 12.91 -49.00 21.01
C LEU A 282 14.18 -48.19 21.19
N TYR A 283 14.83 -48.38 22.33
CA TYR A 283 15.93 -47.51 22.74
C TYR A 283 17.13 -48.36 23.12
N GLY A 284 18.30 -47.74 23.04
CA GLY A 284 19.53 -48.42 23.38
C GLY A 284 20.77 -47.68 22.97
N PRO A 285 21.94 -48.28 23.23
CA PRO A 285 23.18 -47.62 22.87
C PRO A 285 23.31 -47.48 21.37
N PRO A 286 24.01 -46.45 20.89
CA PRO A 286 24.07 -46.21 19.44
C PRO A 286 24.84 -47.28 18.70
N GLY A 287 24.45 -47.51 17.45
CA GLY A 287 25.17 -48.45 16.62
C GLY A 287 24.92 -49.91 16.91
N THR A 288 23.72 -50.27 17.37
CA THR A 288 23.47 -51.64 17.77
C THR A 288 22.45 -52.34 16.90
N GLY A 289 21.86 -51.65 15.92
CA GLY A 289 20.97 -52.32 14.98
C GLY A 289 19.52 -51.93 15.09
N LYS A 290 19.24 -50.67 15.40
CA LYS A 290 17.85 -50.26 15.56
C LYS A 290 17.21 -49.94 14.21
N THR A 291 17.90 -49.16 13.39
CA THR A 291 17.36 -48.82 12.08
C THR A 291 17.19 -50.07 11.23
N LEU A 292 18.13 -51.01 11.34
CA LEU A 292 18.02 -52.25 10.58
C LEU A 292 16.75 -53.00 10.94
N ILE A 293 16.47 -53.15 12.23
CA ILE A 293 15.28 -53.88 12.63
C ILE A 293 14.02 -53.14 12.22
N ALA A 294 14.04 -51.80 12.31
CA ALA A 294 12.89 -51.04 11.87
C ALA A 294 12.60 -51.30 10.39
N ARG A 295 13.63 -51.20 9.56
CA ARG A 295 13.42 -51.40 8.12
C ARG A 295 12.99 -52.82 7.81
N LYS A 296 13.55 -53.81 8.52
CA LYS A 296 13.13 -55.18 8.28
C LYS A 296 11.69 -55.41 8.67
N ILE A 297 11.26 -54.82 9.78
CA ILE A 297 9.85 -54.89 10.16
C ILE A 297 9.00 -54.30 9.05
N GLY A 298 9.42 -53.14 8.53
CA GLY A 298 8.68 -52.54 7.44
C GLY A 298 8.57 -53.46 6.24
N THR A 299 9.67 -54.09 5.87
CA THR A 299 9.68 -54.93 4.67
C THR A 299 8.81 -56.17 4.85
N MET A 300 8.91 -56.83 6.00
CA MET A 300 8.25 -58.12 6.15
C MET A 300 6.74 -58.02 6.17
N LEU A 301 6.19 -56.82 6.29
CA LEU A 301 4.75 -56.62 6.35
C LEU A 301 4.25 -55.80 5.16
N ASN A 302 4.90 -55.95 4.01
CA ASN A 302 4.59 -55.16 2.83
C ASN A 302 4.75 -53.70 3.22
N ALA A 303 3.72 -52.86 3.11
CA ALA A 303 3.81 -51.47 3.54
C ALA A 303 4.62 -50.65 2.54
N LYS A 304 4.44 -49.34 2.56
CA LYS A 304 5.11 -48.46 1.62
C LYS A 304 6.53 -48.16 2.11
N GLU A 305 7.23 -47.33 1.36
CA GLU A 305 8.59 -46.97 1.74
C GLU A 305 8.59 -46.15 3.03
N PRO A 306 9.48 -46.47 3.97
CA PRO A 306 9.52 -45.67 5.20
C PRO A 306 9.83 -44.21 4.92
N LYS A 307 9.24 -43.34 5.73
CA LYS A 307 9.49 -41.90 5.66
C LYS A 307 10.39 -41.53 6.83
N ILE A 308 11.64 -41.17 6.53
CA ILE A 308 12.68 -40.99 7.53
C ILE A 308 12.82 -39.52 7.88
N VAL A 309 13.07 -39.25 9.15
CA VAL A 309 13.33 -37.89 9.62
C VAL A 309 14.12 -37.97 10.92
N ASN A 310 14.87 -36.92 11.21
CA ASN A 310 15.67 -36.85 12.43
C ASN A 310 15.34 -35.57 13.18
N GLY A 311 15.49 -35.65 14.50
CA GLY A 311 14.95 -34.66 15.40
C GLY A 311 15.23 -33.21 15.04
N PRO A 312 16.49 -32.80 15.16
CA PRO A 312 16.83 -31.37 15.05
C PRO A 312 16.57 -30.77 13.68
N GLU A 313 16.25 -31.58 12.67
CA GLU A 313 15.94 -31.02 11.36
C GLU A 313 14.55 -30.40 11.30
N ILE A 314 13.66 -30.78 12.21
CA ILE A 314 12.29 -30.28 12.17
C ILE A 314 12.26 -28.77 12.36
N LEU A 315 13.04 -28.27 13.31
CA LEU A 315 12.89 -26.89 13.75
C LEU A 315 13.23 -25.92 12.63
N SER A 316 12.54 -24.78 12.65
CA SER A 316 12.82 -23.66 11.75
C SER A 316 12.80 -22.39 12.58
N LYS A 317 12.83 -21.23 11.90
CA LYS A 317 12.89 -19.95 12.58
C LYS A 317 11.77 -19.01 12.15
N TYR A 318 10.71 -19.53 11.55
CA TYR A 318 9.52 -18.76 11.26
C TYR A 318 8.36 -19.31 12.08
N VAL A 319 7.51 -18.41 12.56
CA VAL A 319 6.34 -18.84 13.32
C VAL A 319 5.48 -19.73 12.45
N GLY A 320 5.13 -20.89 12.97
CA GLY A 320 4.24 -21.79 12.27
C GLY A 320 4.89 -22.66 11.22
N SER A 321 6.22 -22.65 11.13
CA SER A 321 6.92 -23.56 10.23
C SER A 321 7.58 -24.72 10.96
N SER A 322 7.85 -24.58 12.25
CA SER A 322 8.44 -25.68 13.00
C SER A 322 7.43 -26.79 13.26
N GLU A 323 6.13 -26.48 13.20
CA GLU A 323 5.09 -27.49 13.41
C GLU A 323 4.39 -27.91 12.13
N GLU A 324 4.54 -27.14 11.05
CA GLU A 324 3.99 -27.57 9.78
C GLU A 324 4.72 -28.80 9.25
N ASN A 325 6.01 -28.93 9.57
CA ASN A 325 6.75 -30.09 9.10
C ASN A 325 6.27 -31.36 9.78
N ILE A 326 5.90 -31.26 11.05
CA ILE A 326 5.35 -32.41 11.75
C ILE A 326 3.95 -32.75 11.29
N ARG A 327 3.31 -31.85 10.55
CA ARG A 327 1.97 -32.09 10.05
C ARG A 327 1.98 -32.68 8.65
N ASN A 328 3.05 -32.46 7.89
CA ASN A 328 3.12 -32.95 6.51
C ASN A 328 3.41 -34.44 6.43
N LEU A 329 3.75 -35.08 7.55
CA LEU A 329 4.08 -36.49 7.51
C LEU A 329 2.84 -37.38 7.48
N PHE A 330 1.67 -36.85 7.81
CA PHE A 330 0.45 -37.64 7.92
C PHE A 330 -0.53 -37.42 6.77
N LYS A 331 -0.16 -36.63 5.76
CA LYS A 331 -1.13 -36.29 4.73
C LYS A 331 -1.50 -37.51 3.89
N ASP A 332 -0.50 -38.23 3.39
CA ASP A 332 -0.79 -39.31 2.45
C ASP A 332 -1.59 -40.42 3.09
N ALA A 333 -1.25 -40.79 4.33
CA ALA A 333 -1.99 -41.85 5.01
C ALA A 333 -3.45 -41.43 5.18
N GLU A 334 -3.68 -40.19 5.58
CA GLU A 334 -5.04 -39.71 5.76
C GLU A 334 -5.80 -39.76 4.44
N ALA A 335 -5.17 -39.31 3.37
CA ALA A 335 -5.85 -39.31 2.06
C ALA A 335 -6.23 -40.72 1.66
N GLU A 336 -5.28 -41.65 1.77
CA GLU A 336 -5.57 -43.03 1.38
C GLU A 336 -6.64 -43.65 2.26
N TYR A 337 -6.60 -43.36 3.56
CA TYR A 337 -7.63 -43.90 4.44
C TYR A 337 -9.00 -43.37 4.06
N ARG A 338 -9.09 -42.07 3.77
CA ARG A 338 -10.37 -41.50 3.38
C ARG A 338 -10.87 -42.10 2.09
N ALA A 339 -9.97 -42.30 1.11
CA ALA A 339 -10.40 -42.78 -0.20
C ALA A 339 -10.78 -44.25 -0.15
N LYS A 340 -9.83 -45.11 0.20
CA LYS A 340 -10.06 -46.55 0.11
C LYS A 340 -10.97 -47.02 1.24
N GLY A 341 -10.53 -46.85 2.47
CA GLY A 341 -11.32 -47.27 3.62
C GLY A 341 -10.52 -48.16 4.54
N GLU A 342 -11.02 -49.38 4.75
CA GLU A 342 -10.36 -50.35 5.61
C GLU A 342 -9.51 -51.32 4.83
N GLU A 343 -9.33 -51.08 3.53
CA GLU A 343 -8.48 -51.93 2.69
C GLU A 343 -7.19 -51.23 2.31
N SER A 344 -6.79 -50.21 3.06
CA SER A 344 -5.63 -49.43 2.71
C SER A 344 -4.35 -50.22 2.99
N SER A 345 -3.23 -49.64 2.56
CA SER A 345 -1.92 -50.25 2.73
C SER A 345 -1.16 -49.56 3.85
N LEU A 346 -0.51 -50.36 4.68
CA LEU A 346 0.16 -49.84 5.87
C LEU A 346 1.22 -48.81 5.50
N HIS A 347 1.32 -47.76 6.32
CA HIS A 347 2.33 -46.73 6.17
C HIS A 347 3.23 -46.73 7.38
N ILE A 348 4.49 -46.33 7.19
CA ILE A 348 5.47 -46.31 8.26
C ILE A 348 6.13 -44.94 8.31
N ILE A 349 6.46 -44.51 9.51
CA ILE A 349 7.17 -43.26 9.75
C ILE A 349 8.23 -43.51 10.81
N ILE A 350 9.49 -43.30 10.46
CA ILE A 350 10.60 -43.54 11.36
C ILE A 350 11.09 -42.22 11.94
N PHE A 351 11.10 -42.13 13.26
CA PHE A 351 11.55 -40.97 13.99
C PHE A 351 12.89 -41.25 14.64
N ASP A 352 13.82 -40.31 14.52
CA ASP A 352 15.17 -40.48 15.04
C ASP A 352 15.48 -39.39 16.06
N GLU A 353 16.10 -39.79 17.16
CA GLU A 353 16.49 -38.87 18.22
C GLU A 353 15.27 -38.12 18.77
N LEU A 354 14.35 -38.89 19.33
CA LEU A 354 13.10 -38.34 19.82
C LEU A 354 13.24 -37.53 21.09
N ASP A 355 14.41 -37.55 21.74
CA ASP A 355 14.61 -36.86 23.01
C ASP A 355 15.27 -35.51 22.85
N SER A 356 15.43 -35.04 21.62
CA SER A 356 16.08 -33.75 21.40
C SER A 356 15.08 -32.60 21.33
N VAL A 357 13.88 -32.86 20.82
CA VAL A 357 12.85 -31.83 20.69
C VAL A 357 11.64 -32.12 21.57
N PHE A 358 11.27 -33.39 21.72
CA PHE A 358 10.06 -33.76 22.47
C PHE A 358 10.44 -34.01 23.92
N LYS A 359 10.64 -32.91 24.65
CA LYS A 359 10.93 -32.96 26.07
C LYS A 359 9.73 -32.43 26.86
N GLN A 360 9.65 -32.88 28.12
CA GLN A 360 8.51 -32.57 28.98
C GLN A 360 8.14 -31.09 28.86
N ARG A 361 6.83 -30.84 28.73
CA ARG A 361 6.31 -29.50 28.60
C ARG A 361 5.77 -29.02 29.93
N GLY A 362 5.97 -27.74 30.22
CA GLY A 362 5.49 -27.14 31.45
C GLY A 362 6.61 -26.83 32.42
N GLY A 369 6.87 -21.09 23.98
CA GLY A 369 8.06 -21.60 23.34
C GLY A 369 7.75 -22.58 22.23
N VAL A 370 8.74 -22.82 21.37
CA VAL A 370 8.53 -23.72 20.24
C VAL A 370 8.36 -25.15 20.72
N GLY A 371 9.06 -25.53 21.80
CA GLY A 371 8.99 -26.91 22.26
C GLY A 371 7.57 -27.32 22.64
N ASP A 372 6.90 -26.48 23.42
CA ASP A 372 5.54 -26.80 23.83
C ASP A 372 4.62 -26.95 22.62
N ASN A 373 4.75 -26.04 21.66
CA ASN A 373 3.90 -26.11 20.47
C ASN A 373 4.17 -27.40 19.70
N VAL A 374 5.44 -27.79 19.57
CA VAL A 374 5.78 -28.99 18.83
C VAL A 374 5.19 -30.21 19.52
N VAL A 375 5.36 -30.29 20.83
CA VAL A 375 4.84 -31.44 21.56
C VAL A 375 3.32 -31.49 21.44
N ASN A 376 2.66 -30.35 21.55
CA ASN A 376 1.20 -30.33 21.43
C ASN A 376 0.76 -30.76 20.04
N GLN A 377 1.47 -30.31 19.01
CA GLN A 377 1.07 -30.63 17.65
C GLN A 377 1.25 -32.11 17.37
N LEU A 378 2.27 -32.75 17.94
CA LEU A 378 2.38 -34.19 17.78
C LEU A 378 1.34 -34.92 18.62
N LEU A 379 1.06 -34.43 19.83
CA LEU A 379 0.07 -35.08 20.68
C LEU A 379 -1.29 -35.08 20.03
N ALA A 380 -1.70 -33.96 19.46
CA ALA A 380 -3.01 -33.85 18.86
C ALA A 380 -3.12 -34.62 17.55
N LYS A 381 -2.00 -35.04 16.97
CA LYS A 381 -2.04 -35.77 15.71
C LYS A 381 -1.91 -37.27 15.87
N MET A 382 -1.16 -37.73 16.87
CA MET A 382 -1.04 -39.17 17.08
C MET A 382 -2.39 -39.78 17.42
N ASP A 383 -3.17 -39.11 18.26
CA ASP A 383 -4.48 -39.65 18.67
C ASP A 383 -5.41 -38.46 18.91
N GLY A 384 -6.22 -38.15 17.90
CA GLY A 384 -7.09 -36.98 17.99
C GLY A 384 -8.55 -37.31 17.75
N VAL A 385 -9.33 -36.30 17.38
CA VAL A 385 -10.76 -36.48 17.23
C VAL A 385 -11.11 -37.32 16.02
N ASP A 386 -10.21 -37.40 15.03
CA ASP A 386 -10.45 -38.14 13.80
C ASP A 386 -9.65 -39.44 13.82
N GLN A 387 -10.36 -40.56 13.72
CA GLN A 387 -9.72 -41.85 13.78
C GLN A 387 -8.89 -42.11 12.53
N LEU A 388 -7.78 -42.83 12.72
CA LEU A 388 -6.90 -43.19 11.61
C LEU A 388 -6.11 -44.40 12.05
N ASN A 389 -6.40 -45.57 11.47
CA ASN A 389 -5.79 -46.82 11.91
C ASN A 389 -5.17 -47.59 10.74
N ASN A 390 -4.43 -46.89 9.90
CA ASN A 390 -3.64 -47.53 8.86
C ASN A 390 -2.20 -47.02 8.88
N ILE A 391 -1.70 -46.73 10.08
CA ILE A 391 -0.39 -46.12 10.25
C ILE A 391 0.36 -46.82 11.37
N LEU A 392 1.68 -46.65 11.36
CA LEU A 392 2.54 -47.19 12.42
C LEU A 392 3.81 -46.37 12.49
N VAL A 393 4.10 -45.80 13.66
CA VAL A 393 5.24 -44.90 13.83
C VAL A 393 6.22 -45.51 14.83
N ILE A 394 7.48 -45.60 14.40
CA ILE A 394 8.57 -46.11 15.21
C ILE A 394 9.43 -44.96 15.70
N GLY A 395 9.92 -45.09 16.92
CA GLY A 395 10.78 -44.08 17.52
C GLY A 395 11.97 -44.73 18.19
N MET A 396 13.12 -44.09 18.04
CA MET A 396 14.38 -44.62 18.55
C MET A 396 15.05 -43.56 19.41
N THR A 397 15.62 -43.99 20.55
CA THR A 397 16.23 -43.05 21.47
C THR A 397 17.25 -43.76 22.35
N ASN A 398 18.10 -42.94 22.97
CA ASN A 398 19.12 -43.43 23.88
C ASN A 398 18.86 -43.07 25.33
N ARG A 399 18.06 -42.03 25.59
CA ARG A 399 17.69 -41.64 26.95
C ARG A 399 16.17 -41.57 27.02
N LYS A 400 15.55 -42.59 27.61
CA LYS A 400 14.11 -42.71 27.63
C LYS A 400 13.46 -41.95 28.78
N ASP A 401 14.25 -41.33 29.66
CA ASP A 401 13.73 -40.63 30.81
C ASP A 401 13.71 -39.13 30.61
N LEU A 402 13.59 -38.67 29.37
CA LEU A 402 13.40 -37.26 29.07
C LEU A 402 12.22 -37.00 28.17
N ILE A 403 11.58 -38.04 27.64
CA ILE A 403 10.44 -37.85 26.77
C ILE A 403 9.23 -37.46 27.61
N ASP A 404 8.32 -36.70 27.00
CA ASP A 404 7.15 -36.22 27.72
C ASP A 404 6.41 -37.41 28.32
N SER A 405 5.63 -37.18 29.36
CA SER A 405 4.95 -38.24 30.08
C SER A 405 3.59 -38.59 29.50
N ALA A 406 3.06 -37.79 28.58
CA ALA A 406 1.81 -38.10 27.92
C ALA A 406 2.01 -38.80 26.58
N LEU A 407 3.22 -38.80 26.05
CA LEU A 407 3.54 -39.50 24.82
C LEU A 407 3.88 -40.96 25.05
N LEU A 408 3.75 -41.44 26.28
CA LEU A 408 4.08 -42.82 26.62
C LEU A 408 2.88 -43.49 27.27
N ARG A 409 1.70 -43.16 26.80
CA ARG A 409 0.47 -43.71 27.34
C ARG A 409 -0.15 -44.67 26.33
N PRO A 410 -0.76 -45.76 26.78
CA PRO A 410 -1.35 -46.71 25.84
C PRO A 410 -2.25 -46.04 24.82
N GLY A 411 -1.84 -46.07 23.56
CA GLY A 411 -2.56 -45.37 22.51
C GLY A 411 -1.65 -44.52 21.66
N ARG A 412 -0.52 -44.10 22.22
CA ARG A 412 0.45 -43.27 21.50
C ARG A 412 1.75 -44.02 21.29
N PHE A 413 2.40 -44.47 22.36
CA PHE A 413 3.64 -45.25 22.27
C PHE A 413 3.47 -46.40 23.25
N GLU A 414 2.89 -47.49 22.78
CA GLU A 414 2.46 -48.53 23.70
C GLU A 414 3.58 -49.49 24.04
N VAL A 415 4.35 -49.93 23.06
CA VAL A 415 5.38 -50.95 23.23
C VAL A 415 6.73 -50.27 23.43
N GLN A 416 7.42 -50.62 24.51
CA GLN A 416 8.74 -50.11 24.81
C GLN A 416 9.72 -51.27 24.90
N VAL A 417 10.82 -51.18 24.17
CA VAL A 417 11.77 -52.27 24.06
C VAL A 417 13.19 -51.74 24.24
N GLU A 418 14.07 -52.61 24.70
CA GLU A 418 15.47 -52.28 24.96
C GLU A 418 16.37 -53.18 24.15
N ILE A 419 17.43 -52.61 23.60
CA ILE A 419 18.40 -53.33 22.78
C ILE A 419 19.73 -53.36 23.53
N HIS A 420 20.21 -54.55 23.84
CA HIS A 420 21.47 -54.71 24.53
C HIS A 420 22.62 -54.86 23.55
N LEU A 421 23.84 -54.86 24.09
CA LEU A 421 24.99 -55.21 23.27
C LEU A 421 25.03 -56.72 23.02
N PRO A 422 25.62 -57.15 21.91
CA PRO A 422 25.63 -58.58 21.59
C PRO A 422 26.42 -59.38 22.61
N ASP A 423 25.96 -60.61 22.83
CA ASP A 423 26.65 -61.52 23.74
C ASP A 423 27.63 -62.33 22.87
N GLU A 424 28.24 -63.38 23.43
CA GLU A 424 29.16 -64.18 22.66
C GLU A 424 28.46 -64.87 21.49
N LYS A 425 27.26 -65.42 21.75
CA LYS A 425 26.51 -66.04 20.67
C LYS A 425 26.05 -65.00 19.68
N GLY A 426 25.68 -63.81 20.16
CA GLY A 426 25.26 -62.77 19.25
C GLY A 426 26.37 -62.43 18.28
N ARG A 427 27.61 -62.35 18.78
CA ARG A 427 28.74 -62.05 17.90
C ARG A 427 28.95 -63.17 16.90
N LEU A 428 28.82 -64.42 17.35
CA LEU A 428 28.97 -65.53 16.40
C LEU A 428 27.93 -65.45 15.29
N GLN A 429 26.68 -65.18 15.66
CA GLN A 429 25.62 -65.10 14.66
C GLN A 429 25.84 -63.93 13.72
N ILE A 430 26.28 -62.79 14.24
CA ILE A 430 26.54 -61.64 13.39
C ILE A 430 27.63 -61.99 12.39
N PHE A 431 28.67 -62.69 12.85
CA PHE A 431 29.72 -63.11 11.93
C PHE A 431 29.14 -64.01 10.86
N ASP A 432 28.26 -64.94 11.24
CA ASP A 432 27.67 -65.82 10.25
C ASP A 432 26.89 -65.03 9.20
N ILE A 433 26.15 -64.01 9.63
CA ILE A 433 25.37 -63.22 8.68
C ILE A 433 26.28 -62.41 7.76
N GLN A 434 27.35 -61.83 8.32
CA GLN A 434 28.16 -60.91 7.53
C GLN A 434 29.01 -61.62 6.49
N THR A 435 29.61 -62.75 6.84
CA THR A 435 30.50 -63.46 5.92
C THR A 435 29.73 -64.55 5.16
N LYS A 436 28.80 -64.11 4.33
CA LYS A 436 28.02 -65.00 3.49
C LYS A 436 28.33 -64.85 2.01
N LYS A 437 28.53 -63.62 1.54
CA LYS A 437 28.92 -63.43 0.14
C LYS A 437 30.27 -64.05 -0.14
N MET A 438 31.21 -63.91 0.78
CA MET A 438 32.53 -64.48 0.60
C MET A 438 32.56 -65.99 0.81
N ARG A 439 31.48 -66.55 1.34
CA ARG A 439 31.44 -67.98 1.64
C ARG A 439 30.95 -68.78 0.44
N GLU A 440 29.76 -68.47 -0.05
CA GLU A 440 29.21 -69.21 -1.18
C GLU A 440 30.07 -69.00 -2.42
N ASN A 441 30.58 -67.79 -2.63
CA ASN A 441 31.33 -67.47 -3.83
C ASN A 441 32.74 -68.01 -3.80
N ASN A 442 33.12 -68.74 -2.75
CA ASN A 442 34.41 -69.41 -2.67
C ASN A 442 35.57 -68.43 -2.79
N MET A 443 35.61 -67.48 -1.87
CA MET A 443 36.76 -66.60 -1.72
C MET A 443 37.16 -66.43 -0.27
N MET A 444 36.83 -67.39 0.58
CA MET A 444 37.23 -67.40 1.98
C MET A 444 37.96 -68.70 2.26
N SER A 445 39.18 -68.59 2.77
CA SER A 445 40.01 -69.76 2.98
C SER A 445 39.33 -70.72 3.96
N ASP A 446 39.86 -71.93 4.04
CA ASP A 446 39.32 -72.97 4.90
C ASP A 446 39.93 -72.95 6.30
N ASP A 447 40.87 -72.04 6.56
CA ASP A 447 41.55 -71.99 7.84
C ASP A 447 40.86 -71.09 8.85
N VAL A 448 40.07 -70.13 8.38
CA VAL A 448 39.39 -69.21 9.28
C VAL A 448 38.36 -69.98 10.11
N ASN A 449 38.46 -69.85 11.43
CA ASN A 449 37.53 -70.50 12.36
C ASN A 449 36.80 -69.39 13.11
N LEU A 450 35.57 -69.10 12.66
CA LEU A 450 34.84 -67.95 13.16
C LEU A 450 34.54 -68.04 14.65
N ALA A 451 34.54 -69.23 15.23
CA ALA A 451 34.31 -69.33 16.68
C ALA A 451 35.41 -68.61 17.44
N GLU A 452 36.65 -68.84 17.06
CA GLU A 452 37.77 -68.16 17.71
C GLU A 452 37.68 -66.66 17.50
N LEU A 453 37.33 -66.23 16.29
CA LEU A 453 37.21 -64.81 16.02
C LEU A 453 36.13 -64.18 16.89
N ALA A 454 35.00 -64.85 17.04
CA ALA A 454 33.95 -64.34 17.92
C ALA A 454 34.44 -64.26 19.35
N ALA A 455 35.17 -65.28 19.81
CA ALA A 455 35.65 -65.27 21.18
C ALA A 455 36.65 -64.15 21.42
N LEU A 456 37.42 -63.79 20.40
CA LEU A 456 38.44 -62.77 20.58
C LEU A 456 37.88 -61.35 20.57
N THR A 457 36.66 -61.15 20.10
CA THR A 457 36.06 -59.82 20.01
C THR A 457 35.11 -59.63 21.18
N LYS A 458 35.47 -58.74 22.10
CA LYS A 458 34.66 -58.45 23.27
C LYS A 458 34.18 -57.01 23.21
N ASN A 459 32.90 -56.81 23.50
CA ASN A 459 32.26 -55.49 23.51
C ASN A 459 32.17 -54.87 22.12
N PHE A 460 32.35 -55.67 21.07
CA PHE A 460 32.13 -55.16 19.72
C PHE A 460 30.65 -54.92 19.48
N SER A 461 30.36 -53.84 18.76
CA SER A 461 29.01 -53.30 18.74
C SER A 461 28.14 -53.85 17.62
N GLY A 462 28.69 -54.63 16.69
CA GLY A 462 27.94 -55.19 15.60
C GLY A 462 28.13 -54.47 14.28
N ALA A 463 28.46 -53.18 14.33
CA ALA A 463 28.88 -52.47 13.14
C ALA A 463 30.38 -52.52 12.96
N GLU A 464 31.13 -52.52 14.06
CA GLU A 464 32.58 -52.69 13.98
C GLU A 464 32.94 -54.03 13.38
N ILE A 465 32.08 -55.04 13.51
CA ILE A 465 32.32 -56.32 12.86
C ILE A 465 32.28 -56.16 11.35
N GLU A 466 31.31 -55.40 10.85
CA GLU A 466 31.24 -55.13 9.42
C GLU A 466 32.50 -54.42 8.94
N GLY A 467 32.92 -53.39 9.67
CA GLY A 467 34.14 -52.69 9.32
C GLY A 467 35.33 -53.63 9.30
N LEU A 468 35.40 -54.51 10.29
CA LEU A 468 36.50 -55.46 10.39
C LEU A 468 36.56 -56.35 9.15
N VAL A 469 35.42 -56.95 8.80
CA VAL A 469 35.42 -57.88 7.68
C VAL A 469 35.77 -57.16 6.38
N LYS A 470 35.19 -55.97 6.19
CA LYS A 470 35.47 -55.23 4.96
C LYS A 470 36.95 -54.84 4.89
N SER A 471 37.52 -54.40 6.01
CA SER A 471 38.93 -54.02 6.02
C SER A 471 39.81 -55.22 5.74
N ALA A 472 39.47 -56.38 6.30
CA ALA A 472 40.27 -57.57 6.04
C ALA A 472 40.23 -57.94 4.57
N SER A 473 39.04 -57.88 3.95
CA SER A 473 38.94 -58.18 2.54
C SER A 473 39.77 -57.20 1.70
N SER A 474 39.70 -55.91 2.04
CA SER A 474 40.49 -54.93 1.30
C SER A 474 41.97 -55.19 1.48
N PHE A 475 42.39 -55.54 2.70
CA PHE A 475 43.78 -55.89 2.94
C PHE A 475 44.21 -57.03 2.04
N ALA A 476 43.40 -58.09 1.98
CA ALA A 476 43.77 -59.24 1.18
C ALA A 476 43.93 -58.86 -0.29
N ILE A 477 42.94 -58.16 -0.85
CA ILE A 477 43.02 -57.80 -2.25
C ILE A 477 44.23 -56.90 -2.52
N ASN A 478 44.42 -55.89 -1.67
CA ASN A 478 45.53 -54.98 -1.90
C ASN A 478 46.86 -55.70 -1.81
N LYS A 479 46.95 -56.71 -0.94
CA LYS A 479 48.16 -57.52 -0.87
C LYS A 479 48.36 -58.31 -2.16
N THR A 480 47.29 -58.89 -2.69
CA THR A 480 47.43 -59.68 -3.91
C THR A 480 47.94 -58.82 -5.06
N VAL A 481 47.19 -57.80 -5.43
CA VAL A 481 47.59 -56.92 -6.51
C VAL A 481 48.90 -56.23 -6.15
N ASP A 494 45.97 -64.51 -11.75
CA ASP A 494 45.74 -64.85 -10.35
C ASP A 494 44.65 -64.00 -9.73
N ILE A 495 44.10 -63.07 -10.53
CA ILE A 495 43.03 -62.21 -10.05
C ILE A 495 41.77 -62.99 -9.73
N ALA A 496 41.65 -64.20 -10.27
CA ALA A 496 40.50 -65.07 -10.00
C ALA A 496 40.79 -66.11 -8.93
N LYS A 497 41.93 -66.01 -8.25
CA LYS A 497 42.31 -66.95 -7.21
C LYS A 497 42.45 -66.27 -5.85
N LEU A 498 41.82 -65.12 -5.66
CA LEU A 498 41.92 -64.42 -4.39
C LEU A 498 41.40 -65.29 -3.26
N LYS A 499 42.14 -65.31 -2.16
CA LYS A 499 41.74 -66.02 -0.95
C LYS A 499 42.06 -65.15 0.26
N VAL A 500 41.11 -65.04 1.19
CA VAL A 500 41.29 -64.29 2.42
C VAL A 500 41.56 -65.29 3.54
N THR A 501 42.69 -65.13 4.22
CA THR A 501 43.14 -66.08 5.22
C THR A 501 42.97 -65.47 6.62
N ARG A 502 43.43 -66.23 7.61
CA ARG A 502 43.30 -65.79 8.99
C ARG A 502 44.14 -64.55 9.27
N GLU A 503 45.31 -64.45 8.63
CA GLU A 503 46.22 -63.36 8.93
C GLU A 503 45.59 -62.01 8.64
N ASP A 504 44.87 -61.90 7.53
CA ASP A 504 44.22 -60.64 7.20
C ASP A 504 43.23 -60.25 8.28
N PHE A 505 42.43 -61.22 8.74
CA PHE A 505 41.44 -60.93 9.76
C PHE A 505 42.11 -60.50 11.06
N LEU A 506 43.19 -61.18 11.44
CA LEU A 506 43.87 -60.83 12.68
C LEU A 506 44.48 -59.43 12.59
N ASN A 507 45.07 -59.10 11.44
CA ASN A 507 45.62 -57.76 11.27
C ASN A 507 44.54 -56.71 11.35
N ALA A 508 43.42 -56.95 10.67
CA ALA A 508 42.32 -55.99 10.72
C ALA A 508 41.80 -55.82 12.15
N LEU A 509 41.70 -56.92 12.89
CA LEU A 509 41.30 -56.85 14.28
C LEU A 509 42.28 -55.99 15.07
N ASN A 510 43.58 -56.23 14.87
CA ASN A 510 44.58 -55.44 15.57
C ASN A 510 44.45 -53.96 15.25
N ASP A 511 44.05 -53.63 14.03
CA ASP A 511 43.96 -52.23 13.65
C ASP A 511 42.77 -51.55 14.33
N VAL A 512 41.61 -52.20 14.34
CA VAL A 512 40.38 -51.54 14.77
C VAL A 512 40.40 -51.28 16.27
N THR A 513 39.77 -50.17 16.67
CA THR A 513 39.65 -49.79 18.07
C THR A 513 38.18 -49.69 18.44
N PRO A 514 37.66 -50.54 19.33
CA PRO A 514 36.24 -50.49 19.65
C PRO A 514 35.88 -49.25 20.46
N ALA A 515 34.58 -48.97 20.51
CA ALA A 515 34.07 -47.79 21.20
C ALA A 515 33.80 -48.04 22.68
N PHE A 516 33.61 -49.29 23.08
CA PHE A 516 33.40 -49.64 24.48
C PHE A 516 34.55 -50.50 25.00
N GLY A 517 35.77 -50.13 24.62
CA GLY A 517 36.92 -50.93 24.98
C GLY A 517 38.05 -50.14 25.61
N ILE A 518 39.22 -50.76 25.68
CA ILE A 518 40.35 -50.15 26.36
C ILE A 518 40.85 -48.97 25.53
N SER A 519 41.33 -47.94 26.23
CA SER A 519 41.99 -46.80 25.60
C SER A 519 43.49 -46.94 25.89
N GLU A 520 44.18 -47.65 25.00
CA GLU A 520 45.54 -48.06 25.29
C GLU A 520 46.50 -46.87 25.29
N GLU A 521 46.29 -45.92 24.39
CA GLU A 521 47.28 -44.87 24.18
C GLU A 521 47.49 -44.02 25.42
N ASP A 522 46.40 -43.63 26.08
CA ASP A 522 46.53 -42.76 27.24
C ASP A 522 47.22 -43.49 28.39
N LEU A 523 46.77 -44.71 28.68
CA LEU A 523 47.38 -45.47 29.76
C LEU A 523 48.81 -45.87 29.44
N LYS A 524 49.20 -45.87 28.17
CA LYS A 524 50.56 -46.18 27.81
C LYS A 524 51.48 -44.96 27.86
N THR A 525 50.96 -43.79 27.50
CA THR A 525 51.74 -42.58 27.63
C THR A 525 51.80 -42.09 29.07
N CYS A 526 50.87 -42.52 29.92
CA CYS A 526 50.95 -42.15 31.33
C CYS A 526 52.15 -42.77 32.03
N VAL A 527 52.73 -43.84 31.47
CA VAL A 527 53.81 -44.56 32.13
C VAL A 527 55.02 -44.57 31.20
N GLU A 528 55.17 -43.52 30.41
CA GLU A 528 56.26 -43.46 29.45
C GLU A 528 57.63 -43.48 30.12
N GLY A 529 57.71 -43.17 31.40
CA GLY A 529 58.98 -43.13 32.08
C GLY A 529 59.47 -44.45 32.61
N GLY A 530 58.64 -45.47 32.58
CA GLY A 530 59.04 -46.80 32.99
C GLY A 530 58.76 -47.05 34.47
N MET A 531 58.61 -48.31 34.80
CA MET A 531 58.35 -48.74 36.17
C MET A 531 59.58 -49.44 36.72
N MET A 532 60.36 -48.72 37.52
CA MET A 532 61.52 -49.28 38.19
C MET A 532 61.15 -49.66 39.61
N LEU A 533 61.55 -50.86 40.01
CA LEU A 533 61.33 -51.32 41.38
C LEU A 533 62.55 -50.91 42.19
N TYR A 534 62.47 -49.73 42.78
CA TYR A 534 63.60 -49.18 43.53
C TYR A 534 63.56 -49.56 45.00
N SER A 535 62.51 -50.23 45.46
CA SER A 535 62.40 -50.60 46.86
C SER A 535 61.36 -51.71 46.99
N GLU A 536 60.99 -52.00 48.24
CA GLU A 536 60.03 -53.06 48.54
C GLU A 536 58.60 -52.58 48.58
N ARG A 537 58.37 -51.27 48.70
CA ARG A 537 57.02 -50.76 48.80
C ARG A 537 56.24 -51.03 47.52
N VAL A 538 56.89 -50.85 46.38
CA VAL A 538 56.21 -50.92 45.09
C VAL A 538 55.49 -52.26 44.94
N ASN A 539 56.18 -53.34 45.31
CA ASN A 539 55.59 -54.66 45.20
C ASN A 539 54.34 -54.76 46.07
N SER A 540 54.40 -54.23 47.29
CA SER A 540 53.25 -54.30 48.17
C SER A 540 52.07 -53.54 47.59
N ILE A 541 52.33 -52.35 47.05
CA ILE A 541 51.26 -51.54 46.48
C ILE A 541 50.61 -52.30 45.32
N LEU A 542 51.42 -52.86 44.44
CA LEU A 542 50.87 -53.57 43.29
C LEU A 542 50.11 -54.80 43.73
N LYS A 543 50.60 -55.47 44.77
CA LYS A 543 49.90 -56.65 45.28
C LYS A 543 48.54 -56.29 45.81
N ASN A 544 48.44 -55.18 46.55
CA ASN A 544 47.15 -54.75 47.07
C ASN A 544 46.20 -54.40 45.92
N GLY A 545 46.71 -53.72 44.91
CA GLY A 545 45.89 -53.43 43.75
C GLY A 545 45.34 -54.69 43.11
N ALA A 546 46.20 -55.69 42.93
CA ALA A 546 45.76 -56.93 42.35
C ALA A 546 44.72 -57.61 43.23
N ARG A 547 44.91 -57.55 44.55
CA ARG A 547 43.94 -58.14 45.45
C ARG A 547 42.57 -57.51 45.27
N TYR A 548 42.53 -56.18 45.18
CA TYR A 548 41.24 -55.52 45.02
C TYR A 548 40.61 -55.84 43.67
N VAL A 549 41.44 -55.93 42.62
CA VAL A 549 40.91 -56.31 41.31
C VAL A 549 40.25 -57.67 41.40
N ARG A 550 40.95 -58.62 42.02
CA ARG A 550 40.39 -59.96 42.13
C ARG A 550 39.10 -59.95 42.94
N GLN A 551 39.09 -59.19 44.04
CA GLN A 551 37.88 -59.11 44.86
C GLN A 551 36.70 -58.63 44.03
N VAL A 552 36.91 -57.57 43.27
CA VAL A 552 35.82 -57.04 42.44
C VAL A 552 35.37 -58.08 41.42
N ARG A 553 36.32 -58.83 40.85
CA ARG A 553 35.96 -59.78 39.82
C ARG A 553 35.11 -60.92 40.35
N GLU A 554 35.43 -61.43 41.54
CA GLU A 554 34.86 -62.68 42.01
C GLU A 554 33.81 -62.51 43.11
N SER A 555 33.26 -61.32 43.28
CA SER A 555 32.30 -61.10 44.34
C SER A 555 30.87 -61.19 43.82
N ASP A 556 29.94 -61.36 44.75
CA ASP A 556 28.52 -61.47 44.44
C ASP A 556 27.71 -60.28 44.92
N LYS A 557 28.00 -59.77 46.13
CA LYS A 557 27.30 -58.62 46.66
C LYS A 557 28.11 -57.34 46.53
N SER A 558 29.41 -57.44 46.35
CA SER A 558 30.27 -56.26 46.22
C SER A 558 30.32 -55.88 44.75
N ARG A 559 29.37 -55.05 44.32
CA ARG A 559 29.28 -54.60 42.95
C ARG A 559 29.83 -53.19 42.76
N LEU A 560 30.49 -52.64 43.77
CA LEU A 560 31.08 -51.31 43.67
C LEU A 560 32.20 -51.18 44.68
N VAL A 561 33.36 -50.74 44.22
CA VAL A 561 34.51 -50.53 45.10
C VAL A 561 35.21 -49.24 44.66
N SER A 562 35.32 -48.28 45.58
CA SER A 562 36.00 -47.02 45.32
C SER A 562 37.27 -46.98 46.16
N LEU A 563 38.39 -46.68 45.50
CA LEU A 563 39.70 -46.74 46.11
C LEU A 563 40.37 -45.38 46.00
N LEU A 564 41.05 -44.98 47.07
CA LEU A 564 41.76 -43.72 47.12
C LEU A 564 43.24 -43.98 47.23
N ILE A 565 44.04 -43.24 46.47
CA ILE A 565 45.49 -43.33 46.54
C ILE A 565 46.04 -41.93 46.70
N HIS A 566 46.82 -41.72 47.76
CA HIS A 566 47.26 -40.39 48.13
C HIS A 566 48.68 -40.44 48.66
N GLY A 567 49.35 -39.29 48.60
CA GLY A 567 50.70 -39.17 49.06
C GLY A 567 51.32 -37.83 48.69
N PRO A 568 52.57 -37.63 49.05
CA PRO A 568 53.24 -36.36 48.74
C PRO A 568 53.29 -36.09 47.25
N ALA A 569 53.46 -34.82 46.92
CA ALA A 569 53.48 -34.41 45.53
C ALA A 569 54.73 -34.94 44.84
N GLY A 570 54.57 -35.39 43.60
CA GLY A 570 55.69 -35.89 42.84
C GLY A 570 56.05 -37.33 43.13
N SER A 571 55.31 -38.00 44.02
CA SER A 571 55.67 -39.35 44.42
C SER A 571 55.38 -40.37 43.33
N GLY A 572 54.84 -39.95 42.19
CA GLY A 572 54.54 -40.89 41.12
C GLY A 572 53.36 -41.76 41.48
N LYS A 573 52.19 -41.17 41.57
CA LYS A 573 50.97 -41.88 41.96
C LYS A 573 50.15 -42.33 40.77
N THR A 574 50.06 -41.53 39.73
CA THR A 574 49.26 -41.91 38.57
C THR A 574 49.86 -43.12 37.85
N ALA A 575 51.18 -43.23 37.82
CA ALA A 575 51.81 -44.35 37.14
C ALA A 575 51.42 -45.68 37.77
N LEU A 576 51.37 -45.73 39.10
CA LEU A 576 51.01 -46.97 39.77
C LEU A 576 49.57 -47.35 39.44
N ALA A 577 48.67 -46.38 39.42
CA ALA A 577 47.29 -46.66 39.06
C ALA A 577 47.20 -47.21 37.64
N ALA A 578 47.93 -46.58 36.72
CA ALA A 578 47.90 -47.05 35.33
C ALA A 578 48.43 -48.47 35.22
N GLU A 579 49.51 -48.79 35.94
CA GLU A 579 50.06 -50.13 35.86
C GLU A 579 49.08 -51.17 36.42
N ILE A 580 48.44 -50.83 37.53
CA ILE A 580 47.46 -51.75 38.11
C ILE A 580 46.32 -51.96 37.13
N ALA A 581 45.89 -50.89 36.46
CA ALA A 581 44.81 -51.02 35.51
C ALA A 581 45.25 -51.86 34.31
N LEU A 582 46.49 -51.70 33.88
CA LEU A 582 46.97 -52.38 32.69
C LEU A 582 47.31 -53.83 32.94
N LYS A 583 47.26 -54.29 34.17
CA LYS A 583 47.58 -55.68 34.47
C LYS A 583 46.37 -56.38 35.08
N SER A 584 45.18 -56.04 34.60
CA SER A 584 43.94 -56.62 35.11
C SER A 584 43.22 -57.46 34.06
N GLY A 585 43.03 -56.93 32.85
CA GLY A 585 42.35 -57.66 31.81
C GLY A 585 40.89 -57.31 31.61
N PHE A 586 40.36 -56.33 32.33
CA PHE A 586 38.97 -55.95 32.14
C PHE A 586 38.76 -55.38 30.73
N PRO A 587 37.58 -55.59 30.14
CA PRO A 587 37.36 -55.12 28.77
C PRO A 587 37.08 -53.64 28.65
N PHE A 588 36.70 -52.98 29.74
CA PHE A 588 36.31 -51.56 29.70
C PHE A 588 37.20 -50.81 30.65
N ILE A 589 38.08 -49.97 30.11
CA ILE A 589 38.96 -49.14 30.91
C ILE A 589 38.87 -47.71 30.40
N ARG A 590 38.70 -46.76 31.30
CA ARG A 590 38.61 -45.38 30.85
C ARG A 590 39.24 -44.45 31.87
N LEU A 591 39.69 -43.28 31.38
CA LEU A 591 40.45 -42.32 32.16
C LEU A 591 39.81 -40.94 32.06
N ILE A 592 39.75 -40.23 33.18
CA ILE A 592 39.32 -38.84 33.22
C ILE A 592 40.48 -38.00 33.73
N SER A 593 41.03 -37.14 32.88
CA SER A 593 42.19 -36.34 33.22
C SER A 593 41.89 -34.87 32.95
N PRO A 594 42.59 -33.97 33.64
CA PRO A 594 42.37 -32.54 33.40
C PRO A 594 42.69 -32.11 31.99
N ASN A 595 43.57 -32.84 31.29
CA ASN A 595 43.92 -32.47 29.93
C ASN A 595 42.71 -32.53 29.02
N GLU A 596 41.89 -33.57 29.15
CA GLU A 596 40.73 -33.69 28.30
C GLU A 596 39.75 -32.57 28.53
N LEU A 597 39.53 -32.20 29.80
CA LEU A 597 38.49 -31.24 30.13
C LEU A 597 38.88 -29.81 29.79
N SER A 598 40.17 -29.50 29.78
CA SER A 598 40.60 -28.12 29.68
C SER A 598 40.04 -27.47 28.43
N GLY A 599 39.57 -26.23 28.59
CA GLY A 599 39.08 -25.43 27.50
C GLY A 599 37.57 -25.35 27.42
N MET A 600 36.85 -26.22 28.12
CA MET A 600 35.41 -26.26 28.05
C MET A 600 34.79 -25.33 29.10
N SER A 601 33.47 -25.21 29.03
CA SER A 601 32.72 -24.47 30.02
C SER A 601 32.31 -25.39 31.15
N GLU A 602 31.74 -24.81 32.21
CA GLU A 602 31.34 -25.61 33.36
C GLU A 602 30.24 -26.60 32.98
N SER A 603 29.25 -26.14 32.21
CA SER A 603 28.18 -27.03 31.81
C SER A 603 28.70 -28.18 30.96
N ALA A 604 29.59 -27.87 30.02
CA ALA A 604 30.17 -28.92 29.19
C ALA A 604 31.00 -29.89 30.03
N LYS A 605 31.72 -29.36 31.02
CA LYS A 605 32.50 -30.22 31.89
C LYS A 605 31.60 -31.19 32.63
N ILE A 606 30.49 -30.69 33.17
CA ILE A 606 29.57 -31.56 33.88
C ILE A 606 28.96 -32.59 32.94
N ALA A 607 28.60 -32.16 31.73
CA ALA A 607 28.03 -33.09 30.78
C ALA A 607 28.99 -34.22 30.45
N TYR A 608 30.25 -33.89 30.24
CA TYR A 608 31.23 -34.92 29.92
C TYR A 608 31.45 -35.86 31.10
N ILE A 609 31.54 -35.31 32.31
CA ILE A 609 31.74 -36.15 33.48
C ILE A 609 30.55 -37.06 33.70
N ASP A 610 29.37 -36.64 33.28
CA ASP A 610 28.19 -37.47 33.52
C ASP A 610 28.05 -38.54 32.44
N ASN A 611 28.27 -38.16 31.19
CA ASN A 611 28.13 -39.13 30.12
C ASN A 611 29.14 -40.25 30.26
N THR A 612 30.40 -39.92 30.61
CA THR A 612 31.36 -40.99 30.77
C THR A 612 30.93 -41.96 31.85
N PHE A 613 30.16 -41.49 32.83
CA PHE A 613 29.63 -42.39 33.86
C PHE A 613 28.39 -43.13 33.42
N ARG A 614 27.70 -42.65 32.39
CA ARG A 614 26.52 -43.36 31.92
C ARG A 614 26.85 -44.43 30.88
N ASP A 615 28.05 -44.41 30.32
CA ASP A 615 28.48 -45.45 29.41
C ASP A 615 29.18 -46.61 30.11
N ALA A 616 29.41 -46.50 31.41
CA ALA A 616 30.01 -47.59 32.18
C ALA A 616 28.97 -48.53 32.77
N TYR A 617 27.69 -48.28 32.52
CA TYR A 617 26.63 -49.14 33.03
C TYR A 617 26.04 -50.04 31.96
N LYS A 618 26.68 -50.14 30.79
CA LYS A 618 26.18 -50.97 29.71
C LYS A 618 27.17 -52.05 29.32
N SER A 619 28.09 -52.42 30.21
CA SER A 619 29.05 -53.47 29.95
C SER A 619 29.16 -54.36 31.17
N PRO A 620 29.58 -55.61 31.00
CA PRO A 620 29.59 -56.54 32.14
C PRO A 620 30.65 -56.22 33.19
N LEU A 621 31.82 -55.75 32.78
CA LEU A 621 32.92 -55.54 33.71
C LEU A 621 33.62 -54.25 33.30
N ASN A 622 33.91 -53.39 34.26
CA ASN A 622 34.46 -52.08 33.95
C ASN A 622 35.52 -51.68 34.96
N ILE A 623 36.28 -50.66 34.57
CA ILE A 623 37.22 -50.01 35.46
C ILE A 623 37.51 -48.60 34.94
N LEU A 624 37.45 -47.64 35.85
CA LEU A 624 37.42 -46.24 35.47
C LEU A 624 38.27 -45.45 36.45
N VAL A 625 39.19 -44.66 35.91
CA VAL A 625 40.20 -43.96 36.68
C VAL A 625 39.92 -42.47 36.64
N ILE A 626 40.03 -41.83 37.80
CA ILE A 626 39.88 -40.39 37.93
C ILE A 626 41.20 -39.83 38.41
N ASP A 627 41.65 -38.74 37.80
CA ASP A 627 42.97 -38.21 38.02
C ASP A 627 42.91 -36.86 38.73
N SER A 628 43.75 -36.70 39.75
CA SER A 628 43.91 -35.43 40.45
C SER A 628 42.81 -35.23 41.47
N LEU A 629 41.59 -34.97 41.01
CA LEU A 629 40.41 -34.74 41.84
C LEU A 629 40.48 -33.43 42.60
N GLU A 630 41.59 -32.69 42.52
CA GLU A 630 41.68 -31.37 43.09
C GLU A 630 41.83 -30.28 42.04
N THR A 631 42.44 -30.60 40.90
CA THR A 631 42.42 -29.69 39.77
C THR A 631 41.12 -29.77 39.00
N LEU A 632 40.42 -30.89 39.09
CA LEU A 632 39.10 -30.98 38.49
C LEU A 632 38.12 -30.04 39.18
N VAL A 633 38.37 -29.71 40.45
CA VAL A 633 37.47 -28.88 41.21
C VAL A 633 37.90 -27.42 41.23
N ASP A 634 39.03 -27.09 40.60
CA ASP A 634 39.49 -25.71 40.50
C ASP A 634 39.76 -25.11 41.88
N TRP A 635 40.71 -25.71 42.58
CA TRP A 635 41.02 -25.29 43.94
C TRP A 635 42.14 -24.27 43.93
N VAL A 636 41.93 -23.16 44.63
CA VAL A 636 42.97 -22.16 44.83
C VAL A 636 42.92 -21.73 46.28
N PRO A 637 44.05 -21.65 46.98
CA PRO A 637 44.01 -21.57 48.45
C PRO A 637 43.68 -20.20 49.02
N ILE A 638 43.54 -19.16 48.19
CA ILE A 638 43.30 -17.82 48.69
C ILE A 638 41.81 -17.51 48.54
N GLY A 639 41.09 -17.57 49.65
CA GLY A 639 39.71 -17.14 49.70
C GLY A 639 38.81 -18.14 50.39
N PRO A 640 38.95 -19.43 50.09
CA PRO A 640 39.53 -20.03 48.89
C PRO A 640 38.47 -20.07 47.81
N ARG A 641 38.74 -20.59 46.62
CA ARG A 641 37.75 -20.67 45.56
C ARG A 641 37.71 -22.07 44.97
N PHE A 642 36.54 -22.47 44.51
CA PHE A 642 36.37 -23.73 43.79
C PHE A 642 34.96 -23.77 43.22
N SER A 643 34.64 -24.89 42.57
CA SER A 643 33.36 -25.08 41.91
C SER A 643 32.54 -26.08 42.69
N ASN A 644 31.35 -25.67 43.14
CA ASN A 644 30.49 -26.56 43.91
C ASN A 644 29.78 -27.56 43.04
N ASN A 645 29.41 -27.17 41.82
CA ASN A 645 28.63 -28.06 40.96
C ASN A 645 29.38 -29.33 40.64
N ILE A 646 30.63 -29.18 40.17
CA ILE A 646 31.41 -30.35 39.81
C ILE A 646 31.68 -31.21 41.03
N LEU A 647 31.93 -30.57 42.17
CA LEU A 647 32.19 -31.33 43.39
C LEU A 647 30.97 -32.18 43.75
N GLN A 648 29.79 -31.58 43.69
CA GLN A 648 28.59 -32.34 44.04
C GLN A 648 28.32 -33.44 43.04
N MET A 649 28.59 -33.18 41.77
CA MET A 649 28.43 -34.22 40.76
C MET A 649 29.33 -35.41 41.07
N LEU A 650 30.59 -35.16 41.36
CA LEU A 650 31.51 -36.26 41.64
C LEU A 650 31.12 -36.97 42.92
N LYS A 651 30.65 -36.22 43.91
CA LYS A 651 30.24 -36.85 45.17
C LYS A 651 29.07 -37.79 44.94
N VAL A 652 28.10 -37.36 44.12
CA VAL A 652 26.96 -38.21 43.86
C VAL A 652 27.38 -39.42 43.05
N ALA A 653 28.30 -39.22 42.10
CA ALA A 653 28.64 -40.31 41.20
C ALA A 653 29.46 -41.38 41.90
N LEU A 654 30.17 -41.03 42.97
CA LEU A 654 31.05 -42.02 43.59
C LEU A 654 30.31 -42.94 44.55
N LYS A 655 29.01 -42.76 44.77
CA LYS A 655 28.27 -43.59 45.70
C LYS A 655 27.15 -44.40 45.06
N ARG A 656 26.93 -44.29 43.75
CA ARG A 656 25.82 -44.94 43.09
C ARG A 656 26.22 -46.33 42.60
N LYS A 657 25.46 -47.34 43.01
CA LYS A 657 25.72 -48.70 42.55
C LYS A 657 25.26 -48.86 41.11
N PRO A 658 25.98 -49.65 40.30
CA PRO A 658 25.58 -49.81 38.91
C PRO A 658 24.28 -50.57 38.80
N PRO A 659 23.51 -50.37 37.72
CA PRO A 659 22.22 -51.03 37.59
C PRO A 659 22.38 -52.52 37.31
N GLN A 660 21.32 -53.25 37.59
CA GLN A 660 21.25 -54.68 37.27
C GLN A 660 22.48 -55.39 37.84
N ASP A 661 22.96 -56.41 37.13
CA ASP A 661 24.13 -57.18 37.52
C ASP A 661 25.31 -56.66 36.70
N ARG A 662 26.02 -55.69 37.26
CA ARG A 662 27.24 -55.18 36.67
C ARG A 662 28.29 -55.05 37.76
N ARG A 663 29.44 -54.50 37.41
CA ARG A 663 30.51 -54.33 38.39
C ARG A 663 31.34 -53.11 38.00
N LEU A 664 31.99 -52.52 38.99
CA LEU A 664 32.75 -51.31 38.78
C LEU A 664 33.85 -51.20 39.82
N LEU A 665 34.91 -50.49 39.46
CA LEU A 665 36.06 -50.31 40.35
C LEU A 665 36.62 -48.91 40.08
N ILE A 666 36.23 -47.96 40.90
CA ILE A 666 36.72 -46.60 40.76
C ILE A 666 38.00 -46.45 41.55
N MET A 667 38.95 -45.69 40.98
CA MET A 667 40.29 -45.58 41.54
C MET A 667 40.77 -44.15 41.33
N THR A 668 40.82 -43.37 42.40
CA THR A 668 41.12 -41.94 42.32
C THR A 668 42.40 -41.61 43.05
N THR A 669 43.16 -40.66 42.49
CA THR A 669 44.44 -40.25 43.01
C THR A 669 44.38 -38.79 43.47
N THR A 670 45.02 -38.50 44.60
CA THR A 670 45.03 -37.14 45.11
C THR A 670 46.30 -36.89 45.90
N SER A 671 46.59 -35.60 46.12
CA SER A 671 47.77 -35.21 46.87
C SER A 671 47.48 -34.04 47.80
N ALA A 672 46.24 -33.85 48.22
CA ALA A 672 45.85 -32.79 49.14
C ALA A 672 44.90 -33.32 50.20
N TYR A 673 45.27 -34.45 50.80
CA TYR A 673 44.43 -35.11 51.80
C TYR A 673 43.69 -34.13 52.71
N SER A 674 44.42 -33.12 53.20
CA SER A 674 43.83 -32.20 54.17
C SER A 674 42.64 -31.46 53.59
N VAL A 675 42.74 -31.03 52.34
CA VAL A 675 41.64 -30.32 51.72
C VAL A 675 40.42 -31.21 51.62
N LEU A 676 40.62 -32.45 51.18
CA LEU A 676 39.50 -33.38 51.11
C LEU A 676 38.88 -33.58 52.48
N GLN A 677 39.71 -33.63 53.52
CA GLN A 677 39.18 -33.73 54.87
C GLN A 677 38.31 -32.54 55.21
N GLN A 678 38.77 -31.35 54.85
CA GLN A 678 37.99 -30.15 55.17
C GLN A 678 36.67 -30.13 54.41
N MET A 679 36.69 -30.52 53.14
CA MET A 679 35.45 -30.54 52.37
C MET A 679 34.47 -31.58 52.87
N ASP A 680 34.88 -32.47 53.76
CA ASP A 680 34.03 -33.56 54.24
C ASP A 680 33.54 -34.38 53.04
N ILE A 681 34.50 -34.96 52.35
CA ILE A 681 34.26 -35.83 51.22
C ILE A 681 34.90 -37.20 51.42
N LEU A 682 35.40 -37.46 52.62
CA LEU A 682 36.18 -38.66 52.89
C LEU A 682 35.32 -39.86 53.26
N SER A 683 34.00 -39.70 53.25
CA SER A 683 33.10 -40.81 53.53
C SER A 683 32.72 -41.59 52.29
N CYS A 684 33.11 -41.12 51.10
CA CYS A 684 32.79 -41.80 49.87
C CYS A 684 33.77 -42.92 49.52
N PHE A 685 34.91 -42.99 50.19
CA PHE A 685 35.96 -43.93 49.84
C PHE A 685 35.98 -45.10 50.80
N ASP A 686 36.21 -46.30 50.26
CA ASP A 686 36.20 -47.52 51.04
C ASP A 686 37.58 -47.85 51.60
N ASN A 687 38.61 -47.77 50.78
CA ASN A 687 39.97 -48.09 51.22
C ASN A 687 40.95 -47.09 50.62
N GLU A 688 42.09 -46.97 51.31
CA GLU A 688 43.07 -45.94 51.01
C GLU A 688 44.46 -46.55 50.94
N ILE A 689 45.28 -45.96 50.08
CA ILE A 689 46.66 -46.40 49.90
C ILE A 689 47.57 -45.17 49.93
N ALA A 690 48.74 -45.32 50.53
CA ALA A 690 49.69 -44.24 50.68
C ALA A 690 50.93 -44.52 49.85
N VAL A 691 51.49 -43.45 49.27
CA VAL A 691 52.63 -43.57 48.37
C VAL A 691 53.76 -42.69 48.90
N PRO A 692 54.62 -43.20 49.77
CA PRO A 692 55.73 -42.39 50.29
C PRO A 692 56.85 -42.25 49.27
N ASN A 693 57.62 -41.18 49.43
CA ASN A 693 58.73 -40.87 48.54
C ASN A 693 60.03 -41.41 49.13
N MET A 694 61.10 -41.27 48.36
CA MET A 694 62.37 -41.88 48.71
C MET A 694 63.01 -41.18 49.90
N THR A 695 63.36 -41.94 50.93
CA THR A 695 64.24 -41.48 52.01
C THR A 695 65.33 -42.53 52.21
N ASN A 696 66.36 -42.48 51.37
CA ASN A 696 67.50 -43.38 51.51
C ASN A 696 68.48 -43.08 50.38
N LEU A 697 69.66 -43.69 50.47
CA LEU A 697 70.69 -43.52 49.46
C LEU A 697 70.86 -44.73 48.56
N ASP A 698 70.69 -45.94 49.10
CA ASP A 698 70.74 -47.14 48.26
C ASP A 698 69.67 -47.10 47.19
N GLU A 699 68.53 -46.49 47.49
CA GLU A 699 67.48 -46.33 46.48
C GLU A 699 67.98 -45.49 45.33
N LEU A 700 68.66 -44.38 45.63
CA LEU A 700 69.22 -43.56 44.58
C LEU A 700 70.24 -44.32 43.76
N ASN A 701 71.07 -45.13 44.45
CA ASN A 701 72.04 -45.95 43.74
C ASN A 701 71.35 -46.91 42.78
N ASN A 702 70.29 -47.56 43.24
CA ASN A 702 69.56 -48.48 42.38
C ASN A 702 68.97 -47.75 41.19
N VAL A 703 68.40 -46.57 41.43
CA VAL A 703 67.82 -45.81 40.34
C VAL A 703 68.87 -45.46 39.30
N MET A 704 70.03 -45.00 39.74
CA MET A 704 71.05 -44.57 38.78
C MET A 704 71.72 -45.74 38.09
N ILE A 705 71.77 -46.92 38.72
CA ILE A 705 72.27 -48.08 38.00
C ILE A 705 71.25 -48.51 36.95
N GLU A 706 69.96 -48.47 37.28
CA GLU A 706 68.95 -48.85 36.31
C GLU A 706 68.88 -47.86 35.15
N SER A 707 69.11 -46.58 35.42
CA SER A 707 69.14 -45.59 34.36
C SER A 707 70.52 -45.42 33.73
N ASN A 708 71.53 -46.06 34.29
CA ASN A 708 72.90 -45.95 33.81
C ASN A 708 73.30 -44.48 33.64
N PHE A 709 73.29 -43.77 34.77
CA PHE A 709 73.67 -42.36 34.72
C PHE A 709 75.12 -42.18 34.31
N LEU A 710 76.00 -43.00 34.87
CA LEU A 710 77.43 -42.88 34.62
C LEU A 710 78.07 -44.24 34.85
N ASP A 711 79.39 -44.30 34.64
CA ASP A 711 80.14 -45.47 35.01
C ASP A 711 80.33 -45.53 36.52
N ASP A 712 80.48 -46.75 37.04
CA ASP A 712 80.49 -46.96 38.49
C ASP A 712 81.40 -46.00 39.22
N ALA A 713 82.50 -45.56 38.59
CA ALA A 713 83.44 -44.67 39.27
C ALA A 713 82.76 -43.42 39.80
N GLY A 714 82.14 -42.65 38.89
CA GLY A 714 81.50 -41.43 39.30
C GLY A 714 80.31 -41.70 40.19
N ARG A 715 79.59 -42.79 39.94
CA ARG A 715 78.42 -43.10 40.75
C ARG A 715 78.83 -43.32 42.20
N VAL A 716 79.88 -44.11 42.41
CA VAL A 716 80.37 -44.36 43.75
C VAL A 716 80.82 -43.06 44.39
N LYS A 717 81.55 -42.24 43.65
CA LYS A 717 82.05 -40.99 44.21
C LYS A 717 80.90 -40.09 44.64
N VAL A 718 79.88 -39.95 43.80
CA VAL A 718 78.77 -39.05 44.11
C VAL A 718 77.97 -39.59 45.29
N ILE A 719 77.74 -40.89 45.34
CA ILE A 719 76.97 -41.43 46.46
C ILE A 719 77.75 -41.23 47.76
N ASN A 720 79.08 -41.39 47.72
CA ASN A 720 79.87 -41.15 48.91
C ASN A 720 79.81 -39.69 49.32
N GLU A 721 79.91 -38.78 48.36
CA GLU A 721 79.82 -37.35 48.66
C GLU A 721 78.49 -37.01 49.30
N LEU A 722 77.40 -37.54 48.75
CA LEU A 722 76.08 -37.27 49.30
C LEU A 722 75.93 -37.90 50.68
N SER A 723 76.49 -39.10 50.88
CA SER A 723 76.42 -39.71 52.19
C SER A 723 77.12 -38.84 53.22
N ARG A 724 78.29 -38.30 52.87
CA ARG A 724 78.99 -37.43 53.79
C ARG A 724 78.36 -36.05 53.93
N SER A 725 77.55 -35.62 52.96
CA SER A 725 76.97 -34.28 53.00
C SER A 725 75.52 -34.28 53.46
N CYS A 726 74.65 -35.01 52.76
CA CYS A 726 73.22 -34.97 53.03
C CYS A 726 72.82 -36.18 53.86
N PRO A 727 72.38 -36.00 55.11
CA PRO A 727 72.02 -37.16 55.93
C PRO A 727 70.59 -37.63 55.76
N ASN A 728 69.69 -36.73 55.36
CA ASN A 728 68.26 -37.01 55.37
C ASN A 728 67.65 -36.76 53.99
N PHE A 729 68.29 -37.30 52.96
CA PHE A 729 67.78 -37.19 51.60
C PHE A 729 66.30 -37.58 51.56
N ASN A 730 65.49 -36.72 50.92
CA ASN A 730 64.05 -36.92 50.87
C ASN A 730 63.52 -36.23 49.61
N VAL A 731 63.25 -37.01 48.56
CA VAL A 731 62.78 -36.47 47.29
C VAL A 731 61.96 -37.53 46.57
N GLY A 732 61.05 -37.07 45.70
CA GLY A 732 60.27 -37.98 44.88
C GLY A 732 61.07 -38.53 43.71
N ILE A 733 60.40 -39.39 42.94
CA ILE A 733 61.09 -40.09 41.86
C ILE A 733 61.14 -39.28 40.57
N LYS A 734 60.23 -38.33 40.41
CA LYS A 734 60.26 -37.49 39.22
C LYS A 734 61.45 -36.56 39.26
N LYS A 735 61.67 -35.91 40.39
CA LYS A 735 62.78 -34.98 40.49
C LYS A 735 64.09 -35.74 40.34
N THR A 736 64.16 -36.94 40.91
CA THR A 736 65.36 -37.75 40.75
C THR A 736 65.67 -37.97 39.28
N LEU A 737 64.67 -38.40 38.50
CA LEU A 737 64.92 -38.68 37.10
C LEU A 737 65.32 -37.42 36.34
N THR A 738 64.59 -36.32 36.57
CA THR A 738 64.88 -35.11 35.81
C THR A 738 66.27 -34.57 36.16
N ASN A 739 66.64 -34.61 37.43
CA ASN A 739 67.98 -34.17 37.82
C ASN A 739 69.05 -35.05 37.21
N ILE A 740 68.80 -36.37 37.18
CA ILE A 740 69.79 -37.27 36.59
C ILE A 740 70.00 -36.91 35.13
N GLU A 741 68.91 -36.68 34.40
CA GLU A 741 69.05 -36.32 32.99
C GLU A 741 69.79 -35.01 32.83
N THR A 742 69.44 -34.01 33.64
CA THR A 742 70.10 -32.71 33.52
C THR A 742 71.59 -32.83 33.79
N ALA A 743 71.97 -33.58 34.81
CA ALA A 743 73.38 -33.78 35.09
C ALA A 743 74.07 -34.51 33.94
N ARG A 744 73.40 -35.53 33.38
CA ARG A 744 73.98 -36.27 32.27
C ARG A 744 74.30 -35.33 31.12
N HIS A 745 73.35 -34.50 30.72
CA HIS A 745 73.62 -33.61 29.60
C HIS A 745 74.52 -32.44 29.98
N ASP A 746 74.76 -32.23 31.26
CA ASP A 746 75.69 -31.19 31.72
C ASP A 746 77.06 -31.84 31.89
N GLU A 747 78.01 -31.12 32.47
CA GLU A 747 79.38 -31.57 32.62
C GLU A 747 79.66 -31.97 34.06
N ASP A 748 80.35 -33.10 34.21
CA ASP A 748 80.84 -33.62 35.48
C ASP A 748 79.72 -34.06 36.39
N PRO A 749 79.88 -35.17 37.11
CA PRO A 749 78.82 -35.61 38.03
C PRO A 749 78.72 -34.74 39.27
N VAL A 750 79.83 -34.53 39.97
CA VAL A 750 79.78 -33.80 41.23
C VAL A 750 79.44 -32.34 40.98
N ASN A 751 79.78 -31.82 39.81
CA ASN A 751 79.55 -30.41 39.54
C ASN A 751 78.07 -30.08 39.58
N GLU A 752 77.24 -30.94 39.00
CA GLU A 752 75.82 -30.67 38.87
C GLU A 752 74.95 -31.63 39.68
N LEU A 753 75.13 -32.94 39.51
CA LEU A 753 74.24 -33.90 40.15
C LEU A 753 74.20 -33.71 41.66
N VAL A 754 75.37 -33.65 42.30
CA VAL A 754 75.41 -33.50 43.75
C VAL A 754 74.81 -32.17 44.17
N GLU A 755 75.14 -31.10 43.46
CA GLU A 755 74.59 -29.79 43.82
C GLU A 755 73.08 -29.78 43.68
N LEU A 756 72.57 -30.34 42.58
CA LEU A 756 71.14 -30.40 42.37
C LEU A 756 70.45 -31.18 43.46
N MET A 757 71.02 -32.34 43.82
CA MET A 757 70.41 -33.14 44.87
C MET A 757 70.42 -32.40 46.19
N THR A 758 71.52 -31.72 46.50
CA THR A 758 71.59 -30.97 47.74
C THR A 758 70.55 -29.87 47.78
N GLN A 759 70.38 -29.14 46.68
CA GLN A 759 69.40 -28.06 46.62
C GLN A 759 67.97 -28.59 46.55
N SER A 760 67.79 -29.85 46.17
CA SER A 760 66.46 -30.41 46.06
C SER A 760 65.99 -31.01 47.36
N ALA A 761 66.89 -31.63 48.12
CA ALA A 761 66.55 -32.26 49.38
C ALA A 761 66.37 -31.21 50.47
N ASP B 21 -74.29 -44.39 -2.48
CA ASP B 21 -74.31 -45.76 -2.96
C ASP B 21 -73.73 -45.84 -4.36
N MET B 22 -72.56 -46.48 -4.47
CA MET B 22 -71.83 -46.57 -5.72
C MET B 22 -71.94 -47.95 -6.37
N THR B 23 -72.86 -48.80 -5.89
CA THR B 23 -72.93 -50.17 -6.40
C THR B 23 -73.28 -50.20 -7.89
N ASN B 24 -74.25 -49.38 -8.30
CA ASN B 24 -74.75 -49.38 -9.67
C ASN B 24 -74.56 -48.00 -10.28
N MET B 25 -73.87 -47.95 -11.42
CA MET B 25 -73.68 -46.71 -12.17
C MET B 25 -73.06 -47.05 -13.52
N ASP B 26 -73.40 -46.26 -14.52
CA ASP B 26 -72.89 -46.48 -15.87
C ASP B 26 -71.41 -46.12 -15.91
N THR B 27 -70.56 -47.09 -16.23
CA THR B 27 -69.11 -46.92 -16.23
C THR B 27 -68.57 -46.59 -17.62
N ARG B 28 -69.43 -46.37 -18.60
CA ARG B 28 -68.96 -46.13 -19.96
C ARG B 28 -68.11 -44.88 -20.03
N THR B 29 -67.04 -44.95 -20.82
CA THR B 29 -66.11 -43.84 -20.95
C THR B 29 -66.74 -42.70 -21.75
N ARG B 30 -66.42 -41.47 -21.37
CA ARG B 30 -66.87 -40.29 -22.08
C ARG B 30 -65.70 -39.32 -22.28
N HIS B 31 -65.67 -38.69 -23.45
CA HIS B 31 -64.66 -37.68 -23.75
C HIS B 31 -65.28 -36.31 -23.55
N LEU B 32 -64.71 -35.53 -22.62
CA LEU B 32 -65.29 -34.26 -22.21
C LEU B 32 -64.28 -33.14 -22.36
N LYS B 33 -64.77 -31.96 -22.73
CA LYS B 33 -63.92 -30.80 -22.94
C LYS B 33 -63.72 -30.05 -21.63
N VAL B 34 -62.49 -29.60 -21.41
CA VAL B 34 -62.14 -28.81 -20.23
C VAL B 34 -62.49 -27.37 -20.52
N SER B 35 -63.28 -26.75 -19.64
CA SER B 35 -63.70 -25.37 -19.86
C SER B 35 -63.55 -24.59 -18.56
N ASN B 36 -63.73 -23.28 -18.66
CA ASN B 36 -63.59 -22.43 -17.50
C ASN B 36 -64.66 -22.79 -16.46
N CYS B 37 -64.29 -22.65 -15.20
CA CYS B 37 -65.22 -22.97 -14.13
C CYS B 37 -66.44 -22.04 -14.20
N PRO B 38 -67.63 -22.55 -13.86
CA PRO B 38 -68.83 -21.69 -13.97
C PRO B 38 -68.78 -20.47 -13.07
N ASN B 39 -68.20 -20.59 -11.89
CA ASN B 39 -68.10 -19.47 -10.96
C ASN B 39 -67.18 -19.88 -9.81
N ASN B 40 -66.90 -18.91 -8.94
CA ASN B 40 -65.99 -19.16 -7.83
C ASN B 40 -66.55 -20.16 -6.82
N SER B 41 -67.87 -20.16 -6.60
CA SER B 41 -68.44 -21.11 -5.63
C SER B 41 -68.19 -22.55 -6.04
N TYR B 42 -68.37 -22.86 -7.32
CA TYR B 42 -68.13 -24.21 -7.81
C TYR B 42 -66.66 -24.56 -7.69
N ALA B 43 -65.78 -23.59 -7.98
CA ALA B 43 -64.35 -23.85 -7.85
C ALA B 43 -64.00 -24.15 -6.40
N LEU B 44 -64.61 -23.41 -5.47
CA LEU B 44 -64.34 -23.61 -4.06
C LEU B 44 -64.76 -25.01 -3.62
N ALA B 45 -65.92 -25.47 -4.10
CA ALA B 45 -66.39 -26.79 -3.67
C ALA B 45 -65.46 -27.92 -4.11
N ASN B 46 -64.64 -27.69 -5.14
CA ASN B 46 -63.72 -28.72 -5.64
C ASN B 46 -64.46 -29.99 -6.03
N VAL B 47 -65.63 -29.82 -6.65
CA VAL B 47 -66.46 -30.94 -7.09
C VAL B 47 -66.70 -30.76 -8.59
N ALA B 48 -66.51 -31.84 -9.35
CA ALA B 48 -66.75 -31.79 -10.78
C ALA B 48 -68.24 -31.55 -11.04
N ALA B 49 -68.56 -30.41 -11.63
CA ALA B 49 -69.94 -30.06 -11.93
C ALA B 49 -70.32 -30.68 -13.27
N VAL B 50 -71.37 -31.51 -13.27
CA VAL B 50 -71.81 -32.23 -14.46
C VAL B 50 -73.31 -32.07 -14.58
N SER B 51 -73.81 -32.28 -15.79
CA SER B 51 -75.24 -32.25 -16.05
C SER B 51 -75.88 -33.54 -15.56
N PRO B 52 -77.18 -33.51 -15.25
CA PRO B 52 -77.85 -34.76 -14.85
C PRO B 52 -77.75 -35.85 -15.90
N ASN B 53 -77.75 -35.48 -17.18
CA ASN B 53 -77.62 -36.46 -18.25
C ASN B 53 -76.21 -37.02 -18.35
N ASP B 54 -75.22 -36.36 -17.73
CA ASP B 54 -73.84 -36.83 -17.80
C ASP B 54 -73.59 -37.99 -16.86
N PHE B 55 -73.83 -37.79 -15.56
CA PHE B 55 -73.58 -38.83 -14.58
C PHE B 55 -74.49 -38.60 -13.38
N PRO B 56 -74.74 -39.63 -12.58
CA PRO B 56 -75.54 -39.44 -11.36
C PRO B 56 -74.92 -38.41 -10.44
N ASN B 57 -75.67 -38.06 -9.41
CA ASN B 57 -75.24 -37.04 -8.45
C ASN B 57 -74.51 -37.66 -7.28
N ASN B 58 -73.43 -37.01 -6.85
CA ASN B 58 -72.69 -37.40 -5.66
C ASN B 58 -72.06 -38.79 -5.81
N ILE B 59 -71.32 -38.96 -6.91
CA ILE B 59 -70.56 -40.19 -7.15
C ILE B 59 -69.14 -39.81 -7.54
N TYR B 60 -68.20 -40.69 -7.24
CA TYR B 60 -66.80 -40.46 -7.54
C TYR B 60 -66.49 -40.89 -8.98
N ILE B 61 -65.84 -40.01 -9.73
CA ILE B 61 -65.50 -40.27 -11.12
C ILE B 61 -64.00 -40.06 -11.30
N ILE B 62 -63.37 -40.94 -12.05
CA ILE B 62 -61.95 -40.83 -12.38
C ILE B 62 -61.82 -40.26 -13.78
N ILE B 63 -60.72 -39.55 -14.00
CA ILE B 63 -60.41 -38.91 -15.27
C ILE B 63 -58.98 -39.24 -15.61
N ASP B 64 -58.74 -39.72 -16.84
CA ASP B 64 -57.42 -40.14 -17.28
C ASP B 64 -56.84 -41.21 -16.38
N ASN B 65 -57.69 -41.92 -15.64
CA ASN B 65 -57.29 -42.96 -14.71
C ASN B 65 -56.41 -42.45 -13.59
N LEU B 66 -56.32 -41.13 -13.41
CA LEU B 66 -55.46 -40.54 -12.40
C LEU B 66 -56.16 -39.54 -11.50
N PHE B 67 -57.09 -38.73 -12.02
CA PHE B 67 -57.65 -37.60 -11.30
C PHE B 67 -59.08 -37.91 -10.89
N VAL B 68 -59.30 -38.03 -9.58
CA VAL B 68 -60.59 -38.45 -9.04
C VAL B 68 -61.31 -37.23 -8.47
N PHE B 69 -62.60 -37.10 -8.78
CA PHE B 69 -63.38 -35.98 -8.28
C PHE B 69 -64.83 -36.42 -8.05
N THR B 70 -65.51 -35.71 -7.16
CA THR B 70 -66.90 -36.00 -6.83
C THR B 70 -67.81 -35.20 -7.74
N THR B 71 -68.80 -35.87 -8.32
CA THR B 71 -69.73 -35.24 -9.26
C THR B 71 -70.84 -34.52 -8.51
N ARG B 72 -71.26 -33.37 -9.04
CA ARG B 72 -72.42 -32.67 -8.55
C ARG B 72 -73.24 -32.16 -9.73
N HIS B 73 -74.56 -32.35 -9.65
CA HIS B 73 -75.44 -31.91 -10.73
C HIS B 73 -75.32 -30.39 -10.91
N SER B 74 -75.26 -29.97 -12.16
CA SER B 74 -75.19 -28.55 -12.50
C SER B 74 -75.89 -28.34 -13.82
N ASN B 75 -76.90 -27.47 -13.84
CA ASN B 75 -77.65 -27.20 -15.06
C ASN B 75 -76.97 -26.18 -15.96
N ASP B 76 -75.96 -25.47 -15.46
CA ASP B 76 -75.25 -24.48 -16.26
C ASP B 76 -74.19 -25.09 -17.18
N ILE B 77 -73.87 -26.37 -17.00
CA ILE B 77 -72.88 -27.06 -17.83
C ILE B 77 -73.62 -28.01 -18.76
N PRO B 78 -73.54 -27.84 -20.08
CA PRO B 78 -74.28 -28.72 -20.99
C PRO B 78 -73.74 -30.13 -20.93
N PRO B 79 -74.56 -31.13 -21.29
CA PRO B 79 -74.05 -32.51 -21.30
C PRO B 79 -72.87 -32.66 -22.24
N GLY B 80 -71.95 -33.54 -21.85
CA GLY B 80 -70.75 -33.79 -22.62
C GLY B 80 -69.59 -32.85 -22.33
N THR B 81 -69.71 -32.00 -21.33
CA THR B 81 -68.64 -31.08 -20.95
C THR B 81 -68.36 -31.20 -19.45
N ILE B 82 -67.09 -31.02 -19.09
CA ILE B 82 -66.63 -31.15 -17.71
C ILE B 82 -65.98 -29.85 -17.31
N GLY B 83 -66.32 -29.36 -16.12
CA GLY B 83 -65.76 -28.11 -15.61
C GLY B 83 -64.59 -28.37 -14.66
N PHE B 84 -63.57 -27.52 -14.79
CA PHE B 84 -62.38 -27.60 -13.95
C PHE B 84 -62.00 -26.20 -13.49
N ASN B 85 -61.28 -26.13 -12.39
CA ASN B 85 -60.71 -24.89 -11.91
C ASN B 85 -59.23 -24.81 -12.29
N GLY B 86 -58.61 -23.66 -11.99
CA GLY B 86 -57.22 -23.47 -12.36
C GLY B 86 -56.27 -24.45 -11.70
N ASN B 87 -56.50 -24.75 -10.42
CA ASN B 87 -55.60 -25.65 -9.71
C ASN B 87 -55.65 -27.08 -10.29
N GLN B 88 -56.85 -27.54 -10.66
CA GLN B 88 -56.97 -28.86 -11.27
C GLN B 88 -56.24 -28.93 -12.59
N ARG B 89 -56.36 -27.88 -13.41
CA ARG B 89 -55.62 -27.83 -14.67
C ARG B 89 -54.12 -27.81 -14.41
N THR B 90 -53.68 -27.07 -13.40
CA THR B 90 -52.26 -27.05 -13.06
C THR B 90 -51.77 -28.45 -12.66
N TRP B 91 -52.57 -29.16 -11.86
CA TRP B 91 -52.24 -30.53 -11.48
C TRP B 91 -52.14 -31.44 -12.69
N GLY B 92 -53.09 -31.33 -13.61
CA GLY B 92 -53.08 -32.13 -14.83
C GLY B 92 -52.35 -31.54 -16.00
N GLY B 93 -51.91 -30.28 -15.88
CA GLY B 93 -51.27 -29.60 -16.99
C GLY B 93 -52.15 -29.45 -18.20
N TRP B 94 -53.42 -29.07 -18.01
CA TRP B 94 -54.37 -29.00 -19.09
C TRP B 94 -54.62 -27.56 -19.52
N SER B 95 -54.90 -27.38 -20.80
CA SER B 95 -55.28 -26.09 -21.37
C SER B 95 -56.79 -26.04 -21.55
N LEU B 96 -57.29 -24.84 -21.80
CA LEU B 96 -58.71 -24.67 -22.05
C LEU B 96 -59.09 -25.40 -23.34
N ASN B 97 -60.29 -25.97 -23.33
CA ASN B 97 -60.86 -26.73 -24.44
C ASN B 97 -60.17 -28.07 -24.67
N GLN B 98 -59.34 -28.52 -23.75
CA GLN B 98 -58.67 -29.81 -23.90
C GLN B 98 -59.63 -30.96 -23.67
N ASP B 99 -59.43 -32.06 -24.39
CA ASP B 99 -60.28 -33.23 -24.28
C ASP B 99 -59.68 -34.22 -23.30
N VAL B 100 -60.51 -34.71 -22.36
CA VAL B 100 -60.07 -35.64 -21.34
C VAL B 100 -61.06 -36.80 -21.28
N GLN B 101 -60.57 -37.94 -20.79
CA GLN B 101 -61.35 -39.16 -20.68
C GLN B 101 -61.89 -39.29 -19.26
N ALA B 102 -63.18 -39.59 -19.13
CA ALA B 102 -63.84 -39.71 -17.84
C ALA B 102 -64.54 -41.05 -17.74
N LYS B 103 -64.40 -41.70 -16.59
CA LYS B 103 -65.06 -42.96 -16.32
C LYS B 103 -65.51 -42.98 -14.87
N ALA B 104 -66.40 -43.92 -14.55
CA ALA B 104 -66.78 -44.13 -13.17
C ALA B 104 -65.60 -44.70 -12.38
N PHE B 105 -65.55 -44.38 -11.09
CA PHE B 105 -64.45 -44.78 -10.23
C PHE B 105 -64.99 -45.54 -9.02
N ASP B 106 -64.22 -46.54 -8.58
CA ASP B 106 -64.55 -47.33 -7.39
C ASP B 106 -63.25 -47.52 -6.60
N LEU B 107 -63.02 -46.63 -5.63
CA LEU B 107 -61.81 -46.71 -4.83
C LEU B 107 -61.79 -47.96 -3.97
N PHE B 108 -62.95 -48.41 -3.49
CA PHE B 108 -62.99 -49.55 -2.58
C PHE B 108 -62.47 -50.81 -3.24
N LYS B 109 -62.88 -51.07 -4.50
CA LYS B 109 -62.36 -52.22 -5.21
C LYS B 109 -60.86 -52.09 -5.47
N TYR B 110 -60.41 -50.90 -5.87
CA TYR B 110 -59.00 -50.71 -6.21
C TYR B 110 -58.09 -50.92 -5.01
N SER B 111 -58.40 -50.27 -3.88
CA SER B 111 -57.55 -50.36 -2.70
C SER B 111 -57.77 -51.65 -1.92
N GLY B 112 -58.99 -52.18 -1.91
CA GLY B 112 -59.28 -53.38 -1.16
C GLY B 112 -59.56 -53.14 0.31
N LYS B 113 -58.53 -52.78 1.07
CA LYS B 113 -58.67 -52.55 2.51
C LYS B 113 -58.35 -51.13 2.94
N GLN B 114 -57.28 -50.53 2.43
CA GLN B 114 -56.89 -49.17 2.80
C GLN B 114 -57.82 -48.18 2.10
N SER B 115 -58.91 -47.82 2.77
CA SER B 115 -59.92 -46.94 2.20
C SER B 115 -60.01 -45.59 2.91
N TYR B 116 -59.37 -45.42 4.05
CA TYR B 116 -59.47 -44.21 4.86
C TYR B 116 -58.12 -43.52 4.93
N LEU B 117 -58.17 -42.23 5.28
CA LEU B 117 -56.97 -41.41 5.39
C LEU B 117 -56.54 -41.33 6.85
N GLY B 118 -55.35 -41.82 7.14
CA GLY B 118 -54.83 -41.78 8.50
C GLY B 118 -54.11 -40.50 8.82
N SER B 119 -53.07 -40.18 8.05
CA SER B 119 -52.29 -38.96 8.23
C SER B 119 -52.12 -38.28 6.88
N ILE B 120 -52.43 -36.99 6.83
CA ILE B 120 -52.37 -36.21 5.60
C ILE B 120 -51.52 -34.97 5.86
N ASP B 121 -50.52 -34.76 5.01
CA ASP B 121 -49.67 -33.57 5.10
C ASP B 121 -50.05 -32.59 4.01
N ILE B 122 -50.24 -31.32 4.39
CA ILE B 122 -50.70 -30.28 3.47
C ILE B 122 -49.72 -29.11 3.55
N ASP B 123 -49.16 -28.74 2.41
CA ASP B 123 -48.36 -27.53 2.29
C ASP B 123 -49.27 -26.35 1.97
N ILE B 124 -49.17 -25.29 2.76
CA ILE B 124 -50.04 -24.12 2.64
C ILE B 124 -49.22 -22.95 2.10
N SER B 125 -49.75 -22.28 1.08
CA SER B 125 -49.09 -21.14 0.47
C SER B 125 -50.11 -20.06 0.18
N PHE B 126 -49.62 -18.81 0.12
CA PHE B 126 -50.46 -17.69 -0.27
C PHE B 126 -50.64 -17.69 -1.78
N ARG B 127 -51.90 -17.63 -2.23
CA ARG B 127 -52.16 -17.56 -3.66
C ARG B 127 -51.60 -16.27 -4.25
N ALA B 128 -51.73 -15.17 -3.54
CA ALA B 128 -51.19 -13.88 -3.94
C ALA B 128 -50.12 -13.47 -2.95
N ARG B 129 -48.93 -13.13 -3.48
CA ARG B 129 -47.84 -12.74 -2.60
C ARG B 129 -48.13 -11.43 -1.89
N GLY B 130 -48.94 -10.56 -2.50
CA GLY B 130 -49.27 -9.28 -1.90
C GLY B 130 -50.33 -9.33 -0.84
N LYS B 131 -50.92 -10.50 -0.60
CA LYS B 131 -51.97 -10.67 0.39
C LYS B 131 -51.45 -11.30 1.68
N ALA B 132 -50.13 -11.30 1.87
CA ALA B 132 -49.56 -11.89 3.08
C ALA B 132 -50.11 -11.21 4.32
N VAL B 133 -50.53 -12.02 5.30
CA VAL B 133 -51.13 -11.54 6.53
C VAL B 133 -50.42 -12.18 7.71
N SER B 134 -50.10 -11.38 8.72
CA SER B 134 -49.48 -11.87 9.93
C SER B 134 -50.47 -12.49 10.90
N THR B 135 -51.69 -12.77 10.45
CA THR B 135 -52.69 -13.37 11.33
C THR B 135 -52.28 -14.77 11.74
N VAL B 136 -52.59 -15.13 12.98
CA VAL B 136 -52.23 -16.44 13.50
C VAL B 136 -53.31 -17.43 13.07
N PHE B 137 -52.92 -18.43 12.29
CA PHE B 137 -53.84 -19.41 11.77
C PHE B 137 -53.86 -20.64 12.67
N ASP B 138 -55.06 -21.02 13.10
CA ASP B 138 -55.23 -22.20 13.95
C ASP B 138 -55.30 -23.44 13.05
N GLN B 139 -54.39 -24.39 13.28
CA GLN B 139 -54.40 -25.62 12.49
C GLN B 139 -55.65 -26.44 12.76
N ASP B 140 -56.14 -26.44 14.00
CA ASP B 140 -57.38 -27.15 14.31
C ASP B 140 -58.55 -26.56 13.53
N GLU B 141 -58.63 -25.22 13.44
CA GLU B 141 -59.69 -24.61 12.65
C GLU B 141 -59.54 -24.95 11.17
N LEU B 142 -58.31 -24.99 10.66
CA LEU B 142 -58.09 -25.36 9.26
C LEU B 142 -58.57 -26.79 9.01
N ALA B 143 -58.22 -27.72 9.89
CA ALA B 143 -58.67 -29.10 9.73
C ALA B 143 -60.18 -29.20 9.85
N LYS B 144 -60.77 -28.46 10.78
CA LYS B 144 -62.23 -28.49 10.93
C LYS B 144 -62.92 -27.97 9.68
N GLN B 145 -62.39 -26.89 9.09
CA GLN B 145 -62.95 -26.38 7.84
C GLN B 145 -62.77 -27.40 6.72
N PHE B 146 -61.61 -28.06 6.67
CA PHE B 146 -61.37 -29.05 5.63
C PHE B 146 -62.38 -30.18 5.71
N VAL B 147 -62.63 -30.69 6.92
CA VAL B 147 -63.58 -31.78 7.09
C VAL B 147 -65.01 -31.28 6.83
N ARG B 148 -65.32 -30.06 7.28
CA ARG B 148 -66.67 -29.53 7.16
C ARG B 148 -67.06 -29.31 5.70
N CYS B 149 -66.13 -28.77 4.90
CA CYS B 149 -66.46 -28.41 3.52
C CYS B 149 -66.35 -29.60 2.58
N TYR B 150 -65.36 -30.47 2.80
CA TYR B 150 -65.11 -31.60 1.91
C TYR B 150 -65.11 -32.87 2.76
N GLU B 151 -66.21 -33.64 2.67
CA GLU B 151 -66.33 -34.90 3.38
C GLU B 151 -66.55 -36.02 2.38
N SER B 152 -66.00 -37.20 2.70
CA SER B 152 -66.15 -38.39 1.88
C SER B 152 -65.67 -38.13 0.45
N GLN B 153 -64.59 -37.39 0.31
CA GLN B 153 -63.98 -37.11 -0.98
C GLN B 153 -62.67 -37.90 -1.12
N ILE B 154 -62.28 -38.17 -2.36
CA ILE B 154 -61.07 -38.91 -2.67
C ILE B 154 -59.98 -37.92 -3.05
N PHE B 155 -58.83 -38.03 -2.39
CA PHE B 155 -57.70 -37.14 -2.62
C PHE B 155 -56.44 -37.96 -2.80
N SER B 156 -55.51 -37.43 -3.59
CA SER B 156 -54.26 -38.09 -3.91
C SER B 156 -53.10 -37.13 -3.70
N PRO B 157 -51.90 -37.65 -3.51
CA PRO B 157 -50.73 -36.78 -3.33
C PRO B 157 -50.54 -35.87 -4.54
N THR B 158 -50.07 -34.66 -4.26
CA THR B 158 -49.82 -33.56 -5.20
C THR B 158 -51.10 -32.91 -5.68
N GLN B 159 -52.27 -33.37 -5.24
CA GLN B 159 -53.53 -32.73 -5.61
C GLN B 159 -53.63 -31.36 -4.98
N TYR B 160 -54.11 -30.39 -5.75
CA TYR B 160 -54.18 -28.99 -5.33
C TYR B 160 -55.60 -28.62 -4.95
N LEU B 161 -55.72 -27.62 -4.08
CA LEU B 161 -57.01 -27.12 -3.64
C LEU B 161 -56.89 -25.64 -3.30
N ILE B 162 -58.01 -24.93 -3.44
CA ILE B 162 -58.11 -23.52 -3.09
C ILE B 162 -59.04 -23.41 -1.89
N MET B 163 -58.54 -22.84 -0.80
CA MET B 163 -59.29 -22.77 0.45
C MET B 163 -59.57 -21.31 0.81
N GLU B 164 -60.82 -21.03 1.18
CA GLU B 164 -61.26 -19.71 1.60
C GLU B 164 -61.54 -19.76 3.09
N PHE B 165 -60.61 -19.24 3.89
CA PHE B 165 -60.71 -19.23 5.35
C PHE B 165 -60.78 -17.78 5.82
N GLN B 166 -61.94 -17.40 6.36
CA GLN B 166 -62.16 -16.04 6.87
C GLN B 166 -61.82 -15.01 5.80
N GLY B 167 -62.19 -15.31 4.56
CA GLY B 167 -61.98 -14.41 3.45
C GLY B 167 -60.59 -14.46 2.84
N HIS B 168 -59.69 -15.30 3.36
CA HIS B 168 -58.33 -15.41 2.86
C HIS B 168 -58.23 -16.64 1.97
N PHE B 169 -57.65 -16.46 0.78
CA PHE B 169 -57.53 -17.52 -0.21
C PHE B 169 -56.14 -18.13 -0.14
N PHE B 170 -56.08 -19.44 0.02
CA PHE B 170 -54.82 -20.17 0.15
C PHE B 170 -54.79 -21.32 -0.84
N ASP B 171 -53.58 -21.64 -1.30
CA ASP B 171 -53.33 -22.80 -2.13
C ASP B 171 -52.80 -23.93 -1.24
N LEU B 172 -53.49 -25.06 -1.26
CA LEU B 172 -53.11 -26.22 -0.46
C LEU B 172 -52.70 -27.36 -1.38
N LYS B 173 -51.53 -27.93 -1.13
CA LYS B 173 -51.00 -29.05 -1.90
C LYS B 173 -50.77 -30.19 -0.94
N ILE B 174 -51.38 -31.34 -1.22
CA ILE B 174 -51.24 -32.52 -0.38
C ILE B 174 -49.87 -33.14 -0.71
N ARG B 175 -48.87 -32.92 0.15
CA ARG B 175 -47.55 -33.41 -0.17
C ARG B 175 -47.47 -34.93 -0.02
N ASN B 176 -48.11 -35.48 1.01
CA ASN B 176 -48.12 -36.91 1.20
C ASN B 176 -49.40 -37.34 1.90
N VAL B 177 -49.71 -38.62 1.74
CA VAL B 177 -50.93 -39.24 2.26
C VAL B 177 -50.59 -40.62 2.80
N GLN B 178 -51.30 -41.00 3.86
CA GLN B 178 -51.21 -42.34 4.43
C GLN B 178 -52.59 -42.98 4.39
N ALA B 179 -52.69 -44.16 3.79
CA ALA B 179 -53.95 -44.87 3.68
C ALA B 179 -53.99 -46.01 4.68
N ILE B 180 -55.09 -46.11 5.42
CA ILE B 180 -55.26 -47.11 6.47
C ILE B 180 -56.64 -47.74 6.30
N ASP B 181 -56.77 -48.97 6.77
CA ASP B 181 -58.02 -49.70 6.75
C ASP B 181 -58.69 -49.60 8.12
N LEU B 182 -60.02 -49.65 8.12
CA LEU B 182 -60.77 -49.62 9.37
C LEU B 182 -60.40 -50.83 10.23
N GLY B 183 -60.20 -50.59 11.52
CA GLY B 183 -59.82 -51.62 12.45
C GLY B 183 -58.34 -51.68 12.76
N ASP B 184 -57.53 -50.86 12.10
CA ASP B 184 -56.09 -50.82 12.36
C ASP B 184 -55.84 -49.86 13.53
N ILE B 185 -55.51 -50.43 14.70
CA ILE B 185 -55.30 -49.62 15.88
C ILE B 185 -54.08 -48.73 15.72
N GLU B 186 -53.03 -49.26 15.08
CA GLU B 186 -51.78 -48.53 14.90
C GLU B 186 -51.54 -48.25 13.41
N PRO B 187 -51.03 -47.07 13.06
CA PRO B 187 -50.75 -46.78 11.63
C PRO B 187 -49.43 -47.38 11.16
N THR B 188 -49.38 -48.71 11.13
CA THR B 188 -48.16 -49.39 10.73
C THR B 188 -47.88 -49.28 9.23
N SER B 189 -48.85 -48.82 8.45
CA SER B 189 -48.64 -48.66 7.01
C SER B 189 -47.66 -47.52 6.75
N ALA B 190 -46.74 -47.74 5.81
CA ALA B 190 -45.78 -46.71 5.46
C ALA B 190 -46.46 -45.55 4.74
N VAL B 191 -46.07 -44.33 5.09
CA VAL B 191 -46.61 -43.16 4.43
C VAL B 191 -46.10 -43.13 2.99
N ALA B 192 -47.01 -43.01 2.04
CA ALA B 192 -46.70 -43.11 0.63
C ALA B 192 -46.79 -41.74 -0.03
N THR B 193 -45.73 -41.37 -0.77
CA THR B 193 -45.73 -40.17 -1.60
C THR B 193 -46.16 -40.44 -3.03
N GLY B 194 -46.45 -41.69 -3.37
CA GLY B 194 -46.88 -42.02 -4.72
C GLY B 194 -48.35 -41.70 -4.93
N ILE B 195 -48.66 -41.23 -6.14
CA ILE B 195 -50.03 -40.86 -6.48
C ILE B 195 -50.97 -42.06 -6.52
N GLU B 196 -50.42 -43.27 -6.50
CA GLU B 196 -51.27 -44.47 -6.52
C GLU B 196 -52.18 -44.52 -5.31
N THR B 197 -51.66 -44.16 -4.14
CA THR B 197 -52.45 -44.25 -2.92
C THR B 197 -53.53 -43.17 -2.89
N LYS B 198 -54.75 -43.57 -2.53
CA LYS B 198 -55.86 -42.66 -2.36
C LYS B 198 -56.68 -43.13 -1.15
N GLY B 199 -57.45 -42.21 -0.59
CA GLY B 199 -58.24 -42.52 0.59
C GLY B 199 -59.46 -41.64 0.70
N ILE B 200 -60.27 -41.94 1.72
CA ILE B 200 -61.50 -41.21 2.01
C ILE B 200 -61.30 -40.42 3.29
N LEU B 201 -61.59 -39.12 3.23
CA LEU B 201 -61.40 -38.27 4.39
C LEU B 201 -62.34 -38.65 5.51
N THR B 202 -61.86 -38.55 6.75
CA THR B 202 -62.66 -38.85 7.93
C THR B 202 -62.46 -37.75 8.96
N LYS B 203 -63.38 -37.71 9.93
CA LYS B 203 -63.35 -36.70 10.97
C LYS B 203 -62.23 -36.90 11.98
N GLN B 204 -61.37 -37.91 11.79
CA GLN B 204 -60.28 -38.18 12.72
C GLN B 204 -58.91 -38.16 12.05
N THR B 205 -58.83 -37.92 10.74
CA THR B 205 -57.55 -37.91 10.06
C THR B 205 -56.63 -36.86 10.67
N GLN B 206 -55.38 -37.25 10.92
CA GLN B 206 -54.38 -36.34 11.48
C GLN B 206 -53.84 -35.45 10.37
N ILE B 207 -54.16 -34.17 10.43
CA ILE B 207 -53.81 -33.21 9.40
C ILE B 207 -52.60 -32.41 9.89
N ASN B 208 -51.49 -32.52 9.17
CA ASN B 208 -50.28 -31.79 9.50
C ASN B 208 -50.01 -30.74 8.44
N PHE B 209 -49.91 -29.48 8.86
CA PHE B 209 -49.72 -28.36 7.95
C PHE B 209 -48.26 -27.93 7.95
N PHE B 210 -47.70 -27.77 6.76
CA PHE B 210 -46.34 -27.29 6.57
C PHE B 210 -46.36 -26.03 5.70
N LYS B 211 -45.31 -25.23 5.85
CA LYS B 211 -45.18 -24.03 5.04
C LYS B 211 -45.03 -24.41 3.57
N GLY B 212 -45.64 -23.62 2.71
CA GLY B 212 -45.48 -23.81 1.28
C GLY B 212 -44.07 -23.45 0.83
N ARG B 213 -43.78 -23.81 -0.42
CA ARG B 213 -42.46 -23.53 -0.98
C ARG B 213 -42.13 -22.04 -0.90
N ASP B 214 -43.14 -21.18 -0.94
CA ASP B 214 -42.90 -19.75 -0.78
C ASP B 214 -42.51 -19.41 0.65
N GLY B 215 -43.07 -20.12 1.63
CA GLY B 215 -42.74 -19.87 3.02
C GLY B 215 -43.19 -18.52 3.55
N LEU B 216 -44.42 -18.11 3.22
CA LEU B 216 -44.97 -16.85 3.72
C LEU B 216 -46.06 -17.02 4.75
N VAL B 217 -46.70 -18.19 4.79
CA VAL B 217 -47.81 -18.42 5.73
C VAL B 217 -47.24 -18.65 7.12
N ASN B 218 -47.74 -17.90 8.10
CA ASN B 218 -47.33 -18.03 9.49
C ASN B 218 -48.35 -18.90 10.20
N LEU B 219 -48.01 -20.18 10.38
CA LEU B 219 -48.89 -21.13 11.03
C LEU B 219 -48.78 -20.99 12.55
N LYS B 220 -49.61 -21.75 13.25
CA LYS B 220 -49.64 -21.75 14.71
C LYS B 220 -49.54 -23.17 15.22
N SER B 221 -48.86 -23.34 16.35
CA SER B 221 -48.71 -24.65 16.98
C SER B 221 -49.97 -24.98 17.76
N SER B 222 -50.69 -26.00 17.32
CA SER B 222 -51.94 -26.39 17.98
C SER B 222 -51.63 -27.12 19.28
N ASN B 223 -52.70 -27.58 19.94
CA ASN B 223 -52.53 -28.32 21.19
C ASN B 223 -51.72 -29.59 20.97
N SER B 224 -52.04 -30.33 19.91
CA SER B 224 -51.33 -31.55 19.59
C SER B 224 -49.86 -31.25 19.25
N SER B 229 -39.59 -28.09 15.45
CA SER B 229 -39.76 -28.71 14.14
C SER B 229 -38.71 -29.79 13.92
N ASN B 230 -37.44 -29.38 13.93
CA ASN B 230 -36.30 -30.28 13.77
C ASN B 230 -35.52 -30.25 15.09
N ALA B 231 -35.93 -31.10 16.03
CA ALA B 231 -35.29 -31.12 17.33
C ALA B 231 -33.79 -31.30 17.20
N VAL B 232 -33.06 -30.84 18.21
CA VAL B 232 -31.61 -30.86 18.15
C VAL B 232 -31.00 -32.14 18.73
N ILE B 233 -31.71 -32.83 19.63
CA ILE B 233 -31.07 -33.94 20.32
C ILE B 233 -31.39 -35.23 19.57
N ARG B 234 -32.64 -35.69 19.68
CA ARG B 234 -33.20 -36.73 18.84
C ARG B 234 -34.57 -37.12 19.39
N PRO B 235 -35.36 -37.89 18.65
CA PRO B 235 -36.52 -38.54 19.26
C PRO B 235 -36.18 -39.77 20.07
N ASP B 236 -35.01 -40.37 19.85
CA ASP B 236 -34.62 -41.63 20.51
C ASP B 236 -33.22 -41.46 21.08
N PHE B 237 -33.13 -41.32 22.41
CA PHE B 237 -31.85 -41.07 23.06
C PHE B 237 -31.89 -41.57 24.49
N LYS B 238 -30.73 -42.02 24.97
CA LYS B 238 -30.56 -42.45 26.36
C LYS B 238 -29.09 -42.56 26.65
N PHE B 239 -28.69 -42.14 27.85
CA PHE B 239 -27.28 -42.15 28.22
C PHE B 239 -26.68 -43.54 28.18
N GLU B 240 -27.51 -44.58 28.27
CA GLU B 240 -26.98 -45.93 28.37
C GLU B 240 -26.28 -46.37 27.09
N ASP B 241 -26.55 -45.69 25.97
CA ASP B 241 -26.00 -46.08 24.68
C ASP B 241 -25.02 -45.06 24.13
N LEU B 242 -24.66 -44.04 24.92
CA LEU B 242 -23.69 -43.07 24.44
C LEU B 242 -22.33 -43.72 24.23
N GLY B 243 -21.92 -44.60 25.14
CA GLY B 243 -20.65 -45.26 25.06
C GLY B 243 -19.62 -44.79 26.07
N VAL B 244 -19.99 -43.93 27.00
CA VAL B 244 -19.09 -43.43 28.02
C VAL B 244 -19.61 -43.89 29.37
N GLY B 245 -18.71 -44.46 30.18
CA GLY B 245 -19.10 -44.99 31.48
C GLY B 245 -18.23 -44.41 32.58
N GLY B 246 -18.85 -44.28 33.75
CA GLY B 246 -18.19 -43.77 34.92
C GLY B 246 -18.48 -42.32 35.24
N LEU B 247 -19.00 -41.57 34.27
CA LEU B 247 -19.33 -40.16 34.45
C LEU B 247 -20.83 -40.00 34.27
N ASP B 248 -21.55 -39.85 35.38
CA ASP B 248 -23.00 -39.68 35.34
C ASP B 248 -23.43 -38.30 35.82
N LYS B 249 -22.88 -37.82 36.92
CA LYS B 249 -23.20 -36.49 37.39
C LYS B 249 -22.78 -35.44 36.38
N GLU B 250 -21.59 -35.61 35.81
CA GLU B 250 -21.09 -34.65 34.84
C GLU B 250 -22.03 -34.53 33.66
N PHE B 251 -22.52 -35.67 33.16
CA PHE B 251 -23.40 -35.62 32.01
C PHE B 251 -24.72 -34.95 32.37
N THR B 252 -25.23 -35.21 33.56
CA THR B 252 -26.45 -34.54 33.99
C THR B 252 -26.24 -33.03 33.98
N LYS B 253 -25.14 -32.57 34.56
CA LYS B 253 -24.87 -31.14 34.61
C LYS B 253 -24.78 -30.57 33.19
N ILE B 254 -24.02 -31.24 32.33
CA ILE B 254 -23.80 -30.71 30.99
C ILE B 254 -25.11 -30.61 30.23
N PHE B 255 -25.90 -31.68 30.24
CA PHE B 255 -27.11 -31.69 29.46
C PHE B 255 -28.19 -30.82 30.07
N ARG B 256 -28.10 -30.53 31.36
CA ARG B 256 -29.03 -29.59 31.96
C ARG B 256 -28.68 -28.16 31.57
N ARG B 257 -27.40 -27.82 31.59
CA ARG B 257 -27.01 -26.42 31.42
C ARG B 257 -26.88 -26.02 29.96
N ALA B 258 -26.53 -26.94 29.08
CA ALA B 258 -26.23 -26.62 27.69
C ALA B 258 -27.35 -26.97 26.73
N PHE B 259 -27.83 -28.21 26.74
CA PHE B 259 -28.79 -28.68 25.75
C PHE B 259 -30.21 -28.70 26.29
N ALA B 260 -30.51 -27.88 27.28
CA ALA B 260 -31.84 -27.86 27.86
C ALA B 260 -32.74 -26.81 27.23
N SER B 261 -32.17 -25.66 26.85
CA SER B 261 -32.96 -24.60 26.24
C SER B 261 -33.17 -24.80 24.75
N ARG B 262 -32.55 -25.79 24.14
CA ARG B 262 -32.69 -26.04 22.72
C ARG B 262 -33.75 -27.08 22.40
N ILE B 263 -34.45 -27.56 23.42
CA ILE B 263 -35.48 -28.58 23.24
C ILE B 263 -36.86 -28.01 23.51
N PHE B 264 -36.99 -27.08 24.45
CA PHE B 264 -38.27 -26.52 24.80
C PHE B 264 -38.82 -25.73 23.61
N PRO B 265 -40.14 -25.58 23.51
CA PRO B 265 -40.71 -24.90 22.34
C PRO B 265 -40.13 -23.50 22.20
N PRO B 266 -39.88 -23.05 20.98
CA PRO B 266 -39.27 -21.72 20.82
C PRO B 266 -40.09 -20.59 21.42
N SER B 267 -41.42 -20.73 21.46
CA SER B 267 -42.25 -19.64 21.94
C SER B 267 -41.93 -19.31 23.39
N VAL B 268 -41.88 -20.34 24.25
CA VAL B 268 -41.62 -20.10 25.66
C VAL B 268 -40.24 -19.54 25.86
N ILE B 269 -39.25 -20.08 25.16
CA ILE B 269 -37.88 -19.58 25.30
C ILE B 269 -37.81 -18.12 24.90
N GLU B 270 -38.54 -17.75 23.85
CA GLU B 270 -38.59 -16.35 23.45
C GLU B 270 -39.25 -15.51 24.54
N LYS B 271 -40.31 -16.04 25.16
CA LYS B 271 -40.98 -15.27 26.21
C LYS B 271 -40.04 -14.99 27.38
N LEU B 272 -39.24 -15.98 27.78
CA LEU B 272 -38.38 -15.79 28.93
C LEU B 272 -37.25 -14.80 28.68
N GLY B 273 -37.00 -14.41 27.45
CA GLY B 273 -35.90 -13.50 27.17
C GLY B 273 -34.54 -14.09 27.49
N ILE B 274 -34.29 -15.32 27.05
CA ILE B 274 -33.06 -16.03 27.37
C ILE B 274 -32.23 -16.18 26.08
N SER B 275 -30.93 -16.33 26.27
CA SER B 275 -30.02 -16.69 25.19
C SER B 275 -29.23 -17.93 25.57
N HIS B 276 -28.83 -18.70 24.57
CA HIS B 276 -28.23 -20.01 24.81
C HIS B 276 -26.75 -19.87 25.15
N VAL B 277 -26.20 -20.96 25.70
CA VAL B 277 -24.81 -21.01 26.13
C VAL B 277 -23.92 -21.25 24.92
N LYS B 278 -22.83 -20.48 24.82
CA LYS B 278 -21.96 -20.51 23.66
C LYS B 278 -20.55 -21.01 23.98
N GLY B 279 -20.41 -21.91 24.93
CA GLY B 279 -19.08 -22.43 25.23
C GLY B 279 -19.14 -23.63 26.15
N LEU B 280 -18.05 -24.39 26.14
CA LEU B 280 -17.95 -25.55 27.03
C LEU B 280 -16.49 -25.94 27.15
N LEU B 281 -15.93 -25.82 28.34
CA LEU B 281 -14.54 -26.18 28.61
C LEU B 281 -14.50 -27.36 29.56
N LEU B 282 -13.72 -28.37 29.24
CA LEU B 282 -13.58 -29.53 30.13
C LEU B 282 -12.13 -29.96 30.19
N TYR B 283 -11.63 -30.18 31.40
CA TYR B 283 -10.22 -30.36 31.66
C TYR B 283 -10.00 -31.51 32.63
N GLY B 284 -8.82 -32.09 32.59
CA GLY B 284 -8.46 -33.18 33.46
C GLY B 284 -7.08 -33.73 33.17
N PRO B 285 -6.67 -34.76 33.89
CA PRO B 285 -5.34 -35.34 33.68
C PRO B 285 -5.30 -36.14 32.40
N PRO B 286 -4.13 -36.68 32.04
CA PRO B 286 -3.99 -37.34 30.74
C PRO B 286 -4.80 -38.63 30.65
N GLY B 287 -5.46 -38.81 29.51
CA GLY B 287 -6.11 -40.07 29.21
C GLY B 287 -7.20 -40.43 30.18
N THR B 288 -8.30 -39.68 30.17
CA THR B 288 -9.39 -39.97 31.08
C THR B 288 -10.76 -39.79 30.44
N GLY B 289 -10.82 -39.54 29.13
CA GLY B 289 -12.10 -39.52 28.45
C GLY B 289 -12.60 -38.14 28.09
N LYS B 290 -11.73 -37.26 27.62
CA LYS B 290 -12.18 -35.92 27.23
C LYS B 290 -12.46 -35.84 25.74
N THR B 291 -11.49 -36.21 24.91
CA THR B 291 -11.71 -36.24 23.47
C THR B 291 -12.87 -37.17 23.12
N LEU B 292 -13.06 -38.23 23.90
CA LEU B 292 -14.17 -39.14 23.65
C LEU B 292 -15.51 -38.42 23.76
N ILE B 293 -15.68 -37.62 24.81
CA ILE B 293 -16.92 -36.86 24.96
C ILE B 293 -17.07 -35.87 23.82
N ALA B 294 -16.01 -35.16 23.50
CA ALA B 294 -16.09 -34.17 22.42
C ALA B 294 -16.45 -34.84 21.10
N ARG B 295 -16.03 -36.08 20.90
CA ARG B 295 -16.36 -36.78 19.67
C ARG B 295 -17.82 -37.23 19.68
N LYS B 296 -18.26 -37.79 20.81
CA LYS B 296 -19.63 -38.29 20.86
C LYS B 296 -20.65 -37.17 20.74
N ILE B 297 -20.39 -36.03 21.38
CA ILE B 297 -21.33 -34.92 21.31
C ILE B 297 -21.50 -34.44 19.88
N GLY B 298 -20.42 -34.44 19.11
CA GLY B 298 -20.43 -33.84 17.79
C GLY B 298 -20.86 -34.76 16.69
N THR B 299 -21.32 -35.98 17.03
CA THR B 299 -21.69 -36.95 16.03
C THR B 299 -23.09 -37.52 16.22
N MET B 300 -23.76 -37.21 17.33
CA MET B 300 -25.08 -37.75 17.61
C MET B 300 -26.02 -36.65 18.06
N LEU B 301 -26.04 -35.54 17.32
CA LEU B 301 -26.89 -34.42 17.71
C LEU B 301 -27.63 -33.79 16.52
N ASN B 302 -27.73 -34.48 15.40
CA ASN B 302 -28.46 -33.95 14.25
C ASN B 302 -27.97 -32.56 13.84
N ALA B 303 -26.75 -32.21 14.22
CA ALA B 303 -26.20 -30.89 13.91
C ALA B 303 -25.43 -30.95 12.60
N LYS B 304 -24.68 -29.89 12.30
CA LYS B 304 -23.85 -29.83 11.11
C LYS B 304 -22.52 -30.51 11.35
N GLU B 305 -21.72 -30.57 10.30
CA GLU B 305 -20.42 -31.21 10.40
C GLU B 305 -19.51 -30.40 11.32
N PRO B 306 -18.88 -31.02 12.31
CA PRO B 306 -18.01 -30.25 13.20
C PRO B 306 -16.82 -29.68 12.43
N LYS B 307 -16.34 -28.54 12.91
CA LYS B 307 -15.21 -27.84 12.32
C LYS B 307 -14.02 -28.01 13.26
N ILE B 308 -13.14 -28.94 12.93
CA ILE B 308 -12.09 -29.39 13.85
C ILE B 308 -10.82 -28.61 13.61
N VAL B 309 -10.22 -28.11 14.67
CA VAL B 309 -8.92 -27.45 14.64
C VAL B 309 -8.11 -28.05 15.77
N ASN B 310 -7.10 -28.85 15.42
CA ASN B 310 -6.35 -29.64 16.39
C ASN B 310 -4.94 -29.10 16.54
N GLY B 311 -4.63 -28.59 17.72
CA GLY B 311 -3.34 -28.02 18.00
C GLY B 311 -3.18 -26.63 17.41
N PRO B 312 -1.95 -26.13 17.39
CA PRO B 312 -1.69 -24.83 16.73
C PRO B 312 -1.69 -24.96 15.22
N GLU B 313 -2.88 -25.13 14.66
CA GLU B 313 -3.04 -25.35 13.23
C GLU B 313 -3.37 -24.06 12.50
N ILE B 314 -3.27 -22.93 13.19
CA ILE B 314 -3.65 -21.65 12.64
C ILE B 314 -2.43 -20.77 12.33
N LEU B 315 -1.37 -20.89 13.10
CA LEU B 315 -0.22 -20.00 12.94
C LEU B 315 0.34 -20.08 11.52
N SER B 316 0.70 -18.92 11.00
CA SER B 316 1.31 -18.82 9.67
C SER B 316 2.42 -17.79 9.72
N LYS B 317 3.29 -17.83 8.72
CA LYS B 317 4.48 -16.99 8.72
C LYS B 317 4.31 -15.69 7.97
N TYR B 318 3.12 -15.41 7.45
CA TYR B 318 2.85 -14.14 6.79
C TYR B 318 2.06 -13.23 7.72
N VAL B 319 2.49 -11.97 7.77
CA VAL B 319 1.86 -11.03 8.69
C VAL B 319 0.40 -10.85 8.31
N GLY B 320 -0.48 -11.03 9.29
CA GLY B 320 -1.89 -10.84 9.09
C GLY B 320 -2.64 -12.05 8.59
N SER B 321 -1.95 -13.14 8.26
CA SER B 321 -2.62 -14.34 7.80
C SER B 321 -2.87 -15.34 8.92
N SER B 322 -2.37 -15.07 10.11
CA SER B 322 -2.58 -15.99 11.22
C SER B 322 -4.02 -15.92 11.73
N GLU B 323 -4.55 -14.71 11.88
CA GLU B 323 -5.89 -14.54 12.43
C GLU B 323 -6.98 -14.70 11.37
N GLU B 324 -6.65 -14.56 10.10
CA GLU B 324 -7.63 -14.83 9.06
C GLU B 324 -8.11 -16.27 9.11
N ASN B 325 -7.30 -17.17 9.66
CA ASN B 325 -7.74 -18.54 9.83
C ASN B 325 -8.71 -18.68 10.99
N ILE B 326 -8.62 -17.77 11.96
CA ILE B 326 -9.57 -17.79 13.06
C ILE B 326 -10.87 -17.12 12.67
N ARG B 327 -10.84 -16.19 11.73
CA ARG B 327 -12.06 -15.53 11.29
C ARG B 327 -12.85 -16.35 10.28
N ASN B 328 -12.25 -17.38 9.70
CA ASN B 328 -12.93 -18.18 8.70
C ASN B 328 -13.75 -19.32 9.29
N LEU B 329 -13.63 -19.56 10.60
CA LEU B 329 -14.39 -20.64 11.21
C LEU B 329 -15.83 -20.25 11.49
N PHE B 330 -16.16 -18.96 11.48
CA PHE B 330 -17.49 -18.49 11.82
C PHE B 330 -18.31 -18.05 10.62
N LYS B 331 -17.75 -18.11 9.42
CA LYS B 331 -18.42 -17.52 8.28
C LYS B 331 -19.77 -18.18 8.01
N ASP B 332 -19.79 -19.51 8.02
CA ASP B 332 -21.03 -20.22 7.69
C ASP B 332 -22.13 -19.93 8.69
N ALA B 333 -21.79 -19.87 9.97
CA ALA B 333 -22.80 -19.58 10.99
C ALA B 333 -23.43 -18.22 10.76
N GLU B 334 -22.59 -17.22 10.49
CA GLU B 334 -23.11 -15.88 10.24
C GLU B 334 -23.98 -15.87 9.00
N ALA B 335 -23.52 -16.52 7.93
CA ALA B 335 -24.27 -16.51 6.68
C ALA B 335 -25.64 -17.13 6.87
N GLU B 336 -25.71 -18.24 7.60
CA GLU B 336 -26.99 -18.89 7.81
C GLU B 336 -27.87 -18.14 8.79
N TYR B 337 -27.25 -17.46 9.77
CA TYR B 337 -28.03 -16.69 10.71
C TYR B 337 -28.68 -15.48 10.04
N ARG B 338 -27.97 -14.84 9.13
CA ARG B 338 -28.51 -13.65 8.49
C ARG B 338 -29.72 -13.96 7.64
N ALA B 339 -29.84 -15.19 7.14
CA ALA B 339 -30.97 -15.55 6.30
C ALA B 339 -32.12 -16.15 7.10
N LYS B 340 -31.86 -17.27 7.77
CA LYS B 340 -32.85 -17.89 8.65
C LYS B 340 -32.53 -17.49 10.07
N GLY B 341 -33.36 -16.61 10.63
CA GLY B 341 -33.05 -15.99 11.90
C GLY B 341 -32.97 -17.00 13.03
N GLU B 342 -34.12 -17.57 13.41
CA GLU B 342 -34.18 -18.47 14.55
C GLU B 342 -34.54 -19.89 14.16
N GLU B 343 -34.46 -20.22 12.87
CA GLU B 343 -34.69 -21.59 12.42
C GLU B 343 -33.39 -22.25 11.98
N SER B 344 -32.25 -21.66 12.30
CA SER B 344 -30.97 -22.17 11.84
C SER B 344 -30.62 -23.47 12.55
N SER B 345 -29.85 -24.29 11.85
CA SER B 345 -29.30 -25.49 12.46
C SER B 345 -28.13 -25.14 13.36
N LEU B 346 -27.72 -26.10 14.17
CA LEU B 346 -26.64 -25.88 15.13
C LEU B 346 -25.30 -26.11 14.48
N HIS B 347 -24.38 -25.18 14.69
CA HIS B 347 -23.01 -25.30 14.20
C HIS B 347 -22.08 -25.57 15.36
N ILE B 348 -21.12 -26.48 15.15
CA ILE B 348 -20.20 -26.89 16.19
C ILE B 348 -18.77 -26.77 15.66
N ILE B 349 -17.89 -26.24 16.49
CA ILE B 349 -16.46 -26.16 16.19
C ILE B 349 -15.70 -26.60 17.43
N ILE B 350 -14.73 -27.49 17.25
CA ILE B 350 -13.98 -28.08 18.35
C ILE B 350 -12.56 -27.52 18.34
N PHE B 351 -12.20 -26.83 19.41
CA PHE B 351 -10.82 -26.43 19.64
C PHE B 351 -10.12 -27.50 20.46
N ASP B 352 -8.95 -27.93 20.01
CA ASP B 352 -8.18 -28.96 20.68
C ASP B 352 -6.89 -28.38 21.24
N GLU B 353 -6.52 -28.82 22.43
CA GLU B 353 -5.35 -28.31 23.13
C GLU B 353 -5.42 -26.78 23.21
N LEU B 354 -6.45 -26.31 23.91
CA LEU B 354 -6.75 -24.88 23.92
C LEU B 354 -5.62 -24.08 24.54
N ASP B 355 -4.86 -24.67 25.44
CA ASP B 355 -3.85 -23.93 26.19
C ASP B 355 -2.57 -23.72 25.41
N SER B 356 -2.49 -24.20 24.17
CA SER B 356 -1.24 -24.11 23.44
C SER B 356 -0.99 -22.71 22.91
N VAL B 357 -2.04 -21.99 22.52
CA VAL B 357 -1.88 -20.70 21.87
C VAL B 357 -2.57 -19.58 22.63
N PHE B 358 -3.62 -19.90 23.36
CA PHE B 358 -4.43 -18.88 24.03
C PHE B 358 -4.00 -18.70 25.49
N LYS B 359 -2.76 -18.25 25.64
CA LYS B 359 -2.20 -17.96 26.96
C LYS B 359 -2.54 -16.53 27.38
N GLN B 360 -2.23 -16.22 28.63
CA GLN B 360 -2.44 -14.88 29.16
C GLN B 360 -1.76 -13.85 28.29
N ARG B 361 -2.53 -12.88 27.80
CA ARG B 361 -1.97 -11.82 26.97
C ARG B 361 -1.25 -10.80 27.82
N GLY B 362 -0.03 -10.44 27.41
CA GLY B 362 0.79 -9.50 28.12
C GLY B 362 1.83 -10.12 29.02
N SER B 363 1.68 -11.39 29.36
CA SER B 363 2.63 -12.07 30.25
C SER B 363 3.63 -12.93 29.50
N ARG B 364 3.23 -13.55 28.39
CA ARG B 364 4.14 -14.40 27.65
C ARG B 364 5.38 -13.63 27.24
N GLY B 365 6.47 -14.37 26.99
CA GLY B 365 7.71 -13.73 26.63
C GLY B 365 7.58 -12.88 25.38
N ASP B 366 8.45 -11.89 25.27
CA ASP B 366 8.41 -10.98 24.14
C ASP B 366 8.53 -11.76 22.83
N GLY B 367 8.14 -11.10 21.74
CA GLY B 367 8.20 -11.71 20.43
C GLY B 367 7.80 -10.74 19.34
N THR B 368 7.03 -11.22 18.38
CA THR B 368 6.56 -10.38 17.28
C THR B 368 5.17 -9.82 17.54
N GLY B 369 4.47 -10.34 18.55
CA GLY B 369 3.14 -9.85 18.90
C GLY B 369 2.02 -10.53 18.15
N VAL B 370 2.08 -11.85 18.03
CA VAL B 370 1.05 -12.59 17.31
C VAL B 370 0.09 -13.23 18.31
N GLY B 371 0.60 -13.58 19.50
CA GLY B 371 -0.28 -14.16 20.50
C GLY B 371 -1.39 -13.22 20.91
N ASP B 372 -1.03 -11.97 21.19
CA ASP B 372 -2.04 -10.99 21.59
C ASP B 372 -3.07 -10.81 20.50
N ASN B 373 -2.64 -10.74 19.25
CA ASN B 373 -3.58 -10.54 18.16
C ASN B 373 -4.54 -11.71 18.06
N VAL B 374 -4.03 -12.94 18.22
CA VAL B 374 -4.89 -14.11 18.14
C VAL B 374 -5.92 -14.08 19.25
N VAL B 375 -5.47 -13.81 20.48
CA VAL B 375 -6.39 -13.80 21.60
C VAL B 375 -7.45 -12.72 21.41
N ASN B 376 -7.03 -11.52 20.99
CA ASN B 376 -7.99 -10.44 20.80
C ASN B 376 -8.98 -10.78 19.70
N GLN B 377 -8.51 -11.41 18.62
CA GLN B 377 -9.41 -11.77 17.54
C GLN B 377 -10.47 -12.74 18.03
N LEU B 378 -10.06 -13.76 18.76
CA LEU B 378 -11.04 -14.72 19.26
C LEU B 378 -12.00 -14.05 20.23
N LEU B 379 -11.48 -13.20 21.11
CA LEU B 379 -12.35 -12.50 22.06
C LEU B 379 -13.39 -11.69 21.33
N ALA B 380 -12.98 -10.93 20.32
CA ALA B 380 -13.90 -10.07 19.60
C ALA B 380 -14.89 -10.86 18.76
N LYS B 381 -14.51 -12.04 18.31
CA LYS B 381 -15.43 -12.84 17.51
C LYS B 381 -16.42 -13.62 18.35
N MET B 382 -16.02 -14.06 19.54
CA MET B 382 -16.94 -14.86 20.34
C MET B 382 -18.11 -14.03 20.84
N ASP B 383 -17.86 -12.80 21.28
CA ASP B 383 -18.91 -11.95 21.84
C ASP B 383 -18.63 -10.52 21.42
N GLY B 384 -19.28 -10.07 20.35
CA GLY B 384 -19.00 -8.76 19.81
C GLY B 384 -20.25 -7.93 19.59
N VAL B 385 -20.16 -6.97 18.69
CA VAL B 385 -21.28 -6.07 18.45
C VAL B 385 -22.35 -6.69 17.56
N ASP B 386 -22.02 -7.78 16.87
CA ASP B 386 -22.98 -8.53 16.08
C ASP B 386 -23.24 -9.86 16.77
N GLN B 387 -24.51 -10.15 17.02
CA GLN B 387 -24.87 -11.27 17.86
C GLN B 387 -25.06 -12.54 17.04
N LEU B 388 -24.70 -13.66 17.63
CA LEU B 388 -24.89 -14.98 17.05
C LEU B 388 -25.59 -15.87 18.08
N ASN B 389 -26.46 -16.75 17.59
CA ASN B 389 -27.21 -17.62 18.47
C ASN B 389 -27.28 -19.02 17.90
N ASN B 390 -26.24 -19.43 17.18
CA ASN B 390 -26.19 -20.73 16.52
C ASN B 390 -24.97 -21.55 16.89
N ILE B 391 -23.98 -20.95 17.53
CA ILE B 391 -22.65 -21.53 17.64
C ILE B 391 -22.49 -22.21 18.99
N LEU B 392 -21.76 -23.32 19.00
CA LEU B 392 -21.33 -23.97 20.22
C LEU B 392 -19.87 -24.38 20.06
N VAL B 393 -19.03 -23.98 21.00
CA VAL B 393 -17.59 -24.19 20.91
C VAL B 393 -17.11 -24.96 22.13
N ILE B 394 -16.29 -25.98 21.89
CA ILE B 394 -15.84 -26.91 22.91
C ILE B 394 -14.32 -26.83 23.02
N GLY B 395 -13.82 -26.92 24.25
CA GLY B 395 -12.40 -26.81 24.50
C GLY B 395 -11.89 -27.83 25.50
N MET B 396 -10.73 -28.42 25.20
CA MET B 396 -10.09 -29.41 26.04
C MET B 396 -8.69 -28.95 26.39
N THR B 397 -8.28 -29.19 27.62
CA THR B 397 -6.95 -28.79 28.06
C THR B 397 -6.57 -29.57 29.30
N ASN B 398 -5.26 -29.60 29.57
CA ASN B 398 -4.72 -30.26 30.74
C ASN B 398 -4.26 -29.30 31.83
N ARG B 399 -3.97 -28.05 31.48
CA ARG B 399 -3.51 -27.04 32.44
C ARG B 399 -4.44 -25.86 32.33
N LYS B 400 -5.49 -25.84 33.16
CA LYS B 400 -6.48 -24.77 33.07
C LYS B 400 -5.91 -23.45 33.54
N ASP B 401 -4.80 -23.45 34.28
CA ASP B 401 -4.28 -22.22 34.85
C ASP B 401 -3.73 -21.29 33.78
N LEU B 402 -3.25 -21.83 32.67
CA LEU B 402 -2.58 -21.01 31.67
C LEU B 402 -3.55 -20.26 30.77
N ILE B 403 -4.82 -20.64 30.76
CA ILE B 403 -5.76 -20.00 29.87
C ILE B 403 -5.96 -18.55 30.30
N ASP B 404 -6.32 -17.71 29.35
CA ASP B 404 -6.47 -16.29 29.64
C ASP B 404 -7.67 -16.08 30.56
N SER B 405 -7.67 -14.94 31.24
CA SER B 405 -8.70 -14.67 32.24
C SER B 405 -10.01 -14.22 31.62
N ALA B 406 -9.95 -13.52 30.49
CA ALA B 406 -11.17 -12.96 29.90
C ALA B 406 -11.92 -13.99 29.07
N LEU B 407 -11.31 -15.13 28.76
CA LEU B 407 -12.00 -16.16 28.01
C LEU B 407 -12.93 -16.99 28.88
N LEU B 408 -12.76 -16.93 30.19
CA LEU B 408 -13.56 -17.72 31.11
C LEU B 408 -14.72 -16.93 31.68
N ARG B 409 -14.91 -15.69 31.24
CA ARG B 409 -16.04 -14.91 31.70
C ARG B 409 -17.34 -15.58 31.24
N PRO B 410 -18.41 -15.46 32.02
CA PRO B 410 -19.71 -15.95 31.55
C PRO B 410 -20.09 -15.28 30.24
N GLY B 411 -20.65 -16.07 29.34
CA GLY B 411 -20.94 -15.62 28.00
C GLY B 411 -19.92 -16.05 26.97
N ARG B 412 -18.71 -16.43 27.38
CA ARG B 412 -17.69 -16.91 26.45
C ARG B 412 -17.39 -18.39 26.67
N PHE B 413 -16.97 -18.76 27.88
CA PHE B 413 -16.81 -20.16 28.27
C PHE B 413 -17.52 -20.29 29.61
N GLU B 414 -18.82 -20.53 29.54
CA GLU B 414 -19.65 -20.42 30.73
C GLU B 414 -19.56 -21.67 31.60
N VAL B 415 -19.64 -22.84 31.00
CA VAL B 415 -19.71 -24.10 31.73
C VAL B 415 -18.33 -24.76 31.72
N GLN B 416 -17.77 -24.96 32.91
CA GLN B 416 -16.47 -25.58 33.08
C GLN B 416 -16.64 -26.89 33.86
N VAL B 417 -16.04 -27.95 33.35
CA VAL B 417 -16.20 -29.28 33.91
C VAL B 417 -14.84 -29.94 34.10
N GLU B 418 -14.76 -30.83 35.07
CA GLU B 418 -13.52 -31.51 35.43
C GLU B 418 -13.72 -33.01 35.33
N ILE B 419 -12.81 -33.68 34.62
CA ILE B 419 -12.79 -35.13 34.49
C ILE B 419 -11.61 -35.66 35.28
N HIS B 420 -11.88 -36.62 36.18
CA HIS B 420 -10.87 -37.12 37.09
C HIS B 420 -10.82 -38.64 37.02
N LEU B 421 -9.85 -39.21 37.71
CA LEU B 421 -9.69 -40.66 37.70
C LEU B 421 -10.93 -41.33 38.26
N PRO B 422 -11.31 -42.49 37.75
CA PRO B 422 -12.56 -43.12 38.19
C PRO B 422 -12.36 -43.89 39.48
N ASP B 423 -13.49 -44.12 40.16
CA ASP B 423 -13.51 -44.97 41.33
C ASP B 423 -13.91 -46.38 40.92
N GLU B 424 -14.15 -47.24 41.92
CA GLU B 424 -14.30 -48.66 41.64
C GLU B 424 -15.49 -48.94 40.72
N LYS B 425 -16.64 -48.32 41.00
CA LYS B 425 -17.80 -48.53 40.14
C LYS B 425 -17.56 -48.01 38.74
N GLY B 426 -16.86 -46.88 38.62
CA GLY B 426 -16.51 -46.39 37.30
C GLY B 426 -15.65 -47.37 36.54
N ARG B 427 -14.68 -47.96 37.21
CA ARG B 427 -13.83 -48.96 36.56
C ARG B 427 -14.65 -50.18 36.15
N LEU B 428 -15.61 -50.58 36.99
CA LEU B 428 -16.46 -51.70 36.62
C LEU B 428 -17.27 -51.38 35.37
N GLN B 429 -17.83 -50.18 35.31
CA GLN B 429 -18.61 -49.81 34.14
C GLN B 429 -17.75 -49.74 32.88
N ILE B 430 -16.55 -49.20 33.01
CA ILE B 430 -15.66 -49.14 31.85
C ILE B 430 -15.32 -50.54 31.37
N PHE B 431 -15.02 -51.43 32.32
CA PHE B 431 -14.76 -52.82 31.95
C PHE B 431 -15.96 -53.41 31.23
N ASP B 432 -17.17 -53.13 31.73
CA ASP B 432 -18.37 -53.70 31.13
C ASP B 432 -18.55 -53.21 29.71
N ILE B 433 -18.33 -51.92 29.46
CA ILE B 433 -18.58 -51.38 28.13
C ILE B 433 -17.40 -51.56 27.18
N GLN B 434 -16.25 -51.98 27.67
CA GLN B 434 -15.13 -52.28 26.76
C GLN B 434 -15.23 -53.69 26.20
N THR B 435 -15.44 -54.69 27.06
CA THR B 435 -15.55 -56.07 26.63
C THR B 435 -17.03 -56.42 26.45
N LYS B 436 -17.59 -55.92 25.34
CA LYS B 436 -18.97 -56.16 25.00
C LYS B 436 -19.13 -56.96 23.72
N LYS B 437 -18.49 -56.53 22.63
CA LYS B 437 -18.59 -57.26 21.38
C LYS B 437 -17.93 -58.63 21.44
N MET B 438 -17.05 -58.87 22.40
CA MET B 438 -16.48 -60.19 22.62
C MET B 438 -17.21 -60.97 23.69
N ARG B 439 -18.23 -60.38 24.29
CA ARG B 439 -19.08 -61.07 25.24
C ARG B 439 -20.41 -61.50 24.64
N GLU B 440 -20.83 -60.85 23.56
CA GLU B 440 -22.04 -61.24 22.86
C GLU B 440 -21.77 -62.13 21.66
N ASN B 441 -20.56 -62.10 21.13
CA ASN B 441 -20.16 -63.02 20.08
C ASN B 441 -19.78 -64.39 20.63
N ASN B 442 -19.92 -64.59 21.94
CA ASN B 442 -19.59 -65.87 22.56
C ASN B 442 -18.12 -66.18 22.42
N MET B 443 -17.28 -65.17 22.68
CA MET B 443 -15.83 -65.31 22.56
C MET B 443 -15.13 -65.14 23.89
N MET B 444 -15.88 -64.99 24.98
CA MET B 444 -15.32 -64.82 26.31
C MET B 444 -15.67 -66.01 27.18
N SER B 445 -14.68 -66.48 27.94
CA SER B 445 -14.88 -67.67 28.74
C SER B 445 -15.88 -67.38 29.86
N ASP B 446 -16.18 -68.41 30.65
CA ASP B 446 -17.12 -68.31 31.75
C ASP B 446 -16.43 -68.25 33.11
N ASP B 447 -15.11 -68.37 33.15
CA ASP B 447 -14.36 -68.29 34.40
C ASP B 447 -13.81 -66.91 34.66
N VAL B 448 -14.13 -65.94 33.81
CA VAL B 448 -13.67 -64.57 33.99
C VAL B 448 -14.73 -63.79 34.74
N ASN B 449 -14.32 -63.11 35.80
CA ASN B 449 -15.22 -62.36 36.68
C ASN B 449 -14.74 -60.93 36.76
N LEU B 450 -15.53 -60.00 36.23
CA LEU B 450 -15.08 -58.62 36.11
C LEU B 450 -15.02 -57.91 37.44
N ALA B 451 -15.75 -58.38 38.45
CA ALA B 451 -15.68 -57.74 39.76
C ALA B 451 -14.27 -57.86 40.34
N GLU B 452 -13.68 -59.05 40.25
CA GLU B 452 -12.33 -59.24 40.77
C GLU B 452 -11.33 -58.38 40.02
N LEU B 453 -11.46 -58.31 38.69
CA LEU B 453 -10.52 -57.50 37.91
C LEU B 453 -10.67 -56.02 38.25
N ALA B 454 -11.90 -55.55 38.41
CA ALA B 454 -12.11 -54.18 38.84
C ALA B 454 -11.56 -53.93 40.24
N ALA B 455 -11.51 -54.97 41.07
CA ALA B 455 -10.93 -54.80 42.40
C ALA B 455 -9.41 -54.77 42.36
N LEU B 456 -8.79 -55.54 41.47
CA LEU B 456 -7.33 -55.56 41.44
C LEU B 456 -6.73 -54.30 40.81
N THR B 457 -7.35 -53.77 39.77
CA THR B 457 -6.80 -52.58 39.12
C THR B 457 -7.22 -51.34 39.89
N LYS B 458 -6.24 -50.72 40.54
CA LYS B 458 -6.47 -49.58 41.41
C LYS B 458 -5.71 -48.39 40.86
N ASN B 459 -6.37 -47.24 40.79
CA ASN B 459 -5.83 -46.01 40.22
C ASN B 459 -5.59 -46.15 38.72
N PHE B 460 -6.27 -47.08 38.09
CA PHE B 460 -6.20 -47.24 36.65
C PHE B 460 -7.05 -46.20 35.94
N SER B 461 -6.66 -45.87 34.71
CA SER B 461 -7.46 -45.01 33.86
C SER B 461 -8.17 -45.86 32.80
N GLY B 462 -8.99 -45.20 31.99
CA GLY B 462 -9.68 -45.92 30.93
C GLY B 462 -8.75 -46.45 29.88
N ALA B 463 -7.77 -45.64 29.47
CA ALA B 463 -6.83 -46.08 28.44
C ALA B 463 -6.08 -47.31 28.90
N GLU B 464 -5.72 -47.36 30.18
CA GLU B 464 -5.01 -48.54 30.68
C GLU B 464 -5.89 -49.78 30.62
N ILE B 465 -7.18 -49.62 30.90
CA ILE B 465 -8.08 -50.77 30.81
C ILE B 465 -8.20 -51.25 29.37
N GLU B 466 -8.29 -50.31 28.43
CA GLU B 466 -8.34 -50.70 27.02
C GLU B 466 -7.06 -51.44 26.62
N GLY B 467 -5.91 -50.93 27.05
CA GLY B 467 -4.67 -51.60 26.76
C GLY B 467 -4.63 -53.00 27.34
N LEU B 468 -5.11 -53.15 28.58
CA LEU B 468 -5.18 -54.46 29.20
C LEU B 468 -6.01 -55.41 28.35
N VAL B 469 -7.16 -54.94 27.90
CA VAL B 469 -8.06 -55.79 27.13
C VAL B 469 -7.36 -56.27 25.86
N LYS B 470 -6.78 -55.34 25.11
CA LYS B 470 -6.20 -55.77 23.84
C LYS B 470 -4.93 -56.58 24.07
N SER B 471 -4.24 -56.36 25.19
CA SER B 471 -3.09 -57.20 25.50
C SER B 471 -3.50 -58.64 25.75
N ALA B 472 -4.57 -58.84 26.51
CA ALA B 472 -5.05 -60.20 26.73
C ALA B 472 -5.49 -60.83 25.41
N SER B 473 -6.17 -60.05 24.58
CA SER B 473 -6.56 -60.57 23.27
C SER B 473 -5.35 -61.00 22.47
N SER B 474 -4.28 -60.20 22.51
CA SER B 474 -3.07 -60.55 21.78
C SER B 474 -2.46 -61.81 22.33
N PHE B 475 -2.48 -61.97 23.66
CA PHE B 475 -2.01 -63.22 24.25
C PHE B 475 -2.73 -64.41 23.66
N ALA B 476 -4.06 -64.37 23.65
CA ALA B 476 -4.81 -65.51 23.15
C ALA B 476 -4.51 -65.76 21.67
N ILE B 477 -4.50 -64.70 20.87
CA ILE B 477 -4.29 -64.84 19.44
C ILE B 477 -2.91 -65.42 19.15
N ASN B 478 -1.90 -64.94 19.86
CA ASN B 478 -0.56 -65.48 19.66
C ASN B 478 -0.51 -66.93 20.09
N LYS B 479 -1.24 -67.29 21.13
CA LYS B 479 -1.25 -68.68 21.56
C LYS B 479 -1.80 -69.60 20.49
N THR B 480 -2.92 -69.21 19.87
CA THR B 480 -3.55 -70.14 18.94
C THR B 480 -2.65 -70.44 17.74
N VAL B 481 -1.93 -69.43 17.25
CA VAL B 481 -1.04 -69.62 16.10
C VAL B 481 -0.06 -70.74 16.40
N LYS B 493 -6.84 -74.24 11.69
CA LYS B 493 -8.27 -73.94 11.72
C LYS B 493 -8.82 -74.09 13.14
N ASP B 494 -7.94 -74.04 14.13
CA ASP B 494 -8.38 -73.99 15.52
C ASP B 494 -9.02 -72.65 15.86
N ILE B 495 -8.89 -71.65 15.00
CA ILE B 495 -9.46 -70.33 15.23
C ILE B 495 -10.95 -70.42 15.51
N ALA B 496 -11.59 -71.51 15.08
CA ALA B 496 -13.01 -71.66 15.32
C ALA B 496 -13.35 -71.69 16.80
N LYS B 497 -12.41 -72.14 17.65
CA LYS B 497 -12.67 -72.33 19.07
C LYS B 497 -12.11 -71.21 19.92
N LEU B 498 -11.49 -70.20 19.32
CA LEU B 498 -10.80 -69.15 20.07
C LEU B 498 -11.65 -68.64 21.23
N LYS B 499 -11.01 -68.52 22.39
CA LYS B 499 -11.68 -68.05 23.61
C LYS B 499 -10.64 -67.44 24.53
N VAL B 500 -10.96 -66.27 25.09
CA VAL B 500 -10.09 -65.61 26.05
C VAL B 500 -10.43 -66.10 27.45
N THR B 501 -9.40 -66.37 28.24
CA THR B 501 -9.54 -67.00 29.54
C THR B 501 -8.98 -66.10 30.62
N ARG B 502 -9.19 -66.53 31.87
CA ARG B 502 -8.73 -65.76 33.01
C ARG B 502 -7.22 -65.65 33.03
N GLU B 503 -6.52 -66.72 32.63
CA GLU B 503 -5.06 -66.71 32.71
C GLU B 503 -4.45 -65.64 31.83
N ASP B 504 -5.04 -65.42 30.64
CA ASP B 504 -4.52 -64.37 29.78
C ASP B 504 -4.67 -63.01 30.45
N PHE B 505 -5.81 -62.75 31.08
CA PHE B 505 -6.00 -61.49 31.77
C PHE B 505 -5.01 -61.32 32.91
N LEU B 506 -4.76 -62.39 33.65
CA LEU B 506 -3.83 -62.29 34.76
C LEU B 506 -2.40 -62.06 34.28
N ASN B 507 -2.03 -62.68 33.16
CA ASN B 507 -0.71 -62.43 32.60
C ASN B 507 -0.60 -61.03 32.01
N ALA B 508 -1.70 -60.47 31.52
CA ALA B 508 -1.66 -59.14 30.93
C ALA B 508 -1.32 -58.07 31.95
N LEU B 509 -1.49 -58.35 33.24
CA LEU B 509 -1.21 -57.33 34.26
C LEU B 509 0.27 -57.05 34.43
N ASN B 510 1.13 -57.88 33.87
CA ASN B 510 2.57 -57.67 33.96
C ASN B 510 3.13 -56.89 32.80
N ASP B 511 2.29 -56.49 31.85
CA ASP B 511 2.73 -55.71 30.70
C ASP B 511 2.42 -54.22 30.87
N VAL B 512 1.18 -53.89 31.21
CA VAL B 512 0.76 -52.51 31.39
C VAL B 512 0.81 -52.15 32.86
N THR B 513 1.45 -51.03 33.17
CA THR B 513 1.59 -50.55 34.53
C THR B 513 1.00 -49.15 34.65
N PRO B 514 0.26 -48.85 35.71
CA PRO B 514 -0.34 -47.52 35.82
C PRO B 514 0.71 -46.44 36.02
N ALA B 515 0.36 -45.24 35.61
CA ALA B 515 1.25 -44.10 35.82
C ALA B 515 1.16 -43.58 37.24
N PHE B 516 -0.06 -43.45 37.76
CA PHE B 516 -0.26 -43.02 39.15
C PHE B 516 -0.31 -44.26 40.04
N GLY B 517 0.85 -44.91 40.14
CA GLY B 517 0.94 -46.16 40.86
C GLY B 517 2.30 -46.34 41.50
N ILE B 518 2.41 -47.45 42.24
CA ILE B 518 3.63 -47.73 42.99
C ILE B 518 4.82 -47.83 42.06
N SER B 519 5.97 -47.36 42.52
CA SER B 519 7.24 -47.56 41.83
C SER B 519 7.98 -48.68 42.54
N GLU B 520 7.64 -49.91 42.17
CA GLU B 520 8.12 -51.08 42.91
C GLU B 520 9.63 -51.22 42.86
N GLU B 521 10.23 -51.02 41.68
CA GLU B 521 11.64 -51.31 41.53
C GLU B 521 12.49 -50.42 42.41
N ASP B 522 12.19 -49.13 42.43
CA ASP B 522 12.98 -48.19 43.21
C ASP B 522 12.90 -48.53 44.69
N LEU B 523 11.71 -48.88 45.17
CA LEU B 523 11.57 -49.17 46.59
C LEU B 523 12.19 -50.51 46.94
N LYS B 524 12.24 -51.43 45.99
CA LYS B 524 12.80 -52.74 46.27
C LYS B 524 14.30 -52.78 46.03
N THR B 525 14.89 -51.69 45.55
CA THR B 525 16.33 -51.62 45.45
C THR B 525 16.95 -50.94 46.65
N CYS B 526 16.16 -50.24 47.46
CA CYS B 526 16.67 -49.61 48.67
C CYS B 526 16.73 -50.56 49.86
N VAL B 527 16.04 -51.70 49.80
CA VAL B 527 16.04 -52.64 50.91
C VAL B 527 16.66 -53.95 50.44
N GLU B 528 17.61 -53.84 49.51
CA GLU B 528 18.23 -55.05 48.95
C GLU B 528 18.95 -55.84 50.02
N GLY B 529 19.65 -55.17 50.94
CA GLY B 529 20.40 -55.88 51.96
C GLY B 529 19.53 -56.73 52.85
N GLY B 530 18.27 -56.36 53.03
CA GLY B 530 17.37 -57.18 53.82
C GLY B 530 17.20 -56.65 55.22
N MET B 531 16.04 -56.93 55.80
CA MET B 531 15.72 -56.50 57.15
C MET B 531 16.15 -57.55 58.17
N MET B 532 16.76 -57.10 59.26
CA MET B 532 17.18 -57.97 60.34
C MET B 532 16.79 -57.32 61.66
N LEU B 533 16.18 -58.10 62.55
CA LEU B 533 15.71 -57.58 63.83
C LEU B 533 16.74 -57.86 64.92
N TYR B 534 17.87 -57.16 64.83
CA TYR B 534 18.92 -57.35 65.80
C TYR B 534 18.64 -56.65 67.12
N SER B 535 17.59 -55.83 67.18
CA SER B 535 17.31 -55.05 68.38
C SER B 535 15.82 -54.73 68.44
N GLU B 536 15.40 -54.32 69.64
CA GLU B 536 14.01 -53.94 69.87
C GLU B 536 13.69 -52.57 69.30
N ARG B 537 14.68 -51.69 69.21
CA ARG B 537 14.41 -50.35 68.71
C ARG B 537 13.87 -50.40 67.28
N VAL B 538 14.33 -51.38 66.50
CA VAL B 538 13.82 -51.55 65.15
C VAL B 538 12.31 -51.80 65.19
N ASN B 539 11.88 -52.70 66.07
CA ASN B 539 10.47 -53.01 66.18
C ASN B 539 9.69 -51.80 66.64
N SER B 540 10.23 -51.04 67.59
CA SER B 540 9.54 -49.85 68.06
C SER B 540 9.35 -48.84 66.93
N ILE B 541 10.40 -48.64 66.13
CA ILE B 541 10.33 -47.70 65.02
C ILE B 541 9.26 -48.15 64.03
N LEU B 542 9.25 -49.43 63.70
CA LEU B 542 8.28 -49.93 62.74
C LEU B 542 6.87 -49.77 63.28
N LYS B 543 6.67 -50.01 64.57
CA LYS B 543 5.35 -49.84 65.14
C LYS B 543 4.90 -48.38 65.08
N ASN B 544 5.81 -47.45 65.36
CA ASN B 544 5.46 -46.05 65.26
C ASN B 544 5.05 -45.68 63.84
N GLY B 545 5.81 -46.16 62.86
CA GLY B 545 5.44 -45.91 61.47
C GLY B 545 4.06 -46.46 61.14
N ALA B 546 3.77 -47.66 61.61
CA ALA B 546 2.45 -48.24 61.37
C ALA B 546 1.36 -47.39 62.00
N ARG B 547 1.60 -46.90 63.21
CA ARG B 547 0.62 -46.05 63.86
C ARG B 547 0.35 -44.82 63.03
N TYR B 548 1.40 -44.18 62.52
CA TYR B 548 1.20 -42.97 61.74
C TYR B 548 0.45 -43.26 60.45
N VAL B 549 0.78 -44.37 59.79
CA VAL B 549 0.07 -44.73 58.56
C VAL B 549 -1.41 -44.91 58.86
N ARG B 550 -1.71 -45.64 59.93
CA ARG B 550 -3.11 -45.87 60.28
C ARG B 550 -3.82 -44.57 60.57
N GLN B 551 -3.17 -43.66 61.29
CA GLN B 551 -3.79 -42.37 61.56
C GLN B 551 -4.10 -41.64 60.27
N VAL B 552 -3.15 -41.61 59.33
CA VAL B 552 -3.38 -40.89 58.09
C VAL B 552 -4.50 -41.52 57.27
N ARG B 553 -4.68 -42.83 57.38
CA ARG B 553 -5.72 -43.48 56.59
C ARG B 553 -7.11 -43.18 57.14
N GLU B 554 -7.38 -43.62 58.36
CA GLU B 554 -8.72 -43.53 58.94
C GLU B 554 -8.78 -42.39 59.93
N SER B 555 -9.07 -41.19 59.41
CA SER B 555 -9.21 -40.01 60.25
C SER B 555 -10.12 -39.01 59.53
N ASP B 556 -10.33 -37.87 60.18
CA ASP B 556 -11.23 -36.85 59.65
C ASP B 556 -10.55 -35.50 59.44
N LYS B 557 -9.69 -35.09 60.37
CA LYS B 557 -9.02 -33.80 60.30
C LYS B 557 -7.56 -33.89 59.88
N SER B 558 -6.91 -35.01 60.15
CA SER B 558 -5.50 -35.17 59.80
C SER B 558 -5.41 -35.47 58.31
N ARG B 559 -5.13 -34.42 57.52
CA ARG B 559 -5.02 -34.55 56.08
C ARG B 559 -3.61 -34.25 55.58
N LEU B 560 -2.66 -34.04 56.48
CA LEU B 560 -1.28 -33.83 56.09
C LEU B 560 -0.38 -34.08 57.29
N VAL B 561 0.47 -35.10 57.21
CA VAL B 561 1.35 -35.49 58.30
C VAL B 561 2.77 -35.55 57.77
N SER B 562 3.70 -34.92 58.49
CA SER B 562 5.11 -34.95 58.16
C SER B 562 5.87 -35.77 59.20
N LEU B 563 7.14 -36.03 58.89
CA LEU B 563 8.01 -36.79 59.78
C LEU B 563 9.45 -36.45 59.47
N LEU B 564 10.34 -36.87 60.36
CA LEU B 564 11.78 -36.69 60.16
C LEU B 564 12.50 -37.82 60.85
N ILE B 565 13.10 -38.71 60.08
CA ILE B 565 13.90 -39.80 60.60
C ILE B 565 15.36 -39.37 60.55
N HIS B 566 15.99 -39.25 61.72
CA HIS B 566 17.35 -38.75 61.79
C HIS B 566 18.21 -39.66 62.64
N GLY B 567 19.50 -39.69 62.31
CA GLY B 567 20.46 -40.49 63.04
C GLY B 567 21.84 -40.37 62.45
N PRO B 568 22.82 -41.03 63.08
CA PRO B 568 24.19 -40.99 62.55
C PRO B 568 24.28 -41.60 61.17
N ALA B 569 25.25 -41.10 60.40
CA ALA B 569 25.43 -41.57 59.03
C ALA B 569 25.74 -43.06 59.02
N GLY B 570 25.16 -43.76 58.05
CA GLY B 570 25.38 -45.18 57.95
C GLY B 570 24.48 -46.01 58.84
N SER B 571 23.55 -45.39 59.55
CA SER B 571 22.72 -46.14 60.49
C SER B 571 21.58 -46.88 59.79
N GLY B 572 21.34 -46.62 58.51
CA GLY B 572 20.32 -47.35 57.79
C GLY B 572 18.94 -46.74 57.90
N LYS B 573 18.80 -45.48 57.49
CA LYS B 573 17.53 -44.79 57.62
C LYS B 573 16.61 -45.04 56.43
N THR B 574 17.17 -44.96 55.23
CA THR B 574 16.36 -45.12 54.03
C THR B 574 15.74 -46.50 53.97
N ALA B 575 16.46 -47.52 54.43
CA ALA B 575 15.90 -48.87 54.44
C ALA B 575 14.66 -48.93 55.32
N LEU B 576 14.72 -48.32 56.50
CA LEU B 576 13.57 -48.33 57.39
C LEU B 576 12.40 -47.56 56.78
N ALA B 577 12.69 -46.42 56.15
CA ALA B 577 11.61 -45.66 55.54
C ALA B 577 10.95 -46.47 54.44
N ALA B 578 11.76 -47.13 53.60
CA ALA B 578 11.20 -47.94 52.53
C ALA B 578 10.37 -49.08 53.08
N GLU B 579 10.84 -49.71 54.15
CA GLU B 579 10.07 -50.81 54.73
C GLU B 579 8.74 -50.33 55.27
N ILE B 580 8.74 -49.18 55.95
CA ILE B 580 7.49 -48.62 56.42
C ILE B 580 6.55 -48.29 55.27
N ALA B 581 7.12 -47.89 54.13
CA ALA B 581 6.28 -47.57 52.98
C ALA B 581 5.70 -48.82 52.31
N LEU B 582 6.49 -49.88 52.21
CA LEU B 582 6.06 -51.04 51.44
C LEU B 582 4.97 -51.84 52.13
N LYS B 583 4.76 -51.63 53.42
CA LYS B 583 3.78 -52.40 54.19
C LYS B 583 2.58 -51.55 54.56
N SER B 584 2.14 -50.71 53.63
CA SER B 584 1.01 -49.83 53.84
C SER B 584 -0.15 -50.08 52.90
N GLY B 585 0.13 -50.36 51.62
CA GLY B 585 -0.90 -50.60 50.65
C GLY B 585 -1.48 -49.36 50.00
N PHE B 586 -0.89 -48.19 50.24
CA PHE B 586 -1.40 -46.98 49.61
C PHE B 586 -1.30 -47.11 48.09
N PRO B 587 -2.32 -46.65 47.35
CA PRO B 587 -2.25 -46.80 45.89
C PRO B 587 -1.08 -46.08 45.25
N PHE B 588 -0.66 -44.94 45.80
CA PHE B 588 0.30 -44.07 45.16
C PHE B 588 1.51 -43.91 46.06
N ILE B 589 2.68 -44.27 45.55
CA ILE B 589 3.94 -44.10 46.27
C ILE B 589 5.00 -43.63 45.31
N ARG B 590 5.78 -42.63 45.73
CA ARG B 590 6.84 -42.13 44.88
C ARG B 590 8.00 -41.68 45.76
N LEU B 591 9.17 -41.59 45.13
CA LEU B 591 10.43 -41.38 45.84
C LEU B 591 11.27 -40.35 45.11
N ILE B 592 11.94 -39.49 45.88
CA ILE B 592 12.81 -38.47 45.32
C ILE B 592 14.20 -38.69 45.88
N SER B 593 15.16 -38.96 45.00
CA SER B 593 16.53 -39.22 45.41
C SER B 593 17.49 -38.31 44.68
N PRO B 594 18.67 -38.09 45.24
CA PRO B 594 19.72 -37.38 44.49
C PRO B 594 20.21 -38.14 43.29
N ASN B 595 19.98 -39.45 43.23
CA ASN B 595 20.47 -40.24 42.09
C ASN B 595 19.70 -39.92 40.83
N GLU B 596 18.51 -39.35 40.94
CA GLU B 596 17.71 -39.01 39.77
C GLU B 596 17.89 -37.57 39.33
N LEU B 597 18.24 -36.68 40.25
CA LEU B 597 18.53 -35.29 39.89
C LEU B 597 20.03 -35.12 39.63
N SER B 598 20.56 -35.97 38.76
CA SER B 598 21.99 -36.05 38.53
C SER B 598 22.33 -35.34 37.21
N GLY B 599 23.24 -34.37 37.28
CA GLY B 599 23.66 -33.68 36.10
C GLY B 599 22.66 -32.68 35.56
N MET B 600 21.61 -32.38 36.32
CA MET B 600 20.60 -31.44 35.86
C MET B 600 21.06 -30.01 36.15
N SER B 601 20.20 -29.05 35.83
CA SER B 601 20.39 -27.67 36.21
C SER B 601 19.42 -27.31 37.31
N GLU B 602 19.68 -26.17 37.96
CA GLU B 602 18.86 -25.79 39.11
C GLU B 602 17.41 -25.63 38.72
N SER B 603 17.16 -24.93 37.61
CA SER B 603 15.78 -24.74 37.16
C SER B 603 15.12 -26.08 36.86
N ALA B 604 15.87 -26.99 36.25
CA ALA B 604 15.31 -28.31 35.97
C ALA B 604 14.96 -29.04 37.25
N LYS B 605 15.80 -28.93 38.28
CA LYS B 605 15.51 -29.58 39.55
C LYS B 605 14.24 -29.02 40.16
N ILE B 606 14.10 -27.69 40.14
CA ILE B 606 12.89 -27.07 40.68
C ILE B 606 11.67 -27.55 39.92
N ALA B 607 11.77 -27.61 38.59
CA ALA B 607 10.65 -28.06 37.79
C ALA B 607 10.28 -29.50 38.11
N TYR B 608 11.30 -30.35 38.30
CA TYR B 608 11.05 -31.75 38.60
C TYR B 608 10.30 -31.89 39.92
N ILE B 609 10.76 -31.18 40.95
CA ILE B 609 10.09 -31.24 42.24
C ILE B 609 8.66 -30.74 42.11
N ASP B 610 8.47 -29.65 41.39
CA ASP B 610 7.13 -29.09 41.22
C ASP B 610 6.21 -30.10 40.56
N ASN B 611 6.70 -30.76 39.51
CA ASN B 611 5.85 -31.71 38.80
C ASN B 611 5.50 -32.89 39.70
N THR B 612 6.46 -33.38 40.48
CA THR B 612 6.16 -34.49 41.37
C THR B 612 5.07 -34.09 42.35
N PHE B 613 5.23 -32.95 43.00
CA PHE B 613 4.23 -32.54 43.99
C PHE B 613 2.87 -32.31 43.34
N ARG B 614 2.85 -31.74 42.15
CA ARG B 614 1.58 -31.54 41.47
C ARG B 614 0.92 -32.87 41.15
N ASP B 615 1.69 -33.84 40.67
CA ASP B 615 1.15 -35.15 40.39
C ASP B 615 0.67 -35.86 41.64
N ALA B 616 1.18 -35.46 42.80
CA ALA B 616 0.75 -36.10 44.04
C ALA B 616 -0.62 -35.63 44.51
N TYR B 617 -1.25 -34.67 43.84
CA TYR B 617 -2.50 -34.08 44.29
C TYR B 617 -3.68 -34.50 43.42
N LYS B 618 -3.63 -35.68 42.83
CA LYS B 618 -4.71 -36.13 41.95
C LYS B 618 -5.16 -37.56 42.26
N SER B 619 -4.81 -38.08 43.43
CA SER B 619 -5.23 -39.42 43.82
C SER B 619 -5.70 -39.39 45.27
N PRO B 620 -6.61 -40.28 45.64
CA PRO B 620 -7.18 -40.23 47.00
C PRO B 620 -6.12 -40.33 48.09
N LEU B 621 -5.31 -41.39 48.07
CA LEU B 621 -4.29 -41.59 49.08
C LEU B 621 -2.91 -41.61 48.43
N ASN B 622 -1.92 -41.10 49.17
CA ASN B 622 -0.58 -40.95 48.62
C ASN B 622 0.44 -41.07 49.74
N ILE B 623 1.68 -41.38 49.33
CA ILE B 623 2.84 -41.31 50.20
C ILE B 623 3.98 -40.73 49.36
N LEU B 624 4.96 -40.14 50.04
CA LEU B 624 6.04 -39.47 49.33
C LEU B 624 7.29 -39.48 50.18
N VAL B 625 8.36 -40.10 49.67
CA VAL B 625 9.62 -40.21 50.40
C VAL B 625 10.67 -39.28 49.82
N ILE B 626 11.43 -38.65 50.71
CA ILE B 626 12.48 -37.69 50.36
C ILE B 626 13.77 -38.10 51.07
N ASP B 627 14.88 -38.12 50.34
CA ASP B 627 16.16 -38.57 50.86
C ASP B 627 17.10 -37.40 51.10
N SER B 628 17.97 -37.58 52.08
CA SER B 628 19.01 -36.62 52.40
C SER B 628 18.43 -35.29 52.89
N LEU B 629 18.09 -34.41 51.96
CA LEU B 629 17.60 -33.07 52.20
C LEU B 629 18.74 -32.15 52.59
N GLU B 630 19.94 -32.67 52.81
CA GLU B 630 21.15 -31.86 52.89
C GLU B 630 22.03 -32.05 51.67
N THR B 631 21.66 -32.96 50.77
CA THR B 631 22.34 -33.12 49.49
C THR B 631 21.53 -32.57 48.34
N LEU B 632 20.20 -32.64 48.42
CA LEU B 632 19.39 -31.92 47.45
C LEU B 632 19.70 -30.44 47.50
N VAL B 633 19.79 -29.88 48.70
CA VAL B 633 20.32 -28.53 48.89
C VAL B 633 21.82 -28.70 49.08
N ASP B 634 22.53 -28.79 47.96
CA ASP B 634 23.95 -29.13 47.99
C ASP B 634 24.67 -28.28 49.03
N TRP B 635 25.20 -28.95 50.05
CA TRP B 635 25.77 -28.28 51.21
C TRP B 635 27.24 -28.65 51.35
N VAL B 636 28.11 -27.64 51.39
CA VAL B 636 29.52 -27.86 51.63
C VAL B 636 29.92 -26.99 52.83
N PRO B 637 30.58 -27.55 53.83
CA PRO B 637 30.66 -26.86 55.13
C PRO B 637 31.58 -25.66 55.15
N ILE B 638 32.38 -25.42 54.12
CA ILE B 638 33.34 -24.32 54.14
C ILE B 638 32.73 -23.15 53.37
N GLY B 639 32.47 -22.07 54.09
CA GLY B 639 32.05 -20.82 53.49
C GLY B 639 30.82 -20.23 54.16
N PRO B 640 29.81 -21.06 54.45
CA PRO B 640 29.48 -22.36 53.89
C PRO B 640 28.57 -22.14 52.69
N ARG B 641 28.74 -22.87 51.59
CA ARG B 641 27.94 -22.66 50.40
C ARG B 641 26.75 -23.62 50.37
N PHE B 642 25.64 -23.13 49.83
CA PHE B 642 24.50 -23.99 49.54
C PHE B 642 23.54 -23.22 48.66
N SER B 643 22.46 -23.88 48.27
CA SER B 643 21.47 -23.34 47.35
C SER B 643 20.22 -22.92 48.11
N ASN B 644 19.78 -21.68 47.90
CA ASN B 644 18.67 -21.14 48.66
C ASN B 644 17.31 -21.37 48.00
N ASN B 645 17.26 -21.35 46.67
CA ASN B 645 15.99 -21.46 45.98
C ASN B 645 15.33 -22.81 46.25
N ILE B 646 16.11 -23.89 46.11
CA ILE B 646 15.56 -25.22 46.36
C ILE B 646 15.13 -25.33 47.81
N LEU B 647 15.92 -24.75 48.72
CA LEU B 647 15.57 -24.80 50.12
C LEU B 647 14.23 -24.14 50.37
N GLN B 648 14.02 -22.96 49.79
CA GLN B 648 12.77 -22.26 50.00
C GLN B 648 11.61 -23.01 49.37
N MET B 649 11.83 -23.61 48.21
CA MET B 649 10.77 -24.39 47.58
C MET B 649 10.35 -25.54 48.48
N LEU B 650 11.32 -26.30 48.99
CA LEU B 650 10.99 -27.42 49.84
C LEU B 650 10.37 -26.98 51.15
N LYS B 651 10.77 -25.81 51.65
CA LYS B 651 10.21 -25.32 52.90
C LYS B 651 8.76 -24.87 52.71
N VAL B 652 8.43 -24.36 51.53
CA VAL B 652 7.06 -23.94 51.29
C VAL B 652 6.19 -25.13 50.88
N ALA B 653 6.77 -26.16 50.31
CA ALA B 653 5.98 -27.28 49.81
C ALA B 653 5.68 -28.33 50.87
N LEU B 654 6.29 -28.24 52.04
CA LEU B 654 6.02 -29.20 53.10
C LEU B 654 4.93 -28.75 54.05
N LYS B 655 4.28 -27.63 53.78
CA LYS B 655 3.22 -27.13 54.65
C LYS B 655 1.98 -26.75 53.86
N ARG B 656 1.76 -27.38 52.72
CA ARG B 656 0.63 -27.09 51.86
C ARG B 656 -0.34 -28.26 51.87
N LYS B 657 -1.61 -27.97 52.16
CA LYS B 657 -2.59 -29.03 52.26
C LYS B 657 -3.10 -29.44 50.88
N PRO B 658 -3.38 -30.72 50.66
CA PRO B 658 -3.81 -31.17 49.35
C PRO B 658 -5.21 -30.65 49.03
N PRO B 659 -5.50 -30.37 47.75
CA PRO B 659 -6.82 -29.84 47.42
C PRO B 659 -7.93 -30.81 47.77
N GLN B 660 -9.10 -30.23 48.05
CA GLN B 660 -10.36 -30.98 48.22
C GLN B 660 -10.23 -31.94 49.40
N ASP B 661 -10.34 -33.24 49.21
CA ASP B 661 -10.35 -34.22 50.28
C ASP B 661 -9.33 -35.32 49.98
N ARG B 662 -8.11 -34.92 49.67
CA ARG B 662 -7.03 -35.88 49.47
C ARG B 662 -6.19 -35.95 50.74
N ARG B 663 -5.33 -36.96 50.80
CA ARG B 663 -4.51 -37.21 51.97
C ARG B 663 -3.08 -37.49 51.54
N LEU B 664 -2.14 -37.18 52.42
CA LEU B 664 -0.73 -37.23 52.06
C LEU B 664 0.11 -37.47 53.29
N LEU B 665 1.10 -38.34 53.14
CA LEU B 665 2.08 -38.61 54.19
C LEU B 665 3.46 -38.49 53.57
N ILE B 666 4.35 -37.78 54.26
CA ILE B 666 5.67 -37.46 53.76
C ILE B 666 6.71 -37.96 54.76
N MET B 667 7.72 -38.65 54.27
CA MET B 667 8.83 -39.09 55.11
C MET B 667 10.14 -38.62 54.51
N THR B 668 10.89 -37.82 55.27
CA THR B 668 12.15 -37.25 54.80
C THR B 668 13.27 -37.63 55.77
N THR B 669 14.34 -38.17 55.22
CA THR B 669 15.48 -38.56 56.03
C THR B 669 16.57 -37.49 55.99
N THR B 670 17.50 -37.58 56.94
CA THR B 670 18.60 -36.63 57.03
C THR B 670 19.69 -37.20 57.92
N SER B 671 20.87 -36.56 57.86
CA SER B 671 22.00 -36.96 58.68
C SER B 671 22.77 -35.75 59.22
N ALA B 672 22.18 -34.56 59.18
CA ALA B 672 22.83 -33.32 59.59
C ALA B 672 21.90 -32.50 60.46
N TYR B 673 21.34 -33.16 61.47
CA TYR B 673 20.35 -32.53 62.35
C TYR B 673 20.78 -31.13 62.76
N SER B 674 22.06 -30.96 63.11
CA SER B 674 22.52 -29.65 63.56
C SER B 674 22.40 -28.62 62.45
N VAL B 675 22.72 -29.01 61.22
CA VAL B 675 22.63 -28.07 60.11
C VAL B 675 21.19 -27.64 59.91
N LEU B 676 20.26 -28.59 59.98
CA LEU B 676 18.85 -28.23 59.84
C LEU B 676 18.41 -27.31 60.96
N GLN B 677 18.92 -27.55 62.17
CA GLN B 677 18.61 -26.66 63.28
C GLN B 677 19.09 -25.25 62.98
N GLN B 678 20.31 -25.13 62.47
CA GLN B 678 20.86 -23.80 62.18
C GLN B 678 20.05 -23.12 61.07
N MET B 679 19.67 -23.88 60.04
CA MET B 679 18.89 -23.28 58.97
C MET B 679 17.52 -22.83 59.46
N ASP B 680 17.09 -23.29 60.62
CA ASP B 680 15.79 -22.89 61.18
C ASP B 680 14.64 -23.44 60.33
N ILE B 681 14.73 -24.71 59.98
CA ILE B 681 13.72 -25.37 59.17
C ILE B 681 13.06 -26.51 59.92
N LEU B 682 13.25 -26.56 61.23
CA LEU B 682 12.75 -27.66 62.04
C LEU B 682 11.29 -27.46 62.46
N SER B 683 10.65 -26.39 62.00
CA SER B 683 9.26 -26.14 62.33
C SER B 683 8.29 -26.72 61.32
N CYS B 684 8.79 -27.37 60.27
CA CYS B 684 7.92 -27.95 59.26
C CYS B 684 7.55 -29.39 59.55
N PHE B 685 8.06 -29.97 60.63
CA PHE B 685 7.86 -31.38 60.94
C PHE B 685 6.99 -31.54 62.18
N ASP B 686 6.11 -32.54 62.15
CA ASP B 686 5.20 -32.80 63.25
C ASP B 686 5.73 -33.81 64.26
N ASN B 687 6.87 -34.43 64.00
CA ASN B 687 7.43 -35.38 64.94
C ASN B 687 8.83 -35.72 64.43
N GLU B 688 9.58 -36.52 65.19
CA GLU B 688 10.99 -36.77 64.89
C GLU B 688 11.39 -38.13 65.43
N ILE B 689 11.64 -39.09 64.54
CA ILE B 689 12.16 -40.38 64.96
C ILE B 689 13.68 -40.33 64.93
N ALA B 690 14.29 -41.19 65.76
CA ALA B 690 15.73 -41.26 65.90
C ALA B 690 16.20 -42.70 65.69
N VAL B 691 17.32 -42.84 64.98
CA VAL B 691 17.88 -44.16 64.69
C VAL B 691 19.30 -44.26 65.24
N PRO B 692 19.53 -45.04 66.29
CA PRO B 692 20.86 -45.13 66.88
C PRO B 692 21.72 -46.23 66.26
N ASN B 693 22.98 -46.25 66.68
CA ASN B 693 23.94 -47.22 66.19
C ASN B 693 23.89 -48.52 66.99
N MET B 694 24.74 -49.47 66.61
CA MET B 694 24.92 -50.70 67.38
C MET B 694 25.86 -50.43 68.55
N THR B 695 25.51 -50.97 69.72
CA THR B 695 26.29 -50.68 70.92
C THR B 695 26.44 -51.91 71.81
N ASN B 696 26.39 -53.11 71.25
CA ASN B 696 26.56 -54.32 72.03
C ASN B 696 27.14 -55.43 71.17
N LEU B 697 27.69 -56.43 71.84
CA LEU B 697 28.29 -57.55 71.14
C LEU B 697 27.25 -58.57 70.69
N ASP B 698 26.18 -58.75 71.47
CA ASP B 698 25.15 -59.72 71.09
C ASP B 698 24.47 -59.31 69.80
N GLU B 699 24.34 -58.01 69.57
CA GLU B 699 23.79 -57.55 68.30
C GLU B 699 24.70 -57.93 67.14
N LEU B 700 26.02 -57.81 67.36
CA LEU B 700 26.97 -58.26 66.35
C LEU B 700 26.82 -59.75 66.12
N ASN B 701 26.60 -60.51 67.19
CA ASN B 701 26.42 -61.94 67.05
C ASN B 701 25.17 -62.26 66.24
N ASN B 702 24.09 -61.53 66.48
CA ASN B 702 22.88 -61.73 65.71
C ASN B 702 23.10 -61.42 64.24
N VAL B 703 23.81 -60.32 63.96
CA VAL B 703 24.14 -59.99 62.58
C VAL B 703 24.96 -61.11 61.95
N MET B 704 25.90 -61.67 62.71
CA MET B 704 26.76 -62.72 62.18
C MET B 704 25.96 -63.97 61.86
N ILE B 705 25.07 -64.38 62.78
CA ILE B 705 24.26 -65.57 62.53
C ILE B 705 23.36 -65.33 61.32
N GLU B 706 22.85 -64.12 61.17
CA GLU B 706 22.00 -63.85 60.02
C GLU B 706 22.80 -63.77 58.72
N SER B 707 24.10 -63.46 58.79
CA SER B 707 24.91 -63.34 57.60
C SER B 707 25.64 -64.63 57.25
N ASN B 708 25.50 -65.68 58.05
CA ASN B 708 26.15 -66.96 57.77
C ASN B 708 27.67 -66.78 57.66
N PHE B 709 28.27 -66.35 58.76
CA PHE B 709 29.72 -66.18 58.79
C PHE B 709 30.37 -66.82 60.01
N LEU B 710 29.62 -66.94 61.10
CA LEU B 710 30.24 -67.32 62.37
C LEU B 710 30.73 -68.76 62.34
N ASP B 711 29.89 -69.68 61.89
CA ASP B 711 30.19 -71.11 61.97
C ASP B 711 30.44 -71.54 63.41
N ASP B 712 29.73 -70.91 64.35
CA ASP B 712 29.80 -71.24 65.78
C ASP B 712 31.18 -70.98 66.38
N ALA B 713 32.17 -71.79 66.01
CA ALA B 713 33.51 -71.62 66.58
C ALA B 713 34.05 -70.23 66.29
N GLY B 714 33.90 -69.77 65.04
CA GLY B 714 34.32 -68.42 64.72
C GLY B 714 33.58 -67.39 65.56
N ARG B 715 32.28 -67.60 65.77
CA ARG B 715 31.52 -66.71 66.63
C ARG B 715 32.18 -66.59 68.00
N VAL B 716 32.48 -67.73 68.62
CA VAL B 716 33.02 -67.72 69.97
C VAL B 716 34.38 -67.04 69.98
N LYS B 717 35.25 -67.40 69.04
CA LYS B 717 36.60 -66.86 69.04
C LYS B 717 36.59 -65.36 68.84
N VAL B 718 35.81 -64.88 67.87
CA VAL B 718 35.82 -63.44 67.57
C VAL B 718 35.16 -62.66 68.70
N ILE B 719 34.06 -63.17 69.24
CA ILE B 719 33.40 -62.46 70.33
C ILE B 719 34.32 -62.39 71.54
N ASN B 720 34.99 -63.50 71.85
CA ASN B 720 35.90 -63.51 72.99
C ASN B 720 37.05 -62.53 72.78
N GLU B 721 37.61 -62.52 71.57
CA GLU B 721 38.70 -61.59 71.30
C GLU B 721 38.26 -60.15 71.47
N LEU B 722 37.14 -59.78 70.84
CA LEU B 722 36.68 -58.40 70.91
C LEU B 722 36.12 -58.04 72.28
N SER B 723 35.85 -59.02 73.13
CA SER B 723 35.38 -58.71 74.47
C SER B 723 36.41 -57.91 75.24
N ARG B 724 37.68 -58.29 75.15
CA ARG B 724 38.75 -57.60 75.83
C ARG B 724 39.62 -56.77 74.89
N SER B 725 39.46 -56.90 73.59
CA SER B 725 40.23 -56.11 72.64
C SER B 725 39.58 -54.78 72.30
N CYS B 726 38.39 -54.51 72.81
CA CYS B 726 37.73 -53.24 72.53
C CYS B 726 36.74 -52.91 73.65
N PRO B 727 36.97 -51.84 74.41
CA PRO B 727 36.03 -51.51 75.48
C PRO B 727 34.74 -50.90 74.97
N ASN B 728 34.83 -49.99 74.00
CA ASN B 728 33.67 -49.31 73.44
C ASN B 728 33.48 -49.74 72.00
N PHE B 729 32.23 -50.02 71.64
CA PHE B 729 31.90 -50.55 70.33
C PHE B 729 30.66 -49.85 69.79
N ASN B 730 30.83 -49.14 68.68
CA ASN B 730 29.70 -48.44 68.06
C ASN B 730 29.99 -48.32 66.56
N VAL B 731 29.17 -48.99 65.74
CA VAL B 731 29.33 -48.96 64.29
C VAL B 731 27.96 -49.18 63.66
N GLY B 732 27.79 -48.62 62.47
CA GLY B 732 26.55 -48.80 61.74
C GLY B 732 26.47 -50.16 61.07
N ILE B 733 25.26 -50.48 60.62
CA ILE B 733 25.02 -51.79 60.01
C ILE B 733 25.71 -51.88 58.65
N LYS B 734 25.66 -50.80 57.89
CA LYS B 734 26.26 -50.80 56.56
C LYS B 734 27.73 -51.18 56.62
N LYS B 735 28.48 -50.47 57.46
CA LYS B 735 29.91 -50.73 57.56
C LYS B 735 30.19 -52.13 58.08
N THR B 736 29.38 -52.60 59.03
CA THR B 736 29.57 -53.93 59.56
C THR B 736 29.39 -54.98 58.47
N LEU B 737 28.34 -54.83 57.66
CA LEU B 737 28.10 -55.78 56.59
C LEU B 737 29.23 -55.76 55.58
N THR B 738 29.70 -54.56 55.24
CA THR B 738 30.81 -54.45 54.31
C THR B 738 32.05 -55.15 54.87
N ASN B 739 32.32 -54.95 56.15
CA ASN B 739 33.47 -55.57 56.77
C ASN B 739 33.36 -57.08 56.75
N ILE B 740 32.18 -57.61 57.06
CA ILE B 740 31.99 -59.06 57.02
C ILE B 740 32.25 -59.58 55.62
N GLU B 741 31.68 -58.90 54.62
CA GLU B 741 31.83 -59.37 53.25
C GLU B 741 33.28 -59.37 52.81
N THR B 742 34.02 -58.31 53.14
CA THR B 742 35.42 -58.27 52.73
C THR B 742 36.26 -59.25 53.53
N ALA B 743 35.87 -59.54 54.78
CA ALA B 743 36.60 -60.52 55.57
C ALA B 743 36.42 -61.92 55.03
N ARG B 744 35.23 -62.22 54.50
CA ARG B 744 34.95 -63.55 53.99
C ARG B 744 36.03 -64.02 53.02
N HIS B 745 36.49 -63.14 52.14
CA HIS B 745 37.38 -63.57 51.06
C HIS B 745 38.68 -64.16 51.60
N ASP B 746 39.48 -63.34 52.28
CA ASP B 746 40.80 -63.76 52.74
C ASP B 746 40.81 -63.98 54.25
N GLU B 747 41.47 -65.05 54.68
CA GLU B 747 41.60 -65.38 56.09
C GLU B 747 40.24 -65.28 56.79
N ASP B 748 39.35 -66.16 56.37
CA ASP B 748 38.07 -66.35 57.06
C ASP B 748 38.27 -66.44 58.56
N PRO B 749 39.39 -66.98 59.05
CA PRO B 749 39.64 -66.95 60.51
C PRO B 749 39.40 -65.59 61.14
N VAL B 750 39.24 -65.63 62.47
CA VAL B 750 38.76 -64.49 63.24
C VAL B 750 39.63 -63.27 63.03
N ASN B 751 40.92 -63.47 62.77
CA ASN B 751 41.88 -62.37 62.80
C ASN B 751 41.42 -61.21 61.93
N GLU B 752 41.07 -61.51 60.67
CA GLU B 752 40.75 -60.44 59.72
C GLU B 752 39.57 -59.62 60.21
N LEU B 753 38.51 -60.29 60.65
CA LEU B 753 37.34 -59.58 61.14
C LEU B 753 37.69 -58.77 62.37
N VAL B 754 38.53 -59.31 63.25
CA VAL B 754 38.89 -58.57 64.45
C VAL B 754 39.59 -57.28 64.09
N GLU B 755 40.56 -57.35 63.18
CA GLU B 755 41.28 -56.15 62.78
C GLU B 755 40.33 -55.15 62.13
N LEU B 756 39.46 -55.64 61.24
CA LEU B 756 38.55 -54.73 60.55
C LEU B 756 37.63 -54.02 61.54
N MET B 757 37.03 -54.78 62.45
CA MET B 757 36.12 -54.18 63.41
C MET B 757 36.84 -53.22 64.34
N THR B 758 38.04 -53.58 64.78
CA THR B 758 38.78 -52.71 65.68
C THR B 758 39.13 -51.40 65.00
N GLN B 759 39.58 -51.45 63.76
CA GLN B 759 39.96 -50.23 63.07
C GLN B 759 38.74 -49.39 62.73
N SER B 760 37.63 -50.04 62.36
CA SER B 760 36.44 -49.29 61.96
C SER B 760 35.86 -48.54 63.15
N ALA B 761 35.76 -49.19 64.30
CA ALA B 761 35.16 -48.58 65.48
C ALA B 761 36.01 -47.39 65.94
N ASP C 21 -58.55 48.74 -3.77
CA ASP C 21 -59.96 48.39 -3.60
C ASP C 21 -60.43 47.56 -4.80
N MET C 22 -60.73 46.29 -4.54
CA MET C 22 -61.13 45.34 -5.57
C MET C 22 -62.62 45.05 -5.56
N THR C 23 -63.41 45.83 -4.83
CA THR C 23 -64.84 45.51 -4.70
C THR C 23 -65.56 45.59 -6.04
N ASN C 24 -65.27 46.61 -6.84
CA ASN C 24 -65.97 46.84 -8.10
C ASN C 24 -64.95 46.85 -9.24
N MET C 25 -65.18 45.99 -10.23
CA MET C 25 -64.35 45.93 -11.42
C MET C 25 -65.02 45.03 -12.44
N ASP C 26 -64.83 45.35 -13.72
CA ASP C 26 -65.42 44.56 -14.79
C ASP C 26 -64.71 43.21 -14.88
N THR C 27 -65.48 42.13 -14.67
CA THR C 27 -64.94 40.78 -14.64
C THR C 27 -65.05 40.08 -15.99
N ARG C 28 -65.49 40.78 -17.03
CA ARG C 28 -65.70 40.15 -18.32
C ARG C 28 -64.40 39.58 -18.86
N THR C 29 -64.49 38.40 -19.46
CA THR C 29 -63.32 37.72 -20.00
C THR C 29 -62.83 38.43 -21.26
N ARG C 30 -61.51 38.45 -21.43
CA ARG C 30 -60.88 39.02 -22.63
C ARG C 30 -59.82 38.07 -23.15
N HIS C 31 -59.73 37.95 -24.47
CA HIS C 31 -58.71 37.15 -25.11
C HIS C 31 -57.58 38.07 -25.58
N LEU C 32 -56.39 37.86 -25.05
CA LEU C 32 -55.26 38.75 -25.28
C LEU C 32 -54.08 37.99 -25.83
N LYS C 33 -53.33 38.64 -26.70
CA LYS C 33 -52.17 38.04 -27.34
C LYS C 33 -50.93 38.23 -26.48
N VAL C 34 -50.12 37.19 -26.40
CA VAL C 34 -48.86 37.23 -25.66
C VAL C 34 -47.81 37.84 -26.57
N SER C 35 -47.12 38.87 -26.09
CA SER C 35 -46.12 39.54 -26.90
C SER C 35 -44.87 39.78 -26.07
N ASN C 36 -43.82 40.22 -26.74
CA ASN C 36 -42.56 40.48 -26.06
C ASN C 36 -42.75 41.61 -25.05
N CYS C 37 -42.01 41.52 -23.94
CA CYS C 37 -42.11 42.53 -22.93
C CYS C 37 -41.66 43.88 -23.48
N PRO C 38 -42.28 44.98 -23.05
CA PRO C 38 -41.89 46.29 -23.61
C PRO C 38 -40.45 46.66 -23.34
N ASN C 39 -39.92 46.29 -22.18
CA ASN C 39 -38.54 46.61 -21.82
C ASN C 39 -38.18 45.86 -20.55
N ASN C 40 -36.91 45.96 -20.17
CA ASN C 40 -36.43 45.24 -19.00
C ASN C 40 -37.05 45.74 -17.69
N SER C 41 -37.33 47.05 -17.59
CA SER C 41 -37.92 47.56 -16.36
C SER C 41 -39.27 46.92 -16.07
N TYR C 42 -40.11 46.81 -17.11
CA TYR C 42 -41.42 46.19 -16.93
C TYR C 42 -41.27 44.72 -16.57
N ALA C 43 -40.32 44.03 -17.18
CA ALA C 43 -40.10 42.63 -16.85
C ALA C 43 -39.67 42.50 -15.40
N LEU C 44 -38.82 43.43 -14.93
CA LEU C 44 -38.36 43.39 -13.55
C LEU C 44 -39.53 43.56 -12.59
N ALA C 45 -40.44 44.48 -12.90
CA ALA C 45 -41.55 44.73 -11.98
C ALA C 45 -42.45 43.52 -11.83
N ASN C 46 -42.44 42.60 -12.79
CA ASN C 46 -43.28 41.39 -12.73
C ASN C 46 -44.75 41.76 -12.59
N VAL C 47 -45.17 42.81 -13.29
CA VAL C 47 -46.55 43.29 -13.27
C VAL C 47 -47.07 43.29 -14.70
N ALA C 48 -48.27 42.74 -14.89
CA ALA C 48 -48.89 42.75 -16.21
C ALA C 48 -49.16 44.17 -16.64
N ALA C 49 -48.49 44.62 -17.69
CA ALA C 49 -48.69 45.97 -18.21
C ALA C 49 -49.87 45.95 -19.18
N VAL C 50 -50.87 46.78 -18.89
CA VAL C 50 -52.09 46.83 -19.67
C VAL C 50 -52.42 48.28 -19.96
N SER C 51 -53.22 48.49 -21.00
CA SER C 51 -53.68 49.82 -21.34
C SER C 51 -54.79 50.25 -20.39
N PRO C 52 -54.99 51.56 -20.21
CA PRO C 52 -56.10 52.01 -19.34
C PRO C 52 -57.44 51.48 -19.81
N ASN C 53 -57.64 51.35 -21.11
CA ASN C 53 -58.89 50.81 -21.64
C ASN C 53 -59.04 49.31 -21.38
N ASP C 54 -57.95 48.62 -21.05
CA ASP C 54 -58.02 47.19 -20.81
C ASP C 54 -58.59 46.86 -19.43
N PHE C 55 -57.96 47.38 -18.38
CA PHE C 55 -58.41 47.09 -17.02
C PHE C 55 -57.96 48.23 -16.13
N PRO C 56 -58.60 48.40 -14.97
CA PRO C 56 -58.15 49.43 -14.02
C PRO C 56 -56.71 49.20 -13.59
N ASN C 57 -56.18 50.19 -12.87
CA ASN C 57 -54.80 50.16 -12.44
C ASN C 57 -54.66 49.54 -11.06
N ASN C 58 -53.64 48.71 -10.89
CA ASN C 58 -53.30 48.13 -9.59
C ASN C 58 -54.40 47.21 -9.08
N ILE C 59 -54.81 46.26 -9.93
CA ILE C 59 -55.77 45.24 -9.55
C ILE C 59 -55.24 43.87 -9.96
N TYR C 60 -55.64 42.85 -9.23
CA TYR C 60 -55.19 41.49 -9.51
C TYR C 60 -56.06 40.86 -10.58
N ILE C 61 -55.42 40.27 -11.59
CA ILE C 61 -56.12 39.64 -12.70
C ILE C 61 -55.60 38.22 -12.85
N ILE C 62 -56.50 37.28 -13.09
CA ILE C 62 -56.14 35.89 -13.33
C ILE C 62 -56.17 35.64 -14.82
N ILE C 63 -55.36 34.69 -15.26
CA ILE C 63 -55.23 34.33 -16.66
C ILE C 63 -55.26 32.82 -16.72
N ASP C 64 -56.11 32.28 -17.59
CA ASP C 64 -56.31 30.85 -17.74
C ASP C 64 -56.72 30.22 -16.41
N ASN C 65 -57.27 31.01 -15.51
CA ASN C 65 -57.70 30.60 -14.18
C ASN C 65 -56.56 30.05 -13.34
N LEU C 66 -55.32 30.28 -13.74
CA LEU C 66 -54.16 29.75 -13.02
C LEU C 66 -53.11 30.79 -12.70
N PHE C 67 -52.87 31.76 -13.59
CA PHE C 67 -51.74 32.67 -13.48
C PHE C 67 -52.23 34.05 -13.08
N VAL C 68 -51.88 34.47 -11.86
CA VAL C 68 -52.38 35.71 -11.29
C VAL C 68 -51.27 36.76 -11.36
N PHE C 69 -51.63 37.97 -11.78
CA PHE C 69 -50.66 39.05 -11.88
C PHE C 69 -51.33 40.38 -11.58
N THR C 70 -50.53 41.34 -11.14
CA THR C 70 -51.02 42.68 -10.82
C THR C 70 -50.93 43.57 -12.05
N THR C 71 -52.02 44.27 -12.33
CA THR C 71 -52.09 45.13 -13.52
C THR C 71 -51.46 46.48 -13.24
N ARG C 72 -50.79 47.02 -14.25
CA ARG C 72 -50.28 48.39 -14.20
C ARG C 72 -50.53 49.06 -15.54
N HIS C 73 -51.03 50.30 -15.49
CA HIS C 73 -51.30 51.04 -16.71
C HIS C 73 -50.02 51.22 -17.52
N SER C 74 -50.15 51.02 -18.83
CA SER C 74 -49.03 51.18 -19.76
C SER C 74 -49.59 51.67 -21.09
N ASN C 75 -49.09 52.82 -21.54
CA ASN C 75 -49.56 53.38 -22.81
C ASN C 75 -48.84 52.78 -24.01
N ASP C 76 -47.75 52.04 -23.79
CA ASP C 76 -47.01 51.43 -24.89
C ASP C 76 -47.63 50.13 -25.37
N ILE C 77 -48.59 49.58 -24.64
CA ILE C 77 -49.26 48.34 -25.00
C ILE C 77 -50.66 48.69 -25.47
N PRO C 78 -51.02 48.40 -26.73
CA PRO C 78 -52.35 48.77 -27.21
C PRO C 78 -53.43 47.97 -26.50
N PRO C 79 -54.66 48.48 -26.44
CA PRO C 79 -55.73 47.70 -25.81
C PRO C 79 -55.93 46.37 -26.51
N GLY C 80 -56.27 45.36 -25.72
CA GLY C 80 -56.48 44.02 -26.21
C GLY C 80 -55.24 43.17 -26.29
N THR C 81 -54.11 43.65 -25.76
CA THR C 81 -52.87 42.90 -25.76
C THR C 81 -52.29 42.87 -24.35
N ILE C 82 -51.65 41.77 -24.01
CA ILE C 82 -51.08 41.53 -22.70
C ILE C 82 -49.59 41.26 -22.85
N GLY C 83 -48.77 41.90 -22.03
CA GLY C 83 -47.34 41.72 -22.07
C GLY C 83 -46.86 40.71 -21.04
N PHE C 84 -45.91 39.88 -21.44
CA PHE C 84 -45.32 38.87 -20.57
C PHE C 84 -43.81 38.88 -20.76
N ASN C 85 -43.11 38.40 -19.74
CA ASN C 85 -41.67 38.18 -19.81
C ASN C 85 -41.38 36.71 -20.08
N GLY C 86 -40.09 36.42 -20.28
CA GLY C 86 -39.69 35.06 -20.59
C GLY C 86 -40.04 34.06 -19.50
N ASN C 87 -39.83 34.44 -18.23
CA ASN C 87 -40.10 33.51 -17.13
C ASN C 87 -41.57 33.16 -17.05
N GLN C 88 -42.46 34.15 -17.26
CA GLN C 88 -43.89 33.88 -17.22
C GLN C 88 -44.28 32.91 -18.33
N ARG C 89 -43.73 33.11 -19.53
CA ARG C 89 -44.00 32.18 -20.62
C ARG C 89 -43.47 30.80 -20.28
N THR C 90 -42.30 30.72 -19.67
CA THR C 90 -41.76 29.41 -19.27
C THR C 90 -42.69 28.73 -18.27
N TRP C 91 -43.20 29.49 -17.30
CA TRP C 91 -44.15 28.95 -16.33
C TRP C 91 -45.41 28.43 -17.01
N GLY C 92 -45.95 29.20 -17.96
CA GLY C 92 -47.14 28.81 -18.68
C GLY C 92 -46.88 28.04 -19.96
N GLY C 93 -45.62 27.92 -20.35
CA GLY C 93 -45.26 27.27 -21.59
C GLY C 93 -45.84 27.94 -22.81
N TRP C 94 -45.80 29.27 -22.87
CA TRP C 94 -46.44 30.01 -23.94
C TRP C 94 -45.41 30.52 -24.95
N SER C 95 -45.82 30.58 -26.21
CA SER C 95 -45.04 31.14 -27.29
C SER C 95 -45.54 32.55 -27.61
N LEU C 96 -44.74 33.26 -28.41
CA LEU C 96 -45.10 34.60 -28.83
C LEU C 96 -46.34 34.56 -29.72
N ASN C 97 -47.19 35.58 -29.57
CA ASN C 97 -48.46 35.75 -30.25
C ASN C 97 -49.52 34.75 -29.82
N GLN C 98 -49.30 34.02 -28.73
CA GLN C 98 -50.28 33.07 -28.26
C GLN C 98 -51.46 33.79 -27.61
N ASP C 99 -52.65 33.23 -27.76
CA ASP C 99 -53.87 33.82 -27.22
C ASP C 99 -54.18 33.20 -25.86
N VAL C 100 -54.44 34.05 -24.87
CA VAL C 100 -54.73 33.61 -23.52
C VAL C 100 -55.98 34.32 -23.01
N GLN C 101 -56.64 33.69 -22.05
CA GLN C 101 -57.87 34.21 -21.47
C GLN C 101 -57.55 34.94 -20.18
N ALA C 102 -58.11 36.14 -20.02
CA ALA C 102 -57.86 36.97 -18.86
C ALA C 102 -59.19 37.39 -18.25
N LYS C 103 -59.25 37.32 -16.92
CA LYS C 103 -60.43 37.73 -16.16
C LYS C 103 -59.97 38.43 -14.89
N ALA C 104 -60.89 39.14 -14.26
CA ALA C 104 -60.63 39.71 -12.95
C ALA C 104 -60.49 38.59 -11.92
N PHE C 105 -59.68 38.85 -10.89
CA PHE C 105 -59.39 37.87 -9.87
C PHE C 105 -59.71 38.43 -8.49
N ASP C 106 -60.19 37.55 -7.61
CA ASP C 106 -60.50 37.91 -6.22
C ASP C 106 -60.00 36.76 -5.34
N LEU C 107 -58.77 36.90 -4.83
CA LEU C 107 -58.20 35.86 -3.98
C LEU C 107 -58.95 35.73 -2.66
N PHE C 108 -59.45 36.84 -2.11
CA PHE C 108 -60.09 36.79 -0.81
C PHE C 108 -61.32 35.90 -0.83
N LYS C 109 -62.15 36.03 -1.87
CA LYS C 109 -63.31 35.14 -1.98
C LYS C 109 -62.89 33.70 -2.15
N TYR C 110 -61.89 33.44 -3.00
CA TYR C 110 -61.48 32.08 -3.29
C TYR C 110 -60.94 31.38 -2.05
N SER C 111 -60.00 32.02 -1.35
CA SER C 111 -59.38 31.40 -0.19
C SER C 111 -60.24 31.48 1.06
N GLY C 112 -61.01 32.55 1.20
CA GLY C 112 -61.87 32.71 2.37
C GLY C 112 -61.13 33.29 3.56
N LYS C 113 -60.23 32.52 4.16
CA LYS C 113 -59.48 32.94 5.33
C LYS C 113 -57.98 33.02 5.13
N GLN C 114 -57.38 32.02 4.48
CA GLN C 114 -55.93 32.00 4.27
C GLN C 114 -55.61 32.97 3.14
N SER C 115 -55.31 34.21 3.51
CA SER C 115 -55.04 35.26 2.55
C SER C 115 -53.61 35.77 2.59
N TYR C 116 -52.82 35.38 3.59
CA TYR C 116 -51.47 35.88 3.78
C TYR C 116 -50.47 34.74 3.62
N LEU C 117 -49.22 35.12 3.39
CA LEU C 117 -48.14 34.17 3.20
C LEU C 117 -47.36 34.04 4.51
N GLY C 118 -47.35 32.83 5.08
CA GLY C 118 -46.64 32.59 6.31
C GLY C 118 -45.18 32.22 6.09
N SER C 119 -44.93 31.15 5.34
CA SER C 119 -43.58 30.70 5.03
C SER C 119 -43.48 30.44 3.54
N ILE C 120 -42.45 31.00 2.90
CA ILE C 120 -42.24 30.90 1.47
C ILE C 120 -40.83 30.39 1.21
N ASP C 121 -40.71 29.31 0.42
CA ASP C 121 -39.42 28.77 0.05
C ASP C 121 -39.10 29.15 -1.39
N ILE C 122 -37.89 29.66 -1.62
CA ILE C 122 -37.48 30.16 -2.93
C ILE C 122 -36.16 29.49 -3.29
N ASP C 123 -36.14 28.83 -4.44
CA ASP C 123 -34.92 28.30 -5.02
C ASP C 123 -34.26 29.37 -5.88
N ILE C 124 -32.98 29.63 -5.65
CA ILE C 124 -32.25 30.70 -6.32
C ILE C 124 -31.23 30.07 -7.25
N SER C 125 -31.20 30.54 -8.50
CA SER C 125 -30.26 30.05 -9.49
C SER C 125 -29.71 31.21 -10.30
N PHE C 126 -28.52 31.01 -10.85
CA PHE C 126 -27.91 31.98 -11.75
C PHE C 126 -28.56 31.89 -13.13
N ARG C 127 -29.03 33.02 -13.64
CA ARG C 127 -29.62 33.03 -14.98
C ARG C 127 -28.57 32.66 -16.03
N ALA C 128 -27.35 33.15 -15.87
CA ALA C 128 -26.25 32.83 -16.77
C ALA C 128 -25.19 32.06 -15.99
N ARG C 129 -24.80 30.89 -16.52
CA ARG C 129 -23.81 30.08 -15.85
C ARG C 129 -22.44 30.75 -15.81
N GLY C 130 -22.15 31.61 -16.78
CA GLY C 130 -20.86 32.27 -16.82
C GLY C 130 -20.73 33.45 -15.89
N LYS C 131 -21.82 33.82 -15.21
CA LYS C 131 -21.82 34.94 -14.28
C LYS C 131 -21.72 34.51 -12.82
N ALA C 132 -21.31 33.28 -12.56
CA ALA C 132 -21.23 32.83 -11.18
C ALA C 132 -20.28 33.74 -10.41
N VAL C 133 -20.71 34.17 -9.23
CA VAL C 133 -19.95 35.09 -8.39
C VAL C 133 -19.86 34.48 -7.00
N SER C 134 -18.66 34.54 -6.42
CA SER C 134 -18.43 34.05 -5.07
C SER C 134 -18.86 35.05 -4.01
N THR C 135 -19.61 36.07 -4.37
CA THR C 135 -20.04 37.07 -3.40
C THR C 135 -21.00 36.45 -2.39
N VAL C 136 -20.88 36.88 -1.14
CA VAL C 136 -21.72 36.37 -0.07
C VAL C 136 -23.04 37.12 -0.09
N PHE C 137 -24.13 36.39 -0.33
CA PHE C 137 -25.46 36.98 -0.43
C PHE C 137 -26.17 36.92 0.91
N ASP C 138 -26.65 38.07 1.38
CA ASP C 138 -27.39 38.13 2.64
C ASP C 138 -28.85 37.77 2.36
N GLN C 139 -29.34 36.74 3.04
CA GLN C 139 -30.74 36.35 2.87
C GLN C 139 -31.69 37.42 3.38
N ASP C 140 -31.32 38.11 4.47
CA ASP C 140 -32.14 39.20 4.96
C ASP C 140 -32.26 40.31 3.92
N GLU C 141 -31.17 40.65 3.25
CA GLU C 141 -31.23 41.65 2.20
C GLU C 141 -32.10 41.18 1.04
N LEU C 142 -31.99 39.90 0.69
CA LEU C 142 -32.82 39.37 -0.38
C LEU C 142 -34.30 39.49 -0.03
N ALA C 143 -34.67 39.10 1.19
CA ALA C 143 -36.06 39.22 1.62
C ALA C 143 -36.51 40.67 1.65
N LYS C 144 -35.64 41.57 2.12
CA LYS C 144 -35.99 42.98 2.16
C LYS C 144 -36.23 43.52 0.77
N GLN C 145 -35.38 43.15 -0.20
CA GLN C 145 -35.59 43.56 -1.58
C GLN C 145 -36.89 42.98 -2.13
N PHE C 146 -37.16 41.72 -1.81
CA PHE C 146 -38.39 41.09 -2.30
C PHE C 146 -39.63 41.83 -1.80
N VAL C 147 -39.64 42.18 -0.51
CA VAL C 147 -40.79 42.90 0.04
C VAL C 147 -40.83 44.31 -0.52
N ARG C 148 -39.67 44.96 -0.66
CA ARG C 148 -39.61 46.34 -1.10
C ARG C 148 -40.10 46.49 -2.53
N CYS C 149 -39.72 45.57 -3.42
CA CYS C 149 -40.05 45.70 -4.82
C CYS C 149 -41.44 45.17 -5.14
N TYR C 150 -41.85 44.08 -4.48
CA TYR C 150 -43.12 43.43 -4.76
C TYR C 150 -43.90 43.33 -3.44
N GLU C 151 -44.89 44.20 -3.28
CA GLU C 151 -45.75 44.19 -2.10
C GLU C 151 -47.20 43.97 -2.52
N SER C 152 -47.94 43.26 -1.67
CA SER C 152 -49.36 43.00 -1.91
C SER C 152 -49.58 42.34 -3.26
N GLN C 153 -48.70 41.42 -3.62
CA GLN C 153 -48.82 40.66 -4.86
C GLN C 153 -49.21 39.22 -4.53
N ILE C 154 -49.84 38.57 -5.51
CA ILE C 154 -50.31 37.20 -5.36
C ILE C 154 -49.30 36.28 -6.06
N PHE C 155 -48.82 35.28 -5.33
CA PHE C 155 -47.83 34.35 -5.85
C PHE C 155 -48.29 32.93 -5.57
N SER C 156 -47.89 32.01 -6.44
CA SER C 156 -48.26 30.61 -6.37
C SER C 156 -47.02 29.74 -6.51
N PRO C 157 -47.07 28.50 -6.03
CA PRO C 157 -45.92 27.60 -6.19
C PRO C 157 -45.56 27.41 -7.65
N THR C 158 -44.26 27.26 -7.90
CA THR C 158 -43.61 27.09 -9.19
C THR C 158 -43.58 28.38 -10.00
N GLN C 159 -44.14 29.47 -9.49
CA GLN C 159 -44.06 30.75 -10.19
C GLN C 159 -42.63 31.25 -10.22
N TYR C 160 -42.23 31.79 -11.38
CA TYR C 160 -40.86 32.22 -11.62
C TYR C 160 -40.75 33.73 -11.54
N LEU C 161 -39.55 34.21 -11.21
CA LEU C 161 -39.29 35.64 -11.13
C LEU C 161 -37.83 35.89 -11.47
N ILE C 162 -37.57 37.10 -11.98
CA ILE C 162 -36.21 37.55 -12.29
C ILE C 162 -35.89 38.68 -11.31
N MET C 163 -34.81 38.52 -10.55
CA MET C 163 -34.44 39.46 -9.52
C MET C 163 -33.10 40.10 -9.86
N GLU C 164 -33.04 41.41 -9.73
CA GLU C 164 -31.82 42.19 -9.97
C GLU C 164 -31.33 42.69 -8.62
N PHE C 165 -30.31 42.04 -8.08
CA PHE C 165 -29.73 42.39 -6.80
C PHE C 165 -28.29 42.84 -7.01
N GLN C 166 -28.05 44.12 -6.76
CA GLN C 166 -26.72 44.72 -6.91
C GLN C 166 -26.16 44.46 -8.30
N GLY C 167 -27.03 44.53 -9.30
CA GLY C 167 -26.63 44.34 -10.68
C GLY C 167 -26.55 42.90 -11.11
N HIS C 168 -26.82 41.95 -10.21
CA HIS C 168 -26.76 40.53 -10.51
C HIS C 168 -28.17 40.01 -10.78
N PHE C 169 -28.33 39.28 -11.88
CA PHE C 169 -29.62 38.77 -12.29
C PHE C 169 -29.76 37.31 -11.87
N PHE C 170 -30.83 37.02 -11.14
CA PHE C 170 -31.08 35.68 -10.62
C PHE C 170 -32.48 35.22 -11.01
N ASP C 171 -32.61 33.92 -11.19
CA ASP C 171 -33.90 33.28 -11.41
C ASP C 171 -34.38 32.70 -10.08
N LEU C 172 -35.56 33.11 -9.65
CA LEU C 172 -36.16 32.65 -8.40
C LEU C 172 -37.42 31.85 -8.70
N LYS C 173 -37.50 30.65 -8.14
CA LYS C 173 -38.65 29.77 -8.31
C LYS C 173 -39.20 29.48 -6.92
N ILE C 174 -40.48 29.77 -6.73
CA ILE C 174 -41.14 29.52 -5.44
C ILE C 174 -41.44 28.03 -5.38
N ARG C 175 -40.63 27.28 -4.62
CA ARG C 175 -40.85 25.84 -4.61
C ARG C 175 -42.08 25.47 -3.80
N ASN C 176 -42.31 26.16 -2.68
CA ASN C 176 -43.50 25.90 -1.89
C ASN C 176 -43.93 27.15 -1.16
N VAL C 177 -45.20 27.15 -0.75
CA VAL C 177 -45.86 28.28 -0.12
C VAL C 177 -46.76 27.76 0.99
N GLN C 178 -46.86 28.55 2.06
CA GLN C 178 -47.77 28.28 3.17
C GLN C 178 -48.72 29.46 3.30
N ALA C 179 -50.02 29.20 3.26
CA ALA C 179 -51.03 30.25 3.38
C ALA C 179 -51.63 30.21 4.77
N ILE C 180 -51.72 31.39 5.41
CA ILE C 180 -52.21 31.52 6.77
C ILE C 180 -53.19 32.68 6.80
N ASP C 181 -54.12 32.62 7.75
CA ASP C 181 -55.09 33.68 7.96
C ASP C 181 -54.62 34.59 9.09
N LEU C 182 -55.03 35.85 9.02
CA LEU C 182 -54.71 36.80 10.08
C LEU C 182 -55.32 36.34 11.39
N GLY C 183 -54.52 36.43 12.46
CA GLY C 183 -54.95 36.01 13.78
C GLY C 183 -54.49 34.63 14.19
N ASP C 184 -53.82 33.89 13.30
CA ASP C 184 -53.30 32.57 13.62
C ASP C 184 -51.93 32.74 14.27
N ILE C 185 -51.87 32.50 15.58
CA ILE C 185 -50.62 32.69 16.31
C ILE C 185 -49.59 31.66 15.86
N GLU C 186 -50.01 30.43 15.60
CA GLU C 186 -49.11 29.37 15.20
C GLU C 186 -49.40 28.94 13.77
N PRO C 187 -48.37 28.64 12.97
CA PRO C 187 -48.63 28.19 11.57
C PRO C 187 -48.97 26.70 11.50
N THR C 188 -50.13 26.35 12.06
CA THR C 188 -50.56 24.97 12.08
C THR C 188 -51.00 24.46 10.72
N SER C 189 -51.18 25.35 9.74
CA SER C 189 -51.57 24.93 8.40
C SER C 189 -50.41 24.19 7.74
N ALA C 190 -50.73 23.09 7.06
CA ALA C 190 -49.72 22.32 6.37
C ALA C 190 -49.19 23.09 5.17
N VAL C 191 -47.86 23.04 4.97
CA VAL C 191 -47.25 23.69 3.82
C VAL C 191 -47.68 22.96 2.56
N ALA C 192 -48.21 23.70 1.59
CA ALA C 192 -48.78 23.12 0.39
C ALA C 192 -47.87 23.37 -0.80
N THR C 193 -47.56 22.31 -1.54
CA THR C 193 -46.84 22.41 -2.80
C THR C 193 -47.77 22.51 -4.00
N GLY C 194 -49.08 22.47 -3.78
CA GLY C 194 -50.02 22.56 -4.88
C GLY C 194 -50.22 24.00 -5.31
N ILE C 195 -50.38 24.18 -6.62
CA ILE C 195 -50.54 25.52 -7.19
C ILE C 195 -51.86 26.16 -6.76
N GLU C 196 -52.77 25.39 -6.17
CA GLU C 196 -54.05 25.94 -5.74
C GLU C 196 -53.85 27.02 -4.69
N THR C 197 -52.92 26.80 -3.76
CA THR C 197 -52.72 27.76 -2.68
C THR C 197 -52.05 29.02 -3.21
N LYS C 198 -52.58 30.17 -2.79
CA LYS C 198 -52.01 31.47 -3.11
C LYS C 198 -52.16 32.36 -1.89
N GLY C 199 -51.33 33.40 -1.83
CA GLY C 199 -51.36 34.28 -0.69
C GLY C 199 -50.88 35.67 -1.06
N ILE C 200 -50.95 36.57 -0.08
CA ILE C 200 -50.54 37.95 -0.23
C ILE C 200 -49.28 38.17 0.58
N LEU C 201 -48.24 38.72 -0.06
CA LEU C 201 -46.97 38.93 0.63
C LEU C 201 -47.13 39.97 1.73
N THR C 202 -46.41 39.74 2.83
CA THR C 202 -46.41 40.65 3.97
C THR C 202 -44.98 40.88 4.42
N LYS C 203 -44.81 41.94 5.20
CA LYS C 203 -43.49 42.31 5.70
C LYS C 203 -42.96 41.37 6.77
N GLN C 204 -43.68 40.30 7.10
CA GLN C 204 -43.24 39.35 8.13
C GLN C 204 -43.13 37.92 7.62
N THR C 205 -43.42 37.66 6.36
CA THR C 205 -43.35 36.31 5.83
C THR C 205 -41.94 35.76 5.98
N GLN C 206 -41.84 34.52 6.47
CA GLN C 206 -40.54 33.86 6.64
C GLN C 206 -40.08 33.33 5.28
N ILE C 207 -39.00 33.92 4.77
CA ILE C 207 -38.48 33.60 3.45
C ILE C 207 -37.26 32.70 3.63
N ASN C 208 -37.35 31.48 3.12
CA ASN C 208 -36.25 30.53 3.18
C ASN C 208 -35.70 30.31 1.79
N PHE C 209 -34.39 30.54 1.62
CA PHE C 209 -33.73 30.44 0.33
C PHE C 209 -32.96 29.14 0.24
N PHE C 210 -33.16 28.42 -0.86
CA PHE C 210 -32.45 27.19 -1.16
C PHE C 210 -31.71 27.33 -2.47
N LYS C 211 -30.66 26.52 -2.63
CA LYS C 211 -29.90 26.51 -3.87
C LYS C 211 -30.78 26.02 -5.01
N GLY C 212 -30.60 26.62 -6.18
CA GLY C 212 -31.28 26.17 -7.36
C GLY C 212 -30.79 24.82 -7.81
N ARG C 213 -31.52 24.23 -8.76
CA ARG C 213 -31.15 22.92 -9.28
C ARG C 213 -29.73 22.93 -9.82
N ASP C 214 -29.26 24.08 -10.33
CA ASP C 214 -27.87 24.17 -10.78
C ASP C 214 -26.90 24.13 -9.61
N GLY C 215 -27.27 24.69 -8.47
CA GLY C 215 -26.41 24.68 -7.30
C GLY C 215 -25.14 25.49 -7.45
N LEU C 216 -25.23 26.70 -8.01
CA LEU C 216 -24.08 27.57 -8.16
C LEU C 216 -24.11 28.77 -7.24
N VAL C 217 -25.28 29.15 -6.73
CA VAL C 217 -25.41 30.32 -5.88
C VAL C 217 -24.89 29.98 -4.49
N ASN C 218 -23.97 30.80 -3.99
CA ASN C 218 -23.40 30.63 -2.65
C ASN C 218 -24.16 31.55 -1.69
N LEU C 219 -25.10 30.97 -0.96
CA LEU C 219 -25.91 31.73 -0.01
C LEU C 219 -25.16 31.93 1.30
N LYS C 220 -25.77 32.70 2.21
CA LYS C 220 -25.21 32.99 3.51
C LYS C 220 -26.26 32.70 4.58
N SER C 221 -25.80 32.20 5.73
CA SER C 221 -26.69 31.89 6.85
C SER C 221 -26.99 33.17 7.62
N SER C 222 -28.26 33.59 7.62
CA SER C 222 -28.59 34.83 8.31
C SER C 222 -28.75 34.60 9.82
N ASN C 223 -29.92 34.16 10.26
CA ASN C 223 -30.13 34.00 11.69
C ASN C 223 -31.40 33.23 12.02
N SER C 224 -32.54 33.71 11.51
CA SER C 224 -33.84 33.15 11.78
C SER C 224 -33.83 31.62 11.76
N LEU C 225 -34.11 31.02 12.92
CA LEU C 225 -34.11 29.56 13.00
C LEU C 225 -34.49 29.09 14.40
N ARG C 226 -35.41 28.13 14.50
CA ARG C 226 -35.73 27.57 15.81
C ARG C 226 -35.44 26.07 15.85
N PRO C 227 -36.18 25.24 15.13
CA PRO C 227 -35.89 23.80 15.10
C PRO C 227 -34.95 23.43 13.96
N ARG C 228 -34.48 22.19 14.00
CA ARG C 228 -33.61 21.65 12.96
C ARG C 228 -34.36 20.57 12.18
N SER C 229 -33.83 20.24 11.01
CA SER C 229 -34.59 19.47 10.02
C SER C 229 -34.56 17.98 10.31
N ASN C 230 -33.37 17.42 10.51
CA ASN C 230 -33.19 15.99 10.77
C ASN C 230 -32.26 15.86 11.97
N ALA C 231 -32.84 15.94 13.16
CA ALA C 231 -32.07 15.86 14.39
C ALA C 231 -31.48 14.46 14.55
N VAL C 232 -30.56 14.35 15.50
CA VAL C 232 -29.85 13.10 15.75
C VAL C 232 -30.51 12.32 16.88
N ILE C 233 -30.84 13.01 17.97
CA ILE C 233 -31.35 12.35 19.16
C ILE C 233 -32.87 12.48 19.27
N ARG C 234 -33.48 13.44 18.58
CA ARG C 234 -34.92 13.66 18.64
C ARG C 234 -35.30 14.10 20.05
N PRO C 235 -36.53 14.58 20.26
CA PRO C 235 -36.92 15.05 21.59
C PRO C 235 -37.57 13.99 22.46
N ASP C 236 -37.90 12.84 21.89
CA ASP C 236 -38.57 11.77 22.63
C ASP C 236 -37.54 10.74 23.10
N PHE C 237 -36.66 11.19 24.00
CA PHE C 237 -35.59 10.34 24.50
C PHE C 237 -35.43 10.51 26.00
N LYS C 238 -35.20 9.39 26.68
CA LYS C 238 -34.93 9.40 28.11
C LYS C 238 -34.04 8.22 28.44
N PHE C 239 -33.19 8.40 29.45
CA PHE C 239 -32.19 7.38 29.78
C PHE C 239 -32.80 6.10 30.33
N GLU C 240 -34.11 6.00 30.44
CA GLU C 240 -34.76 4.76 30.86
C GLU C 240 -35.14 3.88 29.69
N ASP C 241 -34.85 4.32 28.47
CA ASP C 241 -35.19 3.57 27.27
C ASP C 241 -34.01 2.79 26.73
N LEU C 242 -32.79 3.20 27.05
CA LEU C 242 -31.61 2.53 26.53
C LEU C 242 -31.59 1.07 26.93
N GLY C 243 -31.81 0.80 28.22
CA GLY C 243 -31.71 -0.54 28.76
C GLY C 243 -30.43 -0.83 29.51
N VAL C 244 -29.57 0.17 29.69
CA VAL C 244 -28.34 0.03 30.47
C VAL C 244 -28.61 0.56 31.86
N GLY C 245 -28.51 -0.31 32.86
CA GLY C 245 -28.73 0.07 34.24
C GLY C 245 -27.42 0.23 34.98
N GLY C 246 -27.49 0.91 36.13
CA GLY C 246 -26.30 1.21 36.89
C GLY C 246 -25.73 2.57 36.55
N LEU C 247 -24.80 2.59 35.61
CA LEU C 247 -24.19 3.85 35.17
C LEU C 247 -25.25 4.88 34.87
N ASP C 248 -25.20 5.99 35.58
CA ASP C 248 -26.16 7.07 35.37
C ASP C 248 -25.48 8.42 35.22
N LYS C 249 -24.42 8.69 35.98
CA LYS C 249 -23.69 9.93 35.81
C LYS C 249 -22.86 9.90 34.53
N GLU C 250 -22.26 8.75 34.24
CA GLU C 250 -21.46 8.60 33.03
C GLU C 250 -22.30 8.97 31.81
N PHE C 251 -23.57 8.57 31.80
CA PHE C 251 -24.40 8.85 30.65
C PHE C 251 -24.67 10.33 30.52
N THR C 252 -24.88 11.01 31.65
CA THR C 252 -25.05 12.46 31.60
C THR C 252 -23.82 13.12 31.01
N LYS C 253 -22.64 12.72 31.48
CA LYS C 253 -21.42 13.30 30.97
C LYS C 253 -21.28 13.07 29.47
N ILE C 254 -21.48 11.83 29.04
CA ILE C 254 -21.30 11.49 27.63
C ILE C 254 -22.28 12.26 26.77
N PHE C 255 -23.54 12.31 27.18
CA PHE C 255 -24.56 12.94 26.35
C PHE C 255 -24.54 14.45 26.43
N ARG C 256 -23.82 15.02 27.39
CA ARG C 256 -23.63 16.46 27.35
C ARG C 256 -22.42 16.84 26.53
N ARG C 257 -21.30 16.14 26.69
CA ARG C 257 -20.08 16.58 26.02
C ARG C 257 -20.15 16.36 24.51
N ALA C 258 -20.76 15.26 24.07
CA ALA C 258 -20.68 14.86 22.68
C ALA C 258 -21.94 15.22 21.89
N PHE C 259 -23.11 14.80 22.35
CA PHE C 259 -24.35 14.95 21.58
C PHE C 259 -25.15 16.15 22.02
N ALA C 260 -24.48 17.22 22.44
CA ALA C 260 -25.15 18.46 22.81
C ALA C 260 -24.96 19.57 21.80
N SER C 261 -23.87 19.54 21.04
CA SER C 261 -23.61 20.55 20.03
C SER C 261 -24.20 20.21 18.67
N ARG C 262 -24.90 19.08 18.54
CA ARG C 262 -25.54 18.69 17.30
C ARG C 262 -27.04 18.87 17.34
N ILE C 263 -27.57 19.46 18.42
CA ILE C 263 -29.00 19.66 18.55
C ILE C 263 -29.38 21.13 18.43
N PHE C 264 -28.55 22.05 18.90
CA PHE C 264 -28.87 23.46 18.80
C PHE C 264 -28.94 23.88 17.34
N PRO C 265 -29.71 24.92 17.03
CA PRO C 265 -29.82 25.36 15.65
C PRO C 265 -28.45 25.74 15.09
N PRO C 266 -28.22 25.48 13.82
CA PRO C 266 -26.86 25.70 13.29
C PRO C 266 -26.39 27.14 13.36
N SER C 267 -27.31 28.10 13.38
CA SER C 267 -26.89 29.50 13.34
C SER C 267 -26.09 29.87 14.58
N VAL C 268 -26.63 29.59 15.76
CA VAL C 268 -25.95 29.97 16.99
C VAL C 268 -24.65 29.21 17.14
N ILE C 269 -24.67 27.91 16.84
CA ILE C 269 -23.45 27.11 16.92
C ILE C 269 -22.41 27.62 15.93
N GLU C 270 -22.85 28.25 14.85
CA GLU C 270 -21.90 28.85 13.92
C GLU C 270 -21.42 30.21 14.39
N LYS C 271 -22.20 30.90 15.22
CA LYS C 271 -21.77 32.19 15.73
C LYS C 271 -20.81 32.05 16.91
N LEU C 272 -20.64 30.85 17.46
CA LEU C 272 -19.70 30.64 18.52
C LEU C 272 -18.33 30.19 18.03
N GLY C 273 -18.24 29.73 16.79
CA GLY C 273 -16.95 29.33 16.24
C GLY C 273 -16.33 28.14 16.95
N ILE C 274 -17.11 27.10 17.19
CA ILE C 274 -16.63 25.88 17.84
C ILE C 274 -16.99 24.69 16.96
N SER C 275 -16.11 23.70 16.95
CA SER C 275 -16.36 22.46 16.22
C SER C 275 -16.71 21.34 17.19
N HIS C 276 -17.34 20.29 16.64
CA HIS C 276 -17.83 19.20 17.45
C HIS C 276 -16.71 18.22 17.79
N VAL C 277 -16.92 17.49 18.86
CA VAL C 277 -15.94 16.51 19.32
C VAL C 277 -16.04 15.26 18.47
N LYS C 278 -14.90 14.68 18.11
CA LYS C 278 -14.84 13.57 17.17
C LYS C 278 -14.05 12.41 17.76
N GLY C 279 -14.36 12.05 19.00
CA GLY C 279 -13.72 10.90 19.60
C GLY C 279 -14.34 10.53 20.93
N LEU C 280 -14.32 9.23 21.25
CA LEU C 280 -14.85 8.77 22.52
C LEU C 280 -14.15 7.48 22.91
N LEU C 281 -13.73 7.38 24.17
CA LEU C 281 -12.99 6.22 24.64
C LEU C 281 -13.64 5.70 25.91
N LEU C 282 -13.83 4.38 25.96
CA LEU C 282 -14.41 3.70 27.10
C LEU C 282 -13.43 2.63 27.56
N TYR C 283 -13.09 2.65 28.84
CA TYR C 283 -12.16 1.66 29.36
C TYR C 283 -12.63 1.15 30.70
N GLY C 284 -12.21 -0.07 31.01
CA GLY C 284 -12.60 -0.67 32.26
C GLY C 284 -12.24 -2.13 32.40
N PRO C 285 -12.71 -2.76 33.48
CA PRO C 285 -12.43 -4.18 33.70
C PRO C 285 -13.20 -5.05 32.70
N PRO C 286 -13.03 -6.37 32.78
CA PRO C 286 -13.74 -7.25 31.84
C PRO C 286 -15.15 -7.57 32.30
N GLY C 287 -16.11 -7.41 31.39
CA GLY C 287 -17.48 -7.78 31.69
C GLY C 287 -18.29 -6.73 32.43
N THR C 288 -18.30 -5.50 31.93
CA THR C 288 -18.89 -4.40 32.67
C THR C 288 -19.99 -3.68 31.91
N GLY C 289 -19.94 -3.65 30.58
CA GLY C 289 -20.99 -3.00 29.81
C GLY C 289 -20.50 -2.09 28.70
N LYS C 290 -19.22 -2.16 28.35
CA LYS C 290 -18.70 -1.25 27.32
C LYS C 290 -19.33 -1.53 25.96
N THR C 291 -19.26 -2.80 25.54
CA THR C 291 -19.77 -3.13 24.21
C THR C 291 -21.27 -2.91 24.13
N LEU C 292 -21.98 -3.11 25.24
CA LEU C 292 -23.41 -2.82 25.26
C LEU C 292 -23.67 -1.36 24.96
N ILE C 293 -22.91 -0.46 25.59
CA ILE C 293 -23.08 0.96 25.35
C ILE C 293 -22.78 1.27 23.88
N ALA C 294 -21.71 0.70 23.35
CA ALA C 294 -21.36 0.97 21.97
C ALA C 294 -22.49 0.54 21.04
N ARG C 295 -23.03 -0.65 21.26
CA ARG C 295 -24.09 -1.16 20.41
C ARG C 295 -25.31 -0.26 20.50
N LYS C 296 -25.71 0.10 21.71
CA LYS C 296 -26.93 0.90 21.85
C LYS C 296 -26.76 2.27 21.22
N ILE C 297 -25.60 2.88 21.38
CA ILE C 297 -25.36 4.18 20.77
C ILE C 297 -25.39 4.07 19.26
N GLY C 298 -24.84 2.98 18.73
CA GLY C 298 -24.78 2.82 17.29
C GLY C 298 -26.14 2.65 16.64
N THR C 299 -27.04 1.89 17.28
CA THR C 299 -28.30 1.50 16.66
C THR C 299 -29.51 2.10 17.36
N MET C 300 -29.37 3.30 17.92
CA MET C 300 -30.54 4.00 18.45
C MET C 300 -30.48 5.48 18.15
N LEU C 301 -29.85 5.84 17.04
CA LEU C 301 -29.74 7.22 16.60
C LEU C 301 -30.28 7.35 15.18
N ASN C 302 -30.09 8.51 14.59
CA ASN C 302 -30.48 8.79 13.21
C ASN C 302 -29.22 9.13 12.44
N ALA C 303 -28.55 8.11 11.91
CA ALA C 303 -27.28 8.28 11.23
C ALA C 303 -27.04 7.09 10.31
N LYS C 304 -25.95 7.13 9.58
CA LYS C 304 -25.58 6.04 8.70
C LYS C 304 -25.13 4.83 9.51
N GLU C 305 -25.16 3.67 8.87
CA GLU C 305 -24.84 2.44 9.57
C GLU C 305 -23.39 2.45 10.03
N PRO C 306 -23.10 1.94 11.22
CA PRO C 306 -21.72 1.91 11.70
C PRO C 306 -20.85 0.99 10.86
N LYS C 307 -19.57 1.35 10.75
CA LYS C 307 -18.59 0.52 10.05
C LYS C 307 -17.77 -0.22 11.09
N ILE C 308 -18.32 -1.33 11.57
CA ILE C 308 -17.69 -2.07 12.65
C ILE C 308 -16.38 -2.69 12.17
N VAL C 309 -15.37 -2.67 13.04
CA VAL C 309 -14.09 -3.32 12.76
C VAL C 309 -13.67 -4.05 14.03
N ASN C 310 -13.32 -5.33 13.88
CA ASN C 310 -12.85 -6.11 15.02
C ASN C 310 -11.41 -5.70 15.32
N GLY C 311 -10.74 -6.42 16.22
CA GLY C 311 -9.50 -5.95 16.76
C GLY C 311 -8.36 -5.93 15.75
N PRO C 312 -7.82 -7.10 15.42
CA PRO C 312 -6.84 -7.17 14.34
C PRO C 312 -7.47 -7.54 13.01
N GLU C 313 -8.49 -6.82 12.58
CA GLU C 313 -9.13 -7.08 11.31
C GLU C 313 -8.58 -6.21 10.18
N ILE C 314 -7.54 -5.42 10.46
CA ILE C 314 -7.01 -4.48 9.49
C ILE C 314 -5.82 -5.06 8.74
N LEU C 315 -4.98 -5.81 9.43
CA LEU C 315 -3.72 -6.23 8.86
C LEU C 315 -3.94 -7.08 7.61
N SER C 316 -3.06 -6.90 6.64
CA SER C 316 -3.08 -7.69 5.40
C SER C 316 -1.67 -8.17 5.10
N LYS C 317 -1.58 -9.02 4.07
CA LYS C 317 -0.33 -9.72 3.80
C LYS C 317 0.62 -8.91 2.93
N TYR C 318 0.10 -8.13 2.00
CA TYR C 318 0.95 -7.43 1.05
C TYR C 318 1.57 -6.19 1.68
N VAL C 319 2.49 -5.59 0.94
CA VAL C 319 3.38 -4.59 1.52
C VAL C 319 2.62 -3.34 1.93
N GLY C 320 1.60 -2.96 1.17
CA GLY C 320 0.93 -1.69 1.41
C GLY C 320 -0.59 -1.79 1.47
N SER C 321 -1.11 -2.86 2.06
CA SER C 321 -2.56 -3.05 2.12
C SER C 321 -3.17 -2.74 3.47
N SER C 322 -2.38 -2.78 4.55
CA SER C 322 -2.93 -2.44 5.86
C SER C 322 -3.31 -0.97 5.94
N GLU C 323 -2.38 -0.09 5.55
CA GLU C 323 -2.67 1.33 5.59
C GLU C 323 -3.84 1.68 4.69
N GLU C 324 -3.91 1.05 3.52
CA GLU C 324 -5.05 1.27 2.65
C GLU C 324 -6.35 0.85 3.33
N ASN C 325 -6.30 -0.25 4.08
CA ASN C 325 -7.49 -0.70 4.80
C ASN C 325 -7.90 0.33 5.84
N ILE C 326 -6.92 0.98 6.48
CA ILE C 326 -7.27 2.03 7.42
C ILE C 326 -7.75 3.29 6.72
N ARG C 327 -7.35 3.49 5.47
CA ARG C 327 -7.76 4.67 4.75
C ARG C 327 -9.17 4.56 4.20
N ASN C 328 -9.58 3.34 3.83
CA ASN C 328 -10.87 3.17 3.17
C ASN C 328 -12.05 3.41 4.09
N LEU C 329 -11.83 3.56 5.39
CA LEU C 329 -12.95 3.75 6.31
C LEU C 329 -13.55 5.16 6.21
N PHE C 330 -12.76 6.15 5.81
CA PHE C 330 -13.20 7.55 5.90
C PHE C 330 -13.73 8.11 4.59
N LYS C 331 -13.75 7.33 3.52
CA LYS C 331 -13.92 7.92 2.20
C LYS C 331 -15.35 8.39 1.98
N ASP C 332 -16.33 7.63 2.45
CA ASP C 332 -17.72 8.04 2.25
C ASP C 332 -18.00 9.35 2.98
N ALA C 333 -17.51 9.47 4.21
CA ALA C 333 -17.68 10.71 4.95
C ALA C 333 -17.00 11.87 4.22
N GLU C 334 -15.79 11.63 3.71
CA GLU C 334 -15.11 12.68 2.96
C GLU C 334 -15.95 13.12 1.76
N ALA C 335 -16.47 12.15 1.01
CA ALA C 335 -17.24 12.46 -0.18
C ALA C 335 -18.48 13.29 0.17
N GLU C 336 -19.22 12.86 1.19
CA GLU C 336 -20.47 13.56 1.48
C GLU C 336 -20.21 14.93 2.09
N TYR C 337 -19.14 15.08 2.88
CA TYR C 337 -18.82 16.39 3.40
C TYR C 337 -18.42 17.32 2.27
N ARG C 338 -17.64 16.83 1.31
CA ARG C 338 -17.26 17.65 0.17
C ARG C 338 -18.48 18.05 -0.64
N ALA C 339 -19.42 17.11 -0.83
CA ALA C 339 -20.54 17.36 -1.72
C ALA C 339 -21.56 18.31 -1.13
N LYS C 340 -21.85 18.19 0.17
CA LYS C 340 -22.96 18.92 0.77
C LYS C 340 -22.52 20.01 1.72
N GLY C 341 -21.75 19.67 2.75
CA GLY C 341 -21.29 20.67 3.68
C GLY C 341 -21.71 20.38 5.10
N GLU C 342 -22.47 21.29 5.70
CA GLU C 342 -22.86 21.16 7.10
C GLU C 342 -24.14 20.37 7.30
N GLU C 343 -24.80 19.95 6.22
CA GLU C 343 -26.03 19.18 6.32
C GLU C 343 -25.79 17.69 6.15
N SER C 344 -24.54 17.27 6.06
CA SER C 344 -24.24 15.86 5.89
C SER C 344 -24.65 15.08 7.14
N SER C 345 -25.22 13.90 6.92
CA SER C 345 -25.61 13.05 8.03
C SER C 345 -24.39 12.55 8.78
N LEU C 346 -24.57 12.32 10.07
CA LEU C 346 -23.47 11.84 10.91
C LEU C 346 -23.05 10.44 10.51
N HIS C 347 -21.74 10.19 10.58
CA HIS C 347 -21.18 8.87 10.31
C HIS C 347 -20.49 8.34 11.56
N ILE C 348 -20.56 7.02 11.74
CA ILE C 348 -20.01 6.37 12.93
C ILE C 348 -19.16 5.19 12.50
N ILE C 349 -17.99 5.07 13.11
CA ILE C 349 -17.14 3.89 12.96
C ILE C 349 -16.57 3.57 14.34
N ILE C 350 -16.63 2.31 14.74
CA ILE C 350 -16.30 1.90 16.09
C ILE C 350 -15.14 0.92 16.04
N PHE C 351 -14.07 1.24 16.76
CA PHE C 351 -12.89 0.39 16.86
C PHE C 351 -13.03 -0.51 18.08
N ASP C 352 -12.95 -1.82 17.87
CA ASP C 352 -13.05 -2.77 18.97
C ASP C 352 -11.67 -3.29 19.33
N GLU C 353 -11.43 -3.45 20.63
CA GLU C 353 -10.14 -3.88 21.14
C GLU C 353 -9.02 -2.99 20.61
N LEU C 354 -9.11 -1.72 20.99
CA LEU C 354 -8.21 -0.72 20.42
C LEU C 354 -6.76 -1.01 20.74
N ASP C 355 -6.50 -1.64 21.88
CA ASP C 355 -5.15 -1.82 22.37
C ASP C 355 -4.43 -2.99 21.73
N SER C 356 -4.92 -3.49 20.60
CA SER C 356 -4.31 -4.66 19.99
C SER C 356 -3.19 -4.26 19.04
N VAL C 357 -3.46 -3.27 18.18
CA VAL C 357 -2.50 -2.84 17.18
C VAL C 357 -1.91 -1.47 17.49
N PHE C 358 -2.69 -0.57 18.07
CA PHE C 358 -2.26 0.81 18.30
C PHE C 358 -1.55 0.89 19.66
N LYS C 359 -0.28 0.51 19.65
CA LYS C 359 0.56 0.58 20.85
C LYS C 359 1.57 1.71 20.70
N GLN C 360 2.24 2.00 21.80
CA GLN C 360 3.21 3.09 21.82
C GLN C 360 4.28 2.89 20.76
N ARG C 361 4.61 3.96 20.05
CA ARG C 361 5.61 3.89 19.01
C ARG C 361 7.02 3.81 19.62
N GLY C 362 7.88 3.03 18.96
CA GLY C 362 9.25 2.91 19.39
C GLY C 362 9.48 1.98 20.56
N SER C 363 8.51 1.14 20.88
CA SER C 363 8.63 0.19 21.98
C SER C 363 9.01 -1.19 21.45
N ARG C 364 9.38 -2.06 22.38
CA ARG C 364 9.75 -3.43 22.02
C ARG C 364 8.53 -4.18 21.49
N GLY C 365 8.76 -5.03 20.51
CA GLY C 365 7.70 -5.73 19.82
C GLY C 365 7.49 -5.19 18.42
N ASP C 366 6.61 -5.87 17.69
CA ASP C 366 6.34 -5.54 16.30
C ASP C 366 7.65 -5.38 15.53
N GLY C 367 8.41 -6.47 15.48
CA GLY C 367 9.69 -6.43 14.80
C GLY C 367 9.54 -6.01 13.35
N THR C 368 8.50 -6.49 12.68
CA THR C 368 8.16 -5.99 11.37
C THR C 368 7.70 -4.54 11.48
N GLY C 369 8.03 -3.74 10.47
CA GLY C 369 7.70 -2.34 10.48
C GLY C 369 6.23 -2.05 10.21
N VAL C 370 5.35 -2.61 11.05
CA VAL C 370 3.91 -2.39 10.92
C VAL C 370 3.35 -1.65 12.12
N GLY C 371 3.97 -1.77 13.30
CA GLY C 371 3.45 -1.11 14.48
C GLY C 371 3.45 0.40 14.40
N ASP C 372 4.25 0.96 13.50
CA ASP C 372 4.37 2.41 13.38
C ASP C 372 3.58 2.99 12.22
N ASN C 373 3.58 2.30 11.08
CA ASN C 373 2.89 2.83 9.91
C ASN C 373 1.40 2.97 10.17
N VAL C 374 0.81 1.96 10.82
CA VAL C 374 -0.63 1.99 11.09
C VAL C 374 -0.97 3.17 11.98
N VAL C 375 -0.20 3.35 13.06
CA VAL C 375 -0.48 4.43 13.98
C VAL C 375 -0.31 5.78 13.29
N ASN C 376 0.72 5.90 12.46
CA ASN C 376 0.94 7.14 11.74
C ASN C 376 -0.22 7.45 10.81
N GLN C 377 -0.71 6.43 10.11
CA GLN C 377 -1.83 6.63 9.21
C GLN C 377 -3.07 7.10 9.97
N LEU C 378 -3.36 6.45 11.09
CA LEU C 378 -4.55 6.84 11.84
C LEU C 378 -4.41 8.26 12.37
N LEU C 379 -3.24 8.60 12.89
CA LEU C 379 -3.02 9.95 13.39
C LEU C 379 -3.19 10.97 12.28
N ALA C 380 -2.63 10.69 11.11
CA ALA C 380 -2.70 11.65 10.02
C ALA C 380 -4.10 11.76 9.45
N LYS C 381 -4.91 10.71 9.58
CA LYS C 381 -6.24 10.74 9.00
C LYS C 381 -7.29 11.25 9.97
N MET C 382 -6.98 11.34 11.25
CA MET C 382 -7.98 11.83 12.19
C MET C 382 -7.88 13.33 12.42
N ASP C 383 -6.69 13.91 12.27
CA ASP C 383 -6.53 15.36 12.38
C ASP C 383 -5.38 15.78 11.48
N GLY C 384 -5.69 16.27 10.29
CA GLY C 384 -4.66 16.54 9.32
C GLY C 384 -4.79 17.89 8.63
N VAL C 385 -4.19 18.01 7.46
CA VAL C 385 -4.23 19.28 6.73
C VAL C 385 -5.57 19.53 6.06
N ASP C 386 -6.39 18.50 5.89
CA ASP C 386 -7.73 18.64 5.34
C ASP C 386 -8.74 18.31 6.43
N GLN C 387 -9.65 19.23 6.70
CA GLN C 387 -10.53 19.13 7.84
C GLN C 387 -11.75 18.29 7.51
N LEU C 388 -12.42 17.83 8.58
CA LEU C 388 -13.59 16.99 8.47
C LEU C 388 -14.28 16.95 9.82
N ASN C 389 -15.56 17.31 9.88
CA ASN C 389 -16.26 17.39 11.15
C ASN C 389 -17.66 16.81 11.06
N ASN C 390 -17.80 15.65 10.42
CA ASN C 390 -19.05 14.92 10.40
C ASN C 390 -18.82 13.45 10.70
N ILE C 391 -17.93 13.15 11.64
CA ILE C 391 -17.67 11.78 12.04
C ILE C 391 -17.67 11.69 13.55
N LEU C 392 -17.81 10.45 14.05
CA LEU C 392 -17.69 10.17 15.47
C LEU C 392 -17.11 8.78 15.61
N VAL C 393 -15.92 8.69 16.19
CA VAL C 393 -15.20 7.43 16.34
C VAL C 393 -15.15 7.06 17.82
N ILE C 394 -15.49 5.81 18.12
CA ILE C 394 -15.65 5.34 19.49
C ILE C 394 -14.83 4.07 19.68
N GLY C 395 -14.08 4.03 20.78
CA GLY C 395 -13.18 2.92 21.04
C GLY C 395 -13.34 2.38 22.46
N MET C 396 -13.03 1.10 22.62
CA MET C 396 -13.27 0.37 23.87
C MET C 396 -12.04 -0.45 24.23
N THR C 397 -11.68 -0.46 25.52
CA THR C 397 -10.50 -1.21 25.93
C THR C 397 -10.50 -1.55 27.42
N ASN C 398 -9.63 -2.50 27.76
CA ASN C 398 -9.38 -2.89 29.14
C ASN C 398 -8.10 -2.30 29.70
N ARG C 399 -7.22 -1.77 28.84
CA ARG C 399 -5.91 -1.28 29.27
C ARG C 399 -5.62 -0.01 28.47
N LYS C 400 -5.76 1.13 29.11
CA LYS C 400 -5.48 2.41 28.46
C LYS C 400 -4.04 2.86 28.67
N ASP C 401 -3.21 2.05 29.32
CA ASP C 401 -1.81 2.40 29.54
C ASP C 401 -0.92 2.05 28.37
N LEU C 402 -1.45 1.37 27.34
CA LEU C 402 -0.65 0.98 26.20
C LEU C 402 -0.96 1.76 24.93
N ILE C 403 -2.10 2.45 24.90
CA ILE C 403 -2.42 3.23 23.72
C ILE C 403 -1.41 4.36 23.58
N ASP C 404 -1.15 4.74 22.33
CA ASP C 404 -0.17 5.78 22.06
C ASP C 404 -0.53 7.05 22.83
N SER C 405 0.45 7.92 23.01
CA SER C 405 0.25 9.16 23.75
C SER C 405 -0.24 10.31 22.88
N ALA C 406 -0.07 10.22 21.57
CA ALA C 406 -0.56 11.25 20.66
C ALA C 406 -1.99 11.00 20.22
N LEU C 407 -2.58 9.89 20.62
CA LEU C 407 -3.96 9.57 20.30
C LEU C 407 -4.93 10.02 21.37
N LEU C 408 -4.44 10.60 22.46
CA LEU C 408 -5.29 10.94 23.59
C LEU C 408 -5.20 12.43 23.92
N ARG C 409 -5.13 13.24 22.89
CA ARG C 409 -5.11 14.69 23.06
C ARG C 409 -6.41 15.26 22.53
N PRO C 410 -6.83 16.43 23.01
CA PRO C 410 -8.02 17.06 22.43
C PRO C 410 -7.90 17.17 20.91
N GLY C 411 -8.94 16.73 20.22
CA GLY C 411 -8.92 16.55 18.78
C GLY C 411 -8.86 15.10 18.36
N ARG C 412 -8.43 14.21 19.25
CA ARG C 412 -8.42 12.78 18.99
C ARG C 412 -8.77 12.09 20.30
N PHE C 413 -9.96 11.49 20.37
CA PHE C 413 -10.40 10.80 21.59
C PHE C 413 -10.36 11.74 22.79
N GLU C 414 -11.19 12.78 22.73
CA GLU C 414 -11.23 13.76 23.80
C GLU C 414 -11.82 13.15 25.06
N VAL C 415 -13.07 12.71 24.98
CA VAL C 415 -13.79 12.25 26.16
C VAL C 415 -13.39 10.80 26.45
N GLN C 416 -12.87 10.57 27.64
CA GLN C 416 -12.45 9.26 28.11
C GLN C 416 -13.23 8.93 29.38
N VAL C 417 -13.81 7.74 29.42
CA VAL C 417 -14.69 7.35 30.52
C VAL C 417 -14.28 5.97 31.02
N GLU C 418 -14.21 5.84 32.35
CA GLU C 418 -13.96 4.57 32.99
C GLU C 418 -15.27 4.01 33.53
N ILE C 419 -15.51 2.72 33.27
CA ILE C 419 -16.72 2.06 33.71
C ILE C 419 -16.33 1.03 34.75
N HIS C 420 -16.83 1.19 35.97
CA HIS C 420 -16.42 0.41 37.12
C HIS C 420 -17.49 -0.61 37.50
N LEU C 421 -17.17 -1.41 38.51
CA LEU C 421 -18.11 -2.40 39.00
C LEU C 421 -19.33 -1.71 39.60
N PRO C 422 -20.48 -2.38 39.62
CA PRO C 422 -21.71 -1.72 40.05
C PRO C 422 -21.83 -1.61 41.55
N ASP C 423 -22.59 -0.62 41.97
CA ASP C 423 -22.94 -0.44 43.37
C ASP C 423 -24.14 -1.33 43.70
N GLU C 424 -24.47 -1.43 44.99
CA GLU C 424 -25.58 -2.28 45.40
C GLU C 424 -26.88 -1.85 44.72
N LYS C 425 -27.20 -0.56 44.80
CA LYS C 425 -28.36 -0.06 44.07
C LYS C 425 -28.20 -0.29 42.58
N GLY C 426 -26.97 -0.22 42.07
CA GLY C 426 -26.74 -0.59 40.69
C GLY C 426 -27.09 -2.04 40.42
N ARG C 427 -26.76 -2.92 41.36
CA ARG C 427 -27.13 -4.32 41.22
C ARG C 427 -28.64 -4.48 41.18
N LEU C 428 -29.34 -3.71 42.02
CA LEU C 428 -30.80 -3.76 41.98
C LEU C 428 -31.33 -3.31 40.63
N GLN C 429 -30.77 -2.23 40.08
CA GLN C 429 -31.21 -1.74 38.79
C GLN C 429 -30.96 -2.77 37.70
N ILE C 430 -29.79 -3.40 37.72
CA ILE C 430 -29.48 -4.41 36.71
C ILE C 430 -30.44 -5.59 36.83
N PHE C 431 -30.71 -6.02 38.06
CA PHE C 431 -31.64 -7.13 38.25
C PHE C 431 -33.01 -6.77 37.70
N ASP C 432 -33.48 -5.56 37.97
CA ASP C 432 -34.77 -5.16 37.43
C ASP C 432 -34.76 -5.07 35.91
N ILE C 433 -33.62 -4.71 35.33
CA ILE C 433 -33.53 -4.63 33.88
C ILE C 433 -33.60 -6.01 33.25
N GLN C 434 -32.90 -6.98 33.83
CA GLN C 434 -32.81 -8.29 33.21
C GLN C 434 -34.15 -9.02 33.26
N THR C 435 -34.79 -9.02 34.42
CA THR C 435 -36.04 -9.77 34.61
C THR C 435 -37.25 -8.86 34.39
N LYS C 436 -37.41 -8.44 33.13
CA LYS C 436 -38.52 -7.59 32.75
C LYS C 436 -39.57 -8.32 31.91
N LYS C 437 -39.15 -9.02 30.85
CA LYS C 437 -40.11 -9.80 30.08
C LYS C 437 -40.58 -11.02 30.86
N MET C 438 -39.76 -11.53 31.77
CA MET C 438 -40.17 -12.64 32.61
C MET C 438 -41.35 -12.26 33.48
N ARG C 439 -41.31 -11.05 34.04
CA ARG C 439 -42.32 -10.64 35.00
C ARG C 439 -43.64 -10.29 34.33
N GLU C 440 -43.59 -9.70 33.14
CA GLU C 440 -44.81 -9.22 32.51
C GLU C 440 -45.57 -10.30 31.75
N ASN C 441 -44.97 -11.48 31.57
CA ASN C 441 -45.68 -12.62 31.00
C ASN C 441 -46.17 -13.59 32.05
N ASN C 442 -46.09 -13.21 33.33
CA ASN C 442 -46.51 -14.09 34.42
C ASN C 442 -45.75 -15.41 34.38
N MET C 443 -44.44 -15.30 34.57
CA MET C 443 -43.57 -16.47 34.59
C MET C 443 -42.60 -16.42 35.75
N MET C 444 -42.85 -15.58 36.74
CA MET C 444 -42.03 -15.51 37.93
C MET C 444 -42.91 -15.57 39.17
N SER C 445 -42.48 -16.37 40.14
CA SER C 445 -43.27 -16.56 41.34
C SER C 445 -43.37 -15.27 42.12
N ASP C 446 -44.15 -15.30 43.20
CA ASP C 446 -44.42 -14.12 44.02
C ASP C 446 -43.63 -14.12 45.33
N ASP C 447 -42.71 -15.07 45.51
CA ASP C 447 -41.86 -15.09 46.69
C ASP C 447 -40.43 -14.70 46.36
N VAL C 448 -40.22 -14.01 45.25
CA VAL C 448 -38.90 -13.55 44.84
C VAL C 448 -38.79 -12.07 45.14
N ASN C 449 -37.86 -11.72 46.04
CA ASN C 449 -37.65 -10.34 46.46
C ASN C 449 -36.29 -9.88 45.94
N LEU C 450 -36.30 -8.97 44.98
CA LEU C 450 -35.08 -8.58 44.30
C LEU C 450 -34.08 -7.91 45.24
N ALA C 451 -34.57 -7.23 46.28
CA ALA C 451 -33.65 -6.59 47.21
C ALA C 451 -32.78 -7.61 47.91
N GLU C 452 -33.37 -8.74 48.31
CA GLU C 452 -32.59 -9.79 48.94
C GLU C 452 -31.52 -10.32 47.98
N LEU C 453 -31.89 -10.49 46.72
CA LEU C 453 -30.93 -11.00 45.75
C LEU C 453 -29.79 -10.00 45.53
N ALA C 454 -30.10 -8.71 45.50
CA ALA C 454 -29.05 -7.70 45.40
C ALA C 454 -28.15 -7.77 46.63
N ALA C 455 -28.73 -8.04 47.80
CA ALA C 455 -27.92 -8.14 49.00
C ALA C 455 -26.99 -9.34 48.94
N LEU C 456 -27.47 -10.47 48.43
CA LEU C 456 -26.68 -11.69 48.49
C LEU C 456 -25.48 -11.64 47.54
N THR C 457 -25.57 -10.89 46.44
CA THR C 457 -24.51 -10.86 45.45
C THR C 457 -23.53 -9.73 45.79
N LYS C 458 -22.32 -10.10 46.19
CA LYS C 458 -21.32 -9.13 46.64
C LYS C 458 -20.36 -8.73 45.51
N ASN C 459 -19.58 -9.68 45.01
CA ASN C 459 -18.60 -9.41 43.96
C ASN C 459 -19.14 -9.85 42.60
N PHE C 460 -20.24 -9.24 42.17
CA PHE C 460 -20.88 -9.61 40.93
C PHE C 460 -20.84 -8.45 39.94
N SER C 461 -20.37 -8.72 38.73
CA SER C 461 -20.38 -7.76 37.66
C SER C 461 -21.64 -7.92 36.81
N GLY C 462 -21.86 -6.95 35.92
CA GLY C 462 -23.08 -6.94 35.13
C GLY C 462 -23.26 -8.20 34.30
N ALA C 463 -22.17 -8.85 33.95
CA ALA C 463 -22.22 -10.01 33.06
C ALA C 463 -22.37 -11.32 33.80
N GLU C 464 -22.50 -11.29 35.12
CA GLU C 464 -22.73 -12.49 35.91
C GLU C 464 -24.14 -12.59 36.45
N ILE C 465 -24.83 -11.46 36.62
CA ILE C 465 -26.23 -11.51 36.98
C ILE C 465 -27.03 -12.18 35.89
N GLU C 466 -26.67 -11.93 34.63
CA GLU C 466 -27.32 -12.60 33.52
C GLU C 466 -27.13 -14.11 33.60
N GLY C 467 -25.92 -14.54 33.89
CA GLY C 467 -25.67 -15.96 34.05
C GLY C 467 -26.49 -16.55 35.18
N LEU C 468 -26.58 -15.83 36.28
CA LEU C 468 -27.41 -16.30 37.40
C LEU C 468 -28.85 -16.48 36.97
N VAL C 469 -29.39 -15.48 36.28
CA VAL C 469 -30.79 -15.55 35.87
C VAL C 469 -31.00 -16.74 34.94
N LYS C 470 -30.10 -16.92 33.99
CA LYS C 470 -30.30 -17.99 33.01
C LYS C 470 -30.09 -19.36 33.63
N SER C 471 -29.21 -19.47 34.63
CA SER C 471 -29.08 -20.73 35.35
C SER C 471 -30.34 -21.04 36.14
N ALA C 472 -30.94 -20.02 36.76
CA ALA C 472 -32.20 -20.25 37.47
C ALA C 472 -33.26 -20.71 36.51
N SER C 473 -33.31 -20.10 35.32
CA SER C 473 -34.27 -20.52 34.31
C SER C 473 -34.03 -21.97 33.92
N SER C 474 -32.77 -22.36 33.75
CA SER C 474 -32.47 -23.75 33.42
C SER C 474 -32.96 -24.68 34.51
N PHE C 475 -32.72 -24.32 35.77
CA PHE C 475 -33.20 -25.14 36.87
C PHE C 475 -34.70 -25.30 36.83
N ALA C 476 -35.42 -24.21 36.57
CA ALA C 476 -36.88 -24.30 36.53
C ALA C 476 -37.35 -25.14 35.35
N ILE C 477 -36.65 -25.07 34.22
CA ILE C 477 -37.07 -25.84 33.06
C ILE C 477 -36.83 -27.32 33.27
N ASN C 478 -35.67 -27.68 33.84
CA ASN C 478 -35.25 -29.07 33.80
C ASN C 478 -36.21 -30.01 34.52
N LYS C 479 -37.04 -29.49 35.41
CA LYS C 479 -37.94 -30.36 36.15
C LYS C 479 -38.92 -31.06 35.23
N THR C 480 -39.47 -30.33 34.25
CA THR C 480 -40.49 -30.91 33.39
C THR C 480 -39.90 -31.90 32.40
N VAL C 481 -39.05 -31.42 31.51
CA VAL C 481 -38.42 -32.27 30.49
C VAL C 481 -37.05 -32.68 31.02
N ASN C 482 -37.00 -33.80 31.73
CA ASN C 482 -35.77 -34.29 32.32
C ASN C 482 -34.86 -34.84 31.22
N ILE C 483 -33.92 -34.01 30.75
CA ILE C 483 -33.02 -34.44 29.68
C ILE C 483 -32.32 -35.72 30.12
N GLY C 484 -32.15 -36.64 29.18
CA GLY C 484 -31.65 -37.96 29.52
C GLY C 484 -32.73 -38.77 30.18
N LYS C 485 -32.34 -39.96 30.64
CA LYS C 485 -33.29 -40.86 31.28
C LYS C 485 -34.46 -41.14 30.34
N GLY C 486 -35.60 -41.53 30.89
CA GLY C 486 -36.78 -41.78 30.10
C GLY C 486 -37.79 -40.66 30.17
N ALA C 487 -37.54 -39.68 31.04
CA ALA C 487 -38.47 -38.56 31.23
C ALA C 487 -38.10 -37.38 30.35
N THR C 488 -37.98 -37.63 29.05
CA THR C 488 -37.74 -36.58 28.06
C THR C 488 -38.99 -36.28 27.23
N LYS C 489 -40.17 -36.65 27.74
CA LYS C 489 -41.43 -36.48 27.02
C LYS C 489 -42.12 -35.21 27.50
N LEU C 490 -42.44 -34.33 26.56
CA LEU C 490 -43.00 -33.03 26.90
C LEU C 490 -44.52 -33.13 27.05
N ASN C 491 -45.01 -32.73 28.21
CA ASN C 491 -46.43 -32.80 28.54
C ASN C 491 -47.04 -31.41 28.41
N THR C 492 -48.09 -31.29 27.61
CA THR C 492 -48.62 -29.97 27.29
C THR C 492 -49.07 -29.21 28.53
N LYS C 493 -49.60 -29.93 29.54
CA LYS C 493 -50.17 -29.26 30.69
C LYS C 493 -49.12 -28.48 31.47
N ASP C 494 -48.01 -29.13 31.83
CA ASP C 494 -47.10 -28.54 32.80
C ASP C 494 -46.14 -27.56 32.19
N ILE C 495 -46.16 -27.38 30.87
CA ILE C 495 -45.39 -26.31 30.23
C ILE C 495 -46.23 -25.08 29.99
N ALA C 496 -47.51 -25.13 30.34
CA ALA C 496 -48.39 -23.98 30.30
C ALA C 496 -48.58 -23.39 31.68
N LYS C 497 -47.83 -23.86 32.68
CA LYS C 497 -47.91 -23.35 34.04
C LYS C 497 -46.53 -23.17 34.63
N LEU C 498 -45.55 -22.86 33.79
CA LEU C 498 -44.18 -22.68 34.26
C LEU C 498 -44.08 -21.47 35.18
N LYS C 499 -43.18 -21.58 36.17
CA LYS C 499 -42.95 -20.48 37.10
C LYS C 499 -41.60 -20.68 37.76
N VAL C 500 -40.76 -19.66 37.72
CA VAL C 500 -39.45 -19.71 38.35
C VAL C 500 -39.59 -19.24 39.79
N THR C 501 -39.09 -20.04 40.72
CA THR C 501 -39.26 -19.79 42.14
C THR C 501 -37.94 -19.46 42.80
N ARG C 502 -38.03 -19.11 44.09
CA ARG C 502 -36.86 -18.65 44.83
C ARG C 502 -35.81 -19.75 44.96
N GLU C 503 -36.25 -20.98 45.21
CA GLU C 503 -35.30 -22.07 45.38
C GLU C 503 -34.42 -22.21 44.15
N ASP C 504 -34.95 -21.94 42.97
CA ASP C 504 -34.14 -22.01 41.77
C ASP C 504 -33.00 -21.00 41.83
N PHE C 505 -33.30 -19.78 42.27
CA PHE C 505 -32.26 -18.77 42.38
C PHE C 505 -31.22 -19.16 43.42
N LEU C 506 -31.67 -19.68 44.57
CA LEU C 506 -30.72 -20.05 45.61
C LEU C 506 -29.82 -21.19 45.13
N ASN C 507 -30.39 -22.15 44.40
CA ASN C 507 -29.58 -23.21 43.83
C ASN C 507 -28.60 -22.67 42.80
N ALA C 508 -29.06 -21.75 41.95
CA ALA C 508 -28.20 -21.17 40.94
C ALA C 508 -27.03 -20.43 41.56
N LEU C 509 -27.23 -19.84 42.74
CA LEU C 509 -26.14 -19.16 43.42
C LEU C 509 -24.91 -20.03 43.61
N ASN C 510 -25.05 -21.35 43.49
CA ASN C 510 -23.92 -22.26 43.67
C ASN C 510 -23.17 -22.55 42.38
N ASP C 511 -23.64 -22.04 41.24
CA ASP C 511 -23.01 -22.29 39.95
C ASP C 511 -22.13 -21.13 39.51
N VAL C 512 -22.65 -19.91 39.55
CA VAL C 512 -21.90 -18.74 39.14
C VAL C 512 -21.03 -18.28 40.30
N THR C 513 -19.71 -18.50 40.16
CA THR C 513 -18.77 -18.11 41.20
C THR C 513 -18.08 -16.82 40.77
N PRO C 514 -18.23 -15.72 41.49
CA PRO C 514 -17.62 -14.47 41.06
C PRO C 514 -16.11 -14.59 40.99
N ALA C 515 -15.52 -13.90 40.02
CA ALA C 515 -14.09 -13.94 39.81
C ALA C 515 -13.34 -12.90 40.63
N PHE C 516 -14.03 -11.93 41.20
CA PHE C 516 -13.41 -10.90 42.01
C PHE C 516 -13.42 -11.23 43.50
N GLY C 517 -13.80 -12.44 43.88
CA GLY C 517 -13.93 -12.80 45.28
C GLY C 517 -13.36 -14.16 45.63
N ILE C 518 -12.30 -14.56 44.94
CA ILE C 518 -11.69 -15.86 45.22
C ILE C 518 -11.05 -15.88 46.61
N SER C 519 -10.40 -14.78 46.99
CA SER C 519 -9.70 -14.77 48.27
C SER C 519 -10.64 -15.06 49.44
N GLU C 520 -11.92 -14.74 49.29
CA GLU C 520 -12.86 -14.98 50.39
C GLU C 520 -12.94 -16.46 50.74
N GLU C 521 -12.69 -17.33 49.77
CA GLU C 521 -12.70 -18.75 50.04
C GLU C 521 -11.45 -19.18 50.77
N ASP C 522 -10.33 -18.54 50.49
CA ASP C 522 -9.12 -18.87 51.23
C ASP C 522 -9.22 -18.36 52.66
N LEU C 523 -9.85 -17.20 52.84
CA LEU C 523 -10.11 -16.72 54.20
C LEU C 523 -11.08 -17.63 54.92
N LYS C 524 -11.88 -18.40 54.19
CA LYS C 524 -12.67 -19.44 54.85
C LYS C 524 -11.81 -20.65 55.21
N THR C 525 -10.86 -20.99 54.34
CA THR C 525 -9.98 -22.12 54.63
C THR C 525 -9.09 -21.83 55.84
N CYS C 526 -8.68 -20.57 56.01
CA CYS C 526 -7.74 -20.25 57.08
C CYS C 526 -8.28 -20.61 58.45
N VAL C 527 -9.60 -20.61 58.62
CA VAL C 527 -10.18 -20.75 59.95
C VAL C 527 -10.90 -22.09 60.02
N GLU C 528 -10.39 -23.06 59.27
CA GLU C 528 -11.01 -24.38 59.27
C GLU C 528 -10.95 -25.05 60.62
N GLY C 529 -10.03 -24.64 61.49
CA GLY C 529 -9.92 -25.25 62.81
C GLY C 529 -10.85 -24.69 63.86
N GLY C 530 -11.56 -23.61 63.55
CA GLY C 530 -12.51 -23.03 64.47
C GLY C 530 -11.84 -22.18 65.54
N MET C 531 -12.54 -21.13 65.96
CA MET C 531 -12.04 -20.20 66.96
C MET C 531 -12.58 -20.61 68.32
N MET C 532 -11.86 -21.51 68.99
CA MET C 532 -12.21 -21.91 70.35
C MET C 532 -11.81 -20.79 71.31
N LEU C 533 -12.81 -20.16 71.94
CA LEU C 533 -12.56 -19.01 72.80
C LEU C 533 -12.04 -19.41 74.18
N TYR C 534 -10.95 -20.15 74.18
CA TYR C 534 -10.27 -20.42 75.44
C TYR C 534 -9.64 -19.13 75.96
N SER C 535 -9.38 -19.11 77.26
CA SER C 535 -8.71 -17.95 77.84
C SER C 535 -9.52 -16.68 77.64
N GLU C 536 -9.03 -15.57 78.16
CA GLU C 536 -9.70 -14.28 78.05
C GLU C 536 -9.01 -13.30 77.13
N ARG C 537 -7.75 -13.55 76.75
CA ARG C 537 -7.02 -12.61 75.91
C ARG C 537 -7.56 -12.55 74.49
N VAL C 538 -8.19 -13.64 74.05
CA VAL C 538 -8.69 -13.70 72.68
C VAL C 538 -9.72 -12.61 72.47
N ASN C 539 -10.65 -12.47 73.40
CA ASN C 539 -11.72 -11.50 73.25
C ASN C 539 -11.15 -10.10 73.15
N SER C 540 -10.12 -9.81 73.93
CA SER C 540 -9.50 -8.49 73.89
C SER C 540 -8.90 -8.23 72.52
N ILE C 541 -8.22 -9.23 71.96
CA ILE C 541 -7.61 -9.05 70.64
C ILE C 541 -8.69 -8.77 69.60
N LEU C 542 -9.75 -9.57 69.63
CA LEU C 542 -10.82 -9.39 68.65
C LEU C 542 -11.48 -8.04 68.79
N LYS C 543 -11.67 -7.59 70.03
CA LYS C 543 -12.28 -6.28 70.26
C LYS C 543 -11.40 -5.17 69.72
N ASN C 544 -10.09 -5.28 69.92
CA ASN C 544 -9.20 -4.26 69.40
C ASN C 544 -9.28 -4.21 67.87
N GLY C 545 -9.29 -5.38 67.24
CA GLY C 545 -9.45 -5.40 65.79
C GLY C 545 -10.73 -4.74 65.33
N ALA C 546 -11.83 -5.04 66.02
CA ALA C 546 -13.10 -4.43 65.65
C ALA C 546 -13.03 -2.91 65.80
N ARG C 547 -12.39 -2.44 66.87
CA ARG C 547 -12.27 -1.00 67.06
C ARG C 547 -11.52 -0.35 65.91
N TYR C 548 -10.41 -0.98 65.48
CA TYR C 548 -9.66 -0.40 64.39
C TYR C 548 -10.47 -0.40 63.10
N VAL C 549 -11.22 -1.47 62.85
CA VAL C 549 -12.05 -1.53 61.66
C VAL C 549 -13.07 -0.39 61.68
N ARG C 550 -13.71 -0.19 62.82
CA ARG C 550 -14.69 0.88 62.90
C ARG C 550 -14.03 2.24 62.67
N GLN C 551 -12.85 2.44 63.25
CA GLN C 551 -12.19 3.73 63.08
C GLN C 551 -11.88 4.00 61.61
N VAL C 552 -11.38 2.99 60.90
CA VAL C 552 -11.10 3.21 59.49
C VAL C 552 -12.39 3.46 58.73
N ARG C 553 -13.47 2.79 59.13
CA ARG C 553 -14.75 3.00 58.44
C ARG C 553 -15.24 4.43 58.59
N GLU C 554 -15.15 4.99 59.79
CA GLU C 554 -15.81 6.26 60.06
C GLU C 554 -14.95 7.47 59.72
N SER C 555 -13.70 7.48 60.16
CA SER C 555 -12.87 8.67 60.01
C SER C 555 -12.72 9.02 58.54
N ASP C 556 -12.70 10.33 58.26
CA ASP C 556 -12.59 10.81 56.90
C ASP C 556 -11.19 11.30 56.54
N LYS C 557 -10.30 11.39 57.51
CA LYS C 557 -8.93 11.83 57.27
C LYS C 557 -7.93 10.68 57.32
N SER C 558 -8.17 9.68 58.15
CA SER C 558 -7.29 8.53 58.21
C SER C 558 -7.54 7.65 57.00
N ARG C 559 -6.75 7.85 55.96
CA ARG C 559 -6.91 7.12 54.71
C ARG C 559 -5.97 5.93 54.58
N LEU C 560 -5.19 5.64 55.62
CA LEU C 560 -4.28 4.48 55.59
C LEU C 560 -4.00 4.05 57.01
N VAL C 561 -4.37 2.82 57.35
CA VAL C 561 -4.09 2.23 58.65
C VAL C 561 -3.44 0.88 58.45
N SER C 562 -2.30 0.68 59.10
CA SER C 562 -1.55 -0.57 58.99
C SER C 562 -1.29 -1.14 60.38
N LEU C 563 -1.34 -2.45 60.47
CA LEU C 563 -1.17 -3.16 61.73
C LEU C 563 -0.10 -4.22 61.57
N LEU C 564 0.47 -4.59 62.71
CA LEU C 564 1.42 -5.68 62.80
C LEU C 564 0.96 -6.64 63.87
N ILE C 565 1.03 -7.92 63.57
CA ILE C 565 0.54 -8.97 64.46
C ILE C 565 1.69 -9.95 64.67
N HIS C 566 2.42 -9.77 65.77
CA HIS C 566 3.63 -10.55 66.01
C HIS C 566 3.48 -11.41 67.25
N GLY C 567 4.19 -12.52 67.26
CA GLY C 567 4.20 -13.42 68.39
C GLY C 567 5.04 -14.65 68.15
N PRO C 568 5.11 -15.53 69.14
CA PRO C 568 5.88 -16.77 68.97
C PRO C 568 5.28 -17.66 67.89
N ALA C 569 6.14 -18.50 67.31
CA ALA C 569 5.71 -19.39 66.24
C ALA C 569 4.67 -20.36 66.75
N GLY C 570 3.67 -20.63 65.91
CA GLY C 570 2.63 -21.57 66.29
C GLY C 570 1.56 -20.99 67.20
N SER C 571 1.52 -19.68 67.36
CA SER C 571 0.59 -19.09 68.32
C SER C 571 -0.80 -18.85 67.72
N GLY C 572 -0.95 -18.94 66.40
CA GLY C 572 -2.24 -18.75 65.80
C GLY C 572 -2.54 -17.33 65.38
N LYS C 573 -1.67 -16.73 64.58
CA LYS C 573 -1.85 -15.33 64.19
C LYS C 573 -2.74 -15.22 62.96
N THR C 574 -2.49 -16.07 61.96
CA THR C 574 -3.23 -15.97 60.71
C THR C 574 -4.72 -16.21 60.94
N ALA C 575 -5.06 -17.13 61.83
CA ALA C 575 -6.47 -17.39 62.11
C ALA C 575 -7.14 -16.15 62.66
N LEU C 576 -6.49 -15.46 63.61
CA LEU C 576 -7.09 -14.26 64.18
C LEU C 576 -7.24 -13.17 63.14
N ALA C 577 -6.22 -12.98 62.31
CA ALA C 577 -6.32 -11.95 61.27
C ALA C 577 -7.46 -12.25 60.33
N ALA C 578 -7.58 -13.51 59.91
CA ALA C 578 -8.66 -13.88 58.99
C ALA C 578 -10.02 -13.68 59.65
N GLU C 579 -10.14 -14.03 60.93
CA GLU C 579 -11.41 -13.85 61.61
C GLU C 579 -11.80 -12.38 61.64
N ILE C 580 -10.86 -11.52 61.99
CA ILE C 580 -11.16 -10.09 62.03
C ILE C 580 -11.59 -9.61 60.64
N ALA C 581 -10.84 -9.99 59.62
CA ALA C 581 -11.14 -9.52 58.27
C ALA C 581 -12.52 -9.98 57.83
N LEU C 582 -12.84 -11.25 58.09
CA LEU C 582 -14.14 -11.77 57.69
C LEU C 582 -15.26 -11.04 58.41
N LYS C 583 -15.19 -10.97 59.73
CA LYS C 583 -16.25 -10.33 60.46
C LYS C 583 -16.35 -8.84 60.18
N SER C 584 -15.33 -8.23 59.58
CA SER C 584 -15.40 -6.81 59.28
C SER C 584 -16.60 -6.49 58.37
N GLY C 585 -16.77 -7.25 57.30
CA GLY C 585 -17.86 -7.02 56.38
C GLY C 585 -17.58 -5.91 55.40
N PHE C 586 -16.46 -6.00 54.69
CA PHE C 586 -16.08 -5.00 53.70
C PHE C 586 -16.32 -5.51 52.29
N PRO C 587 -16.55 -4.61 51.34
CA PRO C 587 -16.78 -5.07 49.95
C PRO C 587 -15.58 -5.76 49.35
N PHE C 588 -14.37 -5.34 49.70
CA PHE C 588 -13.17 -5.73 48.97
C PHE C 588 -12.15 -6.28 49.94
N ILE C 589 -11.82 -7.57 49.80
CA ILE C 589 -10.90 -8.25 50.69
C ILE C 589 -9.97 -9.12 49.86
N ARG C 590 -8.67 -9.03 50.13
CA ARG C 590 -7.71 -9.90 49.45
C ARG C 590 -6.64 -10.38 50.42
N LEU C 591 -5.94 -11.43 50.01
CA LEU C 591 -4.91 -12.08 50.80
C LEU C 591 -3.72 -12.46 49.94
N ILE C 592 -2.53 -12.15 50.42
CA ILE C 592 -1.28 -12.51 49.76
C ILE C 592 -0.55 -13.50 50.64
N SER C 593 -0.18 -14.65 50.08
CA SER C 593 0.38 -15.73 50.87
C SER C 593 1.55 -16.36 50.12
N PRO C 594 2.45 -17.03 50.83
CA PRO C 594 3.56 -17.70 50.14
C PRO C 594 3.11 -18.76 49.17
N ASN C 595 1.97 -19.41 49.45
CA ASN C 595 1.56 -20.52 48.60
C ASN C 595 1.34 -20.04 47.18
N GLU C 596 0.76 -18.87 47.02
CA GLU C 596 0.41 -18.40 45.70
C GLU C 596 1.64 -18.08 44.87
N LEU C 597 2.78 -17.82 45.51
CA LEU C 597 3.97 -17.37 44.78
C LEU C 597 4.98 -18.48 44.54
N SER C 598 4.62 -19.72 44.81
CA SER C 598 5.59 -20.80 44.71
C SER C 598 5.97 -21.05 43.25
N GLY C 599 7.27 -21.23 43.01
CA GLY C 599 7.78 -21.63 41.73
C GLY C 599 8.05 -20.50 40.76
N MET C 600 7.56 -19.29 41.02
CA MET C 600 7.74 -18.20 40.08
C MET C 600 9.13 -17.59 40.24
N SER C 601 9.44 -16.66 39.34
CA SER C 601 10.70 -15.95 39.37
C SER C 601 10.52 -14.57 39.99
N GLU C 602 11.64 -13.91 40.27
CA GLU C 602 11.60 -12.66 41.02
C GLU C 602 10.73 -11.62 40.33
N SER C 603 10.95 -11.44 39.02
CA SER C 603 10.18 -10.44 38.28
C SER C 603 8.69 -10.78 38.31
N ALA C 604 8.36 -12.05 38.18
CA ALA C 604 6.96 -12.45 38.23
C ALA C 604 6.35 -12.14 39.58
N LYS C 605 7.09 -12.41 40.65
CA LYS C 605 6.59 -12.13 41.98
C LYS C 605 6.34 -10.64 42.18
N ILE C 606 7.29 -9.82 41.74
CA ILE C 606 7.12 -8.37 41.88
C ILE C 606 5.92 -7.91 41.07
N ALA C 607 5.77 -8.44 39.86
CA ALA C 607 4.62 -8.06 39.03
C ALA C 607 3.32 -8.42 39.72
N TYR C 608 3.26 -9.63 40.29
CA TYR C 608 2.04 -10.05 40.98
C TYR C 608 1.72 -9.13 42.14
N ILE C 609 2.74 -8.80 42.93
CA ILE C 609 2.51 -7.92 44.08
C ILE C 609 2.00 -6.57 43.62
N ASP C 610 2.62 -6.01 42.60
CA ASP C 610 2.22 -4.69 42.13
C ASP C 610 0.80 -4.73 41.60
N ASN C 611 0.45 -5.75 40.83
CA ASN C 611 -0.89 -5.85 40.29
C ASN C 611 -1.91 -5.94 41.42
N THR C 612 -1.64 -6.80 42.40
CA THR C 612 -2.58 -6.96 43.50
C THR C 612 -2.77 -5.64 44.25
N PHE C 613 -1.67 -4.92 44.49
CA PHE C 613 -1.77 -3.66 45.21
C PHE C 613 -2.47 -2.59 44.37
N ARG C 614 -2.38 -2.68 43.05
CA ARG C 614 -3.07 -1.73 42.20
C ARG C 614 -4.57 -2.00 42.15
N ASP C 615 -4.95 -3.27 42.17
CA ASP C 615 -6.37 -3.60 42.14
C ASP C 615 -7.13 -3.04 43.33
N ALA C 616 -6.44 -2.69 44.40
CA ALA C 616 -7.09 -2.29 45.64
C ALA C 616 -7.33 -0.78 45.73
N TYR C 617 -6.90 -0.01 44.74
CA TYR C 617 -7.04 1.43 44.80
C TYR C 617 -8.37 1.92 44.26
N LYS C 618 -9.27 1.02 43.86
CA LYS C 618 -10.63 1.39 43.52
C LYS C 618 -11.54 1.15 44.72
N SER C 619 -12.80 1.53 44.57
CA SER C 619 -13.79 1.34 45.62
C SER C 619 -13.41 2.20 46.83
N PRO C 620 -14.36 2.49 47.72
CA PRO C 620 -14.05 3.37 48.87
C PRO C 620 -13.70 2.63 50.15
N LEU C 621 -13.58 1.30 50.12
CA LEU C 621 -13.27 0.53 51.31
C LEU C 621 -12.54 -0.74 50.87
N ASN C 622 -11.42 -1.03 51.52
CA ASN C 622 -10.58 -2.14 51.10
C ASN C 622 -9.90 -2.77 52.31
N ILE C 623 -9.54 -4.04 52.16
CA ILE C 623 -8.80 -4.77 53.18
C ILE C 623 -7.83 -5.73 52.51
N LEU C 624 -6.61 -5.76 53.03
CA LEU C 624 -5.55 -6.60 52.51
C LEU C 624 -4.85 -7.31 53.64
N VAL C 625 -4.58 -8.60 53.47
CA VAL C 625 -3.91 -9.41 54.48
C VAL C 625 -2.62 -9.95 53.88
N ILE C 626 -1.50 -9.51 54.44
CA ILE C 626 -0.18 -9.98 54.02
C ILE C 626 0.32 -10.96 55.06
N ASP C 627 0.63 -12.17 54.64
CA ASP C 627 0.89 -13.28 55.54
C ASP C 627 2.36 -13.65 55.55
N SER C 628 2.93 -13.77 56.75
CA SER C 628 4.29 -14.31 56.94
C SER C 628 5.30 -13.48 56.16
N LEU C 629 5.46 -12.24 56.59
CA LEU C 629 6.29 -11.31 55.85
C LEU C 629 7.71 -11.83 55.70
N GLU C 630 8.26 -12.45 56.74
CA GLU C 630 9.67 -12.78 56.73
C GLU C 630 10.01 -13.86 55.72
N THR C 631 9.04 -14.69 55.35
CA THR C 631 9.29 -15.74 54.37
C THR C 631 8.95 -15.30 52.96
N LEU C 632 8.41 -14.10 52.80
CA LEU C 632 8.19 -13.58 51.45
C LEU C 632 9.47 -13.02 50.85
N VAL C 633 10.49 -12.80 51.68
CA VAL C 633 11.74 -12.23 51.23
C VAL C 633 12.88 -13.24 51.31
N ASP C 634 12.55 -14.51 51.51
CA ASP C 634 13.53 -15.59 51.48
C ASP C 634 14.62 -15.36 52.54
N TRP C 635 14.21 -15.36 53.79
CA TRP C 635 15.14 -15.12 54.88
C TRP C 635 15.74 -16.43 55.36
N VAL C 636 17.04 -16.40 55.61
CA VAL C 636 17.73 -17.53 56.21
C VAL C 636 18.92 -16.97 56.99
N PRO C 637 19.10 -17.36 58.25
CA PRO C 637 20.03 -16.63 59.13
C PRO C 637 21.48 -17.03 58.97
N ILE C 638 21.81 -18.01 58.13
CA ILE C 638 23.21 -18.43 58.02
C ILE C 638 24.05 -17.36 57.35
N GLY C 639 23.52 -16.73 56.30
CA GLY C 639 24.28 -15.75 55.56
C GLY C 639 24.55 -14.50 56.36
N PRO C 640 23.50 -13.72 56.63
CA PRO C 640 22.09 -13.98 56.29
C PRO C 640 21.85 -13.72 54.82
N ARG C 641 20.90 -14.43 54.21
CA ARG C 641 20.54 -14.21 52.82
C ARG C 641 19.08 -13.77 52.75
N PHE C 642 18.79 -12.93 51.77
CA PHE C 642 17.41 -12.54 51.48
C PHE C 642 17.41 -11.74 50.18
N SER C 643 16.21 -11.38 49.73
CA SER C 643 16.02 -10.66 48.47
C SER C 643 15.78 -9.19 48.78
N ASN C 644 16.63 -8.33 48.25
CA ASN C 644 16.50 -6.90 48.51
C ASN C 644 15.38 -6.27 47.68
N ASN C 645 15.17 -6.76 46.45
CA ASN C 645 14.20 -6.14 45.57
C ASN C 645 12.79 -6.24 46.15
N ILE C 646 12.39 -7.45 46.54
CA ILE C 646 11.06 -7.64 47.08
C ILE C 646 10.88 -6.85 48.37
N LEU C 647 11.91 -6.85 49.21
CA LEU C 647 11.84 -6.11 50.46
C LEU C 647 11.62 -4.64 50.20
N GLN C 648 12.36 -4.06 49.25
CA GLN C 648 12.20 -2.65 48.97
C GLN C 648 10.83 -2.36 48.37
N MET C 649 10.36 -3.25 47.51
CA MET C 649 9.04 -3.05 46.92
C MET C 649 7.97 -3.01 47.99
N LEU C 650 8.01 -3.95 48.93
CA LEU C 650 7.03 -3.96 50.01
C LEU C 650 7.18 -2.73 50.89
N LYS C 651 8.41 -2.33 51.18
CA LYS C 651 8.63 -1.17 52.03
C LYS C 651 8.05 0.07 51.40
N VAL C 652 8.13 0.19 50.09
CA VAL C 652 7.54 1.35 49.42
C VAL C 652 6.05 1.19 49.21
N ALA C 653 5.55 -0.04 49.24
CA ALA C 653 4.13 -0.26 49.00
C ALA C 653 3.30 -0.01 50.25
N LEU C 654 3.89 -0.20 51.42
CA LEU C 654 3.13 -0.06 52.67
C LEU C 654 3.08 1.37 53.19
N LYS C 655 3.40 2.36 52.36
CA LYS C 655 3.31 3.74 52.80
C LYS C 655 2.70 4.66 51.74
N ARG C 656 2.22 4.12 50.63
CA ARG C 656 1.65 4.94 49.57
C ARG C 656 0.15 5.10 49.80
N LYS C 657 -0.28 6.34 50.04
CA LYS C 657 -1.69 6.59 50.26
C LYS C 657 -2.49 6.32 48.98
N PRO C 658 -3.67 5.72 49.10
CA PRO C 658 -4.47 5.44 47.91
C PRO C 658 -4.93 6.72 47.25
N PRO C 659 -5.60 6.63 46.11
CA PRO C 659 -6.09 7.86 45.45
C PRO C 659 -7.04 8.62 46.35
N GLN C 660 -7.39 9.82 45.90
CA GLN C 660 -8.22 10.70 46.72
C GLN C 660 -9.58 10.06 46.97
N ASP C 661 -10.06 10.18 48.20
CA ASP C 661 -11.33 9.57 48.60
C ASP C 661 -11.27 8.05 48.50
N ARG C 662 -10.35 7.47 49.26
CA ARG C 662 -10.30 6.02 49.41
C ARG C 662 -9.61 5.71 50.73
N ARG C 663 -9.80 4.48 51.20
CA ARG C 663 -9.24 4.06 52.47
C ARG C 663 -8.73 2.63 52.36
N LEU C 664 -7.77 2.29 53.21
CA LEU C 664 -7.19 0.95 53.24
C LEU C 664 -6.90 0.54 54.66
N LEU C 665 -6.89 -0.76 54.88
CA LEU C 665 -6.50 -1.32 56.17
C LEU C 665 -5.64 -2.55 55.89
N ILE C 666 -4.35 -2.44 56.18
CA ILE C 666 -3.38 -3.48 55.88
C ILE C 666 -2.99 -4.14 57.19
N MET C 667 -3.24 -5.44 57.32
CA MET C 667 -2.86 -6.21 58.49
C MET C 667 -1.80 -7.22 58.09
N THR C 668 -0.63 -7.16 58.73
CA THR C 668 0.47 -8.05 58.37
C THR C 668 0.95 -8.80 59.59
N THR C 669 1.10 -10.12 59.45
CA THR C 669 1.55 -10.97 60.53
C THR C 669 3.05 -11.26 60.40
N THR C 670 3.64 -11.68 61.51
CA THR C 670 5.06 -12.02 61.49
C THR C 670 5.40 -12.88 62.70
N SER C 671 6.56 -13.52 62.63
CA SER C 671 7.03 -14.36 63.72
C SER C 671 8.50 -14.14 64.04
N ALA C 672 9.15 -13.11 63.51
CA ALA C 672 10.57 -12.87 63.71
C ALA C 672 10.81 -11.39 64.03
N TYR C 673 10.01 -10.86 64.95
CA TYR C 673 10.00 -9.44 65.28
C TYR C 673 11.40 -8.84 65.29
N SER C 674 12.35 -9.53 65.89
CA SER C 674 13.70 -8.98 66.02
C SER C 674 14.33 -8.76 64.65
N VAL C 675 14.14 -9.69 63.73
CA VAL C 675 14.70 -9.54 62.40
C VAL C 675 14.15 -8.30 61.72
N LEU C 676 12.84 -8.11 61.81
CA LEU C 676 12.25 -6.88 61.26
C LEU C 676 12.83 -5.65 61.92
N GLN C 677 13.14 -5.76 63.22
CA GLN C 677 13.77 -4.64 63.88
C GLN C 677 15.13 -4.33 63.28
N GLN C 678 15.92 -5.38 63.00
CA GLN C 678 17.25 -5.16 62.47
C GLN C 678 17.20 -4.53 61.08
N MET C 679 16.25 -4.96 60.25
CA MET C 679 16.16 -4.43 58.90
C MET C 679 15.83 -2.94 58.87
N ASP C 680 15.40 -2.36 59.99
CA ASP C 680 15.01 -0.96 60.02
C ASP C 680 13.73 -0.72 59.26
N ILE C 681 12.83 -1.69 59.27
CA ILE C 681 11.56 -1.61 58.58
C ILE C 681 10.41 -1.43 59.55
N LEU C 682 10.70 -1.16 60.81
CA LEU C 682 9.66 -1.08 61.83
C LEU C 682 8.99 0.28 61.85
N SER C 683 9.23 1.11 60.84
CA SER C 683 8.57 2.40 60.72
C SER C 683 7.36 2.37 59.80
N CYS C 684 7.24 1.34 58.96
CA CYS C 684 6.11 1.27 58.05
C CYS C 684 4.80 1.02 58.80
N PHE C 685 4.87 0.30 59.91
CA PHE C 685 3.66 -0.08 60.63
C PHE C 685 3.27 1.00 61.64
N ASP C 686 2.04 0.90 62.11
CA ASP C 686 1.46 1.93 62.96
C ASP C 686 1.13 1.43 64.36
N ASN C 687 0.71 0.17 64.50
CA ASN C 687 0.39 -0.36 65.81
C ASN C 687 0.63 -1.86 65.83
N GLU C 688 1.05 -2.35 66.98
CA GLU C 688 1.42 -3.74 67.18
C GLU C 688 0.35 -4.48 67.98
N ILE C 689 0.27 -5.78 67.75
CA ILE C 689 -0.62 -6.65 68.50
C ILE C 689 0.14 -7.93 68.83
N ALA C 690 0.32 -8.17 70.12
CA ALA C 690 1.05 -9.32 70.62
C ALA C 690 0.07 -10.46 70.89
N VAL C 691 0.52 -11.68 70.64
CA VAL C 691 -0.32 -12.86 70.81
C VAL C 691 0.42 -13.89 71.65
N PRO C 692 0.45 -13.74 72.97
CA PRO C 692 1.15 -14.73 73.79
C PRO C 692 0.45 -16.08 73.75
N ASN C 693 1.24 -17.13 73.92
CA ASN C 693 0.72 -18.49 73.90
C ASN C 693 0.37 -18.95 75.31
N MET C 694 -0.45 -19.99 75.37
CA MET C 694 -1.03 -20.42 76.64
C MET C 694 0.05 -20.83 77.63
N THR C 695 -0.17 -20.51 78.90
CA THR C 695 0.75 -20.81 79.98
C THR C 695 0.12 -21.63 81.10
N ASN C 696 -1.11 -21.32 81.47
CA ASN C 696 -1.76 -21.96 82.61
C ASN C 696 -2.21 -23.37 82.22
N LEU C 697 -2.94 -24.02 83.13
CA LEU C 697 -3.41 -25.38 82.91
C LEU C 697 -4.92 -25.49 82.75
N ASP C 698 -5.67 -24.43 83.05
CA ASP C 698 -7.10 -24.47 82.79
C ASP C 698 -7.42 -24.29 81.32
N GLU C 699 -6.57 -23.59 80.59
CA GLU C 699 -6.79 -23.41 79.16
C GLU C 699 -6.74 -24.76 78.47
N LEU C 700 -5.83 -25.63 78.90
CA LEU C 700 -5.80 -26.99 78.37
C LEU C 700 -7.11 -27.71 78.64
N ASN C 701 -7.67 -27.50 79.83
CA ASN C 701 -8.95 -28.13 80.15
C ASN C 701 -10.05 -27.62 79.22
N ASN C 702 -10.06 -26.32 78.96
CA ASN C 702 -11.06 -25.77 78.05
C ASN C 702 -10.91 -26.35 76.66
N VAL C 703 -9.67 -26.45 76.19
CA VAL C 703 -9.42 -26.98 74.85
C VAL C 703 -9.88 -28.43 74.76
N MET C 704 -9.56 -29.22 75.78
CA MET C 704 -9.98 -30.63 75.79
C MET C 704 -11.50 -30.75 75.85
N ILE C 705 -12.14 -29.87 76.62
CA ILE C 705 -13.60 -29.89 76.68
C ILE C 705 -14.20 -29.60 75.32
N GLU C 706 -13.65 -28.60 74.62
CA GLU C 706 -14.17 -28.23 73.31
C GLU C 706 -13.68 -29.15 72.20
N SER C 707 -12.77 -30.08 72.49
CA SER C 707 -12.31 -31.04 71.50
C SER C 707 -12.93 -32.42 71.70
N ASN C 708 -13.54 -32.69 72.85
CA ASN C 708 -14.16 -33.98 73.11
C ASN C 708 -13.11 -35.09 73.08
N PHE C 709 -12.07 -34.92 73.90
CA PHE C 709 -11.01 -35.91 73.92
C PHE C 709 -11.45 -37.17 74.65
N LEU C 710 -11.80 -37.03 75.92
CA LEU C 710 -12.28 -38.15 76.73
C LEU C 710 -13.59 -37.78 77.38
N ASP C 711 -14.06 -38.62 78.29
CA ASP C 711 -15.14 -38.22 79.17
C ASP C 711 -14.60 -37.28 80.24
N ASP C 712 -15.51 -36.72 81.04
CA ASP C 712 -15.10 -35.80 82.09
C ASP C 712 -14.04 -36.45 82.97
N ALA C 713 -14.22 -37.73 83.28
CA ALA C 713 -13.25 -38.42 84.11
C ALA C 713 -11.88 -38.42 83.47
N GLY C 714 -11.83 -38.64 82.16
CA GLY C 714 -10.54 -38.65 81.47
C GLY C 714 -9.82 -37.32 81.56
N ARG C 715 -10.55 -36.23 81.31
CA ARG C 715 -9.98 -34.91 81.49
C ARG C 715 -9.46 -34.74 82.92
N VAL C 716 -10.23 -35.23 83.89
CA VAL C 716 -9.82 -35.10 85.28
C VAL C 716 -8.49 -35.80 85.51
N LYS C 717 -8.37 -37.04 85.05
CA LYS C 717 -7.14 -37.79 85.34
C LYS C 717 -5.95 -37.17 84.61
N VAL C 718 -6.15 -36.76 83.36
CA VAL C 718 -5.02 -36.19 82.61
C VAL C 718 -4.53 -34.92 83.28
N ILE C 719 -5.45 -34.04 83.71
CA ILE C 719 -5.01 -32.81 84.34
C ILE C 719 -4.36 -33.09 85.68
N ASN C 720 -4.90 -34.05 86.42
CA ASN C 720 -4.31 -34.41 87.71
C ASN C 720 -2.88 -34.88 87.52
N GLU C 721 -2.66 -35.76 86.55
CA GLU C 721 -1.31 -36.28 86.35
C GLU C 721 -0.39 -35.18 85.84
N LEU C 722 -0.87 -34.35 84.91
CA LEU C 722 -0.01 -33.33 84.34
C LEU C 722 0.45 -32.35 85.40
N SER C 723 -0.33 -32.18 86.47
CA SER C 723 0.10 -31.24 87.50
C SER C 723 1.43 -31.65 88.11
N ARG C 724 1.73 -32.95 88.12
CA ARG C 724 2.91 -33.45 88.80
C ARG C 724 4.19 -33.36 87.99
N SER C 725 4.09 -33.29 86.66
CA SER C 725 5.27 -33.38 85.80
C SER C 725 5.28 -32.29 84.75
N CYS C 726 4.86 -31.08 85.11
CA CYS C 726 4.86 -30.00 84.13
C CYS C 726 4.88 -28.63 84.82
N PRO C 727 6.06 -28.05 85.03
CA PRO C 727 6.13 -26.68 85.54
C PRO C 727 6.21 -25.67 84.40
N ASN C 728 5.70 -24.47 84.69
CA ASN C 728 5.66 -23.37 83.73
C ASN C 728 5.30 -23.88 82.33
N PHE C 729 4.16 -24.57 82.26
CA PHE C 729 3.67 -25.13 81.01
C PHE C 729 3.51 -24.04 79.96
N ASN C 730 4.08 -24.28 78.77
CA ASN C 730 4.09 -23.28 77.71
C ASN C 730 4.27 -24.01 76.38
N VAL C 731 3.20 -24.14 75.60
CA VAL C 731 3.25 -24.94 74.38
C VAL C 731 2.78 -24.17 73.14
N GLY C 732 1.58 -23.63 73.17
CA GLY C 732 0.98 -23.07 71.96
C GLY C 732 -0.12 -23.98 71.46
N ILE C 733 -1.19 -23.37 70.94
CA ILE C 733 -2.40 -24.12 70.64
C ILE C 733 -2.22 -25.02 69.43
N LYS C 734 -1.53 -24.55 68.39
CA LYS C 734 -1.43 -25.33 67.17
C LYS C 734 -0.81 -26.70 67.43
N LYS C 735 0.14 -26.75 68.36
CA LYS C 735 0.74 -28.04 68.71
C LYS C 735 -0.19 -28.85 69.60
N THR C 736 -0.92 -28.18 70.49
CA THR C 736 -1.82 -28.87 71.40
C THR C 736 -2.89 -29.63 70.63
N LEU C 737 -3.48 -28.98 69.64
CA LEU C 737 -4.54 -29.64 68.88
C LEU C 737 -4.01 -30.87 68.17
N THR C 738 -2.83 -30.76 67.56
CA THR C 738 -2.25 -31.90 66.87
C THR C 738 -1.95 -33.03 67.84
N ASN C 739 -1.44 -32.69 69.03
CA ASN C 739 -1.14 -33.73 70.00
C ASN C 739 -2.40 -34.44 70.45
N ILE C 740 -3.49 -33.69 70.67
CA ILE C 740 -4.74 -34.33 71.04
C ILE C 740 -5.22 -35.25 69.92
N GLU C 741 -5.14 -34.76 68.68
CA GLU C 741 -5.63 -35.53 67.56
C GLU C 741 -4.87 -36.84 67.43
N THR C 742 -3.54 -36.79 67.58
CA THR C 742 -2.77 -38.00 67.40
C THR C 742 -2.89 -38.90 68.63
N ALA C 743 -3.10 -38.32 69.81
CA ALA C 743 -3.22 -39.12 71.02
C ALA C 743 -4.56 -39.82 71.11
N ARG C 744 -5.50 -39.48 70.24
CA ARG C 744 -6.80 -40.13 70.31
C ARG C 744 -6.75 -41.59 69.89
N HIS C 745 -5.68 -42.02 69.21
CA HIS C 745 -5.60 -43.38 68.67
C HIS C 745 -4.75 -44.32 69.51
N ASP C 746 -3.56 -43.88 69.93
CA ASP C 746 -2.61 -44.81 70.54
C ASP C 746 -3.10 -45.23 71.92
N GLU C 747 -3.18 -44.28 72.85
CA GLU C 747 -3.65 -44.58 74.21
C GLU C 747 -4.35 -43.32 74.71
N ASP C 748 -5.67 -43.31 74.54
CA ASP C 748 -6.45 -42.18 75.03
C ASP C 748 -6.27 -41.98 76.53
N PRO C 749 -5.93 -42.99 77.33
CA PRO C 749 -5.57 -42.72 78.72
C PRO C 749 -4.45 -41.70 78.81
N VAL C 750 -4.15 -41.31 80.06
CA VAL C 750 -3.29 -40.17 80.31
C VAL C 750 -1.94 -40.36 79.62
N ASN C 751 -1.45 -41.60 79.59
CA ASN C 751 -0.03 -41.84 79.31
C ASN C 751 0.41 -41.13 78.04
N GLU C 752 -0.33 -41.34 76.95
CA GLU C 752 0.13 -40.84 75.66
C GLU C 752 0.13 -39.31 75.64
N LEU C 753 -0.97 -38.71 76.09
CA LEU C 753 -1.05 -37.25 76.07
C LEU C 753 0.01 -36.62 76.96
N VAL C 754 0.21 -37.18 78.16
CA VAL C 754 1.22 -36.66 79.06
C VAL C 754 2.60 -36.75 78.43
N GLU C 755 2.91 -37.91 77.84
CA GLU C 755 4.22 -38.08 77.22
C GLU C 755 4.43 -37.07 76.10
N LEU C 756 3.43 -36.93 75.24
CA LEU C 756 3.57 -36.03 74.11
C LEU C 756 3.72 -34.58 74.57
N MET C 757 2.92 -34.17 75.55
CA MET C 757 2.96 -32.78 75.98
C MET C 757 4.22 -32.49 76.77
N THR C 758 4.80 -33.50 77.43
CA THR C 758 6.07 -33.30 78.10
C THR C 758 7.20 -33.21 77.09
N GLN C 759 7.20 -34.09 76.09
CA GLN C 759 8.29 -34.08 75.11
C GLN C 759 8.19 -32.90 74.16
N SER C 760 7.02 -32.29 74.02
CA SER C 760 6.85 -31.18 73.11
C SER C 760 7.06 -29.83 73.77
N ALA C 761 6.70 -29.69 75.05
CA ALA C 761 6.86 -28.42 75.75
C ALA C 761 8.33 -28.05 75.82
N ASP D 21 -12.49 75.36 -9.31
CA ASP D 21 -12.67 76.17 -8.11
C ASP D 21 -13.82 75.62 -7.26
N MET D 22 -13.47 75.08 -6.10
CA MET D 22 -14.44 74.44 -5.21
C MET D 22 -14.80 75.31 -4.00
N THR D 23 -14.40 76.59 -4.00
CA THR D 23 -14.61 77.41 -2.82
C THR D 23 -16.10 77.59 -2.50
N ASN D 24 -16.92 77.83 -3.52
CA ASN D 24 -18.34 78.11 -3.33
C ASN D 24 -19.16 77.08 -4.09
N MET D 25 -20.06 76.39 -3.39
CA MET D 25 -20.97 75.44 -4.00
C MET D 25 -22.00 75.03 -2.96
N ASP D 26 -23.22 74.74 -3.44
CA ASP D 26 -24.29 74.34 -2.54
C ASP D 26 -24.01 72.94 -2.01
N THR D 27 -23.88 72.82 -0.69
CA THR D 27 -23.54 71.57 -0.04
C THR D 27 -24.76 70.81 0.45
N ARG D 28 -25.96 71.27 0.14
CA ARG D 28 -27.17 70.63 0.65
C ARG D 28 -27.26 69.20 0.17
N THR D 29 -27.70 68.31 1.06
CA THR D 29 -27.82 66.90 0.74
C THR D 29 -28.98 66.65 -0.21
N ARG D 30 -28.80 65.69 -1.11
CA ARG D 30 -29.84 65.29 -2.04
C ARG D 30 -29.93 63.76 -2.07
N HIS D 31 -31.15 63.25 -2.16
CA HIS D 31 -31.39 61.82 -2.28
C HIS D 31 -31.65 61.50 -3.75
N LEU D 32 -30.80 60.66 -4.34
CA LEU D 32 -30.83 60.40 -5.77
C LEU D 32 -30.94 58.91 -6.03
N LYS D 33 -31.66 58.57 -7.09
CA LYS D 33 -31.89 57.18 -7.46
C LYS D 33 -30.75 56.68 -8.35
N VAL D 34 -30.32 55.46 -8.10
CA VAL D 34 -29.28 54.81 -8.90
C VAL D 34 -29.95 54.20 -10.12
N SER D 35 -29.44 54.54 -11.29
CA SER D 35 -30.05 54.03 -12.53
C SER D 35 -28.94 53.56 -13.46
N ASN D 36 -29.35 52.91 -14.54
CA ASN D 36 -28.41 52.39 -15.51
C ASN D 36 -27.64 53.54 -16.15
N CYS D 37 -26.38 53.27 -16.47
CA CYS D 37 -25.56 54.31 -17.07
C CYS D 37 -26.14 54.70 -18.42
N PRO D 38 -26.05 55.98 -18.80
CA PRO D 38 -26.65 56.40 -20.08
C PRO D 38 -26.06 55.72 -21.29
N ASN D 39 -24.76 55.43 -21.25
CA ASN D 39 -24.10 54.77 -22.37
C ASN D 39 -22.69 54.38 -21.94
N ASN D 40 -21.99 53.66 -22.82
CA ASN D 40 -20.66 53.19 -22.50
C ASN D 40 -19.66 54.34 -22.37
N SER D 41 -19.80 55.41 -23.15
CA SER D 41 -18.85 56.51 -23.05
C SER D 41 -18.86 57.14 -21.65
N TYR D 42 -20.05 57.35 -21.10
CA TYR D 42 -20.15 57.92 -19.77
C TYR D 42 -19.57 56.96 -18.74
N ALA D 43 -19.82 55.66 -18.91
CA ALA D 43 -19.25 54.69 -17.98
C ALA D 43 -17.73 54.73 -18.04
N LEU D 44 -17.18 54.87 -19.25
CA LEU D 44 -15.74 54.90 -19.41
C LEU D 44 -15.15 56.11 -18.70
N ALA D 45 -15.82 57.27 -18.81
CA ALA D 45 -15.27 58.46 -18.18
C ALA D 45 -15.21 58.36 -16.67
N ASN D 46 -16.00 57.47 -16.06
CA ASN D 46 -16.01 57.30 -14.61
C ASN D 46 -16.30 58.62 -13.90
N VAL D 47 -17.22 59.39 -14.47
CA VAL D 47 -17.63 60.67 -13.91
C VAL D 47 -19.13 60.64 -13.69
N ALA D 48 -19.56 61.06 -12.51
CA ALA D 48 -20.98 61.11 -12.21
C ALA D 48 -21.66 62.12 -13.12
N ALA D 49 -22.54 61.64 -13.99
CA ALA D 49 -23.27 62.50 -14.91
C ALA D 49 -24.50 63.05 -14.20
N VAL D 50 -24.61 64.37 -14.13
CA VAL D 50 -25.69 65.03 -13.42
C VAL D 50 -26.25 66.13 -14.32
N SER D 51 -27.47 66.53 -14.03
CA SER D 51 -28.09 67.63 -14.76
C SER D 51 -27.53 68.95 -14.27
N PRO D 52 -27.59 69.99 -15.09
CA PRO D 52 -27.11 71.31 -14.63
C PRO D 52 -27.85 71.78 -13.39
N ASN D 53 -29.13 71.46 -13.26
CA ASN D 53 -29.90 71.84 -12.08
C ASN D 53 -29.49 71.05 -10.84
N ASP D 54 -28.80 69.92 -11.02
CA ASP D 54 -28.40 69.10 -9.88
C ASP D 54 -27.20 69.70 -9.16
N PHE D 55 -26.10 69.89 -9.87
CA PHE D 55 -24.89 70.41 -9.26
C PHE D 55 -24.05 71.09 -10.32
N PRO D 56 -23.15 71.99 -9.93
CA PRO D 56 -22.26 72.62 -10.91
C PRO D 56 -21.44 71.58 -11.66
N ASN D 57 -20.73 72.05 -12.68
CA ASN D 57 -19.95 71.18 -13.54
C ASN D 57 -18.51 71.09 -13.05
N ASN D 58 -17.96 69.86 -13.11
CA ASN D 58 -16.56 69.62 -12.78
C ASN D 58 -16.24 69.94 -11.33
N ILE D 59 -17.03 69.36 -10.42
CA ILE D 59 -16.80 69.47 -8.99
C ILE D 59 -16.87 68.09 -8.36
N TYR D 60 -16.14 67.91 -7.27
CA TYR D 60 -16.11 66.63 -6.58
C TYR D 60 -17.29 66.52 -5.62
N ILE D 61 -18.00 65.40 -5.68
CA ILE D 61 -19.17 65.16 -4.85
C ILE D 61 -18.98 63.83 -4.14
N ILE D 62 -19.33 63.79 -2.87
CA ILE D 62 -19.28 62.58 -2.08
C ILE D 62 -20.69 62.00 -1.99
N ILE D 63 -20.75 60.68 -1.86
CA ILE D 63 -22.00 59.95 -1.79
C ILE D 63 -21.88 58.97 -0.63
N ASP D 64 -22.87 58.97 0.26
CA ASP D 64 -22.86 58.13 1.45
C ASP D 64 -21.63 58.40 2.30
N ASN D 65 -21.02 59.57 2.14
CA ASN D 65 -19.81 59.97 2.85
C ASN D 65 -18.63 59.06 2.57
N LEU D 66 -18.73 58.21 1.54
CA LEU D 66 -17.66 57.26 1.23
C LEU D 66 -17.21 57.30 -0.21
N PHE D 67 -18.12 57.50 -1.17
CA PHE D 67 -17.83 57.33 -2.59
C PHE D 67 -17.75 58.69 -3.26
N VAL D 68 -16.56 59.07 -3.71
CA VAL D 68 -16.31 60.39 -4.26
C VAL D 68 -16.21 60.29 -5.77
N PHE D 69 -16.87 61.20 -6.48
CA PHE D 69 -16.85 61.20 -7.95
C PHE D 69 -16.91 62.62 -8.47
N THR D 70 -16.40 62.81 -9.67
CA THR D 70 -16.40 64.12 -10.32
C THR D 70 -17.67 64.28 -11.14
N THR D 71 -18.34 65.41 -10.97
CA THR D 71 -19.60 65.68 -11.66
C THR D 71 -19.34 66.20 -13.06
N ARG D 72 -20.19 65.79 -13.99
CA ARG D 72 -20.19 66.33 -15.34
C ARG D 72 -21.63 66.57 -15.79
N HIS D 73 -21.87 67.73 -16.39
CA HIS D 73 -23.20 68.06 -16.85
C HIS D 73 -23.67 67.05 -17.90
N SER D 74 -24.92 66.62 -17.78
CA SER D 74 -25.53 65.68 -18.71
C SER D 74 -27.01 66.01 -18.81
N ASN D 75 -27.47 66.29 -20.03
CA ASN D 75 -28.87 66.61 -20.25
C ASN D 75 -29.75 65.39 -20.37
N ASP D 76 -29.15 64.20 -20.54
CA ASP D 76 -29.92 62.98 -20.65
C ASP D 76 -30.38 62.43 -19.31
N ILE D 77 -29.86 62.95 -18.21
CA ILE D 77 -30.22 62.51 -16.87
C ILE D 77 -31.11 63.59 -16.25
N PRO D 78 -32.35 63.30 -15.90
CA PRO D 78 -33.21 64.33 -15.34
C PRO D 78 -32.73 64.76 -13.97
N PRO D 79 -33.07 65.97 -13.53
CA PRO D 79 -32.66 66.40 -12.19
C PRO D 79 -33.20 65.46 -11.12
N GLY D 80 -32.40 65.27 -10.07
CA GLY D 80 -32.76 64.40 -8.98
C GLY D 80 -32.39 62.95 -9.16
N THR D 81 -31.65 62.61 -10.22
CA THR D 81 -31.22 61.25 -10.47
C THR D 81 -29.71 61.23 -10.71
N ILE D 82 -29.07 60.15 -10.27
CA ILE D 82 -27.63 59.98 -10.37
C ILE D 82 -27.35 58.71 -11.15
N GLY D 83 -26.43 58.79 -12.10
CA GLY D 83 -26.06 57.66 -12.93
C GLY D 83 -24.82 56.96 -12.40
N PHE D 84 -24.83 55.63 -12.45
CA PHE D 84 -23.71 54.82 -12.02
C PHE D 84 -23.48 53.71 -13.04
N ASN D 85 -22.25 53.20 -13.06
CA ASN D 85 -21.91 52.04 -13.86
C ASN D 85 -21.89 50.79 -12.99
N GLY D 86 -21.69 49.64 -13.63
CA GLY D 86 -21.70 48.39 -12.90
C GLY D 86 -20.62 48.29 -11.84
N ASN D 87 -19.42 48.75 -12.15
CA ASN D 87 -18.32 48.66 -11.20
C ASN D 87 -18.58 49.50 -9.95
N GLN D 88 -19.15 50.68 -10.12
CA GLN D 88 -19.47 51.53 -8.97
C GLN D 88 -20.51 50.86 -8.08
N ARG D 89 -21.54 50.26 -8.70
CA ARG D 89 -22.53 49.54 -7.92
C ARG D 89 -21.89 48.37 -7.19
N THR D 90 -20.98 47.66 -7.86
CA THR D 90 -20.30 46.56 -7.20
C THR D 90 -19.50 47.05 -6.00
N TRP D 91 -18.80 48.18 -6.15
CA TRP D 91 -18.06 48.78 -5.05
C TRP D 91 -18.99 49.15 -3.90
N GLY D 92 -20.13 49.75 -4.20
CA GLY D 92 -21.09 50.14 -3.19
C GLY D 92 -22.15 49.11 -2.86
N GLY D 93 -22.18 48.01 -3.62
CA GLY D 93 -23.20 47.00 -3.44
C GLY D 93 -24.61 47.51 -3.64
N TRP D 94 -24.83 48.30 -4.69
CA TRP D 94 -26.12 48.93 -4.90
C TRP D 94 -26.91 48.23 -6.01
N SER D 95 -28.23 48.24 -5.86
CA SER D 95 -29.15 47.72 -6.85
C SER D 95 -29.73 48.87 -7.68
N LEU D 96 -30.37 48.51 -8.79
CA LEU D 96 -31.01 49.52 -9.62
C LEU D 96 -32.17 50.14 -8.84
N ASN D 97 -32.37 51.44 -9.06
CA ASN D 97 -33.38 52.25 -8.40
C ASN D 97 -33.12 52.47 -6.92
N GLN D 98 -31.93 52.13 -6.43
CA GLN D 98 -31.62 52.35 -5.02
C GLN D 98 -31.40 53.82 -4.74
N ASP D 99 -31.80 54.25 -3.55
CA ASP D 99 -31.67 55.65 -3.15
C ASP D 99 -30.38 55.85 -2.37
N VAL D 100 -29.61 56.87 -2.76
CA VAL D 100 -28.34 57.18 -2.14
C VAL D 100 -28.29 58.66 -1.80
N GLN D 101 -27.46 58.99 -0.81
CA GLN D 101 -27.30 60.36 -0.33
C GLN D 101 -26.08 60.98 -0.99
N ALA D 102 -26.23 62.19 -1.51
CA ALA D 102 -25.16 62.90 -2.20
C ALA D 102 -24.98 64.28 -1.58
N LYS D 103 -23.72 64.66 -1.38
CA LYS D 103 -23.37 65.97 -0.86
C LYS D 103 -22.11 66.47 -1.57
N ALA D 104 -21.86 67.76 -1.45
CA ALA D 104 -20.62 68.31 -1.95
C ALA D 104 -19.44 67.79 -1.13
N PHE D 105 -18.28 67.69 -1.78
CA PHE D 105 -17.11 67.13 -1.13
C PHE D 105 -15.95 68.12 -1.24
N ASP D 106 -15.12 68.14 -0.19
CA ASP D 106 -13.91 68.98 -0.14
C ASP D 106 -12.79 68.14 0.46
N LEU D 107 -12.00 67.52 -0.40
CA LEU D 107 -10.90 66.67 0.07
C LEU D 107 -9.82 67.49 0.77
N PHE D 108 -9.59 68.73 0.32
CA PHE D 108 -8.50 69.51 0.88
C PHE D 108 -8.73 69.79 2.36
N LYS D 109 -9.95 70.17 2.74
CA LYS D 109 -10.25 70.38 4.15
C LYS D 109 -10.12 69.09 4.94
N TYR D 110 -10.62 67.98 4.40
CA TYR D 110 -10.61 66.71 5.13
C TYR D 110 -9.18 66.23 5.39
N SER D 111 -8.35 66.19 4.35
CA SER D 111 -6.99 65.68 4.50
C SER D 111 -6.04 66.70 5.11
N GLY D 112 -6.26 67.99 4.84
CA GLY D 112 -5.39 69.01 5.38
C GLY D 112 -4.13 69.22 4.55
N LYS D 113 -3.22 68.25 4.59
CA LYS D 113 -1.96 68.35 3.86
C LYS D 113 -1.77 67.28 2.79
N GLN D 114 -2.08 66.02 3.09
CA GLN D 114 -1.90 64.93 2.12
C GLN D 114 -3.02 65.00 1.10
N SER D 115 -2.75 65.71 0.00
CA SER D 115 -3.75 65.92 -1.04
C SER D 115 -3.39 65.25 -2.37
N TYR D 116 -2.18 64.74 -2.51
CA TYR D 116 -1.69 64.17 -3.76
C TYR D 116 -1.42 62.68 -3.59
N LEU D 117 -1.37 61.99 -4.72
CA LEU D 117 -1.14 60.55 -4.73
C LEU D 117 0.34 60.30 -5.05
N GLY D 118 1.04 59.66 -4.11
CA GLY D 118 2.44 59.36 -4.30
C GLY D 118 2.66 58.03 -5.00
N SER D 119 2.13 56.95 -4.41
CA SER D 119 2.25 55.62 -4.99
C SER D 119 0.89 54.95 -4.98
N ILE D 120 0.49 54.42 -6.12
CA ILE D 120 -0.82 53.79 -6.29
C ILE D 120 -0.61 52.39 -6.86
N ASP D 121 -1.20 51.39 -6.20
CA ASP D 121 -1.13 50.02 -6.69
C ASP D 121 -2.47 49.62 -7.29
N ILE D 122 -2.43 49.05 -8.50
CA ILE D 122 -3.62 48.70 -9.25
C ILE D 122 -3.53 47.24 -9.65
N ASP D 123 -4.54 46.46 -9.27
CA ASP D 123 -4.69 45.09 -9.73
C ASP D 123 -5.48 45.09 -11.04
N ILE D 124 -4.94 44.44 -12.05
CA ILE D 124 -5.52 44.43 -13.39
C ILE D 124 -6.06 43.03 -13.68
N SER D 125 -7.29 42.96 -14.16
CA SER D 125 -7.93 41.69 -14.49
C SER D 125 -8.70 41.82 -15.79
N PHE D 126 -8.89 40.68 -16.46
CA PHE D 126 -9.71 40.63 -17.66
C PHE D 126 -11.18 40.64 -17.27
N ARG D 127 -11.95 41.56 -17.85
CA ARG D 127 -13.38 41.60 -17.57
C ARG D 127 -14.06 40.33 -18.07
N ALA D 128 -13.66 39.83 -19.23
CA ALA D 128 -14.19 38.60 -19.79
C ALA D 128 -13.07 37.57 -19.84
N ARG D 129 -13.33 36.38 -19.29
CA ARG D 129 -12.30 35.34 -19.28
C ARG D 129 -11.99 34.86 -20.69
N GLY D 130 -12.96 34.93 -21.59
CA GLY D 130 -12.75 34.48 -22.95
C GLY D 130 -12.02 35.45 -23.84
N LYS D 131 -11.71 36.64 -23.32
CA LYS D 131 -11.00 37.67 -24.08
C LYS D 131 -9.52 37.75 -23.73
N ALA D 132 -8.98 36.71 -23.09
CA ALA D 132 -7.58 36.72 -22.71
C ALA D 132 -6.70 36.88 -23.94
N VAL D 133 -5.72 37.78 -23.86
CA VAL D 133 -4.82 38.07 -24.96
C VAL D 133 -3.38 38.00 -24.46
N SER D 134 -2.52 37.35 -25.23
CA SER D 134 -1.11 37.26 -24.91
C SER D 134 -0.33 38.51 -25.29
N THR D 135 -1.01 39.61 -25.59
CA THR D 135 -0.32 40.83 -25.96
C THR D 135 0.47 41.38 -24.78
N VAL D 136 1.64 41.94 -25.08
CA VAL D 136 2.51 42.50 -24.04
C VAL D 136 2.04 43.92 -23.75
N PHE D 137 1.62 44.15 -22.51
CA PHE D 137 1.08 45.44 -22.09
C PHE D 137 2.19 46.27 -21.47
N ASP D 138 2.36 47.49 -21.97
CA ASP D 138 3.36 48.40 -21.42
C ASP D 138 2.75 49.10 -20.23
N GLN D 139 3.38 48.97 -19.07
CA GLN D 139 2.88 49.63 -17.86
C GLN D 139 2.98 51.15 -17.99
N ASP D 140 4.02 51.64 -18.65
CA ASP D 140 4.13 53.07 -18.88
C ASP D 140 2.97 53.60 -19.71
N GLU D 141 2.58 52.86 -20.75
CA GLU D 141 1.44 53.27 -21.55
C GLU D 141 0.16 53.24 -20.73
N LEU D 142 0.02 52.23 -19.86
CA LEU D 142 -1.16 52.17 -19.00
C LEU D 142 -1.24 53.38 -18.08
N ALA D 143 -0.12 53.73 -17.46
CA ALA D 143 -0.09 54.90 -16.59
C ALA D 143 -0.37 56.17 -17.38
N LYS D 144 0.20 56.28 -18.57
CA LYS D 144 -0.05 57.46 -19.39
C LYS D 144 -1.51 57.58 -19.76
N GLN D 145 -2.15 56.47 -20.12
CA GLN D 145 -3.58 56.49 -20.40
C GLN D 145 -4.37 56.87 -19.16
N PHE D 146 -3.98 56.33 -18.00
CA PHE D 146 -4.69 56.64 -16.77
C PHE D 146 -4.64 58.13 -16.47
N VAL D 147 -3.46 58.74 -16.61
CA VAL D 147 -3.34 60.17 -16.34
C VAL D 147 -4.06 60.98 -17.41
N ARG D 148 -3.97 60.55 -18.66
CA ARG D 148 -4.56 61.28 -19.77
C ARG D 148 -6.08 61.31 -19.67
N CYS D 149 -6.69 60.18 -19.31
CA CYS D 149 -8.14 60.10 -19.32
C CYS D 149 -8.74 60.63 -18.02
N TYR D 150 -8.09 60.40 -16.89
CA TYR D 150 -8.60 60.80 -15.59
C TYR D 150 -7.54 61.64 -14.89
N GLU D 151 -7.76 62.95 -14.87
CA GLU D 151 -6.87 63.87 -14.20
C GLU D 151 -7.62 64.64 -13.12
N SER D 152 -6.92 64.94 -12.02
CA SER D 152 -7.49 65.69 -10.92
C SER D 152 -8.76 65.03 -10.38
N GLN D 153 -8.76 63.71 -10.32
CA GLN D 153 -9.87 62.95 -9.78
C GLN D 153 -9.48 62.39 -8.42
N ILE D 154 -10.49 62.13 -7.59
CA ILE D 154 -10.30 61.59 -6.25
C ILE D 154 -10.58 60.10 -6.28
N PHE D 155 -9.64 59.31 -5.79
CA PHE D 155 -9.74 57.87 -5.78
C PHE D 155 -9.40 57.33 -4.41
N SER D 156 -10.01 56.21 -4.06
CA SER D 156 -9.86 55.58 -2.76
C SER D 156 -9.55 54.10 -2.94
N PRO D 157 -8.93 53.47 -1.95
CA PRO D 157 -8.65 52.03 -2.05
C PRO D 157 -9.92 51.23 -2.26
N THR D 158 -9.79 50.15 -3.03
CA THR D 158 -10.83 49.22 -3.43
C THR D 158 -11.77 49.80 -4.47
N GLN D 159 -11.57 51.06 -4.88
CA GLN D 159 -12.40 51.64 -5.94
C GLN D 159 -12.11 50.94 -7.27
N TYR D 160 -13.18 50.68 -8.02
CA TYR D 160 -13.09 49.94 -9.27
C TYR D 160 -13.19 50.87 -10.48
N LEU D 161 -12.61 50.43 -11.59
CA LEU D 161 -12.65 51.18 -12.83
C LEU D 161 -12.62 50.23 -14.01
N ILE D 162 -13.19 50.68 -15.12
CA ILE D 162 -13.19 49.94 -16.37
C ILE D 162 -12.32 50.73 -17.36
N MET D 163 -11.28 50.09 -17.89
CA MET D 163 -10.33 50.74 -18.76
C MET D 163 -10.38 50.13 -20.16
N GLU D 164 -10.42 50.99 -21.17
CA GLU D 164 -10.42 50.57 -22.56
C GLU D 164 -9.07 50.97 -23.17
N PHE D 165 -8.20 49.98 -23.32
CA PHE D 165 -6.86 50.18 -23.84
C PHE D 165 -6.73 49.43 -25.16
N GLN D 166 -6.60 50.16 -26.26
CA GLN D 166 -6.47 49.57 -27.59
C GLN D 166 -7.61 48.58 -27.86
N GLY D 167 -8.81 48.96 -27.42
CA GLY D 167 -9.98 48.15 -27.64
C GLY D 167 -10.18 47.03 -26.65
N HIS D 168 -9.27 46.86 -25.70
CA HIS D 168 -9.35 45.80 -24.70
C HIS D 168 -9.92 46.38 -23.40
N PHE D 169 -10.90 45.70 -22.84
CA PHE D 169 -11.58 46.15 -21.63
C PHE D 169 -11.02 45.41 -20.42
N PHE D 170 -10.57 46.17 -19.43
CA PHE D 170 -9.97 45.61 -18.23
C PHE D 170 -10.65 46.18 -17.00
N ASP D 171 -10.69 45.37 -15.95
CA ASP D 171 -11.16 45.80 -14.64
C ASP D 171 -9.94 46.12 -13.78
N LEU D 172 -9.91 47.35 -13.27
CA LEU D 172 -8.81 47.82 -12.43
C LEU D 172 -9.34 48.10 -11.03
N LYS D 173 -8.66 47.53 -10.03
CA LYS D 173 -9.01 47.72 -8.63
C LYS D 173 -7.80 48.32 -7.94
N ILE D 174 -7.99 49.46 -7.29
CA ILE D 174 -6.91 50.13 -6.57
C ILE D 174 -6.72 49.39 -5.25
N ARG D 175 -5.69 48.55 -5.16
CA ARG D 175 -5.54 47.76 -3.94
C ARG D 175 -5.05 48.62 -2.78
N ASN D 176 -4.14 49.55 -3.05
CA ASN D 176 -3.67 50.44 -2.00
C ASN D 176 -3.26 51.77 -2.60
N VAL D 177 -3.21 52.78 -1.73
CA VAL D 177 -2.92 54.16 -2.09
C VAL D 177 -2.03 54.77 -1.02
N GLN D 178 -1.14 55.66 -1.46
CA GLN D 178 -0.29 56.43 -0.57
C GLN D 178 -0.56 57.91 -0.83
N ALA D 179 -0.91 58.65 0.23
CA ALA D 179 -1.21 60.07 0.13
C ALA D 179 -0.04 60.87 0.66
N ILE D 180 0.39 61.88 -0.10
CA ILE D 180 1.54 62.70 0.23
C ILE D 180 1.15 64.16 0.02
N ASP D 181 1.81 65.05 0.75
CA ASP D 181 1.61 66.48 0.63
C ASP D 181 2.69 67.06 -0.27
N LEU D 182 2.36 68.15 -0.96
CA LEU D 182 3.32 68.83 -1.80
C LEU D 182 4.49 69.35 -0.95
N GLY D 183 5.70 69.16 -1.46
CA GLY D 183 6.90 69.56 -0.76
C GLY D 183 7.60 68.45 0.00
N ASP D 184 7.02 67.25 0.03
CA ASP D 184 7.62 66.11 0.71
C ASP D 184 8.60 65.45 -0.27
N ILE D 185 9.90 65.63 -0.02
CA ILE D 185 10.91 65.09 -0.91
C ILE D 185 10.89 63.56 -0.88
N GLU D 186 10.68 62.99 0.32
CA GLU D 186 10.68 61.54 0.49
C GLU D 186 9.29 61.06 0.90
N PRO D 187 8.84 59.91 0.38
CA PRO D 187 7.51 59.39 0.78
C PRO D 187 7.54 58.65 2.10
N THR D 188 7.83 59.40 3.17
CA THR D 188 7.92 58.80 4.50
C THR D 188 6.57 58.38 5.05
N SER D 189 5.47 58.81 4.42
CA SER D 189 4.15 58.42 4.87
C SER D 189 3.91 56.94 4.62
N ALA D 190 3.33 56.26 5.59
CA ALA D 190 3.05 54.84 5.44
C ALA D 190 1.94 54.63 4.41
N VAL D 191 2.11 53.61 3.57
CA VAL D 191 1.09 53.27 2.58
C VAL D 191 -0.13 52.72 3.32
N ALA D 192 -1.30 53.30 3.04
CA ALA D 192 -2.53 52.98 3.74
C ALA D 192 -3.44 52.16 2.85
N THR D 193 -3.94 51.05 3.38
CA THR D 193 -4.97 50.25 2.72
C THR D 193 -6.37 50.63 3.16
N GLY D 194 -6.50 51.59 4.08
CA GLY D 194 -7.82 51.99 4.54
C GLY D 194 -8.49 52.95 3.55
N ILE D 195 -9.81 52.81 3.42
CA ILE D 195 -10.56 53.64 2.48
C ILE D 195 -10.59 55.09 2.91
N GLU D 196 -10.16 55.40 4.14
CA GLU D 196 -10.16 56.77 4.61
C GLU D 196 -9.26 57.65 3.76
N THR D 197 -8.10 57.13 3.38
CA THR D 197 -7.14 57.91 2.63
C THR D 197 -7.61 58.13 1.19
N LYS D 198 -7.52 59.37 0.73
CA LYS D 198 -7.84 59.72 -0.64
C LYS D 198 -6.83 60.76 -1.11
N GLY D 199 -6.70 60.88 -2.43
CA GLY D 199 -5.73 61.80 -3.00
C GLY D 199 -6.14 62.25 -4.38
N ILE D 200 -5.34 63.17 -4.92
CA ILE D 200 -5.55 63.73 -6.26
C ILE D 200 -4.46 63.21 -7.18
N LEU D 201 -4.87 62.68 -8.32
CA LEU D 201 -3.91 62.12 -9.25
C LEU D 201 -3.03 63.20 -9.84
N THR D 202 -1.75 62.87 -10.05
CA THR D 202 -0.79 63.78 -10.63
C THR D 202 0.00 63.06 -11.71
N LYS D 203 0.65 63.85 -12.56
CA LYS D 203 1.44 63.31 -13.66
C LYS D 203 2.72 62.62 -13.21
N GLN D 204 2.98 62.53 -11.91
CA GLN D 204 4.19 61.91 -11.41
C GLN D 204 3.93 60.75 -10.45
N THR D 205 2.66 60.43 -10.16
CA THR D 205 2.37 59.35 -9.24
C THR D 205 2.95 58.04 -9.75
N GLN D 206 3.60 57.30 -8.86
CA GLN D 206 4.19 56.01 -9.20
C GLN D 206 3.10 54.96 -9.22
N ILE D 207 2.80 54.44 -10.41
CA ILE D 207 1.71 53.48 -10.62
C ILE D 207 2.33 52.11 -10.74
N ASN D 208 1.99 51.21 -9.81
CA ASN D 208 2.47 49.84 -9.83
C ASN D 208 1.32 48.91 -10.15
N PHE D 209 1.47 48.10 -11.19
CA PHE D 209 0.43 47.20 -11.66
C PHE D 209 0.73 45.77 -11.21
N PHE D 210 -0.29 45.13 -10.63
CA PHE D 210 -0.20 43.74 -10.20
C PHE D 210 -1.27 42.92 -10.91
N LYS D 211 -1.01 41.62 -11.01
CA LYS D 211 -1.99 40.72 -11.59
C LYS D 211 -3.24 40.69 -10.74
N GLY D 212 -4.39 40.61 -11.40
CA GLY D 212 -5.64 40.45 -10.71
C GLY D 212 -5.76 39.09 -10.07
N ARG D 213 -6.79 38.95 -9.23
CA ARG D 213 -7.02 37.68 -8.55
C ARG D 213 -7.16 36.52 -9.52
N ASP D 214 -7.65 36.81 -10.74
CA ASP D 214 -7.73 35.77 -11.76
C ASP D 214 -6.35 35.39 -12.27
N GLY D 215 -5.43 36.34 -12.34
CA GLY D 215 -4.08 36.07 -12.81
C GLY D 215 -3.98 35.69 -14.26
N LEU D 216 -4.70 36.40 -15.14
CA LEU D 216 -4.64 36.12 -16.57
C LEU D 216 -3.93 37.20 -17.37
N VAL D 217 -3.80 38.41 -16.85
CA VAL D 217 -3.18 39.51 -17.58
C VAL D 217 -1.66 39.33 -17.56
N ASN D 218 -1.05 39.34 -18.74
CA ASN D 218 0.40 39.25 -18.91
C ASN D 218 1.02 40.65 -19.02
N LEU D 219 1.46 41.19 -17.89
CA LEU D 219 2.07 42.51 -17.89
C LEU D 219 3.53 42.46 -18.34
N LYS D 220 3.96 43.51 -19.04
CA LYS D 220 5.38 43.77 -19.22
C LYS D 220 5.98 44.35 -17.95
N SER D 221 7.22 43.96 -17.67
CA SER D 221 8.15 44.80 -16.90
C SER D 221 8.69 45.91 -17.79
N SER D 222 8.17 47.13 -17.61
CA SER D 222 8.80 48.28 -18.21
C SER D 222 10.15 48.54 -17.55
N ASN D 223 10.87 49.53 -18.07
CA ASN D 223 12.26 49.75 -17.67
C ASN D 223 12.42 50.07 -16.19
N SER D 224 11.35 50.49 -15.52
CA SER D 224 11.40 50.68 -14.07
C SER D 224 11.78 49.40 -13.35
N LEU D 225 12.82 49.48 -12.51
CA LEU D 225 13.21 48.35 -11.67
C LEU D 225 12.36 48.24 -10.42
N ARG D 226 11.06 48.49 -10.57
CA ARG D 226 10.09 48.43 -9.50
C ARG D 226 9.98 47.01 -8.94
N PRO D 227 9.42 46.87 -7.74
CA PRO D 227 9.31 45.54 -7.11
C PRO D 227 8.44 44.56 -7.88
N ARG D 228 7.57 45.04 -8.76
CA ARG D 228 6.58 44.21 -9.42
C ARG D 228 7.16 42.95 -10.05
N SER D 229 6.66 41.81 -9.59
CA SER D 229 6.94 40.50 -10.15
C SER D 229 5.71 39.65 -9.89
N ASN D 230 5.67 38.44 -10.45
CA ASN D 230 4.64 37.49 -10.04
C ASN D 230 5.02 37.13 -8.60
N ALA D 231 4.62 38.00 -7.68
CA ALA D 231 5.08 37.91 -6.30
C ALA D 231 4.63 36.63 -5.63
N VAL D 232 5.46 36.15 -4.71
CA VAL D 232 5.10 35.01 -3.88
C VAL D 232 4.36 35.68 -2.73
N ILE D 233 5.10 36.34 -1.86
CA ILE D 233 4.48 37.16 -0.84
C ILE D 233 4.02 38.42 -1.54
N ARG D 234 2.89 38.95 -1.13
CA ARG D 234 2.37 40.14 -1.80
C ARG D 234 2.84 41.33 -0.98
N PRO D 235 2.29 42.52 -1.12
CA PRO D 235 2.71 43.63 -0.25
C PRO D 235 1.84 43.67 1.00
N ASP D 236 2.23 44.56 1.92
CA ASP D 236 1.49 44.73 3.17
C ASP D 236 1.04 43.38 3.69
N PHE D 237 1.95 42.64 4.32
CA PHE D 237 1.66 41.35 4.92
C PHE D 237 2.00 41.43 6.40
N LYS D 238 0.96 41.54 7.22
CA LYS D 238 1.10 41.62 8.67
C LYS D 238 1.06 40.24 9.31
N PHE D 239 1.90 40.04 10.32
CA PHE D 239 1.91 38.76 10.99
C PHE D 239 0.67 38.60 11.85
N GLU D 240 -0.15 39.64 11.92
CA GLU D 240 -1.31 39.68 12.79
C GLU D 240 -2.53 39.07 12.14
N ASP D 241 -2.41 38.65 10.88
CA ASP D 241 -3.52 38.08 10.15
C ASP D 241 -3.31 36.60 9.84
N LEU D 242 -2.14 36.04 10.16
CA LEU D 242 -1.96 34.61 9.98
C LEU D 242 -2.95 33.83 10.82
N GLY D 243 -3.14 34.23 12.08
CA GLY D 243 -4.03 33.54 12.98
C GLY D 243 -3.38 32.54 13.90
N VAL D 244 -2.09 32.70 14.19
CA VAL D 244 -1.36 31.81 15.08
C VAL D 244 -0.84 32.65 16.24
N GLY D 245 -1.22 32.26 17.45
CA GLY D 245 -0.76 32.96 18.63
C GLY D 245 0.54 32.36 19.16
N GLY D 246 1.33 33.20 19.83
CA GLY D 246 2.64 32.77 20.24
C GLY D 246 3.53 32.64 19.02
N LEU D 247 4.74 32.12 19.27
CA LEU D 247 5.70 31.87 18.20
C LEU D 247 5.90 33.12 17.36
N ASP D 248 6.37 34.19 18.00
CA ASP D 248 6.62 35.44 17.30
C ASP D 248 8.08 35.61 16.91
N LYS D 249 8.94 34.69 17.30
CA LYS D 249 10.33 34.68 16.89
C LYS D 249 10.61 33.65 15.81
N GLU D 250 9.97 32.49 15.92
CA GLU D 250 10.11 31.46 14.90
C GLU D 250 9.66 31.97 13.55
N PHE D 251 8.58 32.76 13.52
CA PHE D 251 8.09 33.28 12.26
C PHE D 251 9.12 34.19 11.62
N THR D 252 9.74 35.07 12.40
CA THR D 252 10.84 35.87 11.88
C THR D 252 11.87 34.98 11.22
N LYS D 253 12.49 34.11 12.02
CA LYS D 253 13.56 33.26 11.50
C LYS D 253 13.15 32.58 10.21
N ILE D 254 11.95 32.01 10.19
CA ILE D 254 11.50 31.26 9.03
C ILE D 254 11.45 32.16 7.80
N PHE D 255 10.81 33.31 7.93
CA PHE D 255 10.63 34.16 6.76
C PHE D 255 11.95 34.78 6.32
N ARG D 256 12.82 35.08 7.27
CA ARG D 256 14.13 35.63 6.92
C ARG D 256 14.93 34.62 6.13
N ARG D 257 14.97 33.37 6.59
CA ARG D 257 15.84 32.40 5.96
C ARG D 257 15.24 31.85 4.67
N ALA D 258 13.92 31.72 4.59
CA ALA D 258 13.28 31.02 3.48
C ALA D 258 12.78 31.97 2.39
N PHE D 259 11.89 32.90 2.74
CA PHE D 259 11.20 33.71 1.75
C PHE D 259 11.81 35.08 1.57
N ALA D 260 12.98 35.34 2.15
CA ALA D 260 13.57 36.66 2.01
C ALA D 260 14.20 36.87 0.64
N SER D 261 14.49 35.79 -0.08
CA SER D 261 15.22 35.87 -1.34
C SER D 261 14.35 35.73 -2.57
N ARG D 262 13.04 35.56 -2.40
CA ARG D 262 12.13 35.42 -3.54
C ARG D 262 11.33 36.69 -3.81
N ILE D 263 11.53 37.75 -3.03
CA ILE D 263 10.80 38.99 -3.21
C ILE D 263 11.79 40.10 -3.58
N PHE D 264 12.82 39.74 -4.32
CA PHE D 264 13.93 40.62 -4.60
C PHE D 264 14.16 40.65 -6.10
N PRO D 265 14.60 41.79 -6.65
CA PRO D 265 14.80 41.86 -8.10
C PRO D 265 15.69 40.74 -8.59
N PRO D 266 15.28 40.02 -9.63
CA PRO D 266 16.06 38.84 -10.05
C PRO D 266 17.47 39.17 -10.47
N SER D 267 17.72 40.37 -10.99
CA SER D 267 19.08 40.70 -11.42
C SER D 267 20.04 40.71 -10.24
N VAL D 268 19.60 41.26 -9.11
CA VAL D 268 20.49 41.35 -7.96
C VAL D 268 20.81 39.98 -7.41
N ILE D 269 19.79 39.14 -7.25
CA ILE D 269 20.01 37.81 -6.70
C ILE D 269 20.87 36.99 -7.65
N GLU D 270 20.70 37.20 -8.96
CA GLU D 270 21.58 36.56 -9.93
C GLU D 270 23.01 37.05 -9.78
N LYS D 271 23.19 38.33 -9.52
CA LYS D 271 24.54 38.85 -9.32
C LYS D 271 25.18 38.21 -8.10
N LEU D 272 24.41 38.08 -7.02
CA LEU D 272 24.97 37.52 -5.79
C LEU D 272 25.38 36.07 -5.98
N GLY D 273 24.83 35.38 -6.98
CA GLY D 273 25.24 34.03 -7.29
C GLY D 273 24.92 33.04 -6.18
N ILE D 274 23.70 33.09 -5.64
CA ILE D 274 23.25 32.12 -4.65
C ILE D 274 22.00 31.42 -5.18
N SER D 275 21.51 30.45 -4.42
CA SER D 275 20.31 29.70 -4.81
C SER D 275 19.35 29.65 -3.64
N HIS D 276 18.06 29.61 -3.96
CA HIS D 276 17.03 29.64 -2.94
C HIS D 276 17.01 28.31 -2.16
N VAL D 277 16.75 28.41 -0.86
CA VAL D 277 16.65 27.22 -0.04
C VAL D 277 15.41 26.44 -0.44
N LYS D 278 15.47 25.11 -0.27
CA LYS D 278 14.38 24.24 -0.69
C LYS D 278 14.01 23.23 0.38
N GLY D 279 14.16 23.58 1.65
CA GLY D 279 13.76 22.67 2.72
C GLY D 279 13.27 23.43 3.93
N LEU D 280 12.52 22.71 4.76
CA LEU D 280 11.96 23.27 5.98
C LEU D 280 11.42 22.14 6.86
N LEU D 281 11.83 22.12 8.12
CA LEU D 281 11.43 21.07 9.04
C LEU D 281 10.90 21.68 10.33
N LEU D 282 9.78 21.13 10.83
CA LEU D 282 9.18 21.62 12.06
C LEU D 282 8.96 20.45 13.00
N TYR D 283 9.58 20.51 14.18
CA TYR D 283 9.48 19.39 15.11
C TYR D 283 9.22 19.90 16.52
N GLY D 284 8.58 19.06 17.32
CA GLY D 284 8.24 19.39 18.68
C GLY D 284 7.26 18.39 19.26
N PRO D 285 6.82 18.64 20.49
CA PRO D 285 5.91 17.71 21.15
C PRO D 285 4.51 17.82 20.59
N PRO D 286 3.63 16.87 20.91
CA PRO D 286 2.29 16.87 20.32
C PRO D 286 1.47 18.08 20.77
N GLY D 287 0.73 18.65 19.82
CA GLY D 287 -0.25 19.66 20.15
C GLY D 287 0.26 21.08 20.22
N THR D 288 1.45 21.36 19.73
CA THR D 288 2.02 22.69 19.86
C THR D 288 1.69 23.60 18.69
N GLY D 289 1.10 23.07 17.63
CA GLY D 289 0.69 23.89 16.50
C GLY D 289 1.65 23.81 15.34
N LYS D 290 2.10 22.62 15.00
CA LYS D 290 3.05 22.45 13.91
C LYS D 290 2.41 22.01 12.61
N THR D 291 1.08 21.83 12.61
CA THR D 291 0.35 21.59 11.37
C THR D 291 -0.49 22.77 10.95
N LEU D 292 -0.88 23.63 11.88
CA LEU D 292 -1.56 24.87 11.51
C LEU D 292 -0.64 25.74 10.65
N ILE D 293 0.63 25.82 11.02
CA ILE D 293 1.57 26.65 10.29
C ILE D 293 1.69 26.18 8.85
N ALA D 294 1.79 24.87 8.64
CA ALA D 294 1.93 24.35 7.29
C ALA D 294 0.71 24.68 6.45
N ARG D 295 -0.48 24.49 7.03
CA ARG D 295 -1.70 24.80 6.30
C ARG D 295 -1.73 26.27 5.89
N LYS D 296 -1.44 27.16 6.83
CA LYS D 296 -1.54 28.58 6.52
C LYS D 296 -0.48 29.00 5.52
N ILE D 297 0.74 28.47 5.63
CA ILE D 297 1.77 28.76 4.65
C ILE D 297 1.34 28.31 3.27
N GLY D 298 0.73 27.13 3.18
CA GLY D 298 0.30 26.63 1.89
C GLY D 298 -0.82 27.47 1.31
N THR D 299 -1.71 27.98 2.15
CA THR D 299 -2.91 28.64 1.65
C THR D 299 -2.73 30.13 1.39
N MET D 300 -1.79 30.79 2.07
CA MET D 300 -1.73 32.24 2.07
C MET D 300 -0.60 32.82 1.22
N LEU D 301 0.00 32.03 0.33
CA LEU D 301 1.22 32.47 -0.33
C LEU D 301 1.11 32.64 -1.83
N ASN D 302 -0.10 32.67 -2.39
CA ASN D 302 -0.29 32.96 -3.81
C ASN D 302 0.59 32.07 -4.68
N ALA D 303 0.65 30.79 -4.32
CA ALA D 303 1.38 29.80 -5.10
C ALA D 303 0.39 28.77 -5.66
N LYS D 304 0.93 27.79 -6.37
CA LYS D 304 0.10 26.71 -6.87
C LYS D 304 -0.49 25.93 -5.71
N GLU D 305 -1.47 25.09 -6.01
CA GLU D 305 -2.11 24.33 -4.96
C GLU D 305 -1.09 23.41 -4.30
N PRO D 306 -1.11 23.29 -2.98
CA PRO D 306 -0.14 22.42 -2.31
C PRO D 306 -0.38 20.97 -2.67
N LYS D 307 0.67 20.17 -2.58
CA LYS D 307 0.54 18.75 -2.88
C LYS D 307 0.71 17.97 -1.58
N ILE D 308 -0.41 17.81 -0.87
CA ILE D 308 -0.39 17.18 0.46
C ILE D 308 -0.20 15.69 0.32
N VAL D 309 0.69 15.11 1.12
CA VAL D 309 0.84 13.66 1.15
C VAL D 309 0.82 13.18 2.59
N ASN D 310 -0.13 12.28 2.90
CA ASN D 310 -0.14 11.69 4.23
C ASN D 310 1.04 10.72 4.38
N GLY D 311 1.30 10.32 5.62
CA GLY D 311 2.56 9.71 5.95
C GLY D 311 2.93 8.51 5.12
N PRO D 312 2.27 7.36 5.36
CA PRO D 312 2.52 6.16 4.56
C PRO D 312 1.55 6.00 3.38
N GLU D 313 1.42 7.03 2.57
CA GLU D 313 0.57 6.97 1.40
C GLU D 313 1.34 6.65 0.12
N ILE D 314 2.63 6.39 0.22
CA ILE D 314 3.44 6.15 -0.97
C ILE D 314 3.50 4.66 -1.31
N LEU D 315 3.61 3.82 -0.29
CA LEU D 315 3.85 2.41 -0.51
C LEU D 315 2.79 1.82 -1.43
N SER D 316 3.17 0.79 -2.17
CA SER D 316 2.26 0.11 -3.08
C SER D 316 2.73 -1.33 -3.27
N LYS D 317 1.83 -2.16 -3.76
CA LYS D 317 2.09 -3.60 -3.82
C LYS D 317 3.14 -3.92 -4.89
N TYR D 318 2.84 -3.60 -6.14
CA TYR D 318 3.67 -4.08 -7.23
C TYR D 318 5.09 -3.55 -7.10
N VAL D 319 6.05 -4.42 -7.43
CA VAL D 319 7.46 -4.06 -7.32
C VAL D 319 7.75 -2.90 -8.25
N GLY D 320 8.49 -1.92 -7.73
CA GLY D 320 8.90 -0.79 -8.54
C GLY D 320 7.84 0.27 -8.70
N SER D 321 6.75 0.20 -7.93
CA SER D 321 5.72 1.23 -7.96
C SER D 321 5.75 2.16 -6.77
N SER D 322 6.35 1.74 -5.65
CA SER D 322 6.54 2.65 -4.54
C SER D 322 7.51 3.77 -4.90
N GLU D 323 8.57 3.44 -5.62
CA GLU D 323 9.55 4.45 -6.00
C GLU D 323 8.98 5.42 -7.03
N GLU D 324 8.16 4.91 -7.94
CA GLU D 324 7.60 5.79 -8.95
C GLU D 324 6.65 6.82 -8.35
N ASN D 325 5.93 6.42 -7.30
CA ASN D 325 4.99 7.34 -6.68
C ASN D 325 5.68 8.52 -6.03
N ILE D 326 6.98 8.41 -5.74
CA ILE D 326 7.71 9.50 -5.12
C ILE D 326 8.46 10.33 -6.13
N ARG D 327 8.43 9.96 -7.40
CA ARG D 327 9.01 10.77 -8.45
C ARG D 327 7.95 11.29 -9.42
N ASN D 328 6.68 10.98 -9.17
CA ASN D 328 5.58 11.59 -9.90
C ASN D 328 5.10 12.87 -9.25
N LEU D 329 5.72 13.27 -8.14
CA LEU D 329 5.38 14.51 -7.48
C LEU D 329 6.16 15.69 -8.03
N PHE D 330 7.35 15.45 -8.57
CA PHE D 330 8.20 16.52 -9.07
C PHE D 330 8.06 16.77 -10.56
N LYS D 331 7.20 16.02 -11.24
CA LYS D 331 7.20 16.09 -12.70
C LYS D 331 6.77 17.46 -13.20
N ASP D 332 5.76 18.06 -12.57
CA ASP D 332 5.26 19.35 -13.05
C ASP D 332 6.27 20.46 -12.83
N ALA D 333 6.97 20.43 -11.70
CA ALA D 333 8.01 21.42 -11.45
C ALA D 333 9.07 21.39 -12.54
N GLU D 334 9.53 20.19 -12.88
CA GLU D 334 10.51 20.06 -13.96
C GLU D 334 9.92 20.48 -15.29
N ALA D 335 8.64 20.18 -15.52
CA ALA D 335 8.01 20.57 -16.77
C ALA D 335 7.98 22.08 -16.94
N GLU D 336 7.66 22.80 -15.86
CA GLU D 336 7.61 24.26 -15.96
C GLU D 336 9.00 24.87 -15.97
N TYR D 337 9.92 24.32 -15.18
CA TYR D 337 11.25 24.91 -15.11
C TYR D 337 12.00 24.83 -16.42
N ARG D 338 11.65 23.87 -17.28
CA ARG D 338 12.33 23.75 -18.56
C ARG D 338 11.89 24.81 -19.55
N ALA D 339 10.64 25.26 -19.44
CA ALA D 339 10.08 26.17 -20.45
C ALA D 339 10.27 27.63 -20.07
N LYS D 340 9.78 28.02 -18.91
CA LYS D 340 9.74 29.43 -18.53
C LYS D 340 10.93 29.85 -17.67
N GLY D 341 11.93 29.00 -17.56
CA GLY D 341 13.15 29.39 -16.89
C GLY D 341 12.90 29.85 -15.47
N GLU D 342 13.39 31.06 -15.17
CA GLU D 342 13.33 31.61 -13.83
C GLU D 342 12.12 32.49 -13.59
N GLU D 343 11.03 32.25 -14.32
CA GLU D 343 9.80 33.01 -14.13
C GLU D 343 8.65 32.11 -13.68
N SER D 344 8.95 30.88 -13.29
CA SER D 344 7.92 29.95 -12.86
C SER D 344 7.44 30.33 -11.46
N SER D 345 6.23 29.88 -11.14
CA SER D 345 5.64 30.11 -9.83
C SER D 345 6.01 29.00 -8.87
N LEU D 346 6.09 29.34 -7.59
CA LEU D 346 6.51 28.41 -6.57
C LEU D 346 5.59 27.19 -6.52
N HIS D 347 6.19 26.01 -6.48
CA HIS D 347 5.48 24.75 -6.25
C HIS D 347 5.84 24.23 -4.86
N ILE D 348 4.82 23.87 -4.08
CA ILE D 348 5.01 23.44 -2.71
C ILE D 348 4.33 22.10 -2.46
N ILE D 349 5.06 21.20 -1.82
CA ILE D 349 4.53 19.89 -1.45
C ILE D 349 4.89 19.59 0.00
N ILE D 350 3.90 19.15 0.77
CA ILE D 350 4.05 19.00 2.20
C ILE D 350 3.92 17.53 2.56
N PHE D 351 4.97 17.01 3.20
CA PHE D 351 5.01 15.65 3.70
C PHE D 351 4.50 15.67 5.14
N ASP D 352 3.52 14.84 5.42
CA ASP D 352 2.97 14.73 6.76
C ASP D 352 3.53 13.48 7.42
N GLU D 353 3.88 13.60 8.69
CA GLU D 353 4.44 12.48 9.46
C GLU D 353 5.64 11.88 8.74
N LEU D 354 6.68 12.70 8.63
CA LEU D 354 7.83 12.34 7.80
C LEU D 354 8.51 11.07 8.29
N ASP D 355 8.69 10.93 9.60
CA ASP D 355 9.55 9.90 10.14
C ASP D 355 8.98 8.49 10.00
N SER D 356 7.83 8.31 9.38
CA SER D 356 7.26 6.98 9.27
C SER D 356 8.00 6.13 8.25
N VAL D 357 8.35 6.71 7.12
CA VAL D 357 8.97 5.97 6.03
C VAL D 357 10.46 6.21 5.96
N PHE D 358 10.90 7.47 6.09
CA PHE D 358 12.29 7.84 5.88
C PHE D 358 13.14 7.60 7.13
N LYS D 359 13.17 6.35 7.57
CA LYS D 359 14.02 6.00 8.70
C LYS D 359 15.46 5.80 8.23
N GLN D 360 16.36 5.68 9.20
CA GLN D 360 17.76 5.42 8.90
C GLN D 360 17.90 4.11 8.13
N ARG D 361 18.33 4.20 6.88
CA ARG D 361 18.50 3.01 6.07
C ARG D 361 19.67 2.17 6.59
N GLY D 362 19.48 0.86 6.61
CA GLY D 362 20.49 -0.04 7.11
C GLY D 362 19.98 -1.04 8.13
N SER D 363 18.81 -0.81 8.69
CA SER D 363 18.23 -1.74 9.65
C SER D 363 17.55 -2.88 8.89
N ARG D 364 16.78 -3.70 9.61
CA ARG D 364 16.01 -4.81 9.04
C ARG D 364 14.58 -4.61 9.50
N GLY D 365 13.82 -3.81 8.74
CA GLY D 365 12.49 -3.42 9.15
C GLY D 365 11.40 -4.36 8.66
N ASP D 366 11.34 -4.60 7.36
CA ASP D 366 10.24 -5.32 6.75
C ASP D 366 10.62 -6.70 6.23
N GLY D 367 11.81 -6.84 5.67
CA GLY D 367 12.20 -8.06 5.00
C GLY D 367 12.00 -8.04 3.51
N THR D 368 11.67 -6.89 2.93
CA THR D 368 11.54 -6.73 1.49
C THR D 368 12.52 -5.71 0.94
N GLY D 369 12.67 -4.57 1.61
CA GLY D 369 13.64 -3.56 1.20
C GLY D 369 13.02 -2.45 0.38
N VAL D 370 11.86 -1.95 0.81
CA VAL D 370 11.22 -0.85 0.10
C VAL D 370 11.63 0.50 0.69
N GLY D 371 11.73 0.58 2.01
CA GLY D 371 12.05 1.85 2.63
C GLY D 371 13.38 2.42 2.14
N ASP D 372 14.37 1.55 1.97
CA ASP D 372 15.67 2.01 1.50
C ASP D 372 15.56 2.59 0.10
N ASN D 373 14.79 1.95 -0.77
CA ASN D 373 14.64 2.45 -2.12
C ASN D 373 13.93 3.80 -2.14
N VAL D 374 12.89 3.94 -1.33
CA VAL D 374 12.20 5.23 -1.26
C VAL D 374 13.14 6.31 -0.78
N VAL D 375 13.92 6.01 0.26
CA VAL D 375 14.87 6.99 0.78
C VAL D 375 15.87 7.36 -0.30
N ASN D 376 16.36 6.38 -1.03
CA ASN D 376 17.34 6.66 -2.08
C ASN D 376 16.74 7.54 -3.16
N GLN D 377 15.50 7.25 -3.55
CA GLN D 377 14.86 8.04 -4.58
C GLN D 377 14.69 9.49 -4.14
N LEU D 378 14.26 9.70 -2.90
CA LEU D 378 14.11 11.07 -2.42
C LEU D 378 15.46 11.76 -2.34
N LEU D 379 16.49 11.05 -1.89
CA LEU D 379 17.82 11.63 -1.84
C LEU D 379 18.26 12.08 -3.22
N ALA D 380 18.03 11.23 -4.23
CA ALA D 380 18.50 11.53 -5.56
C ALA D 380 17.65 12.59 -6.25
N LYS D 381 16.42 12.80 -5.80
CA LYS D 381 15.56 13.79 -6.44
C LYS D 381 15.62 15.15 -5.79
N MET D 382 15.96 15.24 -4.50
CA MET D 382 16.00 16.56 -3.88
C MET D 382 17.19 17.37 -4.37
N ASP D 383 18.35 16.75 -4.51
CA ASP D 383 19.54 17.44 -5.02
C ASP D 383 19.95 16.89 -6.38
N GLY D 384 20.21 15.59 -6.46
CA GLY D 384 20.41 14.95 -7.75
C GLY D 384 21.44 15.61 -8.63
N VAL D 385 21.40 15.31 -9.92
CA VAL D 385 22.32 15.83 -10.91
C VAL D 385 21.67 16.86 -11.81
N ASP D 386 20.39 17.14 -11.61
CA ASP D 386 19.65 18.13 -12.38
C ASP D 386 19.05 19.16 -11.44
N GLN D 387 19.09 20.42 -11.85
CA GLN D 387 18.68 21.53 -11.01
C GLN D 387 17.20 21.86 -11.23
N LEU D 388 16.50 22.15 -10.14
CA LEU D 388 15.09 22.51 -10.18
C LEU D 388 14.86 23.95 -9.75
N ASN D 389 15.28 24.30 -8.54
CA ASN D 389 15.39 25.69 -8.10
C ASN D 389 14.07 26.44 -8.08
N ASN D 390 12.94 25.74 -8.15
CA ASN D 390 11.64 26.39 -8.03
C ASN D 390 10.66 25.56 -7.21
N ILE D 391 11.16 24.80 -6.23
CA ILE D 391 10.34 23.88 -5.47
C ILE D 391 10.58 24.09 -3.98
N LEU D 392 9.58 23.70 -3.19
CA LEU D 392 9.67 23.80 -1.73
C LEU D 392 8.89 22.65 -1.14
N VAL D 393 9.47 22.04 -0.09
CA VAL D 393 8.86 20.91 0.59
C VAL D 393 8.85 21.20 2.08
N ILE D 394 7.72 20.95 2.73
CA ILE D 394 7.62 21.16 4.17
C ILE D 394 7.46 19.84 4.90
N GLY D 395 8.16 19.70 6.04
CA GLY D 395 8.06 18.50 6.84
C GLY D 395 7.61 18.75 8.27
N MET D 396 7.06 17.68 8.86
CA MET D 396 6.53 17.71 10.21
C MET D 396 6.78 16.36 10.86
N THR D 397 7.06 16.36 12.16
CA THR D 397 7.38 15.13 12.86
C THR D 397 7.38 15.40 14.36
N ASN D 398 7.36 14.31 15.13
CA ASN D 398 7.48 14.38 16.57
C ASN D 398 8.79 13.79 17.08
N ARG D 399 9.50 13.02 16.26
CA ARG D 399 10.76 12.41 16.64
C ARG D 399 11.76 12.72 15.53
N LYS D 400 12.71 13.59 15.82
CA LYS D 400 13.67 14.05 14.82
C LYS D 400 14.98 13.28 14.87
N ASP D 401 15.09 12.26 15.72
CA ASP D 401 16.31 11.47 15.83
C ASP D 401 16.28 10.22 14.97
N LEU D 402 15.18 9.92 14.30
CA LEU D 402 15.09 8.73 13.45
C LEU D 402 15.22 9.05 11.97
N ILE D 403 15.13 10.33 11.59
CA ILE D 403 15.27 10.68 10.20
C ILE D 403 16.68 10.36 9.74
N ASP D 404 16.81 9.84 8.52
CA ASP D 404 18.11 9.48 8.00
C ASP D 404 19.00 10.72 7.94
N SER D 405 20.28 10.52 8.24
CA SER D 405 21.19 11.65 8.37
C SER D 405 21.34 12.41 7.05
N ALA D 406 21.44 11.70 5.93
CA ALA D 406 21.72 12.35 4.66
C ALA D 406 20.65 13.38 4.30
N LEU D 407 19.45 13.25 4.84
CA LEU D 407 18.40 14.22 4.54
C LEU D 407 18.67 15.58 5.16
N LEU D 408 19.37 15.61 6.29
CA LEU D 408 19.51 16.84 7.07
C LEU D 408 20.70 17.67 6.64
N ARG D 409 21.45 17.25 5.63
CA ARG D 409 22.56 18.04 5.16
C ARG D 409 22.06 19.33 4.50
N PRO D 410 22.79 20.43 4.62
CA PRO D 410 22.39 21.64 3.91
C PRO D 410 22.28 21.38 2.41
N GLY D 411 21.26 21.96 1.81
CA GLY D 411 20.83 21.62 0.48
C GLY D 411 19.59 20.76 0.48
N ARG D 412 19.29 20.12 1.60
CA ARG D 412 18.07 19.36 1.81
C ARG D 412 17.65 19.57 3.25
N PHE D 413 16.48 20.15 3.46
CA PHE D 413 15.97 20.44 4.80
C PHE D 413 16.99 21.23 5.61
N GLU D 414 17.29 22.43 5.12
CA GLU D 414 18.27 23.27 5.80
C GLU D 414 17.72 23.80 7.10
N VAL D 415 16.64 24.58 7.04
CA VAL D 415 16.11 25.25 8.22
C VAL D 415 15.31 24.26 9.03
N GLN D 416 15.68 24.11 10.30
CA GLN D 416 15.01 23.23 11.24
C GLN D 416 14.55 24.05 12.43
N VAL D 417 13.27 23.95 12.76
CA VAL D 417 12.67 24.77 13.82
C VAL D 417 11.98 23.87 14.82
N GLU D 418 12.11 24.23 16.09
CA GLU D 418 11.45 23.54 17.19
C GLU D 418 10.29 24.38 17.69
N ILE D 419 9.12 23.76 17.78
CA ILE D 419 7.91 24.41 18.26
C ILE D 419 7.63 23.85 19.64
N HIS D 420 7.72 24.69 20.66
CA HIS D 420 7.57 24.24 22.04
C HIS D 420 6.40 24.95 22.71
N LEU D 421 6.12 24.53 23.95
CA LEU D 421 4.96 25.01 24.66
C LEU D 421 5.05 26.51 24.87
N PRO D 422 3.92 27.20 24.99
CA PRO D 422 3.93 28.66 25.06
C PRO D 422 4.25 29.15 26.46
N ASP D 423 4.43 30.46 26.55
CA ASP D 423 4.61 31.15 27.81
C ASP D 423 3.30 31.86 28.17
N GLU D 424 3.32 32.61 29.26
CA GLU D 424 2.10 33.25 29.72
C GLU D 424 1.56 34.22 28.67
N LYS D 425 2.45 35.03 28.07
CA LYS D 425 2.01 35.93 27.01
C LYS D 425 1.48 35.14 25.81
N GLY D 426 2.13 34.03 25.48
CA GLY D 426 1.61 33.19 24.42
C GLY D 426 0.24 32.65 24.74
N ARG D 427 0.03 32.25 26.00
CA ARG D 427 -1.28 31.76 26.42
C ARG D 427 -2.32 32.85 26.28
N LEU D 428 -1.98 34.07 26.67
CA LEU D 428 -2.92 35.17 26.52
C LEU D 428 -3.26 35.40 25.05
N GLN D 429 -2.25 35.36 24.19
CA GLN D 429 -2.50 35.55 22.76
C GLN D 429 -3.41 34.46 22.21
N ILE D 430 -3.16 33.22 22.59
CA ILE D 430 -3.97 32.12 22.11
C ILE D 430 -5.40 32.27 22.59
N PHE D 431 -5.57 32.64 23.86
CA PHE D 431 -6.91 32.82 24.38
C PHE D 431 -7.63 33.93 23.64
N ASP D 432 -6.92 35.00 23.31
CA ASP D 432 -7.54 36.08 22.55
C ASP D 432 -7.95 35.60 21.17
N ILE D 433 -7.10 34.82 20.52
CA ILE D 433 -7.40 34.36 19.17
C ILE D 433 -8.61 33.44 19.18
N GLN D 434 -8.65 32.50 20.11
CA GLN D 434 -9.70 31.50 20.09
C GLN D 434 -11.07 32.12 20.33
N THR D 435 -11.18 32.98 21.33
CA THR D 435 -12.45 33.59 21.70
C THR D 435 -12.63 34.96 21.04
N LYS D 436 -12.66 34.95 19.71
CA LYS D 436 -12.82 36.19 18.96
C LYS D 436 -14.26 36.39 18.48
N LYS D 437 -14.78 35.44 17.71
CA LYS D 437 -16.16 35.57 17.23
C LYS D 437 -17.14 35.59 18.40
N MET D 438 -16.89 34.76 19.41
CA MET D 438 -17.74 34.77 20.60
C MET D 438 -17.90 36.17 21.15
N ARG D 439 -16.78 36.90 21.27
CA ARG D 439 -16.84 38.25 21.82
C ARG D 439 -17.53 39.20 20.86
N GLU D 440 -17.13 39.18 19.60
CA GLU D 440 -17.61 40.19 18.66
C GLU D 440 -19.06 39.99 18.26
N ASN D 441 -19.66 38.86 18.61
CA ASN D 441 -21.09 38.64 18.41
C ASN D 441 -21.86 38.81 19.71
N ASN D 442 -21.26 39.48 20.69
CA ASN D 442 -21.93 39.77 21.95
C ASN D 442 -22.47 38.50 22.59
N MET D 443 -21.65 37.45 22.57
CA MET D 443 -22.03 36.16 23.10
C MET D 443 -21.21 35.76 24.32
N MET D 444 -20.46 36.70 24.89
CA MET D 444 -19.62 36.43 26.05
C MET D 444 -19.92 37.46 27.13
N SER D 445 -20.09 36.98 28.36
CA SER D 445 -20.43 37.87 29.45
C SER D 445 -19.32 38.89 29.66
N ASP D 446 -19.63 39.90 30.47
CA ASP D 446 -18.69 40.96 30.80
C ASP D 446 -17.91 40.67 32.07
N ASP D 447 -18.05 39.46 32.61
CA ASP D 447 -17.40 39.09 33.86
C ASP D 447 -16.06 38.43 33.61
N VAL D 448 -15.97 37.62 32.55
CA VAL D 448 -14.77 36.86 32.31
C VAL D 448 -13.58 37.80 32.10
N ASN D 449 -12.46 37.49 32.74
CA ASN D 449 -11.22 38.24 32.60
C ASN D 449 -10.15 37.31 32.04
N LEU D 450 -9.75 37.57 30.80
CA LEU D 450 -8.87 36.64 30.11
C LEU D 450 -7.50 36.56 30.77
N ALA D 451 -7.04 37.64 31.39
CA ALA D 451 -5.75 37.59 32.07
C ALA D 451 -5.76 36.59 33.21
N GLU D 452 -6.84 36.57 34.00
CA GLU D 452 -6.94 35.61 35.09
C GLU D 452 -6.92 34.19 34.56
N LEU D 453 -7.66 33.93 33.48
CA LEU D 453 -7.68 32.59 32.90
C LEU D 453 -6.30 32.19 32.40
N ALA D 454 -5.62 33.10 31.70
CA ALA D 454 -4.26 32.81 31.25
C ALA D 454 -3.34 32.54 32.41
N ALA D 455 -3.61 33.15 33.57
CA ALA D 455 -2.80 32.87 34.74
C ALA D 455 -3.13 31.52 35.36
N LEU D 456 -4.39 31.09 35.30
CA LEU D 456 -4.77 29.84 35.95
C LEU D 456 -4.29 28.62 35.18
N THR D 457 -4.32 28.65 33.85
CA THR D 457 -3.90 27.51 33.05
C THR D 457 -2.38 27.53 32.90
N LYS D 458 -1.71 26.81 33.79
CA LYS D 458 -0.26 26.97 33.91
C LYS D 458 0.49 26.24 32.80
N ASN D 459 0.24 24.95 32.62
CA ASN D 459 0.98 24.16 31.66
C ASN D 459 0.16 23.79 30.45
N PHE D 460 -0.98 24.44 30.25
CA PHE D 460 -1.78 24.15 29.07
C PHE D 460 -0.99 24.39 27.80
N SER D 461 -1.04 23.43 26.89
CA SER D 461 -0.45 23.59 25.57
C SER D 461 -1.40 24.39 24.67
N GLY D 462 -1.07 24.44 23.37
CA GLY D 462 -1.90 25.19 22.45
C GLY D 462 -3.19 24.50 22.08
N ALA D 463 -3.24 23.17 22.18
CA ALA D 463 -4.41 22.43 21.73
C ALA D 463 -5.40 22.14 22.84
N GLU D 464 -5.12 22.57 24.08
CA GLU D 464 -6.05 22.33 25.17
C GLU D 464 -6.87 23.56 25.53
N ILE D 465 -6.45 24.75 25.11
CA ILE D 465 -7.29 25.93 25.32
C ILE D 465 -8.55 25.83 24.47
N GLU D 466 -8.41 25.27 23.27
CA GLU D 466 -9.58 25.02 22.44
C GLU D 466 -10.54 24.06 23.15
N GLY D 467 -10.01 23.01 23.76
CA GLY D 467 -10.86 22.12 24.53
C GLY D 467 -11.54 22.82 25.68
N LEU D 468 -10.83 23.73 26.33
CA LEU D 468 -11.44 24.50 27.42
C LEU D 468 -12.60 25.31 26.91
N VAL D 469 -12.43 25.97 25.77
CA VAL D 469 -13.50 26.79 25.23
C VAL D 469 -14.69 25.91 24.86
N LYS D 470 -14.42 24.76 24.24
CA LYS D 470 -15.51 23.87 23.87
C LYS D 470 -16.28 23.39 25.10
N SER D 471 -15.55 23.03 26.16
CA SER D 471 -16.21 22.55 27.36
C SER D 471 -17.05 23.65 28.00
N ALA D 472 -16.52 24.87 28.04
CA ALA D 472 -17.30 25.97 28.60
C ALA D 472 -18.56 26.20 27.80
N SER D 473 -18.45 26.15 26.48
CA SER D 473 -19.63 26.32 25.64
C SER D 473 -20.65 25.21 25.87
N SER D 474 -20.17 23.98 26.04
CA SER D 474 -21.09 22.88 26.31
C SER D 474 -21.80 23.09 27.62
N PHE D 475 -21.07 23.53 28.64
CA PHE D 475 -21.70 23.82 29.92
C PHE D 475 -22.78 24.88 29.78
N ALA D 476 -22.48 25.94 29.03
CA ALA D 476 -23.46 27.00 28.87
C ALA D 476 -24.67 26.54 28.06
N ILE D 477 -24.47 25.61 27.14
CA ILE D 477 -25.57 25.15 26.32
C ILE D 477 -26.47 24.19 27.08
N ASN D 478 -25.88 23.36 27.95
CA ASN D 478 -26.66 22.32 28.60
C ASN D 478 -27.70 22.87 29.56
N LYS D 479 -27.65 24.16 29.89
CA LYS D 479 -28.63 24.73 30.80
C LYS D 479 -29.98 24.97 30.15
N THR D 480 -30.10 24.80 28.83
CA THR D 480 -31.35 25.06 28.13
C THR D 480 -31.97 23.79 27.56
N VAL D 481 -31.23 23.04 26.76
CA VAL D 481 -31.81 21.87 26.10
C VAL D 481 -32.17 20.79 27.11
N ASN D 482 -31.34 20.60 28.13
CA ASN D 482 -31.60 19.60 29.16
C ASN D 482 -31.68 18.20 28.52
N ILE D 483 -30.58 17.81 27.88
CA ILE D 483 -30.53 16.56 27.13
C ILE D 483 -30.70 15.38 28.09
N GLY D 484 -31.79 14.63 27.92
CA GLY D 484 -32.00 13.41 28.66
C GLY D 484 -33.16 13.49 29.63
N LYS D 485 -33.26 14.62 30.34
CA LYS D 485 -34.36 14.78 31.28
C LYS D 485 -35.66 15.07 30.56
N GLY D 486 -35.61 15.92 29.55
CA GLY D 486 -36.79 16.27 28.78
C GLY D 486 -36.49 17.29 27.71
N ALA D 487 -36.99 17.07 26.51
CA ALA D 487 -36.76 17.96 25.39
C ALA D 487 -37.86 19.03 25.37
N THR D 488 -37.92 19.80 24.29
CA THR D 488 -38.93 20.82 24.03
C THR D 488 -38.67 22.07 24.87
N LYS D 489 -37.68 22.07 25.76
CA LYS D 489 -37.34 23.28 26.48
C LYS D 489 -36.60 24.28 25.61
N LEU D 490 -36.13 23.85 24.44
CA LEU D 490 -35.49 24.74 23.48
C LEU D 490 -36.53 25.69 22.91
N ASN D 491 -36.46 26.96 23.29
CA ASN D 491 -37.40 27.96 22.82
C ASN D 491 -36.66 29.27 22.62
N THR D 492 -37.27 30.15 21.83
CA THR D 492 -36.58 31.37 21.39
C THR D 492 -36.08 32.17 22.58
N LYS D 493 -36.88 32.27 23.64
CA LYS D 493 -36.49 33.06 24.79
C LYS D 493 -35.19 32.54 25.40
N ASP D 494 -35.08 31.23 25.55
CA ASP D 494 -33.92 30.67 26.22
C ASP D 494 -32.67 30.84 25.37
N ILE D 495 -32.79 30.69 24.06
CA ILE D 495 -31.64 30.73 23.18
C ILE D 495 -31.36 32.12 22.63
N ALA D 496 -32.18 33.10 22.96
CA ALA D 496 -31.98 34.46 22.47
C ALA D 496 -31.13 35.31 23.40
N LYS D 497 -30.66 34.73 24.51
CA LYS D 497 -29.82 35.47 25.45
C LYS D 497 -28.66 34.62 25.94
N LEU D 498 -28.20 33.67 25.13
CA LEU D 498 -27.09 32.84 25.54
C LEU D 498 -25.85 33.68 25.83
N LYS D 499 -25.16 33.36 26.92
CA LYS D 499 -23.99 34.13 27.33
C LYS D 499 -23.13 33.24 28.21
N VAL D 500 -21.88 33.01 27.80
CA VAL D 500 -20.95 32.21 28.59
C VAL D 500 -20.39 33.08 29.71
N THR D 501 -20.63 32.66 30.95
CA THR D 501 -20.19 33.41 32.12
C THR D 501 -18.81 32.92 32.57
N ARG D 502 -18.38 33.38 33.74
CA ARG D 502 -17.12 32.94 34.31
C ARG D 502 -17.22 31.60 35.03
N GLU D 503 -18.35 31.34 35.69
CA GLU D 503 -18.51 30.07 36.38
C GLU D 503 -18.36 28.90 35.43
N ASP D 504 -18.75 29.09 34.17
CA ASP D 504 -18.64 28.00 33.21
C ASP D 504 -17.18 27.61 33.02
N PHE D 505 -16.29 28.60 32.93
CA PHE D 505 -14.88 28.30 32.74
C PHE D 505 -14.30 27.58 33.94
N LEU D 506 -14.66 28.01 35.15
CA LEU D 506 -14.15 27.35 36.34
C LEU D 506 -14.64 25.92 36.41
N ASN D 507 -15.91 25.68 36.06
CA ASN D 507 -16.41 24.32 36.02
C ASN D 507 -15.69 23.51 34.95
N ALA D 508 -15.43 24.10 33.80
CA ALA D 508 -14.74 23.40 32.72
C ALA D 508 -13.32 23.03 33.12
N LEU D 509 -12.69 23.85 33.95
CA LEU D 509 -11.35 23.51 34.42
C LEU D 509 -11.28 22.17 35.13
N ASN D 510 -12.41 21.57 35.47
CA ASN D 510 -12.42 20.24 36.07
C ASN D 510 -12.54 19.12 35.06
N ASP D 511 -12.73 19.45 33.79
CA ASP D 511 -12.87 18.46 32.73
C ASP D 511 -11.58 18.27 31.94
N VAL D 512 -10.99 19.37 31.48
CA VAL D 512 -9.72 19.33 30.77
C VAL D 512 -8.59 19.40 31.79
N THR D 513 -7.61 18.51 31.64
CA THR D 513 -6.47 18.47 32.55
C THR D 513 -5.18 18.40 31.73
N PRO D 514 -4.14 19.12 32.14
CA PRO D 514 -2.88 19.07 31.40
C PRO D 514 -2.36 17.65 31.28
N ALA D 515 -1.39 17.48 30.37
CA ALA D 515 -0.66 16.24 30.23
C ALA D 515 0.79 16.34 30.63
N PHE D 516 1.38 17.53 30.57
CA PHE D 516 2.74 17.74 31.05
C PHE D 516 2.80 18.19 32.49
N GLY D 517 1.79 18.94 32.94
CA GLY D 517 1.74 19.36 34.32
C GLY D 517 1.12 18.30 35.21
N ILE D 518 1.75 17.13 35.27
CA ILE D 518 1.28 16.03 36.07
C ILE D 518 2.12 15.82 37.31
N SER D 519 3.16 16.62 37.51
CA SER D 519 4.02 16.48 38.68
C SER D 519 3.88 17.63 39.67
N GLU D 520 3.27 18.74 39.26
CA GLU D 520 2.99 19.80 40.22
C GLU D 520 1.83 19.41 41.12
N GLU D 521 0.90 18.59 40.62
CA GLU D 521 -0.19 18.12 41.46
C GLU D 521 0.34 17.28 42.61
N ASP D 522 1.33 16.42 42.34
CA ASP D 522 1.91 15.62 43.41
C ASP D 522 2.56 16.50 44.46
N LEU D 523 3.30 17.52 44.03
CA LEU D 523 3.87 18.47 44.97
C LEU D 523 2.78 19.14 45.78
N LYS D 524 1.66 19.46 45.14
CA LYS D 524 0.56 20.08 45.85
C LYS D 524 -0.08 19.12 46.85
N THR D 525 0.00 17.82 46.59
CA THR D 525 -0.58 16.84 47.49
C THR D 525 0.33 16.51 48.66
N CYS D 526 1.61 16.86 48.58
CA CYS D 526 2.52 16.57 49.68
C CYS D 526 2.36 17.51 50.86
N VAL D 527 1.74 18.68 50.64
CA VAL D 527 1.52 19.63 51.72
C VAL D 527 0.04 19.66 52.05
N GLU D 528 -0.64 18.54 51.80
CA GLU D 528 -2.07 18.51 52.05
C GLU D 528 -2.38 18.72 53.53
N GLY D 529 -1.53 18.19 54.41
CA GLY D 529 -1.76 18.36 55.83
C GLY D 529 -1.75 19.80 56.30
N GLY D 530 -1.17 20.70 55.52
CA GLY D 530 -1.18 22.11 55.85
C GLY D 530 0.03 22.51 56.66
N MET D 531 0.41 23.78 56.51
CA MET D 531 1.55 24.34 57.21
C MET D 531 1.07 25.11 58.45
N MET D 532 1.68 24.82 59.59
CA MET D 532 1.40 25.52 60.83
C MET D 532 2.72 26.03 61.38
N LEU D 533 2.76 27.31 61.74
CA LEU D 533 3.97 27.94 62.25
C LEU D 533 3.97 27.85 63.78
N TYR D 534 4.32 26.66 64.27
CA TYR D 534 4.33 26.45 65.71
C TYR D 534 5.49 27.14 66.39
N SER D 535 6.42 27.69 65.62
CA SER D 535 7.59 28.36 66.17
C SER D 535 8.10 29.34 65.13
N GLU D 536 9.31 29.86 65.34
CA GLU D 536 9.91 30.86 64.48
C GLU D 536 11.02 30.29 63.61
N ARG D 537 11.66 29.21 64.05
CA ARG D 537 12.68 28.59 63.23
C ARG D 537 12.12 28.23 61.86
N VAL D 538 10.85 27.86 61.80
CA VAL D 538 10.20 27.55 60.54
C VAL D 538 10.23 28.77 59.63
N ASN D 539 9.87 29.93 60.19
CA ASN D 539 9.92 31.16 59.41
C ASN D 539 11.33 31.43 58.91
N SER D 540 12.32 31.22 59.76
CA SER D 540 13.69 31.50 59.37
C SER D 540 14.11 30.61 58.20
N ILE D 541 13.78 29.32 58.28
CA ILE D 541 14.21 28.43 57.21
C ILE D 541 13.50 28.78 55.91
N LEU D 542 12.21 29.12 56.00
CA LEU D 542 11.49 29.52 54.81
C LEU D 542 12.10 30.76 54.19
N LYS D 543 12.48 31.73 55.02
CA LYS D 543 13.11 32.94 54.52
C LYS D 543 14.44 32.62 53.86
N ASN D 544 15.21 31.70 54.42
CA ASN D 544 16.47 31.31 53.81
C ASN D 544 16.23 30.70 52.43
N GLY D 545 15.24 29.82 52.33
CA GLY D 545 14.94 29.23 51.03
C GLY D 545 14.51 30.29 50.02
N ALA D 546 13.68 31.23 50.44
CA ALA D 546 13.27 32.30 49.53
C ALA D 546 14.48 33.12 49.10
N ARG D 547 15.40 33.38 50.02
CA ARG D 547 16.60 34.11 49.68
C ARG D 547 17.39 33.37 48.60
N TYR D 548 17.52 32.06 48.75
CA TYR D 548 18.27 31.29 47.76
C TYR D 548 17.56 31.31 46.41
N VAL D 549 16.24 31.21 46.41
CA VAL D 549 15.49 31.31 45.16
C VAL D 549 15.76 32.64 44.49
N ARG D 550 15.73 33.71 45.28
CA ARG D 550 15.99 35.03 44.72
C ARG D 550 17.39 35.10 44.14
N GLN D 551 18.38 34.55 44.85
CA GLN D 551 19.74 34.59 44.35
C GLN D 551 19.86 33.88 43.01
N VAL D 552 19.28 32.68 42.91
CA VAL D 552 19.39 31.95 41.66
C VAL D 552 18.64 32.68 40.55
N ARG D 553 17.57 33.40 40.89
CA ARG D 553 16.84 34.13 39.87
C ARG D 553 17.63 35.32 39.37
N GLU D 554 18.30 36.03 40.26
CA GLU D 554 18.90 37.31 39.90
C GLU D 554 20.33 37.20 39.38
N SER D 555 21.02 36.10 39.65
CA SER D 555 22.42 36.01 39.29
C SER D 555 22.56 35.62 37.81
N ASP D 556 23.80 35.69 37.34
CA ASP D 556 24.12 35.39 35.94
C ASP D 556 25.17 34.31 35.79
N LYS D 557 26.19 34.30 36.64
CA LYS D 557 27.24 33.31 36.56
C LYS D 557 26.99 32.10 37.45
N SER D 558 26.10 32.22 38.43
CA SER D 558 25.75 31.10 39.31
C SER D 558 24.58 30.37 38.67
N ARG D 559 24.90 29.42 37.80
CA ARG D 559 23.90 28.68 37.05
C ARG D 559 23.53 27.36 37.70
N LEU D 560 24.04 27.08 38.90
CA LEU D 560 23.75 25.82 39.57
C LEU D 560 23.95 25.98 41.07
N VAL D 561 22.88 25.80 41.84
CA VAL D 561 22.93 25.85 43.29
C VAL D 561 22.24 24.62 43.84
N SER D 562 22.90 23.94 44.78
CA SER D 562 22.40 22.70 45.36
C SER D 562 22.33 22.83 46.88
N LEU D 563 21.27 22.31 47.46
CA LEU D 563 21.05 22.39 48.89
C LEU D 563 20.81 20.99 49.46
N LEU D 564 21.05 20.86 50.75
CA LEU D 564 20.74 19.64 51.49
C LEU D 564 19.86 20.00 52.66
N ILE D 565 18.85 19.17 52.92
CA ILE D 565 17.95 19.34 54.05
C ILE D 565 17.96 18.06 54.86
N HIS D 566 18.42 18.14 56.10
CA HIS D 566 18.63 16.94 56.91
C HIS D 566 18.06 17.15 58.30
N GLY D 567 17.68 16.04 58.93
CA GLY D 567 17.16 16.08 60.27
C GLY D 567 16.57 14.74 60.67
N PRO D 568 16.12 14.63 61.92
CA PRO D 568 15.52 13.37 62.38
C PRO D 568 14.28 13.01 61.58
N ALA D 569 14.03 11.71 61.46
CA ALA D 569 12.90 11.21 60.70
C ALA D 569 11.60 11.69 61.32
N GLY D 570 10.62 11.98 60.46
CA GLY D 570 9.32 12.40 60.92
C GLY D 570 9.19 13.88 61.22
N SER D 571 10.21 14.68 60.91
CA SER D 571 10.18 16.10 61.20
C SER D 571 9.52 16.93 60.10
N GLY D 572 9.08 16.30 59.03
CA GLY D 572 8.39 17.03 57.98
C GLY D 572 9.33 17.79 57.07
N LYS D 573 10.18 17.07 56.34
CA LYS D 573 11.14 17.73 55.45
C LYS D 573 10.57 17.92 54.06
N THR D 574 9.94 16.89 53.53
CA THR D 574 9.43 16.95 52.17
C THR D 574 8.37 18.03 52.03
N ALA D 575 7.48 18.16 53.02
CA ALA D 575 6.47 19.19 52.95
C ALA D 575 7.09 20.59 52.92
N LEU D 576 8.11 20.81 53.74
CA LEU D 576 8.77 22.11 53.76
C LEU D 576 9.44 22.42 52.44
N ALA D 577 10.11 21.43 51.86
CA ALA D 577 10.73 21.66 50.56
C ALA D 577 9.69 21.96 49.50
N ALA D 578 8.58 21.22 49.51
CA ALA D 578 7.54 21.44 48.53
C ALA D 578 6.95 22.84 48.70
N GLU D 579 6.83 23.30 49.94
CA GLU D 579 6.29 24.63 50.17
C GLU D 579 7.21 25.69 49.59
N ILE D 580 8.52 25.54 49.77
CA ILE D 580 9.43 26.48 49.13
C ILE D 580 9.30 26.42 47.62
N ALA D 581 9.18 25.20 47.08
CA ALA D 581 9.11 25.04 45.63
C ALA D 581 7.87 25.71 45.04
N LEU D 582 6.72 25.56 45.71
CA LEU D 582 5.47 26.03 45.13
C LEU D 582 5.37 27.54 45.13
N LYS D 583 6.03 28.21 46.08
CA LYS D 583 5.97 29.66 46.15
C LYS D 583 6.96 30.34 45.23
N SER D 584 7.78 29.58 44.50
CA SER D 584 8.77 30.21 43.63
C SER D 584 8.14 30.86 42.42
N GLY D 585 7.19 30.17 41.78
CA GLY D 585 6.61 30.67 40.56
C GLY D 585 7.44 30.42 39.31
N PHE D 586 8.42 29.53 39.38
CA PHE D 586 9.25 29.26 38.23
C PHE D 586 8.45 28.56 37.14
N PRO D 587 8.85 28.72 35.87
CA PRO D 587 8.14 28.03 34.79
C PRO D 587 8.16 26.51 34.90
N PHE D 588 9.25 25.93 35.41
CA PHE D 588 9.46 24.50 35.36
C PHE D 588 9.76 23.99 36.75
N ILE D 589 8.98 23.02 37.21
CA ILE D 589 9.15 22.39 38.51
C ILE D 589 8.95 20.90 38.35
N ARG D 590 9.85 20.10 38.94
CA ARG D 590 9.71 18.66 38.83
C ARG D 590 10.22 17.98 40.09
N LEU D 591 9.68 16.78 40.33
CA LEU D 591 9.94 16.02 41.54
C LEU D 591 10.23 14.57 41.20
N ILE D 592 11.25 14.02 41.84
CA ILE D 592 11.58 12.60 41.75
C ILE D 592 11.46 12.01 43.15
N SER D 593 10.70 10.93 43.25
CA SER D 593 10.39 10.28 44.52
C SER D 593 10.33 8.79 44.31
N PRO D 594 10.50 8.00 45.38
CA PRO D 594 10.47 6.55 45.22
C PRO D 594 9.19 6.03 44.59
N ASN D 595 8.08 6.74 44.77
CA ASN D 595 6.81 6.25 44.25
C ASN D 595 6.85 6.11 42.74
N GLU D 596 7.52 7.04 42.06
CA GLU D 596 7.57 6.99 40.61
C GLU D 596 8.32 5.76 40.12
N LEU D 597 9.42 5.42 40.78
CA LEU D 597 10.30 4.37 40.27
C LEU D 597 9.90 2.97 40.72
N SER D 598 8.90 2.86 41.58
CA SER D 598 8.52 1.57 42.12
C SER D 598 8.12 0.62 41.00
N GLY D 599 8.65 -0.60 41.05
CA GLY D 599 8.32 -1.63 40.08
C GLY D 599 9.19 -1.66 38.86
N MET D 600 10.05 -0.68 38.66
CA MET D 600 10.91 -0.66 37.49
C MET D 600 12.14 -1.53 37.70
N SER D 601 12.87 -1.76 36.62
CA SER D 601 14.16 -2.43 36.69
C SER D 601 15.27 -1.40 36.84
N GLU D 602 16.48 -1.88 37.10
CA GLU D 602 17.60 -0.98 37.33
C GLU D 602 17.83 -0.09 36.12
N SER D 603 17.91 -0.70 34.93
CA SER D 603 18.16 0.09 33.73
C SER D 603 17.04 1.08 33.50
N ALA D 604 15.81 0.67 33.74
CA ALA D 604 14.69 1.59 33.59
C ALA D 604 14.81 2.77 34.53
N LYS D 605 15.22 2.51 35.77
CA LYS D 605 15.39 3.60 36.73
C LYS D 605 16.45 4.57 36.26
N ILE D 606 17.59 4.03 35.80
CA ILE D 606 18.66 4.91 35.35
C ILE D 606 18.19 5.75 34.17
N ALA D 607 17.51 5.12 33.22
CA ALA D 607 17.04 5.85 32.06
C ALA D 607 16.05 6.93 32.46
N TYR D 608 15.14 6.62 33.36
CA TYR D 608 14.16 7.59 33.79
C TYR D 608 14.82 8.79 34.45
N ILE D 609 15.78 8.53 35.34
CA ILE D 609 16.46 9.63 36.00
C ILE D 609 17.20 10.49 34.99
N ASP D 610 17.89 9.84 34.04
CA ASP D 610 18.63 10.59 33.05
C ASP D 610 17.71 11.46 32.21
N ASN D 611 16.58 10.91 31.79
CA ASN D 611 15.65 11.69 30.98
C ASN D 611 15.07 12.85 31.76
N THR D 612 14.73 12.63 33.03
CA THR D 612 14.20 13.71 33.83
C THR D 612 15.22 14.82 33.98
N PHE D 613 16.49 14.46 34.17
CA PHE D 613 17.52 15.49 34.27
C PHE D 613 17.75 16.18 32.93
N ARG D 614 17.62 15.46 31.82
CA ARG D 614 17.82 16.08 30.52
C ARG D 614 16.65 16.96 30.13
N ASP D 615 15.50 16.78 30.74
CA ASP D 615 14.35 17.60 30.43
C ASP D 615 14.35 18.91 31.22
N ALA D 616 15.32 19.10 32.09
CA ALA D 616 15.40 20.30 32.89
C ALA D 616 16.33 21.35 32.29
N TYR D 617 16.87 21.11 31.10
CA TYR D 617 17.77 22.05 30.46
C TYR D 617 17.10 22.85 29.35
N LYS D 618 15.77 22.88 29.31
CA LYS D 618 15.07 23.60 28.25
C LYS D 618 14.71 25.02 28.68
N SER D 619 13.91 25.15 29.72
CA SER D 619 13.41 26.45 30.12
C SER D 619 14.50 27.28 30.80
N PRO D 620 14.36 28.60 30.80
CA PRO D 620 15.41 29.44 31.40
C PRO D 620 15.62 29.17 32.89
N LEU D 621 14.56 28.87 33.64
CA LEU D 621 14.64 28.66 35.07
C LEU D 621 13.98 27.34 35.42
N ASN D 622 14.63 26.57 36.29
CA ASN D 622 14.16 25.23 36.59
C ASN D 622 14.37 24.91 38.07
N ILE D 623 13.45 24.11 38.62
CA ILE D 623 13.55 23.62 39.99
C ILE D 623 13.31 22.11 39.99
N LEU D 624 14.20 21.38 40.65
CA LEU D 624 14.14 19.93 40.71
C LEU D 624 14.27 19.49 42.16
N VAL D 625 13.40 18.58 42.59
CA VAL D 625 13.34 18.15 43.98
C VAL D 625 13.48 16.63 44.03
N ILE D 626 14.48 16.16 44.78
CA ILE D 626 14.76 14.75 44.97
C ILE D 626 14.37 14.37 46.39
N ASP D 627 13.56 13.32 46.52
CA ASP D 627 12.99 12.93 47.81
C ASP D 627 13.62 11.64 48.32
N SER D 628 14.12 11.68 49.56
CA SER D 628 14.60 10.50 50.26
C SER D 628 15.72 9.80 49.48
N LEU D 629 16.83 10.52 49.36
CA LEU D 629 17.95 10.01 48.59
C LEU D 629 18.32 8.60 49.02
N GLU D 630 18.29 8.34 50.32
CA GLU D 630 18.75 7.05 50.83
C GLU D 630 17.91 5.92 50.27
N THR D 631 16.60 6.11 50.17
CA THR D 631 15.75 5.04 49.68
C THR D 631 15.80 4.91 48.18
N LEU D 632 16.34 5.90 47.48
CA LEU D 632 16.49 5.79 46.05
C LEU D 632 17.58 4.80 45.68
N VAL D 633 18.52 4.53 46.58
CA VAL D 633 19.62 3.62 46.31
C VAL D 633 19.45 2.29 47.02
N ASP D 634 18.31 2.07 47.67
CA ASP D 634 18.04 0.78 48.32
C ASP D 634 19.07 0.47 49.40
N TRP D 635 19.11 1.32 50.42
CA TRP D 635 20.05 1.15 51.51
C TRP D 635 19.43 0.33 52.62
N VAL D 636 20.10 -0.74 53.01
CA VAL D 636 19.68 -1.57 54.14
C VAL D 636 20.90 -1.89 54.98
N PRO D 637 20.86 -1.70 56.29
CA PRO D 637 22.09 -1.76 57.09
C PRO D 637 22.56 -3.16 57.40
N ILE D 638 21.88 -4.21 56.93
CA ILE D 638 22.30 -5.56 57.28
C ILE D 638 23.62 -5.91 56.58
N GLY D 639 23.74 -5.56 55.31
CA GLY D 639 24.85 -6.01 54.51
C GLY D 639 26.15 -5.39 54.93
N PRO D 640 26.31 -4.09 54.67
CA PRO D 640 25.35 -3.16 54.07
C PRO D 640 25.11 -3.49 52.61
N ARG D 641 23.88 -3.35 52.12
CA ARG D 641 23.55 -3.57 50.72
C ARG D 641 23.00 -2.29 50.13
N PHE D 642 23.44 -1.99 48.90
CA PHE D 642 22.92 -0.84 48.17
C PHE D 642 23.37 -0.95 46.72
N SER D 643 22.77 -0.11 45.88
CA SER D 643 23.04 -0.12 44.45
C SER D 643 24.08 0.93 44.12
N ASN D 644 25.20 0.50 43.55
CA ASN D 644 26.28 1.42 43.25
C ASN D 644 26.01 2.24 42.00
N ASN D 645 25.38 1.64 40.99
CA ASN D 645 25.22 2.32 39.72
C ASN D 645 24.38 3.58 39.86
N ILE D 646 23.26 3.48 40.57
CA ILE D 646 22.40 4.64 40.73
C ILE D 646 23.12 5.71 41.54
N LEU D 647 23.88 5.29 42.56
CA LEU D 647 24.62 6.26 43.35
C LEU D 647 25.61 7.02 42.48
N GLN D 648 26.33 6.31 41.62
CA GLN D 648 27.30 6.98 40.77
C GLN D 648 26.60 7.90 39.78
N MET D 649 25.47 7.46 39.24
CA MET D 649 24.72 8.31 38.33
C MET D 649 24.33 9.62 39.01
N LEU D 650 23.76 9.51 40.21
CA LEU D 650 23.34 10.72 40.92
C LEU D 650 24.53 11.60 41.25
N LYS D 651 25.64 10.99 41.67
CA LYS D 651 26.79 11.79 42.04
C LYS D 651 27.34 12.55 40.85
N VAL D 652 27.33 11.92 39.68
CA VAL D 652 27.80 12.61 38.49
C VAL D 652 26.81 13.69 38.08
N ALA D 653 25.52 13.45 38.25
CA ALA D 653 24.52 14.37 37.74
C ALA D 653 24.29 15.57 38.62
N LEU D 654 24.76 15.53 39.88
CA LEU D 654 24.56 16.66 40.78
C LEU D 654 25.63 17.71 40.66
N LYS D 655 26.61 17.53 39.78
CA LYS D 655 27.70 18.47 39.64
C LYS D 655 27.87 18.99 38.22
N ARG D 656 27.04 18.55 37.29
CA ARG D 656 27.15 18.97 35.90
C ARG D 656 26.41 20.29 35.69
N LYS D 657 27.10 21.26 35.10
CA LYS D 657 26.51 22.56 34.87
C LYS D 657 25.62 22.51 33.63
N PRO D 658 24.53 23.29 33.60
CA PRO D 658 23.63 23.27 32.46
C PRO D 658 24.17 24.10 31.32
N PRO D 659 23.57 24.01 30.14
CA PRO D 659 24.05 24.81 29.00
C PRO D 659 23.97 26.31 29.26
N GLN D 660 24.46 27.09 28.31
CA GLN D 660 24.63 28.52 28.52
C GLN D 660 23.30 29.20 28.79
N ASP D 661 23.29 30.08 29.80
CA ASP D 661 22.14 30.92 30.10
C ASP D 661 20.92 30.08 30.48
N ARG D 662 21.13 29.08 31.32
CA ARG D 662 20.04 28.31 31.88
C ARG D 662 20.38 28.00 33.34
N ARG D 663 19.38 28.11 34.20
CA ARG D 663 19.60 28.05 35.64
C ARG D 663 18.71 26.98 36.25
N LEU D 664 19.30 26.21 37.16
CA LEU D 664 18.67 25.06 37.78
C LEU D 664 18.92 25.10 39.27
N LEU D 665 17.86 24.84 40.05
CA LEU D 665 17.98 24.75 41.50
C LEU D 665 17.55 23.36 41.94
N ILE D 666 18.46 22.63 42.59
CA ILE D 666 18.24 21.26 43.03
C ILE D 666 18.09 21.26 44.53
N MET D 667 17.06 20.58 45.03
CA MET D 667 16.84 20.41 46.47
C MET D 667 16.61 18.94 46.76
N THR D 668 17.42 18.37 47.64
CA THR D 668 17.35 16.96 47.97
C THR D 668 17.11 16.78 49.47
N THR D 669 16.27 15.81 49.81
CA THR D 669 15.89 15.55 51.19
C THR D 669 16.42 14.20 51.63
N THR D 670 17.06 14.17 52.81
CA THR D 670 17.62 12.95 53.36
C THR D 670 17.37 12.90 54.86
N SER D 671 17.47 11.70 55.42
CA SER D 671 17.30 11.49 56.85
C SER D 671 18.41 10.63 57.46
N ALA D 672 19.48 10.37 56.74
CA ALA D 672 20.58 9.52 57.20
C ALA D 672 21.91 10.22 57.01
N TYR D 673 21.99 11.47 57.47
CA TYR D 673 23.18 12.30 57.28
C TYR D 673 24.47 11.50 57.45
N SER D 674 24.54 10.69 58.50
CA SER D 674 25.76 9.95 58.77
C SER D 674 26.09 8.99 57.63
N VAL D 675 25.08 8.32 57.09
CA VAL D 675 25.31 7.37 56.01
C VAL D 675 25.89 8.09 54.80
N LEU D 676 25.34 9.24 54.46
CA LEU D 676 25.91 10.02 53.37
C LEU D 676 27.33 10.43 53.67
N GLN D 677 27.62 10.74 54.94
CA GLN D 677 28.99 11.07 55.30
C GLN D 677 29.90 9.89 55.03
N GLN D 678 29.46 8.68 55.37
CA GLN D 678 30.31 7.51 55.17
C GLN D 678 30.60 7.29 53.70
N MET D 679 29.58 7.46 52.85
CA MET D 679 29.79 7.24 51.43
C MET D 679 30.76 8.22 50.81
N ASP D 680 31.10 9.30 51.50
CA ASP D 680 31.97 10.34 50.96
C ASP D 680 31.29 11.09 49.82
N ILE D 681 29.97 11.20 49.89
CA ILE D 681 29.18 11.91 48.89
C ILE D 681 28.87 13.33 49.31
N LEU D 682 29.51 13.82 50.37
CA LEU D 682 29.12 15.10 50.95
C LEU D 682 29.84 16.27 50.32
N SER D 683 30.67 16.05 49.31
CA SER D 683 31.39 17.13 48.67
C SER D 683 30.58 17.83 47.57
N CYS D 684 29.43 17.26 47.19
CA CYS D 684 28.62 17.81 46.10
C CYS D 684 27.39 18.53 46.63
N PHE D 685 27.48 19.14 47.81
CA PHE D 685 26.40 19.95 48.35
C PHE D 685 26.97 21.29 48.80
N ASP D 686 26.33 22.37 48.38
CA ASP D 686 26.87 23.69 48.68
C ASP D 686 26.51 24.12 50.09
N ASN D 687 25.23 23.99 50.48
CA ASN D 687 24.80 24.40 51.80
C ASN D 687 23.84 23.39 52.37
N GLU D 688 23.71 23.41 53.70
CA GLU D 688 22.94 22.44 54.45
C GLU D 688 21.99 23.16 55.40
N ILE D 689 20.85 22.52 55.63
CA ILE D 689 19.81 23.05 56.50
C ILE D 689 19.35 21.94 57.43
N ALA D 690 19.04 22.32 58.67
CA ALA D 690 18.61 21.38 59.69
C ALA D 690 17.20 21.72 60.14
N VAL D 691 16.45 20.68 60.51
CA VAL D 691 15.05 20.84 60.93
C VAL D 691 14.82 20.08 62.22
N PRO D 692 15.25 20.61 63.37
CA PRO D 692 15.14 19.86 64.62
C PRO D 692 13.69 19.66 65.04
N ASN D 693 13.47 18.60 65.81
CA ASN D 693 12.15 18.31 66.35
C ASN D 693 11.71 19.39 67.32
N MET D 694 10.40 19.50 67.50
CA MET D 694 9.85 20.37 68.53
C MET D 694 10.24 19.84 69.90
N THR D 695 10.73 20.73 70.76
CA THR D 695 11.27 20.35 72.04
C THR D 695 10.69 21.11 73.22
N ASN D 696 9.87 22.13 72.99
CA ASN D 696 9.22 22.88 74.05
C ASN D 696 7.74 22.56 74.08
N LEU D 697 7.26 22.15 75.25
CA LEU D 697 5.88 21.72 75.39
C LEU D 697 4.89 22.80 74.97
N ASP D 698 5.23 24.07 75.18
CA ASP D 698 4.35 25.17 74.78
C ASP D 698 4.00 25.10 73.30
N GLU D 699 4.98 24.76 72.48
CA GLU D 699 4.74 24.66 71.05
C GLU D 699 3.57 23.71 70.79
N LEU D 700 3.46 22.68 71.60
CA LEU D 700 2.35 21.75 71.46
C LEU D 700 1.02 22.48 71.47
N ASN D 701 0.79 23.32 72.47
CA ASN D 701 -0.47 24.06 72.52
C ASN D 701 -0.60 24.97 71.32
N ASN D 702 0.52 25.53 70.86
CA ASN D 702 0.46 26.36 69.66
C ASN D 702 -0.12 25.57 68.50
N VAL D 703 0.24 24.29 68.39
CA VAL D 703 -0.36 23.44 67.37
C VAL D 703 -1.81 23.14 67.73
N MET D 704 -2.08 22.94 69.01
CA MET D 704 -3.39 22.47 69.43
C MET D 704 -4.45 23.46 69.01
N ILE D 705 -4.18 24.75 69.20
CA ILE D 705 -5.17 25.75 68.79
C ILE D 705 -5.40 25.66 67.29
N GLU D 706 -4.34 25.37 66.52
CA GLU D 706 -4.49 25.26 65.08
C GLU D 706 -5.31 24.05 64.70
N SER D 707 -5.44 23.07 65.61
CA SER D 707 -6.22 21.88 65.31
C SER D 707 -7.57 21.85 66.00
N ASN D 708 -7.79 22.69 67.00
CA ASN D 708 -9.07 22.78 67.69
C ASN D 708 -9.47 21.43 68.25
N PHE D 709 -8.50 20.72 68.84
CA PHE D 709 -8.77 19.39 69.37
C PHE D 709 -9.80 19.45 70.49
N LEU D 710 -9.45 20.13 71.59
CA LEU D 710 -10.27 20.15 72.80
C LEU D 710 -10.47 21.60 73.23
N ASP D 711 -11.15 21.76 74.36
CA ASP D 711 -11.41 23.08 74.92
C ASP D 711 -10.14 23.65 75.52
N ASP D 712 -10.19 24.95 75.82
CA ASP D 712 -9.02 25.62 76.39
C ASP D 712 -8.66 25.00 77.74
N ALA D 713 -9.65 24.70 78.57
CA ALA D 713 -9.38 24.07 79.86
C ALA D 713 -8.72 22.72 79.66
N GLY D 714 -9.19 21.94 78.70
CA GLY D 714 -8.54 20.68 78.40
C GLY D 714 -7.10 20.85 77.96
N ARG D 715 -6.83 21.88 77.16
CA ARG D 715 -5.46 22.16 76.74
C ARG D 715 -4.59 22.47 77.94
N VAL D 716 -5.09 23.31 78.86
CA VAL D 716 -4.32 23.63 80.05
C VAL D 716 -4.08 22.36 80.87
N LYS D 717 -5.09 21.53 81.02
CA LYS D 717 -4.94 20.32 81.81
C LYS D 717 -3.87 19.41 81.20
N VAL D 718 -3.93 19.20 79.89
CA VAL D 718 -2.99 18.30 79.25
C VAL D 718 -1.57 18.85 79.37
N ILE D 719 -1.39 20.15 79.14
CA ILE D 719 -0.04 20.71 79.21
C ILE D 719 0.51 20.61 80.63
N ASN D 720 -0.32 20.91 81.63
CA ASN D 720 0.16 20.80 83.01
C ASN D 720 0.51 19.36 83.35
N GLU D 721 -0.34 18.41 82.95
CA GLU D 721 -0.07 17.02 83.27
C GLU D 721 1.23 16.55 82.63
N LEU D 722 1.41 16.86 81.34
CA LEU D 722 2.63 16.44 80.66
C LEU D 722 3.86 17.12 81.25
N SER D 723 3.76 18.41 81.56
CA SER D 723 4.86 19.08 82.24
C SER D 723 5.19 18.38 83.54
N ARG D 724 4.16 17.90 84.25
CA ARG D 724 4.39 17.14 85.46
C ARG D 724 5.16 15.86 85.17
N SER D 725 4.79 15.15 84.10
CA SER D 725 5.33 13.81 83.84
C SER D 725 5.76 13.67 82.38
N CYS D 726 6.49 14.65 81.88
CA CYS D 726 7.07 14.53 80.55
C CYS D 726 8.20 15.53 80.36
N PRO D 727 9.38 15.26 80.92
CA PRO D 727 10.55 16.09 80.61
C PRO D 727 11.16 15.72 79.27
N ASN D 728 12.09 16.56 78.83
CA ASN D 728 12.81 16.37 77.56
C ASN D 728 11.87 15.91 76.45
N PHE D 729 10.92 16.78 76.14
CA PHE D 729 9.92 16.46 75.13
C PHE D 729 10.57 16.29 73.76
N ASN D 730 10.21 15.21 73.07
CA ASN D 730 10.75 14.93 71.73
C ASN D 730 9.78 14.01 71.02
N VAL D 731 9.01 14.55 70.07
CA VAL D 731 7.99 13.76 69.39
C VAL D 731 8.14 13.82 67.87
N GLY D 732 8.13 15.03 67.32
CA GLY D 732 8.00 15.19 65.89
C GLY D 732 6.56 15.49 65.51
N ILE D 733 6.36 16.38 64.54
CA ILE D 733 5.04 16.91 64.28
C ILE D 733 4.12 15.86 63.67
N LYS D 734 4.64 15.01 62.79
CA LYS D 734 3.80 14.02 62.14
C LYS D 734 3.13 13.10 63.16
N LYS D 735 3.94 12.59 64.10
CA LYS D 735 3.39 11.72 65.13
C LYS D 735 2.38 12.45 65.99
N THR D 736 2.66 13.71 66.30
CA THR D 736 1.75 14.50 67.12
C THR D 736 0.40 14.64 66.43
N LEU D 737 0.41 14.95 65.14
CA LEU D 737 -0.85 15.10 64.42
C LEU D 737 -1.60 13.79 64.35
N THR D 738 -0.88 12.69 64.12
CA THR D 738 -1.53 11.39 64.10
C THR D 738 -2.18 11.08 65.43
N ASN D 739 -1.48 11.37 66.52
CA ASN D 739 -2.02 11.11 67.84
C ASN D 739 -3.27 11.94 68.10
N ILE D 740 -3.23 13.22 67.74
CA ILE D 740 -4.40 14.07 67.97
C ILE D 740 -5.59 13.56 67.18
N GLU D 741 -5.36 13.18 65.92
CA GLU D 741 -6.44 12.65 65.10
C GLU D 741 -7.00 11.39 65.72
N THR D 742 -6.13 10.52 66.24
CA THR D 742 -6.62 9.30 66.86
C THR D 742 -7.45 9.61 68.09
N ALA D 743 -7.00 10.59 68.87
CA ALA D 743 -7.66 10.89 70.14
C ALA D 743 -8.98 11.61 69.94
N ARG D 744 -9.26 12.10 68.73
CA ARG D 744 -10.51 12.83 68.55
C ARG D 744 -11.72 11.92 68.74
N HIS D 745 -11.67 10.70 68.22
CA HIS D 745 -12.86 9.86 68.13
C HIS D 745 -12.94 8.77 69.19
N ASP D 746 -11.91 8.60 70.02
CA ASP D 746 -11.92 7.54 71.03
C ASP D 746 -12.35 8.07 72.39
N GLU D 747 -11.64 9.06 72.92
CA GLU D 747 -11.97 9.59 74.24
C GLU D 747 -11.44 11.02 74.30
N ASP D 748 -12.36 11.97 74.27
CA ASP D 748 -11.96 13.37 74.32
C ASP D 748 -11.12 13.70 75.55
N PRO D 749 -11.42 13.18 76.74
CA PRO D 749 -10.59 13.52 77.91
C PRO D 749 -9.10 13.28 77.70
N VAL D 750 -8.32 13.78 78.65
CA VAL D 750 -6.86 13.83 78.50
C VAL D 750 -6.29 12.42 78.37
N ASN D 751 -6.86 11.46 79.09
CA ASN D 751 -6.23 10.15 79.29
C ASN D 751 -5.57 9.62 78.02
N GLU D 752 -6.34 9.53 76.93
CA GLU D 752 -5.82 8.94 75.72
C GLU D 752 -4.65 9.75 75.17
N LEU D 753 -4.82 11.08 75.11
CA LEU D 753 -3.78 11.92 74.54
C LEU D 753 -2.50 11.84 75.36
N VAL D 754 -2.62 11.93 76.68
CA VAL D 754 -1.44 11.88 77.53
C VAL D 754 -0.76 10.53 77.42
N GLU D 755 -1.54 9.45 77.38
CA GLU D 755 -0.95 8.13 77.24
C GLU D 755 -0.18 8.02 75.94
N LEU D 756 -0.79 8.45 74.84
CA LEU D 756 -0.12 8.34 73.55
C LEU D 756 1.14 9.19 73.53
N MET D 757 1.06 10.41 74.07
CA MET D 757 2.21 11.30 74.03
C MET D 757 3.36 10.74 74.85
N THR D 758 3.08 10.30 76.08
CA THR D 758 4.14 9.72 76.89
C THR D 758 4.64 8.41 76.29
N GLN D 759 3.83 7.73 75.49
CA GLN D 759 4.29 6.54 74.80
C GLN D 759 5.29 6.89 73.71
N SER D 760 4.96 7.88 72.88
CA SER D 760 5.84 8.24 71.78
C SER D 760 7.15 8.85 72.28
N ALA D 761 7.06 9.72 73.28
CA ALA D 761 8.25 10.38 73.81
C ALA D 761 9.20 9.36 74.43
N ARG E 30 31.27 37.58 -68.32
CA ARG E 30 31.50 36.98 -69.63
C ARG E 30 30.92 35.57 -69.69
N HIS E 31 30.34 35.20 -70.82
CA HIS E 31 29.82 33.87 -71.04
C HIS E 31 30.86 33.09 -71.85
N LEU E 32 31.37 32.01 -71.28
CA LEU E 32 32.48 31.27 -71.85
C LEU E 32 32.11 29.80 -72.03
N LYS E 33 32.62 29.22 -73.11
CA LYS E 33 32.34 27.83 -73.43
C LYS E 33 33.34 26.92 -72.73
N VAL E 34 32.82 25.81 -72.20
CA VAL E 34 33.63 24.79 -71.54
C VAL E 34 34.18 23.86 -72.62
N SER E 35 35.49 23.67 -72.63
CA SER E 35 36.10 22.83 -73.65
C SER E 35 37.12 21.90 -73.00
N ASN E 36 37.62 20.97 -73.79
CA ASN E 36 38.59 20.01 -73.28
C ASN E 36 39.85 20.74 -72.84
N CYS E 37 40.50 20.22 -71.80
CA CYS E 37 41.70 20.86 -71.31
C CYS E 37 42.79 20.82 -72.38
N PRO E 38 43.62 21.85 -72.47
CA PRO E 38 44.65 21.88 -73.53
C PRO E 38 45.63 20.72 -73.44
N ASN E 39 45.99 20.31 -72.23
CA ASN E 39 46.93 19.21 -72.03
C ASN E 39 46.94 18.84 -70.55
N ASN E 40 47.67 17.77 -70.24
CA ASN E 40 47.72 17.28 -68.87
C ASN E 40 48.40 18.25 -67.92
N SER E 41 49.42 18.99 -68.38
CA SER E 41 50.10 19.92 -67.48
C SER E 41 49.14 21.00 -66.96
N TYR E 42 48.32 21.55 -67.86
CA TYR E 42 47.36 22.57 -67.44
C TYR E 42 46.33 21.98 -66.49
N ALA E 43 45.89 20.75 -66.75
CA ALA E 43 44.94 20.12 -65.85
C ALA E 43 45.56 19.93 -64.47
N LEU E 44 46.84 19.55 -64.43
CA LEU E 44 47.53 19.34 -63.16
C LEU E 44 47.59 20.63 -62.37
N ALA E 45 47.89 21.74 -63.05
CA ALA E 45 48.02 23.00 -62.32
C ALA E 45 46.72 23.45 -61.67
N ASN E 46 45.57 22.96 -62.14
CA ASN E 46 44.27 23.33 -61.57
C ASN E 46 44.05 24.83 -61.60
N VAL E 47 44.49 25.46 -62.69
CA VAL E 47 44.36 26.90 -62.88
C VAL E 47 43.60 27.14 -64.18
N ALA E 48 42.60 28.01 -64.13
CA ALA E 48 41.84 28.34 -65.33
C ALA E 48 42.75 29.02 -66.33
N ALA E 49 42.97 28.39 -67.47
CA ALA E 49 43.81 28.96 -68.51
C ALA E 49 42.96 29.87 -69.39
N VAL E 50 43.37 31.14 -69.50
CA VAL E 50 42.63 32.15 -70.23
C VAL E 50 43.60 32.91 -71.12
N SER E 51 43.06 33.54 -72.14
CA SER E 51 43.86 34.38 -73.03
C SER E 51 44.16 35.72 -72.35
N PRO E 52 45.24 36.39 -72.76
CA PRO E 52 45.51 37.72 -72.18
C PRO E 52 44.37 38.69 -72.38
N ASN E 53 43.66 38.59 -73.50
CA ASN E 53 42.51 39.46 -73.75
C ASN E 53 41.32 39.12 -72.87
N ASP E 54 41.30 37.93 -72.27
CA ASP E 54 40.17 37.51 -71.44
C ASP E 54 40.22 38.17 -70.07
N PHE E 55 41.30 37.96 -69.32
CA PHE E 55 41.42 38.50 -67.98
C PHE E 55 42.89 38.65 -67.65
N PRO E 56 43.24 39.51 -66.69
CA PRO E 56 44.63 39.63 -66.27
C PRO E 56 45.19 38.30 -65.77
N ASN E 57 46.49 38.29 -65.54
CA ASN E 57 47.19 37.08 -65.13
C ASN E 57 47.27 36.98 -63.62
N ASN E 58 47.05 35.76 -63.11
CA ASN E 58 47.20 35.46 -61.69
C ASN E 58 46.19 36.24 -60.83
N ILE E 59 44.92 36.13 -61.20
CA ILE E 59 43.83 36.71 -60.43
C ILE E 59 42.75 35.65 -60.23
N TYR E 60 42.01 35.78 -59.13
CA TYR E 60 40.96 34.83 -58.79
C TYR E 60 39.67 35.23 -59.50
N ILE E 61 39.04 34.26 -60.15
CA ILE E 61 37.79 34.48 -60.89
C ILE E 61 36.77 33.47 -60.41
N ILE E 62 35.53 33.93 -60.23
CA ILE E 62 34.42 33.07 -59.86
C ILE E 62 33.60 32.76 -61.10
N ILE E 63 32.97 31.60 -61.07
CA ILE E 63 32.17 31.11 -62.18
C ILE E 63 30.86 30.58 -61.60
N ASP E 64 29.74 31.03 -62.15
CA ASP E 64 28.41 30.67 -61.66
C ASP E 64 28.23 31.07 -60.20
N ASN E 65 29.04 32.01 -59.73
CA ASN E 65 29.04 32.49 -58.35
C ASN E 65 29.37 31.38 -57.35
N LEU E 66 29.89 30.25 -57.81
CA LEU E 66 30.18 29.13 -56.94
C LEU E 66 31.60 28.57 -57.08
N PHE E 67 32.15 28.54 -58.29
CA PHE E 67 33.40 27.84 -58.58
C PHE E 67 34.52 28.85 -58.81
N VAL E 68 35.47 28.89 -57.89
CA VAL E 68 36.55 29.89 -57.91
C VAL E 68 37.82 29.23 -58.41
N PHE E 69 38.53 29.91 -59.31
CA PHE E 69 39.77 29.38 -59.86
C PHE E 69 40.72 30.52 -60.17
N THR E 70 42.02 30.21 -60.18
CA THR E 70 43.06 31.19 -60.46
C THR E 70 43.35 31.21 -61.96
N THR E 71 43.40 32.41 -62.53
CA THR E 71 43.62 32.58 -63.95
C THR E 71 45.10 32.53 -64.28
N ARG E 72 45.43 31.93 -65.42
CA ARG E 72 46.78 31.95 -65.95
C ARG E 72 46.72 32.20 -67.45
N HIS E 73 47.59 33.09 -67.93
CA HIS E 73 47.62 33.40 -69.35
C HIS E 73 47.96 32.15 -70.16
N SER E 74 47.23 31.97 -71.26
CA SER E 74 47.45 30.84 -72.16
C SER E 74 47.12 31.29 -73.58
N ASN E 75 48.10 31.16 -74.48
CA ASN E 75 47.89 31.57 -75.86
C ASN E 75 47.20 30.50 -76.69
N ASP E 76 47.09 29.27 -76.19
CA ASP E 76 46.44 28.19 -76.91
C ASP E 76 44.91 28.21 -76.79
N ILE E 77 44.36 29.02 -75.90
CA ILE E 77 42.92 29.13 -75.71
C ILE E 77 42.47 30.47 -76.30
N PRO E 78 41.60 30.48 -77.30
CA PRO E 78 41.19 31.75 -77.90
C PRO E 78 40.38 32.56 -76.92
N PRO E 79 40.32 33.88 -77.09
CA PRO E 79 39.50 34.70 -76.18
C PRO E 79 38.04 34.28 -76.25
N GLY E 80 37.36 34.37 -75.10
CA GLY E 80 35.97 34.00 -74.99
C GLY E 80 35.70 32.54 -74.69
N THR E 81 36.73 31.74 -74.42
CA THR E 81 36.57 30.33 -74.10
C THR E 81 37.30 30.03 -72.80
N ILE E 82 36.76 29.11 -72.00
CA ILE E 82 37.33 28.77 -70.69
C ILE E 82 37.62 27.28 -70.69
N GLY E 83 38.81 26.92 -70.23
CA GLY E 83 39.23 25.53 -70.16
C GLY E 83 39.00 24.93 -68.79
N PHE E 84 38.55 23.67 -68.79
CA PHE E 84 38.30 22.93 -67.56
C PHE E 84 38.84 21.52 -67.73
N ASN E 85 39.12 20.87 -66.61
CA ASN E 85 39.49 19.47 -66.59
C ASN E 85 38.28 18.62 -66.20
N GLY E 86 38.46 17.30 -66.25
CA GLY E 86 37.36 16.41 -65.96
C GLY E 86 36.81 16.55 -64.56
N ASN E 87 37.69 16.72 -63.57
CA ASN E 87 37.24 16.82 -62.18
C ASN E 87 36.41 18.07 -61.95
N GLN E 88 36.79 19.19 -62.56
CA GLN E 88 36.01 20.42 -62.42
C GLN E 88 34.62 20.26 -63.02
N ARG E 89 34.54 19.61 -64.19
CA ARG E 89 33.24 19.34 -64.78
C ARG E 89 32.41 18.43 -63.89
N THR E 90 33.05 17.41 -63.29
CA THR E 90 32.32 16.54 -62.38
C THR E 90 31.77 17.32 -61.18
N TRP E 91 32.59 18.22 -60.62
CA TRP E 91 32.14 19.07 -59.53
C TRP E 91 30.96 19.94 -59.94
N GLY E 92 31.01 20.53 -61.13
CA GLY E 92 29.93 21.36 -61.63
C GLY E 92 28.88 20.64 -62.44
N GLY E 93 29.10 19.37 -62.75
CA GLY E 93 28.20 18.60 -63.58
C GLY E 93 28.03 19.18 -64.98
N TRP E 94 29.14 19.57 -65.61
CA TRP E 94 29.09 20.24 -66.91
C TRP E 94 29.49 19.29 -68.03
N SER E 95 28.89 19.51 -69.21
CA SER E 95 29.22 18.81 -70.43
C SER E 95 30.12 19.67 -71.31
N LEU E 96 30.70 19.04 -72.33
CA LEU E 96 31.53 19.77 -73.28
C LEU E 96 30.69 20.77 -74.06
N ASN E 97 31.29 21.92 -74.36
CA ASN E 97 30.67 23.04 -75.07
C ASN E 97 29.59 23.75 -74.25
N GLN E 98 29.49 23.47 -72.95
CA GLN E 98 28.49 24.13 -72.12
C GLN E 98 28.90 25.57 -71.84
N ASP E 99 27.90 26.45 -71.74
CA ASP E 99 28.15 27.87 -71.51
C ASP E 99 28.04 28.17 -70.02
N VAL E 100 29.04 28.88 -69.48
CA VAL E 100 29.10 29.22 -68.07
C VAL E 100 29.38 30.71 -67.93
N GLN E 101 28.98 31.26 -66.78
CA GLN E 101 29.15 32.68 -66.48
C GLN E 101 30.39 32.86 -65.64
N ALA E 102 31.22 33.82 -66.00
CA ALA E 102 32.48 34.10 -65.31
C ALA E 102 32.54 35.57 -64.93
N LYS E 103 32.98 35.83 -63.70
CA LYS E 103 33.16 37.19 -63.21
C LYS E 103 34.41 37.24 -62.35
N ALA E 104 34.89 38.45 -62.10
CA ALA E 104 35.98 38.63 -61.15
C ALA E 104 35.52 38.29 -59.75
N PHE E 105 36.44 37.80 -58.93
CA PHE E 105 36.12 37.37 -57.58
C PHE E 105 37.02 38.09 -56.58
N ASP E 106 36.44 38.38 -55.41
CA ASP E 106 37.17 39.03 -54.31
C ASP E 106 36.76 38.33 -53.03
N LEU E 107 37.55 37.33 -52.62
CA LEU E 107 37.24 36.57 -51.42
C LEU E 107 37.35 37.44 -50.16
N PHE E 108 38.29 38.39 -50.15
CA PHE E 108 38.51 39.19 -48.95
C PHE E 108 37.28 40.01 -48.59
N LYS E 109 36.65 40.65 -49.58
CA LYS E 109 35.43 41.38 -49.31
C LYS E 109 34.31 40.46 -48.84
N TYR E 110 34.16 39.30 -49.49
CA TYR E 110 33.06 38.39 -49.17
C TYR E 110 33.18 37.86 -47.74
N SER E 111 34.35 37.34 -47.38
CA SER E 111 34.52 36.75 -46.06
C SER E 111 34.73 37.78 -44.97
N GLY E 112 35.37 38.91 -45.29
CA GLY E 112 35.62 39.94 -44.31
C GLY E 112 36.87 39.67 -43.48
N LYS E 113 36.81 38.67 -42.60
CA LYS E 113 37.93 38.34 -41.72
C LYS E 113 38.51 36.96 -41.94
N GLN E 114 37.66 35.93 -42.09
CA GLN E 114 38.14 34.56 -42.28
C GLN E 114 38.64 34.40 -43.71
N SER E 115 39.93 34.63 -43.91
CA SER E 115 40.55 34.59 -45.23
C SER E 115 41.55 33.46 -45.40
N TYR E 116 41.93 32.77 -44.34
CA TYR E 116 42.96 31.74 -44.37
C TYR E 116 42.35 30.38 -44.02
N LEU E 117 43.05 29.32 -44.38
CA LEU E 117 42.61 27.96 -44.14
C LEU E 117 43.32 27.42 -42.90
N GLY E 118 42.54 27.08 -41.87
CA GLY E 118 43.10 26.55 -40.64
C GLY E 118 43.27 25.05 -40.68
N SER E 119 42.18 24.32 -40.91
CA SER E 119 42.21 22.86 -40.99
C SER E 119 41.45 22.42 -42.23
N ILE E 120 42.08 21.57 -43.04
CA ILE E 120 41.50 21.10 -44.30
C ILE E 120 41.53 19.58 -44.29
N ASP E 121 40.38 18.96 -44.55
CA ASP E 121 40.29 17.50 -44.64
C ASP E 121 40.17 17.10 -46.10
N ILE E 122 40.98 16.14 -46.52
CA ILE E 122 41.05 15.70 -47.91
C ILE E 122 40.85 14.20 -47.95
N ASP E 123 39.86 13.75 -48.71
CA ASP E 123 39.67 12.34 -49.00
C ASP E 123 40.48 11.96 -50.23
N ILE E 124 41.30 10.91 -50.11
CA ILE E 124 42.20 10.51 -51.18
C ILE E 124 41.72 9.18 -51.75
N SER E 125 41.64 9.10 -53.07
CA SER E 125 41.19 7.89 -53.75
C SER E 125 42.05 7.64 -54.97
N PHE E 126 42.12 6.38 -55.38
CA PHE E 126 42.81 6.01 -56.61
C PHE E 126 41.93 6.33 -57.80
N ARG E 127 42.48 7.07 -58.76
CA ARG E 127 41.74 7.40 -59.98
C ARG E 127 41.44 6.13 -60.78
N ASP E 138 53.55 9.28 -47.35
CA ASP E 138 53.82 10.20 -46.25
C ASP E 138 52.84 11.37 -46.34
N GLN E 139 52.05 11.57 -45.29
CA GLN E 139 51.10 12.70 -45.28
C GLN E 139 51.83 14.03 -45.28
N ASP E 140 52.98 14.12 -44.59
CA ASP E 140 53.75 15.35 -44.62
C ASP E 140 54.22 15.67 -46.03
N GLU E 141 54.67 14.66 -46.78
CA GLU E 141 55.07 14.89 -48.16
C GLU E 141 53.88 15.31 -49.02
N LEU E 142 52.72 14.71 -48.78
CA LEU E 142 51.52 15.10 -49.53
C LEU E 142 51.18 16.57 -49.27
N ALA E 143 51.19 16.98 -48.00
CA ALA E 143 50.90 18.36 -47.67
C ALA E 143 51.96 19.30 -48.25
N LYS E 144 53.23 18.91 -48.20
CA LYS E 144 54.28 19.73 -48.77
C LYS E 144 54.09 19.91 -50.27
N GLN E 145 53.74 18.82 -50.97
CA GLN E 145 53.46 18.93 -52.40
C GLN E 145 52.25 19.82 -52.66
N PHE E 146 51.21 19.69 -51.83
CA PHE E 146 50.01 20.51 -52.00
C PHE E 146 50.35 21.99 -51.87
N VAL E 147 51.14 22.35 -50.87
CA VAL E 147 51.52 23.75 -50.68
C VAL E 147 52.46 24.21 -51.78
N ARG E 148 53.39 23.33 -52.18
CA ARG E 148 54.39 23.70 -53.18
C ARG E 148 53.76 23.96 -54.54
N CYS E 149 52.80 23.13 -54.94
CA CYS E 149 52.25 23.24 -56.28
C CYS E 149 51.13 24.27 -56.35
N TYR E 150 50.32 24.38 -55.30
CA TYR E 150 49.16 25.28 -55.29
C TYR E 150 49.30 26.17 -54.06
N GLU E 151 49.69 27.42 -54.28
CA GLU E 151 49.81 28.41 -53.21
C GLU E 151 48.89 29.59 -53.52
N SER E 152 48.33 30.17 -52.46
CA SER E 152 47.46 31.34 -52.56
C SER E 152 46.29 31.08 -53.50
N GLN E 153 45.74 29.87 -53.45
CA GLN E 153 44.57 29.51 -54.23
C GLN E 153 43.34 29.40 -53.34
N ILE E 154 42.17 29.59 -53.94
CA ILE E 154 40.90 29.54 -53.24
C ILE E 154 40.26 28.19 -53.46
N PHE E 155 39.90 27.51 -52.37
CA PHE E 155 39.30 26.19 -52.44
C PHE E 155 38.05 26.16 -51.58
N SER E 156 37.11 25.31 -51.97
CA SER E 156 35.82 25.18 -51.30
C SER E 156 35.53 23.71 -51.05
N PRO E 157 34.67 23.40 -50.08
CA PRO E 157 34.32 22.01 -49.82
C PRO E 157 33.71 21.35 -51.06
N THR E 158 34.01 20.06 -51.21
CA THR E 158 33.61 19.18 -52.30
C THR E 158 34.38 19.47 -53.58
N GLN E 159 35.28 20.45 -53.58
CA GLN E 159 36.10 20.71 -54.76
C GLN E 159 37.06 19.56 -55.00
N TYR E 160 37.22 19.18 -56.26
CA TYR E 160 38.02 18.03 -56.66
C TYR E 160 39.35 18.49 -57.24
N LEU E 161 40.35 17.61 -57.14
CA LEU E 161 41.67 17.88 -57.68
C LEU E 161 42.34 16.58 -58.08
N ILE E 162 43.24 16.67 -59.06
CA ILE E 162 44.03 15.55 -59.53
C ILE E 162 45.48 15.80 -59.14
N MET E 163 46.07 14.90 -58.37
CA MET E 163 47.41 15.07 -57.84
C MET E 163 48.34 14.00 -58.42
N GLU E 164 49.51 14.44 -58.86
CA GLU E 164 50.54 13.56 -59.41
C GLU E 164 51.69 13.52 -58.41
N PHE E 165 51.77 12.44 -57.64
CA PHE E 165 52.80 12.27 -56.61
C PHE E 165 53.67 11.08 -56.99
N GLN E 166 54.93 11.35 -57.31
CA GLN E 166 55.88 10.31 -57.70
C GLN E 166 55.33 9.45 -58.83
N GLY E 167 54.65 10.09 -59.77
CA GLY E 167 54.09 9.41 -60.92
C GLY E 167 52.76 8.74 -60.69
N HIS E 168 52.22 8.83 -59.47
CA HIS E 168 50.94 8.21 -59.14
C HIS E 168 49.85 9.28 -59.17
N PHE E 169 48.75 8.99 -59.85
CA PHE E 169 47.65 9.93 -60.01
C PHE E 169 46.54 9.61 -59.01
N PHE E 170 46.15 10.61 -58.22
CA PHE E 170 45.15 10.46 -57.18
C PHE E 170 44.06 11.51 -57.35
N ASP E 171 42.85 11.14 -56.96
CA ASP E 171 41.72 12.06 -56.89
C ASP E 171 41.57 12.53 -55.44
N LEU E 172 41.62 13.83 -55.23
CA LEU E 172 41.49 14.42 -53.90
C LEU E 172 40.21 15.25 -53.84
N LYS E 173 39.39 14.99 -52.83
CA LYS E 173 38.14 15.70 -52.61
C LYS E 173 38.23 16.34 -51.24
N ILE E 174 38.04 17.66 -51.20
CA ILE E 174 38.08 18.40 -49.94
C ILE E 174 36.74 18.16 -49.24
N ARG E 175 36.73 17.28 -48.24
CA ARG E 175 35.44 16.97 -47.60
C ARG E 175 34.97 18.12 -46.72
N ASN E 176 35.89 18.77 -46.01
CA ASN E 176 35.52 19.90 -45.18
C ASN E 176 36.69 20.86 -45.06
N VAL E 177 36.35 22.10 -44.71
CA VAL E 177 37.28 23.21 -44.62
C VAL E 177 36.93 24.05 -43.40
N GLN E 178 37.95 24.60 -42.77
CA GLN E 178 37.81 25.53 -41.66
C GLN E 178 38.48 26.85 -42.04
N ALA E 179 37.73 27.94 -41.96
CA ALA E 179 38.25 29.26 -42.30
C ALA E 179 38.54 30.05 -41.03
N ILE E 180 39.73 30.64 -40.96
CA ILE E 180 40.18 31.39 -39.80
C ILE E 180 40.78 32.70 -40.27
N ASP E 181 40.74 33.71 -39.39
CA ASP E 181 41.32 35.01 -39.65
C ASP E 181 42.71 35.10 -39.02
N LEU E 182 43.58 35.91 -39.63
CA LEU E 182 44.90 36.12 -39.08
C LEU E 182 44.80 36.75 -37.69
N GLY E 183 45.62 36.24 -36.76
CA GLY E 183 45.61 36.71 -35.39
C GLY E 183 44.82 35.86 -34.43
N ASP E 184 44.11 34.84 -34.92
CA ASP E 184 43.34 33.93 -34.07
C ASP E 184 44.27 32.85 -33.54
N ILE E 185 44.62 32.94 -32.25
CA ILE E 185 45.55 31.97 -31.66
C ILE E 185 44.92 30.58 -31.63
N GLU E 186 43.62 30.50 -31.34
CA GLU E 186 42.93 29.23 -31.24
C GLU E 186 41.88 29.10 -32.34
N PRO E 187 41.73 27.90 -32.93
CA PRO E 187 40.70 27.74 -33.99
C PRO E 187 39.30 27.53 -33.43
N THR E 188 38.78 28.57 -32.78
CA THR E 188 37.45 28.49 -32.17
C THR E 188 36.33 28.48 -33.20
N SER E 189 36.62 28.78 -34.46
CA SER E 189 35.59 28.75 -35.49
C SER E 189 35.16 27.31 -35.78
N ALA E 190 33.85 27.11 -35.92
CA ALA E 190 33.34 25.78 -36.21
C ALA E 190 33.72 25.35 -37.62
N VAL E 191 34.11 24.08 -37.76
CA VAL E 191 34.44 23.54 -39.07
C VAL E 191 33.16 23.45 -39.90
N ALA E 192 33.19 24.03 -41.10
CA ALA E 192 32.02 24.14 -41.94
C ALA E 192 32.13 23.19 -43.13
N THR E 193 31.07 22.40 -43.35
CA THR E 193 30.94 21.56 -44.53
C THR E 193 30.19 22.25 -45.67
N GLY E 194 29.73 23.48 -45.45
CA GLY E 194 29.00 24.19 -46.49
C GLY E 194 29.95 24.81 -47.50
N ILE E 195 29.52 24.80 -48.77
CA ILE E 195 30.35 25.34 -49.86
C ILE E 195 30.53 26.84 -49.75
N GLU E 196 29.76 27.51 -48.89
CA GLU E 196 29.88 28.95 -48.75
C GLU E 196 31.28 29.35 -48.27
N THR E 197 31.84 28.59 -47.33
CA THR E 197 33.14 28.92 -46.76
C THR E 197 34.25 28.67 -47.76
N LYS E 198 35.16 29.64 -47.88
CA LYS E 198 36.34 29.52 -48.73
C LYS E 198 37.50 30.18 -48.01
N GLY E 199 38.72 29.80 -48.39
CA GLY E 199 39.90 30.32 -47.74
C GLY E 199 41.10 30.30 -48.66
N ILE E 200 42.20 30.85 -48.16
CA ILE E 200 43.46 30.93 -48.88
C ILE E 200 44.45 29.99 -48.23
N LEU E 201 45.07 29.12 -49.02
CA LEU E 201 46.00 28.13 -48.50
C LEU E 201 47.24 28.82 -47.93
N THR E 202 47.77 28.27 -46.84
CA THR E 202 48.96 28.78 -46.20
C THR E 202 49.91 27.62 -45.89
N LYS E 203 51.17 27.97 -45.64
CA LYS E 203 52.20 26.97 -45.34
C LYS E 203 52.03 26.34 -43.96
N GLN E 204 50.99 26.68 -43.21
CA GLN E 204 50.77 26.14 -41.88
C GLN E 204 49.43 25.43 -41.72
N THR E 205 48.60 25.39 -42.76
CA THR E 205 47.29 24.76 -42.65
C THR E 205 47.45 23.29 -42.28
N GLN E 206 46.65 22.84 -41.31
CA GLN E 206 46.67 21.46 -40.87
C GLN E 206 45.88 20.61 -41.86
N ILE E 207 46.59 19.74 -42.58
CA ILE E 207 46.00 18.92 -43.63
C ILE E 207 45.81 17.52 -43.08
N ASN E 208 44.56 17.07 -43.01
CA ASN E 208 44.23 15.74 -42.54
C ASN E 208 43.72 14.92 -43.71
N PHE E 209 44.35 13.77 -43.95
CA PHE E 209 44.02 12.90 -45.07
C PHE E 209 43.20 11.72 -44.58
N PHE E 210 42.10 11.46 -45.28
CA PHE E 210 41.23 10.32 -45.01
C PHE E 210 41.12 9.45 -46.25
N LYS E 211 40.80 8.19 -46.04
CA LYS E 211 40.60 7.27 -47.15
C LYS E 211 39.40 7.72 -47.97
N GLY E 212 39.50 7.56 -49.28
CA GLY E 212 38.39 7.83 -50.16
C GLY E 212 37.29 6.81 -49.99
N ARG E 213 36.14 7.13 -50.60
CA ARG E 213 35.00 6.22 -50.51
C ARG E 213 35.34 4.83 -51.00
N ASP E 214 36.28 4.72 -51.94
CA ASP E 214 36.73 3.41 -52.39
C ASP E 214 37.54 2.69 -51.31
N GLY E 215 38.31 3.42 -50.52
CA GLY E 215 39.09 2.81 -49.46
C GLY E 215 40.21 1.92 -49.94
N LEU E 216 40.96 2.33 -50.96
CA LEU E 216 42.08 1.56 -51.48
C LEU E 216 43.44 2.17 -51.17
N VAL E 217 43.49 3.47 -50.87
CA VAL E 217 44.75 4.15 -50.61
C VAL E 217 45.25 3.79 -49.21
N ALA E 231 40.95 12.55 -28.44
CA ALA E 231 41.28 11.17 -28.08
C ALA E 231 40.63 10.80 -26.75
N VAL E 232 41.28 11.12 -25.64
CA VAL E 232 40.77 10.82 -24.32
C VAL E 232 40.71 12.03 -23.41
N ILE E 233 41.53 13.06 -23.65
CA ILE E 233 41.46 14.32 -22.94
C ILE E 233 41.47 15.43 -23.98
N ARG E 234 40.71 16.48 -23.72
CA ARG E 234 40.68 17.59 -24.64
C ARG E 234 42.04 18.28 -24.68
N PRO E 235 42.50 18.74 -25.84
CA PRO E 235 43.78 19.47 -25.89
C PRO E 235 43.72 20.81 -25.17
N ASP E 236 42.53 21.34 -24.91
CA ASP E 236 42.35 22.64 -24.26
C ASP E 236 41.70 22.40 -22.91
N PHE E 237 42.52 22.21 -21.88
CA PHE E 237 42.02 21.98 -20.54
C PHE E 237 43.19 22.01 -19.56
N LYS E 238 42.97 22.62 -18.39
CA LYS E 238 44.01 22.70 -17.38
C LYS E 238 43.53 22.45 -15.95
N PHE E 239 42.24 22.22 -15.73
CA PHE E 239 41.70 21.84 -14.42
C PHE E 239 41.70 23.03 -13.45
N GLU E 240 42.29 24.14 -13.85
CA GLU E 240 42.22 25.33 -13.02
C GLU E 240 40.84 25.96 -13.09
N ASP E 241 40.16 25.80 -14.23
CA ASP E 241 38.85 26.40 -14.42
C ASP E 241 37.76 25.64 -13.67
N LEU E 242 37.89 24.33 -13.56
CA LEU E 242 36.81 23.52 -13.02
C LEU E 242 36.60 23.85 -11.54
N GLY E 243 35.36 23.68 -11.10
CA GLY E 243 34.97 24.17 -9.78
C GLY E 243 35.66 23.44 -8.65
N VAL E 244 35.80 22.12 -8.76
CA VAL E 244 36.28 21.31 -7.66
C VAL E 244 37.60 21.86 -7.16
N GLY E 245 37.66 22.22 -5.89
CA GLY E 245 38.87 22.73 -5.29
C GLY E 245 39.04 22.19 -3.88
N GLY E 246 40.29 22.08 -3.47
CA GLY E 246 40.65 21.48 -2.20
C GLY E 246 40.95 20.01 -2.27
N LEU E 247 40.59 19.34 -3.36
CA LEU E 247 40.92 17.93 -3.59
C LEU E 247 41.76 17.86 -4.85
N ASP E 248 43.08 17.91 -4.68
CA ASP E 248 44.01 17.81 -5.79
C ASP E 248 44.73 16.48 -5.85
N LYS E 249 45.13 15.94 -4.70
CA LYS E 249 45.81 14.65 -4.69
C LYS E 249 44.89 13.56 -5.22
N GLU E 250 43.62 13.59 -4.82
CA GLU E 250 42.68 12.60 -5.31
C GLU E 250 42.54 12.67 -6.83
N PHE E 251 42.49 13.90 -7.36
CA PHE E 251 42.41 14.06 -8.81
C PHE E 251 43.61 13.46 -9.50
N THR E 252 44.81 13.72 -8.96
CA THR E 252 46.01 13.16 -9.57
C THR E 252 46.01 11.65 -9.52
N LYS E 253 45.60 11.08 -8.38
CA LYS E 253 45.56 9.63 -8.27
C LYS E 253 44.58 9.04 -9.28
N ILE E 254 43.40 9.64 -9.40
CA ILE E 254 42.40 9.14 -10.34
C ILE E 254 42.95 9.21 -11.76
N PHE E 255 43.54 10.35 -12.11
CA PHE E 255 44.06 10.52 -13.45
C PHE E 255 45.17 9.52 -13.74
N ARG E 256 46.01 9.26 -12.75
CA ARG E 256 47.14 8.36 -12.96
C ARG E 256 46.67 6.91 -13.09
N ARG E 257 45.72 6.49 -12.28
CA ARG E 257 45.33 5.09 -12.26
C ARG E 257 44.15 4.76 -13.17
N ALA E 258 43.52 5.75 -13.80
CA ALA E 258 42.32 5.50 -14.58
C ALA E 258 42.53 5.73 -16.07
N PHE E 259 42.93 6.94 -16.47
CA PHE E 259 43.04 7.28 -17.88
C PHE E 259 44.47 7.26 -18.38
N ALA E 260 45.44 6.95 -17.52
CA ALA E 260 46.83 6.96 -17.94
C ALA E 260 47.08 5.93 -19.03
N SER E 261 46.55 4.72 -18.86
CA SER E 261 46.80 3.65 -19.82
C SER E 261 46.23 3.94 -21.21
N ARG E 262 45.31 4.89 -21.31
CA ARG E 262 44.68 5.23 -22.58
C ARG E 262 45.22 6.51 -23.17
N ILE E 263 46.48 6.84 -22.90
CA ILE E 263 47.13 8.03 -23.44
C ILE E 263 48.01 7.70 -24.62
N PHE E 264 48.86 6.67 -24.48
CA PHE E 264 49.77 6.29 -25.55
C PHE E 264 48.99 5.74 -26.73
N PRO E 265 49.68 5.49 -27.85
CA PRO E 265 49.08 4.65 -28.88
C PRO E 265 48.88 3.25 -28.35
N PRO E 266 47.87 2.53 -28.86
CA PRO E 266 47.56 1.22 -28.28
C PRO E 266 48.71 0.24 -28.34
N SER E 267 49.56 0.33 -29.38
CA SER E 267 50.56 -0.70 -29.62
C SER E 267 51.43 -0.95 -28.40
N VAL E 268 51.72 0.08 -27.62
CA VAL E 268 52.61 -0.09 -26.48
C VAL E 268 52.00 -1.00 -25.44
N ILE E 269 50.70 -0.84 -25.17
CA ILE E 269 50.08 -1.52 -24.04
C ILE E 269 50.21 -3.04 -24.20
N GLU E 270 49.83 -3.55 -25.37
CA GLU E 270 49.96 -4.97 -25.61
C GLU E 270 51.43 -5.38 -25.61
N LYS E 271 52.32 -4.49 -26.06
CA LYS E 271 53.74 -4.77 -25.99
C LYS E 271 54.20 -4.87 -24.55
N LEU E 272 53.50 -4.20 -23.63
CA LEU E 272 53.87 -4.20 -22.22
C LEU E 272 53.07 -5.21 -21.41
N GLY E 273 52.03 -5.80 -21.97
CA GLY E 273 51.26 -6.82 -21.27
C GLY E 273 50.50 -6.29 -20.06
N ILE E 274 49.82 -5.15 -20.21
CA ILE E 274 49.03 -4.56 -19.14
C ILE E 274 47.61 -4.35 -19.63
N SER E 275 46.65 -4.74 -18.80
CA SER E 275 45.23 -4.60 -19.13
C SER E 275 44.70 -3.27 -18.61
N HIS E 276 43.56 -2.87 -19.17
CA HIS E 276 42.92 -1.63 -18.77
C HIS E 276 42.10 -1.84 -17.49
N VAL E 277 41.89 -0.75 -16.77
CA VAL E 277 41.03 -0.76 -15.60
C VAL E 277 39.59 -0.55 -16.04
N LYS E 278 38.67 -1.18 -15.31
CA LYS E 278 37.27 -1.20 -15.69
C LYS E 278 36.34 -0.54 -14.69
N GLY E 279 36.65 -0.63 -13.40
CA GLY E 279 35.77 -0.10 -12.36
C GLY E 279 36.47 0.94 -11.50
N LEU E 280 35.71 1.96 -11.11
CA LEU E 280 36.18 3.02 -10.23
C LEU E 280 35.11 3.25 -9.17
N LEU E 281 35.53 3.39 -7.92
CA LEU E 281 34.57 3.57 -6.83
C LEU E 281 34.94 4.82 -6.03
N LEU E 282 33.96 5.67 -5.79
CA LEU E 282 34.12 6.86 -4.96
C LEU E 282 33.18 6.78 -3.77
N TYR E 283 33.71 7.10 -2.58
CA TYR E 283 32.91 7.06 -1.37
C TYR E 283 33.47 8.03 -0.35
N GLY E 284 32.56 8.53 0.50
CA GLY E 284 32.90 9.47 1.54
C GLY E 284 31.68 9.89 2.32
N PRO E 285 31.87 10.78 3.29
CA PRO E 285 30.75 11.23 4.12
C PRO E 285 29.79 12.08 3.32
N PRO E 286 28.56 12.26 3.82
CA PRO E 286 27.56 13.02 3.06
C PRO E 286 27.97 14.47 2.84
N GLY E 287 28.00 14.88 1.58
CA GLY E 287 28.27 16.26 1.26
C GLY E 287 29.75 16.60 1.19
N THR E 288 30.48 15.92 0.32
CA THR E 288 31.90 16.16 0.17
C THR E 288 32.30 16.56 -1.24
N GLY E 289 31.47 16.31 -2.24
CA GLY E 289 31.70 16.86 -3.56
C GLY E 289 31.77 15.83 -4.67
N LYS E 290 31.46 14.58 -4.36
CA LYS E 290 31.62 13.52 -5.35
C LYS E 290 30.70 13.75 -6.54
N THR E 291 29.44 14.10 -6.27
CA THR E 291 28.50 14.30 -7.35
C THR E 291 28.94 15.46 -8.25
N LEU E 292 29.60 16.46 -7.67
CA LEU E 292 30.13 17.54 -8.48
C LEU E 292 31.18 17.04 -9.46
N ILE E 293 32.08 16.18 -8.98
CA ILE E 293 33.09 15.59 -9.86
C ILE E 293 32.40 14.82 -10.97
N ALA E 294 31.42 14.00 -10.61
CA ALA E 294 30.73 13.21 -11.62
C ALA E 294 30.08 14.12 -12.66
N ARG E 295 29.46 15.20 -12.21
CA ARG E 295 28.77 16.10 -13.13
C ARG E 295 29.74 16.76 -14.10
N LYS E 296 30.88 17.22 -13.60
CA LYS E 296 31.76 18.04 -14.43
C LYS E 296 32.80 17.24 -15.20
N ILE E 297 33.03 15.97 -14.85
CA ILE E 297 34.07 15.20 -15.52
C ILE E 297 33.75 15.04 -16.99
N GLY E 298 32.50 14.78 -17.33
CA GLY E 298 32.14 14.54 -18.72
C GLY E 298 32.49 15.72 -19.60
N THR E 299 32.13 16.93 -19.17
CA THR E 299 32.40 18.10 -19.98
C THR E 299 33.87 18.51 -19.92
N MET E 300 34.55 18.20 -18.82
CA MET E 300 35.91 18.68 -18.66
C MET E 300 36.91 17.89 -19.50
N LEU E 301 36.69 16.59 -19.70
CA LEU E 301 37.70 15.72 -20.30
C LEU E 301 37.23 15.15 -21.65
N ASN E 302 36.59 15.98 -22.47
CA ASN E 302 36.25 15.61 -23.85
C ASN E 302 35.74 14.17 -23.94
N ALA E 303 34.81 13.84 -23.06
CA ALA E 303 34.26 12.49 -23.02
C ALA E 303 32.89 12.44 -23.72
N LYS E 304 32.55 11.26 -24.23
CA LYS E 304 31.20 11.03 -24.71
C LYS E 304 30.20 11.29 -23.59
N GLU E 305 29.07 11.90 -23.94
CA GLU E 305 28.08 12.24 -22.95
C GLU E 305 27.81 11.03 -22.06
N PRO E 306 28.27 11.04 -20.80
CA PRO E 306 28.09 9.85 -19.95
C PRO E 306 26.62 9.58 -19.70
N LYS E 307 26.29 8.31 -19.58
CA LYS E 307 24.92 7.88 -19.32
C LYS E 307 24.73 7.81 -17.81
N ILE E 308 23.77 8.57 -17.29
CA ILE E 308 23.53 8.69 -15.86
C ILE E 308 22.18 8.07 -15.55
N VAL E 309 22.18 7.12 -14.61
CA VAL E 309 20.96 6.45 -14.19
C VAL E 309 20.95 6.39 -12.66
N ASN E 310 19.85 6.86 -12.07
CA ASN E 310 19.66 6.71 -10.64
C ASN E 310 19.34 5.26 -10.31
N GLY E 311 19.85 4.79 -9.17
CA GLY E 311 19.73 3.41 -8.79
C GLY E 311 18.32 2.88 -8.90
N PRO E 312 17.41 3.37 -8.05
CA PRO E 312 16.06 2.78 -7.99
C PRO E 312 15.24 2.97 -9.26
N GLU E 313 15.77 3.62 -10.28
CA GLU E 313 15.07 3.72 -11.56
C GLU E 313 15.21 2.46 -12.40
N ILE E 314 16.08 1.54 -12.03
CA ILE E 314 16.25 0.31 -12.81
C ILE E 314 15.04 -0.60 -12.65
N LEU E 315 14.53 -0.73 -11.43
CA LEU E 315 13.49 -1.71 -11.18
C LEU E 315 12.23 -1.38 -11.96
N SER E 316 11.48 -2.43 -12.30
CA SER E 316 10.26 -2.28 -13.06
C SER E 316 9.26 -3.35 -12.64
N LYS E 317 8.05 -3.24 -13.19
CA LYS E 317 6.95 -4.07 -12.74
C LYS E 317 6.97 -5.45 -13.40
N TYR E 318 6.89 -5.48 -14.72
CA TYR E 318 6.71 -6.75 -15.43
C TYR E 318 7.95 -7.62 -15.27
N VAL E 319 7.73 -8.93 -15.41
CA VAL E 319 8.79 -9.90 -15.20
C VAL E 319 9.81 -9.79 -16.34
N GLY E 320 11.09 -9.74 -15.97
CA GLY E 320 12.17 -9.67 -16.93
C GLY E 320 12.50 -8.28 -17.41
N SER E 321 11.76 -7.27 -16.98
CA SER E 321 11.99 -5.92 -17.47
C SER E 321 13.29 -5.33 -16.94
N SER E 322 13.57 -5.53 -15.65
CA SER E 322 14.76 -4.94 -15.04
C SER E 322 16.05 -5.46 -15.66
N GLU E 323 16.18 -6.79 -15.73
CA GLU E 323 17.41 -7.35 -16.29
C GLU E 323 17.63 -6.88 -17.72
N GLU E 324 16.54 -6.76 -18.48
CA GLU E 324 16.64 -6.18 -19.81
C GLU E 324 17.14 -4.75 -19.72
N ASN E 325 16.61 -3.97 -18.78
CA ASN E 325 16.99 -2.58 -18.68
C ASN E 325 18.48 -2.45 -18.39
N ILE E 326 19.04 -3.37 -17.62
CA ILE E 326 20.48 -3.32 -17.36
C ILE E 326 21.25 -3.70 -18.61
N ARG E 327 20.85 -4.78 -19.28
CA ARG E 327 21.60 -5.21 -20.46
C ARG E 327 21.12 -4.50 -21.72
N ASN E 328 20.54 -3.32 -21.56
CA ASN E 328 20.19 -2.45 -22.67
C ASN E 328 21.07 -1.21 -22.72
N LEU E 329 21.87 -0.96 -21.69
CA LEU E 329 22.76 0.19 -21.67
C LEU E 329 24.04 -0.04 -22.46
N PHE E 330 24.50 -1.28 -22.54
CA PHE E 330 25.80 -1.57 -23.13
C PHE E 330 25.76 -1.81 -24.63
N LYS E 331 24.60 -1.68 -25.26
CA LYS E 331 24.50 -2.05 -26.67
C LYS E 331 25.39 -1.18 -27.54
N ASP E 332 25.42 0.12 -27.28
CA ASP E 332 26.21 1.02 -28.12
C ASP E 332 27.70 0.67 -28.06
N ALA E 333 28.20 0.40 -26.86
CA ALA E 333 29.61 0.06 -26.72
C ALA E 333 29.92 -1.23 -27.46
N GLU E 334 29.05 -2.22 -27.33
CA GLU E 334 29.26 -3.48 -28.02
C GLU E 334 29.29 -3.27 -29.53
N ALA E 335 28.35 -2.47 -30.04
CA ALA E 335 28.28 -2.24 -31.47
C ALA E 335 29.54 -1.54 -31.96
N GLU E 336 29.97 -0.49 -31.27
CA GLU E 336 31.16 0.24 -31.68
C GLU E 336 32.41 -0.63 -31.58
N TYR E 337 32.52 -1.43 -30.52
CA TYR E 337 33.63 -2.35 -30.40
C TYR E 337 33.67 -3.31 -31.58
N ARG E 338 32.56 -3.98 -31.85
CA ARG E 338 32.51 -4.92 -32.98
C ARG E 338 32.84 -4.22 -34.28
N ALA E 339 32.41 -2.97 -34.44
CA ALA E 339 32.60 -2.26 -35.69
C ALA E 339 34.07 -1.85 -35.89
N LYS E 340 34.71 -1.31 -34.85
CA LYS E 340 35.98 -0.63 -35.04
C LYS E 340 37.11 -1.19 -34.18
N GLY E 341 37.00 -2.42 -33.69
CA GLY E 341 38.15 -3.01 -33.04
C GLY E 341 38.65 -2.14 -31.89
N GLU E 342 39.96 -1.85 -31.92
CA GLU E 342 40.57 -1.03 -30.89
C GLU E 342 40.45 0.47 -31.17
N GLU E 343 39.97 0.85 -32.35
CA GLU E 343 39.77 2.26 -32.65
C GLU E 343 38.54 2.84 -31.96
N SER E 344 37.74 2.00 -31.30
CA SER E 344 36.53 2.48 -30.66
C SER E 344 36.88 3.51 -29.59
N SER E 345 36.08 4.58 -29.55
CA SER E 345 36.26 5.60 -28.52
C SER E 345 35.89 5.03 -27.16
N LEU E 346 36.04 5.87 -26.13
CA LEU E 346 35.75 5.47 -24.76
C LEU E 346 34.32 5.87 -24.39
N HIS E 347 33.55 4.91 -23.92
CA HIS E 347 32.21 5.14 -23.42
C HIS E 347 32.19 4.97 -21.91
N ILE E 348 31.65 5.96 -21.21
CA ILE E 348 31.64 5.99 -19.76
C ILE E 348 30.20 6.11 -19.28
N ILE E 349 29.81 5.24 -18.35
CA ILE E 349 28.52 5.29 -17.71
C ILE E 349 28.73 5.28 -16.20
N ILE E 350 28.01 6.13 -15.48
CA ILE E 350 28.18 6.29 -14.04
C ILE E 350 26.88 5.97 -13.34
N PHE E 351 26.97 5.14 -12.29
CA PHE E 351 25.82 4.64 -11.56
C PHE E 351 25.69 5.40 -10.25
N ASP E 352 24.76 6.34 -10.20
CA ASP E 352 24.48 7.05 -8.96
C ASP E 352 23.73 6.14 -8.00
N GLU E 353 23.98 6.33 -6.71
CA GLU E 353 23.36 5.53 -5.66
C GLU E 353 23.54 4.04 -5.94
N LEU E 354 24.81 3.64 -5.95
CA LEU E 354 25.14 2.27 -6.32
C LEU E 354 24.57 1.27 -5.32
N ASP E 355 24.58 1.62 -4.04
CA ASP E 355 24.14 0.69 -3.00
C ASP E 355 22.63 0.51 -2.99
N SER E 356 21.88 1.24 -3.83
CA SER E 356 20.44 1.15 -3.78
C SER E 356 19.96 -0.24 -4.21
N VAL E 357 20.45 -0.73 -5.34
CA VAL E 357 19.99 -1.99 -5.90
C VAL E 357 20.97 -3.12 -5.64
N PHE E 358 22.27 -2.85 -5.76
CA PHE E 358 23.27 -3.91 -5.65
C PHE E 358 23.64 -4.20 -4.21
N LYS E 359 22.64 -4.48 -3.38
CA LYS E 359 22.90 -4.91 -2.01
C LYS E 359 23.39 -6.36 -2.01
N GLN E 360 23.65 -6.88 -0.82
CA GLN E 360 24.10 -8.26 -0.68
C GLN E 360 23.09 -9.21 -1.32
N ARG E 361 23.59 -10.14 -2.14
CA ARG E 361 22.75 -11.09 -2.85
C ARG E 361 22.49 -12.35 -2.04
N GLY E 362 22.60 -12.28 -0.72
CA GLY E 362 22.22 -13.37 0.15
C GLY E 362 21.34 -12.85 1.26
N SER E 363 20.58 -11.80 0.95
CA SER E 363 19.75 -11.15 1.96
C SER E 363 18.67 -12.08 2.50
N ARG E 364 18.06 -12.87 1.62
CA ARG E 364 16.95 -13.75 1.98
C ARG E 364 15.67 -12.94 2.10
N GLY E 365 14.54 -13.62 2.31
CA GLY E 365 13.26 -12.95 2.41
C GLY E 365 12.13 -13.76 1.81
N ASP E 366 12.45 -14.74 0.96
CA ASP E 366 11.46 -15.62 0.38
C ASP E 366 10.39 -14.83 -0.38
N GLY E 367 10.83 -14.14 -1.42
CA GLY E 367 9.93 -13.35 -2.22
C GLY E 367 10.42 -13.15 -3.64
N THR E 368 9.88 -12.15 -4.32
CA THR E 368 10.29 -11.85 -5.69
C THR E 368 11.80 -11.67 -5.74
N GLY E 369 12.45 -12.38 -6.66
CA GLY E 369 13.88 -12.40 -6.75
C GLY E 369 14.49 -11.35 -7.67
N VAL E 370 13.68 -10.41 -8.16
CA VAL E 370 14.19 -9.38 -9.06
C VAL E 370 15.29 -8.55 -8.42
N GLY E 371 15.46 -8.62 -7.11
CA GLY E 371 16.53 -7.93 -6.44
C GLY E 371 17.83 -8.68 -6.40
N ASP E 372 17.88 -9.84 -7.05
CA ASP E 372 19.08 -10.66 -7.12
C ASP E 372 19.55 -10.90 -8.54
N ASN E 373 18.63 -11.13 -9.47
CA ASN E 373 19.02 -11.33 -10.86
C ASN E 373 19.60 -10.05 -11.45
N VAL E 374 19.32 -8.91 -10.82
CA VAL E 374 19.88 -7.65 -11.29
C VAL E 374 21.39 -7.66 -11.12
N VAL E 375 21.85 -8.05 -9.93
CA VAL E 375 23.28 -8.14 -9.67
C VAL E 375 23.90 -9.17 -10.60
N ASN E 376 23.21 -10.30 -10.79
CA ASN E 376 23.76 -11.35 -11.65
C ASN E 376 23.92 -10.85 -13.08
N GLN E 377 22.93 -10.10 -13.58
CA GLN E 377 23.03 -9.58 -14.94
C GLN E 377 24.20 -8.62 -15.07
N LEU E 378 24.31 -7.69 -14.13
CA LEU E 378 25.43 -6.75 -14.21
C LEU E 378 26.76 -7.47 -14.11
N LEU E 379 26.85 -8.46 -13.22
CA LEU E 379 28.09 -9.19 -13.05
C LEU E 379 28.43 -9.98 -14.30
N ALA E 380 27.42 -10.55 -14.94
CA ALA E 380 27.65 -11.30 -16.17
C ALA E 380 28.17 -10.38 -17.27
N LYS E 381 27.59 -9.19 -17.39
CA LYS E 381 28.03 -8.29 -18.45
C LYS E 381 29.32 -7.57 -18.10
N MET E 382 29.77 -7.63 -16.84
CA MET E 382 31.01 -6.97 -16.45
C MET E 382 32.19 -7.92 -16.35
N ASP E 383 31.95 -9.18 -15.99
CA ASP E 383 33.02 -10.17 -15.86
C ASP E 383 33.16 -10.97 -17.15
N GLY E 384 32.09 -11.65 -17.56
CA GLY E 384 32.10 -12.34 -18.83
C GLY E 384 31.83 -11.38 -19.97
N VAL E 385 32.66 -10.34 -20.05
CA VAL E 385 32.44 -9.24 -21.00
C VAL E 385 32.58 -9.68 -22.44
N ASP E 386 33.16 -10.85 -22.69
CA ASP E 386 33.51 -11.26 -24.04
C ASP E 386 34.47 -10.26 -24.68
N GLN E 387 35.44 -9.81 -23.88
CA GLN E 387 36.55 -9.00 -24.37
C GLN E 387 36.18 -7.55 -24.65
N LEU E 388 35.15 -7.03 -23.99
CA LEU E 388 34.85 -5.61 -24.06
C LEU E 388 35.86 -4.86 -23.20
N ASN E 389 36.80 -4.17 -23.84
CA ASN E 389 37.88 -3.47 -23.15
C ASN E 389 37.85 -1.98 -23.42
N ASN E 390 36.66 -1.40 -23.58
CA ASN E 390 36.52 0.04 -23.81
C ASN E 390 35.36 0.59 -22.98
N ILE E 391 35.24 0.14 -21.74
CA ILE E 391 34.17 0.56 -20.85
C ILE E 391 34.74 0.84 -19.48
N LEU E 392 34.31 1.96 -18.90
CA LEU E 392 34.72 2.37 -17.56
C LEU E 392 33.48 2.78 -16.78
N VAL E 393 33.18 2.06 -15.71
CA VAL E 393 32.01 2.31 -14.88
C VAL E 393 32.45 3.01 -13.60
N ILE E 394 31.75 4.09 -13.24
CA ILE E 394 32.04 4.86 -12.04
C ILE E 394 30.84 4.76 -11.11
N GLY E 395 31.09 4.39 -9.86
CA GLY E 395 30.03 4.25 -8.87
C GLY E 395 30.26 5.11 -7.65
N MET E 396 29.32 5.99 -7.34
CA MET E 396 29.41 6.91 -6.21
C MET E 396 28.43 6.45 -5.13
N THR E 397 28.91 6.39 -3.90
CA THR E 397 28.10 5.91 -2.79
C THR E 397 28.52 6.62 -1.51
N ASN E 398 27.68 6.43 -0.48
CA ASN E 398 27.96 6.96 0.85
C ASN E 398 28.25 5.87 1.86
N ARG E 399 27.96 4.61 1.55
CA ARG E 399 28.13 3.51 2.50
C ARG E 399 28.68 2.32 1.72
N LYS E 400 29.99 2.12 1.78
CA LYS E 400 30.60 0.99 1.09
C LYS E 400 30.16 -0.33 1.70
N ASP E 401 29.98 -0.36 3.01
CA ASP E 401 29.69 -1.61 3.69
C ASP E 401 28.47 -2.32 3.11
N LEU E 402 27.47 -1.58 2.66
CA LEU E 402 26.25 -2.20 2.16
C LEU E 402 26.41 -2.81 0.78
N ILE E 403 27.47 -2.45 0.04
CA ILE E 403 27.66 -2.98 -1.30
C ILE E 403 27.95 -4.48 -1.21
N ASP E 404 27.40 -5.23 -2.15
CA ASP E 404 27.65 -6.66 -2.19
C ASP E 404 29.14 -6.92 -2.38
N SER E 405 29.68 -7.84 -1.57
CA SER E 405 31.11 -8.11 -1.61
C SER E 405 31.57 -8.71 -2.93
N ALA E 406 30.65 -9.35 -3.67
CA ALA E 406 31.04 -10.03 -4.90
C ALA E 406 31.59 -9.05 -5.94
N LEU E 407 31.22 -7.78 -5.86
CA LEU E 407 31.67 -6.81 -6.84
C LEU E 407 32.97 -6.13 -6.45
N LEU E 408 33.48 -6.39 -5.24
CA LEU E 408 34.74 -5.80 -4.79
C LEU E 408 35.82 -6.86 -4.91
N ARG E 409 36.37 -6.97 -6.11
CA ARG E 409 37.43 -7.94 -6.38
C ARG E 409 38.13 -7.53 -7.66
N PRO E 410 39.33 -8.08 -7.90
CA PRO E 410 40.04 -7.72 -9.14
C PRO E 410 39.20 -8.03 -10.36
N GLY E 411 39.25 -7.12 -11.33
CA GLY E 411 38.44 -7.22 -12.52
C GLY E 411 37.08 -6.59 -12.40
N ARG E 412 36.69 -6.15 -11.20
CA ARG E 412 35.38 -5.55 -10.98
C ARG E 412 35.55 -4.51 -9.88
N PHE E 413 35.48 -3.24 -10.25
CA PHE E 413 35.64 -2.14 -9.30
C PHE E 413 36.93 -2.31 -8.50
N GLU E 414 38.04 -2.26 -9.21
CA GLU E 414 39.33 -2.49 -8.58
C GLU E 414 39.70 -1.31 -7.70
N VAL E 415 39.87 -0.14 -8.29
CA VAL E 415 40.37 1.02 -7.56
C VAL E 415 39.23 1.67 -6.79
N GLN E 416 39.49 1.95 -5.52
CA GLN E 416 38.56 2.62 -4.62
C GLN E 416 39.23 3.88 -4.10
N VAL E 417 38.60 5.02 -4.29
CA VAL E 417 39.12 6.32 -3.89
C VAL E 417 38.23 6.87 -2.79
N GLU E 418 38.83 7.24 -1.68
CA GLU E 418 38.09 7.82 -0.57
C GLU E 418 38.21 9.33 -0.60
N ILE E 419 37.08 10.01 -0.41
CA ILE E 419 37.04 11.46 -0.33
C ILE E 419 36.69 11.82 1.10
N HIS E 420 37.59 12.52 1.78
CA HIS E 420 37.40 12.90 3.17
C HIS E 420 37.23 14.41 3.27
N LEU E 421 37.08 14.89 4.50
CA LEU E 421 36.83 16.29 4.73
C LEU E 421 38.04 17.14 4.33
N PRO E 422 37.81 18.37 3.90
CA PRO E 422 38.91 19.18 3.36
C PRO E 422 39.83 19.66 4.47
N ASP E 423 41.01 20.11 4.04
CA ASP E 423 41.99 20.71 4.95
C ASP E 423 41.80 22.22 4.94
N GLU E 424 42.57 22.92 5.77
CA GLU E 424 42.40 24.36 5.91
C GLU E 424 42.64 25.09 4.59
N LYS E 425 43.69 24.71 3.86
CA LYS E 425 43.96 25.32 2.57
C LYS E 425 42.87 25.00 1.56
N GLY E 426 42.39 23.76 1.55
CA GLY E 426 41.24 23.45 0.72
C GLY E 426 40.02 24.25 1.12
N ARG E 427 39.88 24.52 2.42
CA ARG E 427 38.81 25.37 2.90
C ARG E 427 38.92 26.77 2.32
N LEU E 428 40.13 27.32 2.29
CA LEU E 428 40.33 28.62 1.68
C LEU E 428 40.00 28.59 0.19
N GLN E 429 40.41 27.52 -0.49
CA GLN E 429 40.09 27.40 -1.90
C GLN E 429 38.59 27.37 -2.14
N ILE E 430 37.87 26.60 -1.33
CA ILE E 430 36.42 26.52 -1.47
C ILE E 430 35.79 27.88 -1.20
N PHE E 431 36.26 28.58 -0.17
CA PHE E 431 35.72 29.91 0.12
C PHE E 431 35.94 30.86 -1.04
N ASP E 432 37.14 30.80 -1.64
CA ASP E 432 37.41 31.64 -2.81
C ASP E 432 36.48 31.29 -3.95
N ILE E 433 36.28 30.01 -4.21
CA ILE E 433 35.43 29.61 -5.33
C ILE E 433 34.01 30.09 -5.09
N GLN E 434 33.51 29.93 -3.87
CA GLN E 434 32.14 30.31 -3.58
C GLN E 434 31.94 31.82 -3.70
N THR E 435 32.92 32.61 -3.29
CA THR E 435 32.76 34.06 -3.28
C THR E 435 33.34 34.75 -4.51
N LYS E 436 33.82 33.98 -5.49
CA LYS E 436 34.31 34.58 -6.74
C LYS E 436 33.31 35.59 -7.31
N LYS E 437 32.11 35.12 -7.67
CA LYS E 437 31.16 36.00 -8.34
C LYS E 437 30.72 37.16 -7.45
N MET E 438 30.60 36.91 -6.15
CA MET E 438 30.24 37.98 -5.24
C MET E 438 31.30 39.08 -5.24
N ARG E 439 32.56 38.69 -5.22
CA ARG E 439 33.64 39.67 -5.20
C ARG E 439 33.73 40.39 -6.53
N GLU E 440 33.49 39.69 -7.63
CA GLU E 440 33.73 40.27 -8.95
C GLU E 440 32.85 41.49 -9.17
N ASN E 441 31.59 41.43 -8.75
CA ASN E 441 30.64 42.49 -9.02
C ASN E 441 30.63 43.57 -7.94
N ASN E 442 31.66 43.62 -7.10
CA ASN E 442 31.76 44.64 -6.06
C ASN E 442 30.59 44.58 -5.08
N MET E 443 30.06 43.40 -4.86
CA MET E 443 28.96 43.22 -3.93
C MET E 443 29.43 42.89 -2.52
N MET E 444 30.73 42.67 -2.34
CA MET E 444 31.29 42.32 -1.03
C MET E 444 32.15 43.47 -0.52
N SER E 445 31.90 43.89 0.71
CA SER E 445 32.68 44.95 1.30
C SER E 445 34.12 44.51 1.50
N ASP E 446 35.05 45.46 1.32
CA ASP E 446 36.46 45.18 1.44
C ASP E 446 36.85 44.74 2.84
N ASP E 447 35.99 44.99 3.83
CA ASP E 447 36.33 44.62 5.21
C ASP E 447 36.51 43.12 5.35
N VAL E 448 35.64 42.35 4.69
CA VAL E 448 35.64 40.90 4.87
C VAL E 448 37.03 40.35 4.56
N ASN E 449 37.47 39.42 5.41
CA ASN E 449 38.79 38.80 5.29
C ASN E 449 38.62 37.29 5.27
N LEU E 450 38.88 36.67 4.12
CA LEU E 450 38.62 35.24 3.95
C LEU E 450 39.49 34.39 4.85
N ALA E 451 40.70 34.85 5.17
CA ALA E 451 41.59 34.04 5.99
C ALA E 451 41.00 33.81 7.37
N GLU E 452 40.44 34.86 7.98
CA GLU E 452 39.84 34.71 9.30
C GLU E 452 38.69 33.72 9.26
N LEU E 453 37.83 33.82 8.25
CA LEU E 453 36.71 32.90 8.14
C LEU E 453 37.19 31.46 7.97
N ALA E 454 38.19 31.26 7.11
CA ALA E 454 38.73 29.91 6.94
C ALA E 454 39.28 29.39 8.26
N ALA E 455 39.87 30.27 9.07
CA ALA E 455 40.35 29.85 10.38
C ALA E 455 39.20 29.46 11.29
N LEU E 456 38.11 30.21 11.27
CA LEU E 456 37.03 29.99 12.21
C LEU E 456 36.29 28.69 11.93
N THR E 457 36.02 28.38 10.67
CA THR E 457 35.27 27.19 10.31
C THR E 457 36.15 25.97 10.53
N LYS E 458 35.99 25.34 11.69
CA LYS E 458 36.91 24.27 12.08
C LYS E 458 36.68 23.00 11.27
N ASN E 459 35.41 22.60 11.08
CA ASN E 459 35.10 21.29 10.52
C ASN E 459 34.05 21.37 9.42
N PHE E 460 33.96 22.49 8.72
CA PHE E 460 32.92 22.68 7.72
C PHE E 460 33.32 22.03 6.41
N SER E 461 32.42 21.25 5.84
CA SER E 461 32.60 20.73 4.49
C SER E 461 32.15 21.78 3.47
N GLY E 462 32.19 21.40 2.19
CA GLY E 462 31.85 22.36 1.14
C GLY E 462 30.40 22.80 1.21
N ALA E 463 29.49 21.85 1.36
CA ALA E 463 28.08 22.18 1.38
C ALA E 463 27.76 23.12 2.53
N GLU E 464 28.33 22.85 3.70
CA GLU E 464 28.11 23.74 4.84
C GLU E 464 28.70 25.12 4.60
N ILE E 465 29.81 25.20 3.88
CA ILE E 465 30.38 26.50 3.56
C ILE E 465 29.45 27.28 2.64
N GLU E 466 28.88 26.61 1.64
CA GLU E 466 27.93 27.29 0.77
C GLU E 466 26.70 27.75 1.55
N GLY E 467 26.20 26.89 2.44
CA GLY E 467 25.09 27.28 3.27
C GLY E 467 25.42 28.50 4.12
N LEU E 468 26.63 28.53 4.68
CA LEU E 468 27.06 29.68 5.44
C LEU E 468 27.08 30.93 4.58
N VAL E 469 27.58 30.81 3.36
CA VAL E 469 27.65 31.97 2.48
C VAL E 469 26.26 32.55 2.26
N LYS E 470 25.31 31.70 1.90
CA LYS E 470 23.99 32.25 1.58
C LYS E 470 23.25 32.68 2.84
N SER E 471 23.49 32.02 3.97
CA SER E 471 22.89 32.48 5.22
C SER E 471 23.40 33.86 5.58
N ALA E 472 24.70 34.11 5.39
CA ALA E 472 25.24 35.44 5.66
C ALA E 472 24.65 36.46 4.69
N SER E 473 24.46 36.07 3.44
CA SER E 473 23.85 36.99 2.48
C SER E 473 22.42 37.32 2.87
N SER E 474 21.72 36.39 3.51
CA SER E 474 20.34 36.65 3.89
C SER E 474 20.24 37.82 4.85
N PHE E 475 21.19 37.95 5.77
CA PHE E 475 21.19 39.08 6.69
C PHE E 475 21.27 40.39 5.94
N ALA E 476 22.22 40.51 5.01
CA ALA E 476 22.33 41.73 4.23
C ALA E 476 21.05 42.00 3.46
N ILE E 477 20.42 40.94 2.95
CA ILE E 477 19.17 41.12 2.21
C ILE E 477 18.09 41.66 3.13
N ASN E 478 18.09 41.23 4.39
CA ASN E 478 16.98 41.52 5.30
C ASN E 478 17.13 42.84 6.02
N LYS E 479 17.93 43.77 5.50
CA LYS E 479 17.98 45.11 6.08
C LYS E 479 17.20 46.14 5.27
N THR E 480 16.99 45.90 3.99
CA THR E 480 16.14 46.76 3.19
C THR E 480 14.71 46.25 3.16
N VAL E 481 14.53 44.97 2.90
CA VAL E 481 13.21 44.36 2.89
C VAL E 481 12.94 43.84 4.30
N ASN E 482 11.98 44.46 4.97
CA ASN E 482 11.55 44.06 6.31
C ASN E 482 10.35 43.14 6.14
N ILE E 483 10.59 41.84 6.31
CA ILE E 483 9.55 40.83 6.10
C ILE E 483 8.62 40.80 7.32
N GLY E 484 7.32 40.87 7.05
CA GLY E 484 6.36 40.83 8.13
C GLY E 484 6.06 42.20 8.70
N LYS E 485 7.04 42.76 9.40
CA LYS E 485 6.84 44.06 10.03
C LYS E 485 6.51 45.10 8.97
N GLY E 486 5.46 45.88 9.24
CA GLY E 486 5.07 46.87 8.27
C GLY E 486 4.66 46.22 6.96
N ALA E 487 4.72 47.03 5.90
CA ALA E 487 4.47 46.57 4.55
C ALA E 487 5.78 46.38 3.80
N THR E 488 5.69 46.09 2.51
CA THR E 488 6.86 45.96 1.65
C THR E 488 7.45 47.35 1.40
N LYS E 489 8.53 47.67 2.11
CA LYS E 489 9.24 48.94 1.98
C LYS E 489 10.60 48.67 1.36
N LEU E 490 10.69 48.84 0.03
CA LEU E 490 11.92 48.58 -0.70
C LEU E 490 12.60 49.91 -1.03
N ASN E 491 13.74 50.17 -0.40
CA ASN E 491 14.54 51.36 -0.68
C ASN E 491 15.28 51.16 -1.99
N THR E 492 14.76 51.76 -3.06
CA THR E 492 15.32 51.56 -4.39
C THR E 492 16.74 52.10 -4.49
N LYS E 493 17.16 52.95 -3.56
CA LYS E 493 18.50 53.52 -3.58
C LYS E 493 19.51 52.63 -2.88
N ASP E 494 19.16 52.07 -1.72
CA ASP E 494 20.03 51.14 -1.05
C ASP E 494 20.14 49.82 -1.79
N ILE E 495 19.26 49.57 -2.75
CA ILE E 495 19.37 48.37 -3.58
C ILE E 495 20.68 48.39 -4.34
N ALA E 496 21.10 49.56 -4.81
CA ALA E 496 22.37 49.68 -5.52
C ALA E 496 23.57 49.66 -4.58
N LYS E 497 23.36 49.91 -3.29
CA LYS E 497 24.45 49.89 -2.32
C LYS E 497 24.51 48.62 -1.49
N LEU E 498 23.78 47.58 -1.90
CA LEU E 498 23.81 46.32 -1.16
C LEU E 498 25.25 45.83 -1.04
N LYS E 499 25.64 45.46 0.20
CA LYS E 499 27.01 45.09 0.48
C LYS E 499 27.05 44.25 1.74
N VAL E 500 27.75 43.13 1.70
CA VAL E 500 27.92 42.28 2.86
C VAL E 500 29.07 42.78 3.70
N THR E 501 29.06 42.41 4.99
CA THR E 501 30.07 42.86 5.94
C THR E 501 30.39 41.70 6.89
N ARG E 502 31.30 41.96 7.83
CA ARG E 502 31.85 40.90 8.65
C ARG E 502 30.83 40.41 9.69
N GLU E 503 30.14 41.34 10.34
CA GLU E 503 29.21 40.94 11.39
C GLU E 503 28.13 40.02 10.85
N ASP E 504 27.73 40.22 9.59
CA ASP E 504 26.79 39.30 8.97
C ASP E 504 27.38 37.90 8.93
N PHE E 505 28.65 37.79 8.58
CA PHE E 505 29.29 36.49 8.52
C PHE E 505 29.38 35.86 9.90
N LEU E 506 29.66 36.67 10.93
CA LEU E 506 29.71 36.12 12.28
C LEU E 506 28.33 35.61 12.72
N ASN E 507 27.27 36.37 12.42
CA ASN E 507 25.94 35.88 12.74
C ASN E 507 25.62 34.60 11.99
N ALA E 508 26.02 34.53 10.73
CA ALA E 508 25.83 33.30 9.97
C ALA E 508 26.55 32.13 10.62
N LEU E 509 27.80 32.36 11.05
CA LEU E 509 28.50 31.35 11.83
C LEU E 509 27.67 30.94 13.03
N ASN E 510 27.00 31.90 13.65
CA ASN E 510 26.12 31.59 14.77
C ASN E 510 25.01 30.64 14.35
N ASP E 511 24.39 30.91 13.20
CA ASP E 511 23.26 30.10 12.75
C ASP E 511 23.69 28.68 12.39
N VAL E 512 24.56 28.54 11.39
CA VAL E 512 24.94 27.23 10.89
C VAL E 512 25.88 26.55 11.87
N THR E 513 25.72 25.24 12.02
CA THR E 513 26.57 24.43 12.90
C THR E 513 27.05 23.21 12.14
N PRO E 514 28.24 22.72 12.46
CA PRO E 514 28.73 21.48 11.82
C PRO E 514 28.09 20.25 12.45
N ALA E 515 28.24 19.13 11.75
CA ALA E 515 27.70 17.85 12.19
C ALA E 515 28.78 16.86 12.56
N PHE E 516 30.03 17.32 12.71
CA PHE E 516 31.15 16.42 12.99
C PHE E 516 31.73 16.70 14.36
N GLY E 517 32.17 17.93 14.64
CA GLY E 517 32.38 18.41 15.99
C GLY E 517 33.58 17.88 16.73
N ILE E 518 33.55 16.58 17.08
CA ILE E 518 34.53 15.86 17.90
C ILE E 518 34.91 16.58 19.20
N SER E 519 35.58 17.72 19.12
CA SER E 519 36.26 18.29 20.26
C SER E 519 36.63 19.73 19.91
N GLU E 520 37.48 20.33 20.73
CA GLU E 520 37.93 21.71 20.62
C GLU E 520 36.89 22.67 21.18
N GLU E 521 35.85 22.15 21.84
CA GLU E 521 34.88 22.96 22.55
C GLU E 521 34.81 22.61 24.03
N ASP E 522 34.87 21.32 24.35
CA ASP E 522 34.82 20.91 25.75
C ASP E 522 36.00 21.48 26.53
N LEU E 523 37.19 21.43 25.95
CA LEU E 523 38.35 21.98 26.64
C LEU E 523 38.20 23.48 26.83
N LYS E 524 37.69 24.18 25.83
CA LYS E 524 37.51 25.63 25.97
C LYS E 524 36.53 25.96 27.09
N THR E 525 35.43 25.22 27.18
CA THR E 525 34.47 25.50 28.24
C THR E 525 34.99 25.06 29.60
N CYS E 526 35.94 24.11 29.62
CA CYS E 526 36.46 23.63 30.89
C CYS E 526 37.32 24.67 31.59
N VAL E 527 37.73 25.72 30.90
CA VAL E 527 38.57 26.75 31.48
C VAL E 527 37.84 28.08 31.38
N GLU E 528 36.51 28.03 31.43
CA GLU E 528 35.72 29.24 31.23
C GLU E 528 36.03 30.28 32.29
N GLY E 529 36.19 29.86 33.54
CA GLY E 529 36.50 30.81 34.60
C GLY E 529 37.84 31.47 34.45
N GLY E 530 38.73 30.89 33.66
CA GLY E 530 40.01 31.52 33.37
C GLY E 530 41.01 31.34 34.49
N MET E 531 42.19 31.90 34.25
CA MET E 531 43.29 31.86 35.20
C MET E 531 43.35 33.15 35.99
N MET E 532 44.18 33.14 37.03
CA MET E 532 44.39 34.33 37.85
C MET E 532 45.85 34.61 38.19
N LEU E 533 46.75 33.64 38.04
CA LEU E 533 48.16 33.86 38.35
C LEU E 533 48.33 34.47 39.73
N TYR E 534 47.58 33.93 40.69
CA TYR E 534 47.59 34.46 42.04
C TYR E 534 48.90 34.20 42.77
N SER E 535 49.78 33.38 42.23
CA SER E 535 51.05 33.09 42.87
C SER E 535 52.00 32.50 41.84
N GLU E 536 53.23 32.23 42.29
CA GLU E 536 54.27 31.72 41.41
C GLU E 536 54.08 30.27 41.05
N ARG E 537 53.36 29.51 41.88
CA ARG E 537 53.22 28.08 41.64
C ARG E 537 52.58 27.83 40.30
N VAL E 538 51.58 28.65 39.95
CA VAL E 538 50.91 28.49 38.67
C VAL E 538 51.91 28.66 37.54
N ASN E 539 52.74 29.68 37.63
CA ASN E 539 53.73 29.94 36.59
C ASN E 539 54.70 28.79 36.47
N SER E 540 55.17 28.27 37.61
CA SER E 540 56.14 27.17 37.58
C SER E 540 55.52 25.93 36.93
N ILE E 541 54.28 25.63 37.29
CA ILE E 541 53.62 24.46 36.73
C ILE E 541 53.45 24.62 35.23
N LEU E 542 53.05 25.81 34.79
CA LEU E 542 52.87 26.04 33.36
C LEU E 542 54.19 25.89 32.63
N LYS E 543 55.27 26.40 33.23
CA LYS E 543 56.58 26.28 32.61
C LYS E 543 56.99 24.83 32.48
N ASN E 544 56.74 24.02 33.51
CA ASN E 544 57.08 22.61 33.43
C ASN E 544 56.28 21.92 32.33
N GLY E 545 54.99 22.23 32.23
CA GLY E 545 54.20 21.70 31.14
C GLY E 545 54.76 22.07 29.79
N ALA E 546 55.19 23.33 29.64
CA ALA E 546 55.79 23.76 28.38
C ALA E 546 57.06 22.96 28.09
N ARG E 547 57.86 22.72 29.13
CA ARG E 547 59.07 21.93 28.93
C ARG E 547 58.74 20.54 28.42
N TYR E 548 57.72 19.90 29.01
CA TYR E 548 57.36 18.56 28.58
C TYR E 548 56.81 18.55 27.16
N VAL E 549 56.00 19.53 26.80
CA VAL E 549 55.48 19.56 25.44
C VAL E 549 56.63 19.77 24.46
N ARG E 550 57.60 20.60 24.81
CA ARG E 550 58.77 20.75 23.95
C ARG E 550 59.50 19.43 23.79
N GLN E 551 59.69 18.71 24.90
CA GLN E 551 60.42 17.45 24.84
C GLN E 551 59.72 16.46 23.92
N VAL E 552 58.40 16.33 24.07
CA VAL E 552 57.67 15.41 23.21
C VAL E 552 57.63 15.89 21.77
N ARG E 553 57.76 17.20 21.56
CA ARG E 553 57.75 17.71 20.19
C ARG E 553 59.06 17.45 19.49
N GLU E 554 60.18 17.52 20.20
CA GLU E 554 61.48 17.48 19.55
C GLU E 554 61.99 16.06 19.35
N SER E 555 62.18 15.32 20.44
CA SER E 555 62.87 14.05 20.35
C SER E 555 62.08 13.04 19.52
N ASP E 556 62.80 12.13 18.87
CA ASP E 556 62.19 11.05 18.12
C ASP E 556 62.29 9.72 18.85
N LYS E 557 63.04 9.64 19.93
CA LYS E 557 63.13 8.41 20.71
C LYS E 557 62.09 8.37 21.82
N SER E 558 61.58 9.52 22.23
CA SER E 558 60.55 9.59 23.27
C SER E 558 59.20 9.65 22.56
N ARG E 559 58.60 8.48 22.37
CA ARG E 559 57.33 8.37 21.68
C ARG E 559 56.15 8.24 22.63
N LEU E 560 56.37 8.38 23.93
CA LEU E 560 55.28 8.28 24.88
C LEU E 560 55.70 8.89 26.21
N VAL E 561 54.88 9.81 26.72
CA VAL E 561 55.10 10.43 28.02
C VAL E 561 53.76 10.53 28.73
N SER E 562 53.78 10.20 30.03
CA SER E 562 52.59 10.26 30.87
C SER E 562 52.88 11.07 32.12
N LEU E 563 51.90 11.86 32.54
CA LEU E 563 52.06 12.72 33.70
C LEU E 563 50.85 12.59 34.60
N LEU E 564 51.11 12.74 35.90
CA LEU E 564 50.06 12.76 36.91
C LEU E 564 50.00 14.12 37.57
N ILE E 565 48.78 14.61 37.78
CA ILE E 565 48.56 15.86 38.47
C ILE E 565 47.64 15.60 39.65
N HIS E 566 48.20 15.71 40.86
CA HIS E 566 47.50 15.32 42.07
C HIS E 566 47.57 16.44 43.08
N GLY E 567 46.50 16.58 43.87
CA GLY E 567 46.43 17.57 44.91
C GLY E 567 45.14 17.50 45.66
N PRO E 568 44.97 18.37 46.66
CA PRO E 568 43.74 18.35 47.45
C PRO E 568 42.53 18.64 46.59
N ALA E 569 41.37 18.21 47.09
CA ALA E 569 40.13 18.34 46.33
C ALA E 569 39.73 19.79 46.21
N GLY E 570 39.37 20.21 44.99
CA GLY E 570 38.90 21.56 44.78
C GLY E 570 39.99 22.58 44.54
N SER E 571 41.26 22.17 44.62
CA SER E 571 42.34 23.12 44.38
C SER E 571 42.30 23.66 42.96
N GLY E 572 41.73 22.90 42.04
CA GLY E 572 41.72 23.31 40.64
C GLY E 572 42.80 22.57 39.88
N LYS E 573 42.41 21.53 39.16
CA LYS E 573 43.38 20.69 38.46
C LYS E 573 43.04 20.59 36.99
N THR E 574 41.77 20.32 36.69
CA THR E 574 41.37 20.18 35.29
C THR E 574 41.62 21.46 34.51
N ALA E 575 41.40 22.61 35.15
CA ALA E 575 41.62 23.87 34.46
C ALA E 575 43.08 24.01 34.03
N LEU E 576 44.00 23.64 34.91
CA LEU E 576 45.42 23.78 34.58
C LEU E 576 45.81 22.89 33.41
N ALA E 577 45.37 21.63 33.42
CA ALA E 577 45.69 20.73 32.33
C ALA E 577 45.10 21.22 31.03
N ALA E 578 43.85 21.69 31.07
CA ALA E 578 43.24 22.21 29.86
C ALA E 578 44.00 23.42 29.33
N GLU E 579 44.44 24.29 30.24
CA GLU E 579 45.22 25.44 29.81
C GLU E 579 46.49 25.04 29.10
N ILE E 580 47.22 24.08 29.69
CA ILE E 580 48.46 23.63 29.06
C ILE E 580 48.17 23.03 27.69
N ALA E 581 47.15 22.18 27.62
CA ALA E 581 46.83 21.53 26.35
C ALA E 581 46.46 22.55 25.28
N LEU E 582 45.66 23.55 25.65
CA LEU E 582 45.29 24.57 24.67
C LEU E 582 46.50 25.36 24.22
N LYS E 583 47.39 25.72 25.15
CA LYS E 583 48.58 26.46 24.78
C LYS E 583 49.51 25.64 23.92
N SER E 584 49.46 24.31 24.01
CA SER E 584 50.36 23.48 23.22
C SER E 584 50.14 23.70 21.72
N GLY E 585 48.89 23.67 21.29
CA GLY E 585 48.60 23.90 19.89
C GLY E 585 48.86 22.71 18.98
N PHE E 586 48.74 21.49 19.49
CA PHE E 586 48.96 20.31 18.67
C PHE E 586 47.78 20.06 17.75
N PRO E 587 47.98 19.28 16.68
CA PRO E 587 46.87 19.02 15.76
C PRO E 587 45.70 18.30 16.40
N PHE E 588 45.96 17.35 17.30
CA PHE E 588 44.93 16.52 17.90
C PHE E 588 44.87 16.74 19.39
N ILE E 589 43.68 17.02 19.90
CA ILE E 589 43.47 17.23 21.33
C ILE E 589 42.08 16.73 21.68
N ARG E 590 41.96 16.07 22.84
CA ARG E 590 40.67 15.61 23.30
C ARG E 590 40.71 15.42 24.81
N LEU E 591 39.53 15.32 25.39
CA LEU E 591 39.36 15.21 26.84
C LEU E 591 38.32 14.16 27.15
N ILE E 592 38.64 13.28 28.09
CA ILE E 592 37.73 12.22 28.54
C ILE E 592 37.31 12.57 29.96
N SER E 593 36.00 12.66 30.19
CA SER E 593 35.47 13.04 31.48
C SER E 593 34.24 12.20 31.78
N PRO E 594 33.90 12.04 33.06
CA PRO E 594 32.73 11.21 33.39
C PRO E 594 31.43 11.75 32.83
N ASN E 595 31.38 13.04 32.49
CA ASN E 595 30.14 13.59 31.95
C ASN E 595 29.74 12.88 30.67
N GLU E 596 30.70 12.63 29.80
CA GLU E 596 30.40 11.97 28.53
C GLU E 596 29.92 10.54 28.77
N LEU E 597 30.57 9.83 29.68
CA LEU E 597 30.31 8.41 29.88
C LEU E 597 29.04 8.15 30.67
N SER E 598 28.43 9.19 31.26
CA SER E 598 27.29 8.97 32.13
C SER E 598 26.16 8.28 31.40
N GLY E 599 25.52 7.33 32.08
CA GLY E 599 24.35 6.66 31.56
C GLY E 599 24.62 5.46 30.68
N MET E 600 25.88 5.19 30.36
CA MET E 600 26.19 4.05 29.51
C MET E 600 26.27 2.76 30.33
N SER E 601 26.15 1.64 29.63
CA SER E 601 26.45 0.36 30.23
C SER E 601 27.96 0.13 30.22
N GLU E 602 28.40 -0.82 31.03
CA GLU E 602 29.84 -1.02 31.22
C GLU E 602 30.52 -1.38 29.90
N SER E 603 29.91 -2.27 29.13
CA SER E 603 30.49 -2.64 27.85
C SER E 603 30.58 -1.43 26.93
N ALA E 604 29.56 -0.59 26.94
CA ALA E 604 29.60 0.63 26.13
C ALA E 604 30.75 1.53 26.56
N LYS E 605 30.96 1.66 27.86
CA LYS E 605 32.07 2.47 28.35
C LYS E 605 33.40 1.91 27.86
N ILE E 606 33.56 0.59 27.94
CA ILE E 606 34.82 -0.01 27.51
C ILE E 606 35.04 0.24 26.03
N ALA E 607 34.00 0.04 25.23
CA ALA E 607 34.14 0.26 23.79
C ALA E 607 34.47 1.72 23.50
N TYR E 608 33.84 2.63 24.24
CA TYR E 608 34.08 4.05 24.02
C TYR E 608 35.53 4.40 24.30
N ILE E 609 36.06 3.93 25.43
CA ILE E 609 37.44 4.24 25.77
C ILE E 609 38.38 3.65 24.73
N ASP E 610 38.14 2.41 24.32
CA ASP E 610 39.01 1.78 23.34
C ASP E 610 39.00 2.55 22.02
N ASN E 611 37.81 2.94 21.58
CA ASN E 611 37.71 3.69 20.33
C ASN E 611 38.41 5.03 20.43
N THR E 612 38.25 5.71 21.56
CA THR E 612 38.90 7.00 21.72
C THR E 612 40.41 6.85 21.66
N PHE E 613 40.96 5.86 22.35
CA PHE E 613 42.40 5.63 22.26
C PHE E 613 42.82 5.34 20.83
N ARG E 614 42.13 4.42 20.17
CA ARG E 614 42.52 4.04 18.82
C ARG E 614 42.49 5.25 17.89
N ASP E 615 41.48 6.10 18.03
CA ASP E 615 41.43 7.32 17.24
C ASP E 615 42.63 8.21 17.56
N ALA E 616 42.99 8.33 18.83
CA ALA E 616 44.12 9.16 19.19
C ALA E 616 45.43 8.64 18.61
N TYR E 617 45.50 7.36 18.28
CA TYR E 617 46.74 6.78 17.75
C TYR E 617 46.98 7.13 16.28
N LYS E 618 46.30 8.13 15.74
CA LYS E 618 46.29 8.36 14.30
C LYS E 618 47.26 9.45 13.86
N SER E 619 47.09 10.66 14.38
CA SER E 619 47.81 11.81 13.88
C SER E 619 49.27 11.81 14.33
N PRO E 620 50.12 12.58 13.65
CA PRO E 620 51.55 12.58 14.00
C PRO E 620 51.82 13.03 15.42
N LEU E 621 51.06 13.97 15.95
CA LEU E 621 51.23 14.45 17.31
C LEU E 621 49.87 14.51 18.00
N ASN E 622 49.85 14.13 19.28
CA ASN E 622 48.59 13.92 19.99
C ASN E 622 48.75 14.20 21.48
N ILE E 623 47.73 14.84 22.04
CA ILE E 623 47.63 15.08 23.46
C ILE E 623 46.30 14.52 23.95
N LEU E 624 46.34 13.78 25.05
CA LEU E 624 45.13 13.19 25.62
C LEU E 624 45.09 13.51 27.11
N VAL E 625 43.94 13.98 27.57
CA VAL E 625 43.73 14.41 28.95
C VAL E 625 42.69 13.50 29.59
N ILE E 626 43.01 13.00 30.78
CA ILE E 626 42.11 12.14 31.54
C ILE E 626 41.79 12.83 32.86
N ASP E 627 40.50 12.95 33.15
CA ASP E 627 40.01 13.78 34.25
C ASP E 627 39.34 12.91 35.30
N SER E 628 39.78 13.06 36.55
CA SER E 628 39.16 12.42 37.71
C SER E 628 39.13 10.90 37.52
N LEU E 629 40.34 10.33 37.50
CA LEU E 629 40.48 8.90 37.27
C LEU E 629 39.64 8.10 38.24
N GLU E 630 39.64 8.49 39.51
CA GLU E 630 38.96 7.70 40.53
C GLU E 630 37.48 7.57 40.23
N THR E 631 36.88 8.58 39.62
CA THR E 631 35.46 8.51 39.31
C THR E 631 35.20 7.59 38.13
N LEU E 632 36.14 7.52 37.19
CA LEU E 632 35.96 6.65 36.04
C LEU E 632 35.88 5.19 36.46
N VAL E 633 36.33 4.85 37.66
CA VAL E 633 36.38 3.48 38.11
C VAL E 633 35.31 3.16 39.14
N ASP E 634 34.48 4.13 39.50
CA ASP E 634 33.36 3.91 40.42
C ASP E 634 33.86 3.44 41.77
N TRP E 635 34.63 4.29 42.43
CA TRP E 635 35.21 3.96 43.72
C TRP E 635 34.34 4.50 44.84
N VAL E 636 33.97 3.61 45.76
CA VAL E 636 33.21 4.00 46.94
C VAL E 636 33.82 3.28 48.14
N PRO E 637 34.12 3.97 49.23
CA PRO E 637 34.96 3.38 50.28
C PRO E 637 34.20 2.53 51.29
N ILE E 638 32.94 2.20 51.05
CA ILE E 638 32.21 1.37 52.00
C ILE E 638 32.44 -0.11 51.74
N GLY E 639 32.63 -0.49 50.49
CA GLY E 639 32.85 -1.87 50.15
C GLY E 639 34.20 -2.36 50.63
N PRO E 640 35.26 -1.85 50.02
CA PRO E 640 35.29 -0.86 48.95
C PRO E 640 34.88 -1.49 47.62
N ARG E 641 33.99 -0.85 46.88
CA ARG E 641 33.51 -1.36 45.60
C ARG E 641 34.10 -0.54 44.46
N PHE E 642 34.51 -1.24 43.40
CA PHE E 642 34.97 -0.58 42.19
C PHE E 642 34.97 -1.58 41.04
N SER E 643 35.03 -1.04 39.82
CA SER E 643 34.99 -1.86 38.62
C SER E 643 36.41 -2.23 38.20
N ASN E 644 36.70 -3.53 38.21
CA ASN E 644 38.06 -3.99 37.94
C ASN E 644 38.39 -3.96 36.45
N ASN E 645 37.41 -4.20 35.59
CA ASN E 645 37.68 -4.30 34.16
C ASN E 645 38.19 -2.97 33.62
N ILE E 646 37.51 -1.88 33.97
CA ILE E 646 37.92 -0.57 33.47
C ILE E 646 39.31 -0.23 33.99
N LEU E 647 39.55 -0.51 35.27
CA LEU E 647 40.86 -0.22 35.84
C LEU E 647 41.95 -0.97 35.10
N GLN E 648 41.71 -2.24 34.82
CA GLN E 648 42.73 -3.04 34.14
C GLN E 648 42.95 -2.54 32.72
N MET E 649 41.88 -2.18 32.03
CA MET E 649 42.05 -1.65 30.68
C MET E 649 42.86 -0.37 30.70
N LEU E 650 42.55 0.54 31.62
CA LEU E 650 43.32 1.78 31.69
C LEU E 650 44.78 1.50 32.02
N LYS E 651 45.02 0.56 32.92
CA LYS E 651 46.39 0.23 33.29
C LYS E 651 47.16 -0.26 32.09
N VAL E 652 46.57 -1.14 31.29
CA VAL E 652 47.28 -1.67 30.14
C VAL E 652 47.43 -0.59 29.07
N ALA E 653 46.43 0.27 28.92
CA ALA E 653 46.45 1.23 27.82
C ALA E 653 47.45 2.33 28.07
N LEU E 654 47.59 2.77 29.32
CA LEU E 654 48.50 3.87 29.62
C LEU E 654 49.95 3.53 29.31
N LYS E 655 50.28 2.29 28.97
CA LYS E 655 51.65 1.90 28.72
C LYS E 655 51.92 1.50 27.28
N ARG E 656 50.93 1.58 26.40
CA ARG E 656 51.07 1.10 25.03
C ARG E 656 51.64 2.20 24.15
N LYS E 657 52.85 1.97 23.63
CA LYS E 657 53.44 2.93 22.73
C LYS E 657 52.70 2.94 21.39
N PRO E 658 52.59 4.09 20.75
CA PRO E 658 51.79 4.19 19.52
C PRO E 658 52.52 3.56 18.35
N PRO E 659 51.83 3.37 17.23
CA PRO E 659 52.49 2.81 16.05
C PRO E 659 53.69 3.63 15.64
N GLN E 660 54.45 3.08 14.70
CA GLN E 660 55.74 3.64 14.35
C GLN E 660 55.61 5.09 13.90
N ASP E 661 56.48 5.95 14.41
CA ASP E 661 56.58 7.34 14.01
C ASP E 661 55.33 8.13 14.40
N ARG E 662 54.78 7.84 15.57
CA ARG E 662 53.73 8.65 16.15
C ARG E 662 54.08 8.94 17.60
N ARG E 663 53.54 10.03 18.12
CA ARG E 663 53.83 10.48 19.46
C ARG E 663 52.54 10.77 20.21
N LEU E 664 52.62 10.66 21.53
CA LEU E 664 51.46 10.83 22.39
C LEU E 664 51.92 11.48 23.69
N LEU E 665 51.06 12.32 24.25
CA LEU E 665 51.30 12.90 25.58
C LEU E 665 50.02 12.76 26.40
N ILE E 666 50.07 11.92 27.44
CA ILE E 666 48.92 11.67 28.29
C ILE E 666 49.09 12.44 29.59
N MET E 667 48.03 13.13 30.00
CA MET E 667 48.03 13.93 31.20
C MET E 667 46.78 13.58 32.00
N THR E 668 46.96 12.95 33.16
CA THR E 668 45.82 12.49 33.95
C THR E 668 45.84 13.17 35.31
N THR E 669 44.64 13.53 35.79
CA THR E 669 44.50 14.25 37.05
C THR E 669 43.72 13.40 38.05
N THR E 670 44.02 13.58 39.33
CA THR E 670 43.36 12.80 40.37
C THR E 670 43.40 13.55 41.69
N SER E 671 42.59 13.08 42.64
CA SER E 671 42.48 13.70 43.95
C SER E 671 42.60 12.72 45.10
N ALA E 672 42.86 11.44 44.84
CA ALA E 672 42.91 10.40 45.87
C ALA E 672 44.22 9.64 45.80
N TYR E 673 45.32 10.38 45.72
CA TYR E 673 46.65 9.79 45.55
C TYR E 673 46.83 8.48 46.30
N SER E 674 46.40 8.45 47.57
CA SER E 674 46.60 7.25 48.38
C SER E 674 45.87 6.04 47.80
N VAL E 675 44.64 6.24 47.33
CA VAL E 675 43.89 5.13 46.77
C VAL E 675 44.59 4.56 45.55
N LEU E 676 45.13 5.44 44.71
CA LEU E 676 45.93 4.98 43.59
C LEU E 676 47.15 4.23 44.08
N GLN E 677 47.73 4.68 45.19
CA GLN E 677 48.87 3.96 45.73
C GLN E 677 48.48 2.55 46.11
N GLN E 678 47.31 2.40 46.74
CA GLN E 678 46.88 1.09 47.16
C GLN E 678 46.64 0.18 45.97
N MET E 679 46.02 0.70 44.91
CA MET E 679 45.79 -0.16 43.76
C MET E 679 47.08 -0.59 43.08
N ASP E 680 48.21 0.04 43.39
CA ASP E 680 49.50 -0.36 42.85
C ASP E 680 49.62 -0.06 41.37
N ILE E 681 49.00 1.01 40.92
CA ILE E 681 49.15 1.50 39.56
C ILE E 681 50.04 2.73 39.49
N LEU E 682 50.85 2.96 40.51
CA LEU E 682 51.67 4.15 40.55
C LEU E 682 52.95 4.00 39.74
N SER E 683 53.18 2.84 39.14
CA SER E 683 54.39 2.56 38.40
C SER E 683 54.27 2.87 36.92
N CYS E 684 53.11 3.30 36.45
CA CYS E 684 52.91 3.62 35.05
C CYS E 684 52.94 5.13 34.78
N PHE E 685 53.33 5.93 35.76
CA PHE E 685 53.43 7.38 35.59
C PHE E 685 54.88 7.80 35.68
N ASP E 686 55.33 8.57 34.70
CA ASP E 686 56.74 8.98 34.68
C ASP E 686 57.01 10.08 35.69
N ASN E 687 56.07 11.02 35.85
CA ASN E 687 56.31 12.14 36.74
C ASN E 687 54.99 12.61 37.33
N GLU E 688 55.09 13.27 38.48
CA GLU E 688 53.95 13.74 39.25
C GLU E 688 54.10 15.21 39.56
N ILE E 689 52.97 15.92 39.58
CA ILE E 689 52.95 17.35 39.83
C ILE E 689 51.90 17.63 40.91
N ALA E 690 52.32 18.32 41.96
CA ALA E 690 51.45 18.71 43.05
C ALA E 690 50.89 20.11 42.79
N VAL E 691 49.70 20.36 43.33
CA VAL E 691 49.03 21.64 43.15
C VAL E 691 48.55 22.17 44.49
N PRO E 692 49.44 22.63 45.35
CA PRO E 692 49.00 23.09 46.69
C PRO E 692 48.04 24.26 46.58
N ASN E 693 47.05 24.26 47.47
CA ASN E 693 46.10 25.37 47.53
C ASN E 693 46.74 26.56 48.23
N MET E 694 46.13 27.72 48.08
CA MET E 694 46.71 28.96 48.59
C MET E 694 46.50 29.06 50.09
N THR E 695 47.45 29.71 50.76
CA THR E 695 47.40 29.89 52.20
C THR E 695 47.71 31.31 52.67
N ASN E 696 48.40 32.12 51.88
CA ASN E 696 48.75 33.47 52.30
C ASN E 696 47.61 34.42 51.95
N LEU E 697 47.35 35.38 52.84
CA LEU E 697 46.30 36.36 52.59
C LEU E 697 46.60 37.22 51.39
N ASP E 698 47.86 37.31 50.97
CA ASP E 698 48.20 38.07 49.79
C ASP E 698 47.52 37.50 48.55
N GLU E 699 47.50 36.18 48.43
CA GLU E 699 46.83 35.56 47.29
C GLU E 699 45.34 35.84 47.32
N LEU E 700 44.76 35.82 48.52
CA LEU E 700 43.35 36.18 48.65
C LEU E 700 43.13 37.61 48.17
N ASN E 701 44.02 38.52 48.54
CA ASN E 701 43.88 39.90 48.08
C ASN E 701 43.98 39.98 46.55
N ASN E 702 44.90 39.22 45.97
CA ASN E 702 45.03 39.23 44.51
C ASN E 702 43.75 38.77 43.84
N VAL E 703 43.20 37.64 44.30
CA VAL E 703 41.97 37.15 43.69
C VAL E 703 40.83 38.13 43.92
N MET E 704 40.80 38.78 45.08
CA MET E 704 39.75 39.75 45.36
C MET E 704 39.83 40.93 44.40
N ILE E 705 41.03 41.46 44.20
CA ILE E 705 41.19 42.60 43.31
C ILE E 705 40.87 42.19 41.88
N GLU E 706 41.21 40.95 41.50
CA GLU E 706 40.90 40.51 40.15
C GLU E 706 39.41 40.31 39.95
N SER E 707 38.70 39.93 41.01
CA SER E 707 37.26 39.73 40.92
C SER E 707 36.46 41.01 41.06
N ASN E 708 37.09 42.11 41.46
CA ASN E 708 36.40 43.38 41.61
C ASN E 708 35.21 43.25 42.54
N PHE E 709 35.40 42.57 43.67
CA PHE E 709 34.31 42.35 44.61
C PHE E 709 33.83 43.66 45.21
N LEU E 710 34.75 44.48 45.71
CA LEU E 710 34.41 45.69 46.43
C LEU E 710 35.38 46.80 46.05
N ASP E 711 35.15 47.98 46.60
CA ASP E 711 36.04 49.11 46.38
C ASP E 711 37.36 48.87 47.09
N ASP E 712 38.35 49.71 46.75
CA ASP E 712 39.70 49.50 47.28
C ASP E 712 39.71 49.54 48.80
N ALA E 713 39.01 50.51 49.38
CA ALA E 713 38.98 50.61 50.84
C ALA E 713 38.38 49.36 51.48
N GLY E 714 37.30 48.84 50.90
CA GLY E 714 36.73 47.62 51.43
C GLY E 714 37.66 46.43 51.29
N ARG E 715 38.33 46.33 50.14
CA ARG E 715 39.27 45.23 49.94
C ARG E 715 40.40 45.28 50.95
N VAL E 716 40.85 46.50 51.30
CA VAL E 716 41.88 46.62 52.33
C VAL E 716 41.31 46.24 53.69
N LYS E 717 40.14 46.78 54.02
CA LYS E 717 39.57 46.59 55.36
C LYS E 717 39.31 45.12 55.63
N VAL E 718 38.78 44.40 54.65
CA VAL E 718 38.49 42.98 54.85
C VAL E 718 39.77 42.22 55.18
N ILE E 719 40.86 42.54 54.47
CA ILE E 719 42.09 41.79 54.71
C ILE E 719 42.68 42.14 56.06
N ASN E 720 42.62 43.42 56.47
CA ASN E 720 43.14 43.73 57.81
C ASN E 720 42.32 43.02 58.87
N GLU E 721 41.00 42.98 58.70
CA GLU E 721 40.17 42.30 59.68
C GLU E 721 40.47 40.80 59.72
N LEU E 722 40.62 40.19 58.55
CA LEU E 722 40.87 38.75 58.50
C LEU E 722 42.25 38.40 59.01
N SER E 723 43.20 39.34 58.95
CA SER E 723 44.55 39.06 59.41
C SER E 723 44.53 38.67 60.89
N ARG E 724 43.79 39.41 61.70
CA ARG E 724 43.66 39.09 63.12
C ARG E 724 42.54 38.10 63.40
N SER E 725 41.51 38.06 62.55
CA SER E 725 40.42 37.13 62.78
C SER E 725 40.89 35.69 62.68
N CYS E 726 41.70 35.38 61.67
CA CYS E 726 42.17 34.01 61.47
C CYS E 726 43.39 34.02 60.56
N PRO E 727 44.58 34.31 61.09
CA PRO E 727 45.77 34.40 60.20
C PRO E 727 46.06 33.14 59.43
N ASN E 728 45.89 31.96 60.04
CA ASN E 728 46.17 30.71 59.35
C ASN E 728 45.03 30.39 58.39
N PHE E 729 45.39 29.96 57.18
CA PHE E 729 44.43 29.92 56.08
C PHE E 729 44.66 28.71 55.19
N ASN E 730 43.59 27.96 54.94
CA ASN E 730 43.62 26.83 54.02
C ASN E 730 42.21 26.64 53.47
N VAL E 731 41.97 27.10 52.25
CA VAL E 731 40.62 27.06 51.69
C VAL E 731 40.61 26.39 50.32
N GLY E 732 41.37 26.92 49.37
CA GLY E 732 41.28 26.47 48.00
C GLY E 732 41.15 27.62 47.03
N ILE E 733 40.45 27.39 45.91
CA ILE E 733 40.18 28.46 44.95
C ILE E 733 38.68 28.53 44.62
N LYS E 734 38.08 27.40 44.28
CA LYS E 734 36.68 27.39 43.87
C LYS E 734 35.79 27.98 44.96
N LYS E 735 35.98 27.52 46.20
CA LYS E 735 35.17 28.02 47.30
C LYS E 735 35.31 29.52 47.46
N THR E 736 36.49 30.06 47.15
CA THR E 736 36.70 31.49 47.29
C THR E 736 35.79 32.27 46.35
N LEU E 737 35.76 31.87 45.08
CA LEU E 737 34.90 32.56 44.13
C LEU E 737 33.43 32.39 44.51
N THR E 738 33.05 31.19 44.94
CA THR E 738 31.66 30.97 45.33
C THR E 738 31.27 31.90 46.48
N ASN E 739 32.14 32.00 47.48
CA ASN E 739 31.85 32.86 48.62
C ASN E 739 31.81 34.32 48.19
N ILE E 740 32.71 34.70 47.28
CA ILE E 740 32.73 36.07 46.81
C ILE E 740 31.40 36.43 46.18
N GLU E 741 30.89 35.55 45.31
CA GLU E 741 29.64 35.83 44.65
C GLU E 741 28.49 35.89 45.66
N THR E 742 28.42 34.92 46.57
CA THR E 742 27.32 34.93 47.53
C THR E 742 27.34 36.19 48.38
N ALA E 743 28.53 36.64 48.77
CA ALA E 743 28.63 37.87 49.55
C ALA E 743 28.22 39.06 48.71
N ARG E 744 28.61 39.07 47.44
CA ARG E 744 28.18 40.16 46.57
C ARG E 744 26.66 40.23 46.56
N HIS E 745 26.02 39.08 46.41
CA HIS E 745 24.57 39.09 46.26
C HIS E 745 23.90 39.66 47.50
N ASP E 746 24.21 39.11 48.68
CA ASP E 746 23.44 39.50 49.86
C ASP E 746 23.97 40.77 50.49
N GLU E 747 25.21 40.73 50.99
CA GLU E 747 25.77 41.87 51.71
C GLU E 747 27.29 41.81 51.52
N ASP E 748 27.78 42.65 50.63
CA ASP E 748 29.20 42.74 50.35
C ASP E 748 30.00 43.14 51.58
N PRO E 749 29.42 43.82 52.59
CA PRO E 749 30.17 44.03 53.82
C PRO E 749 30.76 42.77 54.42
N VAL E 750 31.62 42.96 55.42
CA VAL E 750 32.40 41.87 56.00
C VAL E 750 31.49 40.75 56.48
N ASN E 751 30.37 41.12 57.12
CA ASN E 751 29.59 40.19 57.92
C ASN E 751 29.21 38.92 57.17
N GLU E 752 29.30 38.90 55.86
CA GLU E 752 28.94 37.72 55.09
C GLU E 752 30.17 37.05 54.48
N LEU E 753 30.98 37.78 53.72
CA LEU E 753 32.13 37.18 53.08
C LEU E 753 33.10 36.62 54.11
N VAL E 754 33.47 37.45 55.10
CA VAL E 754 34.46 37.00 56.07
C VAL E 754 33.87 35.89 56.94
N GLU E 755 32.59 35.99 57.28
CA GLU E 755 31.95 34.93 58.03
C GLU E 755 32.08 33.60 57.32
N LEU E 756 31.70 33.56 56.04
CA LEU E 756 31.77 32.31 55.30
C LEU E 756 33.22 31.84 55.16
N MET E 757 34.13 32.77 54.89
CA MET E 757 35.52 32.39 54.68
C MET E 757 36.11 31.77 55.95
N THR E 758 35.83 32.36 57.10
CA THR E 758 36.30 31.79 58.35
C THR E 758 35.63 30.46 58.63
N GLN E 759 34.33 30.36 58.35
CA GLN E 759 33.62 29.12 58.62
C GLN E 759 34.19 27.97 57.80
N SER E 760 34.48 28.22 56.53
CA SER E 760 34.99 27.15 55.67
C SER E 760 36.35 26.66 56.16
N ALA E 761 37.24 27.57 56.54
CA ALA E 761 38.57 27.18 56.97
C ALA E 761 38.53 26.60 58.38
N ASP F 248 52.77 -32.35 -2.73
CA ASP F 248 53.00 -33.72 -3.16
C ASP F 248 52.42 -34.72 -2.18
N LYS F 249 52.51 -34.40 -0.88
CA LYS F 249 52.03 -35.32 0.14
C LYS F 249 50.53 -35.57 0.01
N GLU F 250 49.76 -34.50 -0.18
CA GLU F 250 48.34 -34.67 -0.47
C GLU F 250 48.14 -35.42 -1.79
N PHE F 251 48.94 -35.09 -2.79
CA PHE F 251 48.86 -35.75 -4.08
C PHE F 251 49.08 -37.25 -3.94
N THR F 252 49.95 -37.67 -3.03
CA THR F 252 50.14 -39.09 -2.77
C THR F 252 49.00 -39.68 -1.95
N LYS F 253 48.55 -38.98 -0.92
CA LYS F 253 47.49 -39.53 -0.07
C LYS F 253 46.22 -39.77 -0.87
N ILE F 254 45.76 -38.75 -1.60
CA ILE F 254 44.49 -38.87 -2.31
C ILE F 254 44.57 -39.99 -3.34
N PHE F 255 45.70 -40.12 -4.03
CA PHE F 255 45.84 -41.16 -5.03
C PHE F 255 45.89 -42.54 -4.39
N ARG F 256 46.70 -42.71 -3.35
CA ARG F 256 46.89 -44.03 -2.76
C ARG F 256 45.62 -44.52 -2.10
N ARG F 257 44.95 -43.67 -1.32
CA ARG F 257 43.86 -44.12 -0.47
C ARG F 257 42.53 -44.15 -1.22
N ALA F 258 42.13 -43.02 -1.81
CA ALA F 258 40.83 -42.94 -2.44
C ALA F 258 40.81 -43.61 -3.82
N PHE F 259 41.71 -43.21 -4.70
CA PHE F 259 41.70 -43.65 -6.09
C PHE F 259 42.58 -44.90 -6.27
N ALA F 260 42.18 -45.98 -5.61
CA ALA F 260 42.86 -47.26 -5.76
C ALA F 260 41.89 -48.39 -6.11
N SER F 261 40.66 -48.30 -5.61
CA SER F 261 39.71 -49.38 -5.84
C SER F 261 39.39 -49.56 -7.32
N ARG F 262 39.25 -48.45 -8.06
CA ARG F 262 38.88 -48.54 -9.47
C ARG F 262 39.92 -49.28 -10.29
N ILE F 263 41.15 -49.39 -9.79
CA ILE F 263 42.20 -50.05 -10.55
C ILE F 263 41.89 -51.52 -10.73
N PHE F 264 41.28 -52.16 -9.73
CA PHE F 264 41.08 -53.59 -9.76
C PHE F 264 40.09 -53.98 -10.85
N PRO F 265 40.13 -55.23 -11.30
CA PRO F 265 39.14 -55.69 -12.30
C PRO F 265 37.73 -55.55 -11.77
N PRO F 266 36.78 -55.14 -12.61
CA PRO F 266 35.46 -54.77 -12.08
C PRO F 266 34.73 -55.91 -11.39
N SER F 267 34.90 -57.14 -11.87
CA SER F 267 34.13 -58.25 -11.32
C SER F 267 34.44 -58.46 -9.85
N VAL F 268 35.70 -58.25 -9.45
CA VAL F 268 36.07 -58.42 -8.05
C VAL F 268 35.29 -57.45 -7.18
N ILE F 269 35.24 -56.18 -7.61
CA ILE F 269 34.51 -55.17 -6.85
C ILE F 269 33.03 -55.54 -6.80
N GLU F 270 32.48 -55.94 -7.95
CA GLU F 270 31.06 -56.28 -8.00
C GLU F 270 30.75 -57.43 -7.05
N LYS F 271 31.68 -58.37 -6.90
CA LYS F 271 31.40 -59.58 -6.13
C LYS F 271 31.57 -59.33 -4.64
N LEU F 272 32.71 -58.76 -4.24
CA LEU F 272 32.94 -58.52 -2.82
C LEU F 272 31.91 -57.56 -2.25
N GLY F 273 31.63 -56.47 -2.96
CA GLY F 273 30.75 -55.42 -2.47
C GLY F 273 31.46 -54.22 -1.91
N ILE F 274 32.78 -54.12 -2.07
CA ILE F 274 33.51 -52.95 -1.58
C ILE F 274 32.95 -51.71 -2.25
N SER F 275 32.78 -50.64 -1.47
CA SER F 275 32.19 -49.40 -1.95
C SER F 275 33.26 -48.34 -2.12
N HIS F 276 33.27 -47.70 -3.29
CA HIS F 276 34.22 -46.64 -3.56
C HIS F 276 33.85 -45.36 -2.82
N VAL F 277 34.86 -44.62 -2.41
CA VAL F 277 34.62 -43.33 -1.76
C VAL F 277 33.94 -42.39 -2.74
N LYS F 278 32.99 -41.61 -2.24
CA LYS F 278 32.15 -40.78 -3.09
C LYS F 278 32.57 -39.30 -3.09
N GLY F 279 32.78 -38.72 -1.92
CA GLY F 279 32.98 -37.28 -1.78
C GLY F 279 34.40 -36.93 -1.38
N LEU F 280 34.95 -35.90 -2.03
CA LEU F 280 36.25 -35.35 -1.69
C LEU F 280 36.08 -33.84 -1.49
N LEU F 281 36.51 -33.34 -0.33
CA LEU F 281 36.32 -31.94 0.01
C LEU F 281 37.67 -31.25 0.08
N LEU F 282 37.95 -30.40 -0.91
CA LEU F 282 39.19 -29.61 -0.94
C LEU F 282 38.88 -28.23 -0.36
N TYR F 283 39.63 -27.83 0.65
CA TYR F 283 39.39 -26.56 1.32
C TYR F 283 40.71 -25.84 1.54
N GLY F 284 40.62 -24.51 1.65
CA GLY F 284 41.78 -23.69 1.87
C GLY F 284 41.47 -22.22 1.68
N PRO F 285 42.43 -21.36 1.96
CA PRO F 285 42.20 -19.92 1.79
C PRO F 285 42.02 -19.56 0.33
N PRO F 286 41.41 -18.40 0.04
CA PRO F 286 41.20 -18.01 -1.35
C PRO F 286 42.52 -17.84 -2.08
N GLY F 287 42.49 -18.13 -3.38
CA GLY F 287 43.65 -17.94 -4.23
C GLY F 287 44.62 -19.11 -4.25
N THR F 288 44.36 -20.16 -3.46
CA THR F 288 45.25 -21.31 -3.47
C THR F 288 45.18 -22.10 -4.76
N GLY F 289 44.22 -21.82 -5.63
CA GLY F 289 44.09 -22.55 -6.87
C GLY F 289 43.21 -23.77 -6.80
N LYS F 290 42.26 -23.82 -5.87
CA LYS F 290 41.38 -24.97 -5.74
C LYS F 290 40.70 -25.31 -7.06
N THR F 291 40.31 -24.29 -7.83
CA THR F 291 39.77 -24.54 -9.15
C THR F 291 40.79 -25.20 -10.06
N LEU F 292 42.04 -24.76 -9.96
CA LEU F 292 43.10 -25.36 -10.79
C LEU F 292 43.27 -26.84 -10.46
N ILE F 293 43.32 -27.18 -9.18
CA ILE F 293 43.48 -28.57 -8.77
C ILE F 293 42.27 -29.39 -9.20
N ALA F 294 41.07 -28.83 -9.04
CA ALA F 294 39.87 -29.55 -9.44
C ALA F 294 39.90 -29.86 -10.94
N ARG F 295 40.30 -28.88 -11.74
CA ARG F 295 40.39 -29.11 -13.18
C ARG F 295 41.46 -30.15 -13.50
N LYS F 296 42.62 -30.05 -12.84
CA LYS F 296 43.74 -30.94 -13.16
C LYS F 296 43.44 -32.38 -12.78
N ILE F 297 42.67 -32.58 -11.72
CA ILE F 297 42.39 -33.95 -11.26
C ILE F 297 41.70 -34.74 -12.37
N GLY F 298 40.71 -34.15 -13.02
CA GLY F 298 39.97 -34.87 -14.05
C GLY F 298 40.84 -35.27 -15.21
N THR F 299 41.66 -34.34 -15.71
CA THR F 299 42.52 -34.66 -16.85
C THR F 299 43.60 -35.66 -16.48
N MET F 300 44.18 -35.52 -15.28
CA MET F 300 45.25 -36.43 -14.89
C MET F 300 44.78 -37.87 -14.84
N LEU F 301 43.59 -38.10 -14.30
CA LEU F 301 43.06 -39.45 -14.16
C LEU F 301 42.35 -39.96 -15.41
N ASN F 302 42.43 -39.22 -16.53
CA ASN F 302 41.79 -39.62 -17.77
C ASN F 302 40.30 -39.84 -17.56
N ALA F 303 39.68 -38.98 -16.78
CA ALA F 303 38.26 -39.06 -16.47
C ALA F 303 37.44 -38.34 -17.54
N LYS F 304 36.13 -38.47 -17.42
CA LYS F 304 35.21 -37.80 -18.33
C LYS F 304 35.43 -36.29 -18.27
N GLU F 305 35.03 -35.61 -19.34
CA GLU F 305 35.17 -34.16 -19.40
C GLU F 305 34.41 -33.52 -18.25
N PRO F 306 35.05 -32.69 -17.42
CA PRO F 306 34.36 -32.14 -16.25
C PRO F 306 33.23 -31.21 -16.65
N LYS F 307 32.17 -31.22 -15.84
CA LYS F 307 31.07 -30.27 -16.00
C LYS F 307 31.24 -29.17 -14.95
N ILE F 308 31.71 -28.02 -15.39
CA ILE F 308 32.01 -26.90 -14.50
C ILE F 308 30.74 -26.06 -14.35
N VAL F 309 30.29 -25.89 -13.11
CA VAL F 309 29.10 -25.09 -12.81
C VAL F 309 29.41 -24.17 -11.65
N ASN F 310 29.04 -22.91 -11.78
CA ASN F 310 29.27 -21.93 -10.70
C ASN F 310 28.22 -22.11 -9.60
N GLY F 311 28.65 -21.91 -8.37
CA GLY F 311 27.79 -22.01 -7.23
C GLY F 311 26.61 -21.05 -7.28
N PRO F 312 26.89 -19.74 -7.33
CA PRO F 312 25.79 -18.76 -7.38
C PRO F 312 24.91 -18.90 -8.61
N GLU F 313 25.45 -19.37 -9.73
CA GLU F 313 24.65 -19.55 -10.94
C GLU F 313 23.57 -20.61 -10.77
N ILE F 314 23.67 -21.46 -9.74
CA ILE F 314 22.68 -22.50 -9.53
C ILE F 314 21.30 -21.91 -9.27
N LEU F 315 21.26 -20.71 -8.68
CA LEU F 315 19.97 -20.08 -8.40
C LEU F 315 19.18 -19.90 -9.69
N SER F 316 17.91 -20.27 -9.64
CA SER F 316 17.07 -20.27 -10.83
C SER F 316 15.84 -19.38 -10.63
N GLY F 320 11.11 -24.66 -8.93
CA GLY F 320 11.26 -26.08 -9.19
C GLY F 320 12.24 -26.36 -10.31
N SER F 321 12.62 -25.32 -11.06
CA SER F 321 13.54 -25.49 -12.17
C SER F 321 14.95 -25.80 -11.68
N SER F 322 15.33 -25.29 -10.50
CA SER F 322 16.62 -25.65 -9.93
C SER F 322 16.70 -27.14 -9.65
N GLU F 323 15.64 -27.73 -9.09
CA GLU F 323 15.61 -29.17 -8.89
C GLU F 323 15.68 -29.91 -10.22
N GLU F 324 15.00 -29.37 -11.23
CA GLU F 324 15.04 -29.99 -12.55
C GLU F 324 16.46 -30.01 -13.10
N ASN F 325 17.18 -28.90 -12.95
CA ASN F 325 18.57 -28.86 -13.39
C ASN F 325 19.43 -29.85 -12.61
N ILE F 326 19.25 -29.90 -11.29
CA ILE F 326 20.07 -30.78 -10.46
C ILE F 326 19.85 -32.23 -10.87
N ARG F 327 18.59 -32.63 -11.06
CA ARG F 327 18.31 -34.00 -11.45
C ARG F 327 18.77 -34.27 -12.88
N ASN F 328 18.67 -33.29 -13.77
CA ASN F 328 19.12 -33.47 -15.14
C ASN F 328 20.62 -33.66 -15.22
N LEU F 329 21.37 -33.08 -14.27
CA LEU F 329 22.82 -33.23 -14.29
C LEU F 329 23.23 -34.69 -14.32
N PHE F 330 22.46 -35.56 -13.66
CA PHE F 330 22.87 -36.95 -13.46
C PHE F 330 22.39 -37.88 -14.57
N LYS F 331 21.66 -37.37 -15.55
CA LYS F 331 21.03 -38.25 -16.54
C LYS F 331 22.08 -39.00 -17.36
N ASP F 332 23.14 -38.31 -17.77
CA ASP F 332 24.16 -38.95 -18.61
C ASP F 332 24.83 -40.09 -17.86
N ALA F 333 25.26 -39.83 -16.62
CA ALA F 333 25.92 -40.88 -15.84
C ALA F 333 24.97 -42.04 -15.57
N GLU F 334 23.72 -41.74 -15.22
CA GLU F 334 22.76 -42.80 -14.93
C GLU F 334 22.54 -43.68 -16.16
N ALA F 335 22.33 -43.06 -17.31
CA ALA F 335 22.11 -43.84 -18.53
C ALA F 335 23.35 -44.64 -18.90
N GLU F 336 24.54 -44.04 -18.76
CA GLU F 336 25.76 -44.74 -19.12
C GLU F 336 25.97 -45.96 -18.22
N TYR F 337 25.73 -45.81 -16.92
CA TYR F 337 25.83 -46.95 -16.02
C TYR F 337 24.77 -47.99 -16.36
N ARG F 338 23.56 -47.56 -16.70
CA ARG F 338 22.52 -48.50 -17.07
C ARG F 338 22.93 -49.33 -18.28
N ALA F 339 23.53 -48.68 -19.28
CA ALA F 339 23.91 -49.39 -20.51
C ALA F 339 24.97 -50.44 -20.23
N LYS F 340 25.97 -50.11 -19.41
CA LYS F 340 27.11 -51.00 -19.18
C LYS F 340 27.15 -51.52 -17.75
N GLY F 341 27.18 -50.64 -16.77
CA GLY F 341 27.30 -51.06 -15.38
C GLY F 341 28.66 -50.74 -14.80
N GLU F 342 29.37 -51.78 -14.34
CA GLU F 342 30.68 -51.55 -13.74
C GLU F 342 31.67 -50.95 -14.72
N GLU F 343 31.42 -51.06 -16.02
CA GLU F 343 32.36 -50.59 -17.03
C GLU F 343 32.23 -49.10 -17.32
N SER F 344 31.28 -48.40 -16.69
CA SER F 344 31.10 -46.99 -16.97
C SER F 344 32.34 -46.20 -16.58
N SER F 345 32.72 -45.23 -17.41
CA SER F 345 33.86 -44.39 -17.12
C SER F 345 33.53 -43.43 -15.98
N LEU F 346 34.58 -42.84 -15.41
CA LEU F 346 34.44 -42.00 -14.24
C LEU F 346 33.94 -40.62 -14.66
N HIS F 347 32.81 -40.22 -14.11
CA HIS F 347 32.24 -38.90 -14.33
C HIS F 347 32.53 -38.02 -13.13
N ILE F 348 32.99 -36.79 -13.37
CA ILE F 348 33.34 -35.85 -12.31
C ILE F 348 32.50 -34.60 -12.48
N ILE F 349 31.93 -34.12 -11.37
CA ILE F 349 31.17 -32.88 -11.34
C ILE F 349 31.74 -32.00 -10.24
N ILE F 350 32.11 -30.77 -10.59
CA ILE F 350 32.69 -29.81 -9.66
C ILE F 350 31.71 -28.66 -9.50
N PHE F 351 31.39 -28.33 -8.24
CA PHE F 351 30.44 -27.27 -7.92
C PHE F 351 31.19 -26.18 -7.16
N ASP F 352 31.68 -25.19 -7.90
CA ASP F 352 32.43 -24.10 -7.28
C ASP F 352 31.58 -23.34 -6.29
N GLU F 353 32.18 -22.97 -5.16
CA GLU F 353 31.49 -22.22 -4.11
C GLU F 353 30.27 -23.01 -3.62
N LEU F 354 30.54 -24.18 -3.07
CA LEU F 354 29.47 -25.04 -2.58
C LEU F 354 28.71 -24.35 -1.46
N ASP F 355 29.42 -23.72 -0.52
CA ASP F 355 28.77 -23.07 0.62
C ASP F 355 27.88 -21.91 0.19
N SER F 356 28.03 -21.41 -1.03
CA SER F 356 27.17 -20.32 -1.49
C SER F 356 25.71 -20.75 -1.53
N VAL F 357 25.44 -21.97 -1.99
CA VAL F 357 24.08 -22.44 -2.15
C VAL F 357 23.74 -23.54 -1.14
N PHE F 358 24.73 -24.28 -0.68
CA PHE F 358 24.52 -25.39 0.26
C PHE F 358 24.77 -24.92 1.69
N LYS F 359 23.91 -24.00 2.13
CA LYS F 359 23.90 -23.55 3.51
C LYS F 359 22.78 -24.24 4.29
N GLN F 360 22.93 -24.26 5.60
CA GLN F 360 21.96 -24.92 6.46
C GLN F 360 20.57 -24.33 6.25
N GLY F 369 12.81 -21.33 -0.92
CA GLY F 369 13.71 -22.35 -0.40
C GLY F 369 14.44 -23.11 -1.49
N VAL F 370 14.98 -22.38 -2.46
CA VAL F 370 15.71 -23.01 -3.55
C VAL F 370 16.94 -23.73 -3.00
N GLY F 371 17.67 -23.09 -2.09
CA GLY F 371 18.84 -23.69 -1.49
C GLY F 371 18.57 -24.89 -0.60
N ASP F 372 17.30 -25.13 -0.27
CA ASP F 372 16.90 -26.33 0.46
C ASP F 372 16.44 -27.44 -0.47
N ASN F 373 15.68 -27.09 -1.51
CA ASN F 373 15.24 -28.06 -2.49
C ASN F 373 16.42 -28.61 -3.28
N VAL F 374 17.45 -27.79 -3.52
CA VAL F 374 18.65 -28.28 -4.17
C VAL F 374 19.30 -29.36 -3.33
N VAL F 375 19.40 -29.15 -2.01
CA VAL F 375 19.97 -30.15 -1.13
C VAL F 375 19.10 -31.39 -1.11
N ASN F 376 17.78 -31.22 -1.09
CA ASN F 376 16.88 -32.37 -1.12
C ASN F 376 17.14 -33.22 -2.35
N GLN F 377 17.20 -32.59 -3.52
CA GLN F 377 17.43 -33.32 -4.76
C GLN F 377 18.79 -34.02 -4.74
N LEU F 378 19.82 -33.30 -4.32
CA LEU F 378 21.17 -33.88 -4.33
C LEU F 378 21.26 -35.08 -3.40
N LEU F 379 20.67 -34.97 -2.20
CA LEU F 379 20.76 -36.07 -1.25
C LEU F 379 19.90 -37.25 -1.69
N ALA F 380 18.75 -36.98 -2.31
CA ALA F 380 17.93 -38.06 -2.85
C ALA F 380 18.68 -38.82 -3.94
N LYS F 381 19.38 -38.10 -4.81
CA LYS F 381 20.08 -38.76 -5.92
C LYS F 381 21.37 -39.43 -5.47
N MET F 382 22.01 -38.91 -4.42
CA MET F 382 23.36 -39.36 -4.09
C MET F 382 23.38 -40.76 -3.50
N ASP F 383 22.52 -41.04 -2.54
CA ASP F 383 22.59 -42.24 -1.75
C ASP F 383 21.26 -42.97 -1.76
N GLY F 384 21.26 -44.19 -1.22
CA GLY F 384 20.04 -44.98 -1.06
C GLY F 384 19.77 -45.87 -2.28
N VAL F 385 18.74 -45.52 -3.05
CA VAL F 385 18.36 -46.35 -4.18
C VAL F 385 19.49 -46.48 -5.20
N ASP F 386 20.34 -45.46 -5.28
CA ASP F 386 21.43 -45.46 -6.26
C ASP F 386 22.70 -46.03 -5.65
N GLN F 387 23.41 -46.83 -6.44
CA GLN F 387 24.71 -47.37 -6.08
C GLN F 387 25.75 -46.99 -7.14
N LEU F 388 25.68 -45.76 -7.61
CA LEU F 388 26.55 -45.28 -8.68
C LEU F 388 27.91 -44.95 -8.09
N ASN F 389 28.89 -45.84 -8.32
CA ASN F 389 30.26 -45.61 -7.87
C ASN F 389 31.12 -44.95 -8.94
N ASN F 390 30.53 -44.58 -10.08
CA ASN F 390 31.27 -43.98 -11.17
C ASN F 390 31.17 -42.46 -11.18
N ILE F 391 30.59 -41.86 -10.16
CA ILE F 391 30.45 -40.42 -10.06
C ILE F 391 31.27 -39.93 -8.88
N LEU F 392 32.12 -38.93 -9.13
CA LEU F 392 32.93 -38.30 -8.10
C LEU F 392 32.58 -36.82 -8.06
N VAL F 393 32.12 -36.35 -6.90
CA VAL F 393 31.75 -34.96 -6.69
C VAL F 393 32.84 -34.31 -5.85
N ILE F 394 33.38 -33.20 -6.35
CA ILE F 394 34.42 -32.45 -5.65
C ILE F 394 33.81 -31.15 -5.16
N GLY F 395 33.88 -30.94 -3.85
CA GLY F 395 33.37 -29.72 -3.25
C GLY F 395 34.48 -28.85 -2.72
N MET F 396 34.56 -27.62 -3.22
CA MET F 396 35.60 -26.67 -2.84
C MET F 396 34.95 -25.45 -2.21
N THR F 397 35.51 -25.01 -1.09
CA THR F 397 34.98 -23.86 -0.36
C THR F 397 36.12 -23.17 0.39
N ASN F 398 36.04 -21.84 0.45
CA ASN F 398 37.01 -21.06 1.22
C ASN F 398 36.68 -21.07 2.70
N ARG F 399 35.41 -21.31 3.06
CA ARG F 399 34.94 -21.31 4.44
C ARG F 399 34.36 -22.69 4.73
N LYS F 400 35.09 -23.48 5.51
CA LYS F 400 34.67 -24.85 5.77
C LYS F 400 33.52 -24.92 6.76
N ASP F 401 33.40 -23.93 7.65
CA ASP F 401 32.39 -23.97 8.68
C ASP F 401 30.98 -23.82 8.11
N LEU F 402 30.83 -23.26 6.91
CA LEU F 402 29.51 -22.97 6.36
C LEU F 402 28.85 -24.19 5.73
N ILE F 403 29.58 -25.29 5.56
CA ILE F 403 29.02 -26.45 4.89
C ILE F 403 27.85 -27.00 5.69
N ASP F 404 26.80 -27.40 4.98
CA ASP F 404 25.60 -27.92 5.64
C ASP F 404 25.95 -29.17 6.44
N SER F 405 25.37 -29.28 7.64
CA SER F 405 25.56 -30.48 8.46
C SER F 405 24.89 -31.71 7.87
N ALA F 406 23.89 -31.52 7.00
CA ALA F 406 23.23 -32.66 6.37
C ALA F 406 24.18 -33.45 5.48
N LEU F 407 25.22 -32.80 4.96
CA LEU F 407 26.21 -33.48 4.12
C LEU F 407 27.44 -33.91 4.89
N LEU F 408 27.70 -33.33 6.07
CA LEU F 408 28.87 -33.67 6.87
C LEU F 408 28.51 -34.88 7.73
N ARG F 409 28.65 -36.06 7.13
CA ARG F 409 28.41 -37.32 7.82
C ARG F 409 29.16 -38.42 7.10
N PRO F 410 29.47 -39.52 7.78
CA PRO F 410 30.18 -40.63 7.12
C PRO F 410 29.41 -41.13 5.91
N GLY F 411 30.16 -41.51 4.87
CA GLY F 411 29.56 -41.92 3.61
C GLY F 411 29.38 -40.80 2.61
N ARG F 412 29.58 -39.55 3.02
CA ARG F 412 29.47 -38.40 2.14
C ARG F 412 30.62 -37.46 2.46
N PHE F 413 31.46 -37.17 1.47
CA PHE F 413 32.61 -36.30 1.68
C PHE F 413 33.49 -36.86 2.80
N GLU F 414 33.81 -38.15 2.68
CA GLU F 414 34.60 -38.80 3.73
C GLU F 414 36.00 -38.19 3.83
N VAL F 415 36.62 -37.90 2.69
CA VAL F 415 38.00 -37.45 2.64
C VAL F 415 38.04 -35.93 2.51
N GLN F 416 38.79 -35.29 3.41
CA GLN F 416 39.02 -33.85 3.43
C GLN F 416 40.49 -33.57 3.17
N VAL F 417 40.77 -32.63 2.26
CA VAL F 417 42.12 -32.26 1.88
C VAL F 417 42.26 -30.75 2.00
N GLU F 418 43.34 -30.30 2.62
CA GLU F 418 43.65 -28.88 2.75
C GLU F 418 44.64 -28.47 1.66
N ILE F 419 44.30 -27.41 0.94
CA ILE F 419 45.17 -26.87 -0.12
C ILE F 419 46.07 -25.85 0.57
N ASP F 423 54.47 -20.66 -2.52
CA ASP F 423 55.70 -20.74 -1.76
C ASP F 423 56.70 -19.73 -2.35
N GLU F 424 57.84 -19.57 -1.69
CA GLU F 424 58.82 -18.57 -2.12
C GLU F 424 59.22 -18.80 -3.58
N LYS F 425 59.66 -20.03 -3.88
CA LYS F 425 60.09 -20.37 -5.23
C LYS F 425 58.94 -20.26 -6.24
N GLY F 426 57.76 -20.77 -5.88
CA GLY F 426 56.63 -20.66 -6.79
C GLY F 426 56.24 -19.22 -7.04
N ARG F 427 56.35 -18.39 -6.00
CA ARG F 427 56.08 -16.97 -6.15
C ARG F 427 57.07 -16.34 -7.12
N LEU F 428 58.35 -16.70 -7.02
CA LEU F 428 59.33 -16.18 -7.96
C LEU F 428 59.02 -16.66 -9.39
N GLN F 429 58.60 -17.91 -9.52
CA GLN F 429 58.28 -18.45 -10.84
C GLN F 429 57.09 -17.72 -11.46
N ILE F 430 56.05 -17.45 -10.68
CA ILE F 430 54.92 -16.71 -11.22
C ILE F 430 55.32 -15.28 -11.53
N PHE F 431 56.22 -14.70 -10.73
CA PHE F 431 56.74 -13.38 -11.07
C PHE F 431 57.41 -13.40 -12.42
N ASP F 432 58.23 -14.43 -12.67
CA ASP F 432 58.89 -14.56 -13.96
C ASP F 432 57.86 -14.73 -15.07
N ILE F 433 56.82 -15.52 -14.82
CA ILE F 433 55.77 -15.71 -15.82
C ILE F 433 55.15 -14.38 -16.19
N GLN F 434 54.82 -13.57 -15.18
CA GLN F 434 54.21 -12.27 -15.44
C GLN F 434 55.17 -11.33 -16.15
N THR F 435 56.44 -11.36 -15.76
CA THR F 435 57.41 -10.39 -16.26
C THR F 435 57.97 -10.73 -17.63
N LYS F 436 57.84 -11.99 -18.06
CA LYS F 436 58.43 -12.41 -19.33
C LYS F 436 58.31 -11.36 -20.42
N LYS F 437 57.09 -10.84 -20.63
CA LYS F 437 56.86 -9.96 -21.77
C LYS F 437 57.61 -8.64 -21.64
N MET F 438 57.67 -8.08 -20.43
CA MET F 438 58.39 -6.83 -20.25
C MET F 438 59.90 -7.04 -20.27
N ARG F 439 60.36 -8.13 -19.66
CA ARG F 439 61.80 -8.40 -19.61
C ARG F 439 62.35 -8.68 -21.00
N GLU F 440 61.61 -9.43 -21.81
CA GLU F 440 62.14 -9.85 -23.10
C GLU F 440 62.37 -8.66 -24.03
N ASN F 441 61.52 -7.64 -23.96
CA ASN F 441 61.57 -6.54 -24.91
C ASN F 441 62.53 -5.43 -24.48
N ASN F 442 63.49 -5.74 -23.62
CA ASN F 442 64.55 -4.79 -23.27
C ASN F 442 63.96 -3.46 -22.80
N MET F 443 62.93 -3.53 -21.95
CA MET F 443 62.35 -2.36 -21.33
C MET F 443 62.45 -2.43 -19.80
N MET F 444 63.33 -3.28 -19.28
CA MET F 444 63.51 -3.47 -17.86
C MET F 444 64.94 -3.15 -17.48
N SER F 445 65.12 -2.28 -16.49
CA SER F 445 66.46 -1.94 -16.03
C SER F 445 67.05 -3.10 -15.24
N ASP F 446 68.36 -3.30 -15.42
CA ASP F 446 69.04 -4.43 -14.78
C ASP F 446 69.07 -4.31 -13.26
N ASP F 447 68.81 -3.11 -12.73
CA ASP F 447 68.84 -2.93 -11.28
C ASP F 447 67.70 -3.68 -10.59
N VAL F 448 66.63 -3.98 -11.32
CA VAL F 448 65.45 -4.59 -10.69
C VAL F 448 65.80 -6.03 -10.35
N ASN F 449 65.71 -6.36 -9.06
CA ASN F 449 65.99 -7.71 -8.57
C ASN F 449 64.65 -8.36 -8.24
N LEU F 450 64.27 -9.35 -9.04
CA LEU F 450 62.98 -10.02 -8.82
C LEU F 450 62.94 -10.73 -7.47
N ALA F 451 64.05 -11.37 -7.08
CA ALA F 451 64.08 -12.04 -5.80
C ALA F 451 63.85 -11.07 -4.65
N GLU F 452 64.34 -9.83 -4.80
CA GLU F 452 64.09 -8.82 -3.78
C GLU F 452 62.61 -8.54 -3.64
N LEU F 453 61.93 -8.37 -4.77
CA LEU F 453 60.49 -8.13 -4.74
C LEU F 453 59.77 -9.31 -4.10
N ALA F 454 60.20 -10.53 -4.42
CA ALA F 454 59.61 -11.70 -3.79
C ALA F 454 59.81 -11.68 -2.29
N ALA F 455 61.02 -11.32 -1.83
CA ALA F 455 61.25 -11.20 -0.41
C ALA F 455 60.36 -10.14 0.21
N LEU F 456 60.01 -9.11 -0.55
CA LEU F 456 59.10 -8.08 -0.04
C LEU F 456 57.66 -8.60 0.01
N THR F 457 57.24 -9.31 -1.02
CA THR F 457 55.87 -9.83 -1.13
C THR F 457 55.80 -11.20 -0.46
N LYS F 458 55.36 -11.22 0.80
CA LYS F 458 55.33 -12.45 1.56
C LYS F 458 53.95 -13.09 1.59
N ASN F 459 52.89 -12.29 1.60
CA ASN F 459 51.52 -12.76 1.78
C ASN F 459 50.63 -12.26 0.66
N PHE F 460 51.08 -12.41 -0.58
CA PHE F 460 50.38 -11.89 -1.74
C PHE F 460 49.98 -13.04 -2.67
N SER F 461 48.83 -12.88 -3.32
CA SER F 461 48.34 -13.85 -4.29
C SER F 461 48.47 -13.28 -5.70
N GLY F 462 48.18 -14.13 -6.69
CA GLY F 462 48.48 -13.79 -8.07
C GLY F 462 47.83 -12.50 -8.53
N ALA F 463 46.55 -12.34 -8.23
CA ALA F 463 45.86 -11.12 -8.64
C ALA F 463 46.52 -9.89 -8.04
N GLU F 464 46.96 -10.00 -6.79
CA GLU F 464 47.70 -8.90 -6.18
C GLU F 464 49.00 -8.64 -6.94
N ILE F 465 49.66 -9.69 -7.41
CA ILE F 465 50.89 -9.49 -8.17
C ILE F 465 50.60 -8.72 -9.45
N GLU F 466 49.52 -9.09 -10.14
CA GLU F 466 49.15 -8.34 -11.34
C GLU F 466 48.87 -6.89 -11.01
N GLY F 467 48.17 -6.65 -9.90
CA GLY F 467 47.91 -5.27 -9.49
C GLY F 467 49.17 -4.47 -9.23
N LEU F 468 50.12 -5.07 -8.52
CA LEU F 468 51.38 -4.37 -8.27
C LEU F 468 52.10 -4.09 -9.59
N VAL F 469 52.08 -5.05 -10.50
CA VAL F 469 52.73 -4.83 -11.80
C VAL F 469 52.12 -3.63 -12.49
N LYS F 470 50.79 -3.58 -12.54
CA LYS F 470 50.13 -2.49 -13.24
C LYS F 470 50.41 -1.15 -12.57
N SER F 471 50.31 -1.08 -11.24
CA SER F 471 50.56 0.18 -10.55
C SER F 471 52.01 0.66 -10.73
N ALA F 472 52.96 -0.28 -10.65
CA ALA F 472 54.34 0.10 -10.86
C ALA F 472 54.52 0.65 -12.26
N SER F 473 53.90 0.00 -13.26
CA SER F 473 53.94 0.56 -14.59
C SER F 473 53.30 1.94 -14.62
N SER F 474 52.25 2.14 -13.82
CA SER F 474 51.52 3.40 -13.84
C SER F 474 52.45 4.55 -13.47
N PHE F 475 53.37 4.31 -12.54
CA PHE F 475 54.29 5.39 -12.18
C PHE F 475 55.23 5.74 -13.34
N ALA F 476 55.70 4.74 -14.06
CA ALA F 476 56.48 5.01 -15.26
C ALA F 476 55.65 5.78 -16.29
N ILE F 477 54.36 5.45 -16.39
CA ILE F 477 53.47 6.20 -17.28
C ILE F 477 53.46 7.66 -16.86
N ASN F 478 53.27 7.92 -15.57
CA ASN F 478 53.20 9.29 -15.09
C ASN F 478 54.48 10.04 -15.42
N LYS F 479 55.63 9.38 -15.29
CA LYS F 479 56.88 10.07 -15.54
C LYS F 479 56.92 10.73 -16.91
N THR F 480 56.29 10.12 -17.91
CA THR F 480 56.32 10.70 -19.25
C THR F 480 55.26 11.79 -19.40
N VAL F 481 54.01 11.45 -19.17
CA VAL F 481 52.91 12.39 -19.35
C VAL F 481 52.89 13.36 -18.18
N ASN F 482 52.78 14.65 -18.48
CA ASN F 482 52.73 15.67 -17.43
C ASN F 482 51.34 15.74 -16.81
N LYS F 493 58.07 12.95 -28.48
CA LYS F 493 58.01 11.61 -29.05
C LYS F 493 59.28 10.84 -28.73
N ASP F 494 59.62 10.79 -27.45
CA ASP F 494 60.77 10.02 -26.97
C ASP F 494 60.35 8.69 -26.39
N ILE F 495 59.33 8.05 -26.99
CA ILE F 495 58.76 6.83 -26.45
C ILE F 495 59.81 5.73 -26.30
N ALA F 496 60.92 5.82 -27.04
CA ALA F 496 61.96 4.81 -26.96
C ALA F 496 62.56 4.70 -25.56
N LYS F 497 62.42 5.73 -24.73
CA LYS F 497 63.03 5.75 -23.41
C LYS F 497 62.06 5.34 -22.31
N LEU F 498 60.89 4.80 -22.67
CA LEU F 498 59.96 4.30 -21.65
C LEU F 498 60.55 3.04 -21.02
N LYS F 499 61.03 3.17 -19.79
CA LYS F 499 61.66 2.08 -19.06
C LYS F 499 61.08 1.99 -17.66
N VAL F 500 60.82 0.76 -17.21
CA VAL F 500 60.35 0.54 -15.85
C VAL F 500 61.53 0.49 -14.91
N THR F 501 61.51 1.32 -13.88
CA THR F 501 62.60 1.42 -12.92
C THR F 501 62.20 0.79 -11.60
N ARG F 502 63.21 0.48 -10.79
CA ARG F 502 62.98 -0.14 -9.49
C ARG F 502 62.22 0.81 -8.57
N GLU F 503 62.41 2.12 -8.76
CA GLU F 503 61.74 3.08 -7.90
C GLU F 503 60.22 2.95 -8.00
N ASP F 504 59.71 2.72 -9.21
CA ASP F 504 58.27 2.54 -9.37
C ASP F 504 57.78 1.32 -8.60
N PHE F 505 58.54 0.22 -8.66
CA PHE F 505 58.15 -0.97 -7.91
C PHE F 505 58.14 -0.71 -6.42
N LEU F 506 59.17 0.00 -5.93
CA LEU F 506 59.21 0.32 -4.51
C LEU F 506 58.03 1.21 -4.12
N ASN F 507 57.68 2.17 -4.98
CA ASN F 507 56.64 3.14 -4.64
C ASN F 507 55.26 2.52 -4.71
N ALA F 508 55.02 1.66 -5.68
CA ALA F 508 53.69 1.09 -5.87
C ALA F 508 53.29 0.13 -4.76
N LEU F 509 54.22 -0.26 -3.89
CA LEU F 509 53.87 -1.19 -2.83
C LEU F 509 52.84 -0.62 -1.87
N ASN F 510 52.67 0.70 -1.86
CA ASN F 510 51.75 1.33 -0.92
C ASN F 510 50.30 1.17 -1.33
N ASP F 511 50.04 0.82 -2.59
CA ASP F 511 48.66 0.71 -3.06
C ASP F 511 48.05 -0.63 -2.64
N VAL F 512 48.71 -1.73 -3.00
CA VAL F 512 48.17 -3.04 -2.70
C VAL F 512 48.44 -3.38 -1.24
N THR F 513 47.60 -4.28 -0.70
CA THR F 513 47.70 -4.68 0.69
C THR F 513 47.30 -6.14 0.82
N PRO F 514 47.99 -6.92 1.66
CA PRO F 514 47.59 -8.32 1.87
C PRO F 514 46.54 -8.44 2.96
N ALA F 515 46.16 -9.68 3.29
CA ALA F 515 45.17 -9.97 4.31
C ALA F 515 45.68 -11.05 5.25
N PHE F 516 46.92 -10.91 5.69
CA PHE F 516 47.57 -11.87 6.57
C PHE F 516 48.05 -11.16 7.84
N GLY F 517 48.73 -11.91 8.69
CA GLY F 517 49.27 -11.36 9.92
C GLY F 517 50.47 -12.14 10.38
N ILE F 518 51.39 -11.44 11.05
CA ILE F 518 52.62 -12.05 11.56
C ILE F 518 52.96 -11.43 12.90
N SER F 519 53.49 -12.25 13.81
CA SER F 519 53.92 -11.81 15.12
C SER F 519 55.43 -11.87 15.30
N GLU F 520 56.16 -12.39 14.31
CA GLU F 520 57.62 -12.36 14.37
C GLU F 520 58.15 -10.94 14.49
N GLU F 521 57.44 -9.97 13.90
CA GLU F 521 57.83 -8.58 14.06
C GLU F 521 57.70 -8.13 15.51
N ASP F 522 56.66 -8.58 16.19
CA ASP F 522 56.47 -8.22 17.58
C ASP F 522 57.66 -8.64 18.44
N LEU F 523 58.27 -9.77 18.11
CA LEU F 523 59.44 -10.22 18.87
C LEU F 523 60.70 -9.46 18.51
N LYS F 524 60.66 -8.64 17.46
CA LYS F 524 61.80 -7.83 17.08
C LYS F 524 61.75 -6.41 17.62
N THR F 525 60.54 -5.87 17.85
CA THR F 525 60.42 -4.54 18.40
C THR F 525 60.69 -4.50 19.89
N CYS F 526 60.50 -5.61 20.59
CA CYS F 526 60.70 -5.62 22.04
C CYS F 526 62.15 -5.35 22.42
N VAL F 527 63.08 -5.49 21.48
CA VAL F 527 64.49 -5.23 21.77
C VAL F 527 64.95 -4.00 21.02
N GLU F 528 64.02 -3.09 20.72
CA GLU F 528 64.37 -1.92 19.93
C GLU F 528 65.44 -1.08 20.64
N GLY F 529 65.42 -1.05 21.97
CA GLY F 529 66.38 -0.26 22.71
C GLY F 529 67.78 -0.83 22.73
N GLY F 530 67.96 -2.08 22.35
CA GLY F 530 69.28 -2.67 22.22
C GLY F 530 69.87 -3.07 23.57
N MET F 531 71.00 -3.76 23.49
CA MET F 531 71.74 -4.20 24.65
C MET F 531 72.91 -3.27 24.92
N MET F 532 73.39 -3.30 26.16
CA MET F 532 74.53 -2.49 26.55
C MET F 532 75.65 -3.27 27.22
N LEU F 533 75.39 -4.47 27.73
CA LEU F 533 76.42 -5.27 28.38
C LEU F 533 77.11 -4.48 29.47
N TYR F 534 76.33 -3.72 30.23
CA TYR F 534 76.88 -2.88 31.28
C TYR F 534 77.48 -3.70 32.41
N SER F 535 77.22 -5.00 32.46
CA SER F 535 77.74 -5.84 33.52
C SER F 535 77.88 -7.26 33.01
N GLU F 536 78.68 -8.04 33.73
CA GLU F 536 78.97 -9.41 33.32
C GLU F 536 77.80 -10.36 33.58
N ARG F 537 76.96 -10.03 34.56
CA ARG F 537 75.86 -10.94 34.87
C ARG F 537 74.90 -11.03 33.70
N VAL F 538 74.82 -9.99 32.88
CA VAL F 538 74.02 -10.06 31.66
C VAL F 538 74.56 -11.16 30.77
N ASN F 539 75.87 -11.20 30.61
CA ASN F 539 76.49 -12.25 29.81
C ASN F 539 76.23 -13.61 30.43
N SER F 540 76.27 -13.70 31.76
CA SER F 540 76.00 -14.98 32.42
C SER F 540 74.59 -15.46 32.13
N ILE F 541 73.62 -14.55 32.20
CA ILE F 541 72.23 -14.92 31.93
C ILE F 541 72.08 -15.37 30.49
N LEU F 542 72.69 -14.65 29.57
CA LEU F 542 72.62 -15.05 28.16
C LEU F 542 73.24 -16.42 27.95
N LYS F 543 74.34 -16.70 28.64
CA LYS F 543 74.98 -18.00 28.54
C LYS F 543 74.04 -19.10 29.04
N ASN F 544 73.37 -18.85 30.16
CA ASN F 544 72.45 -19.85 30.67
C ASN F 544 71.33 -20.12 29.67
N GLY F 545 70.80 -19.05 29.07
CA GLY F 545 69.76 -19.22 28.08
C GLY F 545 70.22 -20.04 26.89
N ALA F 546 71.41 -19.73 26.36
CA ALA F 546 71.91 -20.49 25.23
C ALA F 546 72.21 -21.93 25.62
N ARG F 547 72.50 -22.17 26.88
CA ARG F 547 72.68 -23.54 27.34
C ARG F 547 71.36 -24.28 27.31
N TYR F 548 70.31 -23.65 27.84
CA TYR F 548 69.03 -24.33 27.88
C TYR F 548 68.49 -24.59 26.48
N VAL F 549 68.66 -23.63 25.57
CA VAL F 549 68.19 -23.85 24.21
C VAL F 549 68.93 -25.03 23.59
N ARG F 550 70.25 -25.12 23.77
CA ARG F 550 70.95 -26.26 23.24
C ARG F 550 70.48 -27.56 23.89
N GLN F 551 70.26 -27.54 25.20
CA GLN F 551 69.78 -28.73 25.89
C GLN F 551 68.48 -29.21 25.29
N VAL F 552 67.54 -28.30 25.04
CA VAL F 552 66.30 -28.69 24.39
C VAL F 552 66.58 -29.25 23.01
N ARG F 553 67.51 -28.64 22.28
CA ARG F 553 67.77 -29.08 20.93
C ARG F 553 68.27 -30.52 20.89
N GLU F 554 69.17 -30.87 21.81
CA GLU F 554 69.89 -32.13 21.66
C GLU F 554 69.21 -33.31 22.34
N SER F 555 68.67 -33.14 23.54
CA SER F 555 68.13 -34.28 24.27
C SER F 555 66.80 -34.70 23.67
N ASP F 556 66.61 -36.01 23.52
CA ASP F 556 65.38 -36.56 22.98
C ASP F 556 64.35 -36.88 24.04
N LYS F 557 64.72 -36.82 25.32
CA LYS F 557 63.80 -37.10 26.42
C LYS F 557 63.16 -35.84 26.97
N SER F 558 63.94 -34.77 27.10
CA SER F 558 63.43 -33.50 27.59
C SER F 558 62.63 -32.83 26.48
N ARG F 559 61.34 -33.14 26.44
CA ARG F 559 60.44 -32.62 25.42
C ARG F 559 59.69 -31.39 25.88
N LEU F 560 59.94 -30.92 27.10
CA LEU F 560 59.27 -29.74 27.65
C LEU F 560 60.16 -29.13 28.72
N VAL F 561 60.52 -27.87 28.55
CA VAL F 561 61.34 -27.14 29.52
C VAL F 561 60.64 -25.83 29.85
N SER F 562 60.50 -25.55 31.15
CA SER F 562 59.86 -24.33 31.62
C SER F 562 60.87 -23.53 32.41
N LEU F 563 60.91 -22.22 32.14
CA LEU F 563 61.82 -21.31 32.82
C LEU F 563 61.03 -20.12 33.33
N LEU F 564 61.46 -19.61 34.48
CA LEU F 564 60.88 -18.41 35.06
C LEU F 564 61.96 -17.35 35.17
N ILE F 565 61.63 -16.14 34.74
CA ILE F 565 62.56 -15.00 34.81
C ILE F 565 61.90 -13.95 35.69
N HIS F 566 62.46 -13.72 36.87
CA HIS F 566 61.84 -12.84 37.83
C HIS F 566 62.87 -11.83 38.35
N GLY F 567 62.37 -10.65 38.71
CA GLY F 567 63.21 -9.61 39.24
C GLY F 567 62.40 -8.36 39.56
N PRO F 568 63.07 -7.34 40.09
CA PRO F 568 62.35 -6.10 40.44
C PRO F 568 61.76 -5.45 39.20
N ALA F 569 60.65 -4.74 39.43
CA ALA F 569 59.94 -4.11 38.32
C ALA F 569 60.82 -3.09 37.63
N GLY F 570 60.82 -3.11 36.31
CA GLY F 570 61.59 -2.15 35.55
C GLY F 570 63.03 -2.56 35.28
N SER F 571 63.46 -3.69 35.82
CA SER F 571 64.85 -4.10 35.62
C SER F 571 65.10 -4.47 34.16
N GLY F 572 64.06 -4.88 33.45
CA GLY F 572 64.22 -5.31 32.08
C GLY F 572 64.23 -6.81 31.97
N LYS F 573 63.11 -7.39 31.57
CA LYS F 573 62.98 -8.83 31.51
C LYS F 573 62.43 -9.31 30.18
N THR F 574 61.51 -8.55 29.59
CA THR F 574 60.98 -8.93 28.29
C THR F 574 62.05 -8.84 27.21
N ALA F 575 62.87 -7.79 27.26
CA ALA F 575 63.90 -7.63 26.24
C ALA F 575 64.90 -8.76 26.27
N LEU F 576 65.30 -9.19 27.48
CA LEU F 576 66.30 -10.25 27.59
C LEU F 576 65.78 -11.57 27.01
N ALA F 577 64.55 -11.92 27.37
CA ALA F 577 63.97 -13.15 26.84
C ALA F 577 63.80 -13.07 25.33
N ALA F 578 63.38 -11.92 24.84
CA ALA F 578 63.25 -11.76 23.40
C ALA F 578 64.59 -11.91 22.71
N GLU F 579 65.65 -11.38 23.31
CA GLU F 579 66.98 -11.54 22.75
C GLU F 579 67.39 -13.00 22.69
N ILE F 580 67.15 -13.73 23.78
CA ILE F 580 67.50 -15.15 23.77
C ILE F 580 66.74 -15.87 22.67
N ALA F 581 65.44 -15.59 22.57
CA ALA F 581 64.63 -16.25 21.56
C ALA F 581 65.12 -15.94 20.16
N LEU F 582 65.46 -14.68 19.91
CA LEU F 582 65.94 -14.31 18.58
C LEU F 582 67.30 -14.93 18.29
N LYS F 583 68.10 -15.16 19.32
CA LYS F 583 69.35 -15.86 19.13
C LYS F 583 69.16 -17.36 18.93
N SER F 584 68.02 -17.92 19.36
CA SER F 584 67.82 -19.36 19.22
C SER F 584 67.86 -19.78 17.76
N GLY F 585 67.07 -19.12 16.92
CA GLY F 585 67.02 -19.48 15.52
C GLY F 585 66.11 -20.64 15.19
N PHE F 586 65.10 -20.91 16.02
CA PHE F 586 64.18 -21.99 15.75
C PHE F 586 63.21 -21.62 14.64
N PRO F 587 62.60 -22.63 14.00
CA PRO F 587 61.62 -22.32 12.95
C PRO F 587 60.42 -21.53 13.44
N PHE F 588 59.98 -21.77 14.67
CA PHE F 588 58.73 -21.22 15.19
C PHE F 588 59.01 -20.45 16.47
N ILE F 589 58.61 -19.19 16.51
CA ILE F 589 58.75 -18.36 17.70
C ILE F 589 57.55 -17.45 17.81
N ARG F 590 57.04 -17.27 19.03
CA ARG F 590 55.87 -16.43 19.23
C ARG F 590 55.86 -15.86 20.64
N LEU F 591 55.04 -14.82 20.80
CA LEU F 591 54.92 -14.08 22.04
C LEU F 591 53.46 -13.88 22.38
N ILE F 592 53.14 -14.07 23.66
CA ILE F 592 51.82 -13.79 24.20
C ILE F 592 51.95 -12.63 25.17
N SER F 593 51.42 -11.48 24.76
CA SER F 593 51.53 -10.25 25.52
C SER F 593 50.14 -9.71 25.84
N PRO F 594 49.99 -8.96 26.93
CA PRO F 594 48.67 -8.41 27.25
C PRO F 594 48.09 -7.52 26.18
N ASN F 595 48.95 -6.81 25.44
CA ASN F 595 48.45 -5.88 24.42
C ASN F 595 47.56 -6.59 23.43
N GLU F 596 47.89 -7.83 23.08
CA GLU F 596 47.11 -8.54 22.08
C GLU F 596 45.72 -8.88 22.60
N LEU F 597 45.57 -9.01 23.91
CA LEU F 597 44.31 -9.46 24.50
C LEU F 597 43.40 -8.31 24.90
N SER F 598 43.85 -7.07 24.77
CA SER F 598 43.09 -5.95 25.27
C SER F 598 41.76 -5.81 24.52
N GLY F 599 40.70 -5.55 25.27
CA GLY F 599 39.39 -5.34 24.70
C GLY F 599 38.54 -6.58 24.52
N MET F 600 39.08 -7.76 24.78
CA MET F 600 38.34 -8.99 24.58
C MET F 600 37.59 -9.38 25.85
N SER F 601 36.58 -10.23 25.67
CA SER F 601 35.86 -10.81 26.79
C SER F 601 36.57 -12.07 27.27
N GLU F 602 36.19 -12.53 28.46
CA GLU F 602 36.88 -13.64 29.09
C GLU F 602 36.82 -14.89 28.23
N SER F 603 35.63 -15.20 27.71
CA SER F 603 35.45 -16.39 26.90
C SER F 603 36.21 -16.30 25.59
N ALA F 604 36.62 -15.10 25.20
CA ALA F 604 37.46 -14.93 24.01
C ALA F 604 38.93 -15.06 24.35
N LYS F 605 39.34 -14.54 25.51
CA LYS F 605 40.73 -14.71 25.94
C LYS F 605 41.07 -16.17 26.15
N ILE F 606 40.18 -16.92 26.78
CA ILE F 606 40.49 -18.32 27.06
C ILE F 606 40.64 -19.12 25.77
N ALA F 607 39.92 -18.73 24.72
CA ALA F 607 40.05 -19.41 23.45
C ALA F 607 41.25 -18.93 22.68
N TYR F 608 41.57 -17.65 22.76
CA TYR F 608 42.77 -17.17 22.10
C TYR F 608 44.01 -17.83 22.68
N ILE F 609 44.08 -17.95 24.01
CA ILE F 609 45.23 -18.59 24.63
C ILE F 609 45.29 -20.06 24.26
N ASP F 610 44.12 -20.70 24.15
CA ASP F 610 44.14 -22.11 23.77
C ASP F 610 44.62 -22.28 22.34
N ASN F 611 44.13 -21.45 21.43
CA ASN F 611 44.54 -21.55 20.04
C ASN F 611 46.03 -21.29 19.91
N THR F 612 46.53 -20.27 20.60
CA THR F 612 47.95 -19.96 20.51
C THR F 612 48.77 -21.17 20.93
N PHE F 613 48.28 -21.93 21.92
CA PHE F 613 49.02 -23.13 22.29
C PHE F 613 48.86 -24.23 21.26
N ARG F 614 47.64 -24.43 20.76
CA ARG F 614 47.40 -25.51 19.81
C ARG F 614 48.17 -25.32 18.51
N ASP F 615 48.56 -24.10 18.19
CA ASP F 615 49.33 -23.85 16.98
C ASP F 615 50.83 -24.06 17.16
N ALA F 616 51.27 -24.36 18.38
CA ALA F 616 52.67 -24.60 18.65
C ALA F 616 53.03 -26.09 18.61
N TYR F 617 52.07 -26.97 18.32
CA TYR F 617 52.32 -28.41 18.27
C TYR F 617 52.44 -28.92 16.85
N LYS F 618 52.76 -28.07 15.89
CA LYS F 618 52.82 -28.44 14.48
C LYS F 618 54.18 -28.08 13.89
N SER F 619 55.24 -28.40 14.61
CA SER F 619 56.59 -28.13 14.14
C SER F 619 57.59 -28.84 15.04
N PRO F 620 58.72 -29.31 14.50
CA PRO F 620 59.65 -30.11 15.32
C PRO F 620 60.20 -29.37 16.52
N LEU F 621 60.40 -28.06 16.44
CA LEU F 621 60.95 -27.30 17.55
C LEU F 621 60.18 -26.00 17.68
N ASN F 622 59.87 -25.62 18.92
CA ASN F 622 59.04 -24.44 19.15
C ASN F 622 59.53 -23.69 20.39
N ILE F 623 59.37 -22.38 20.34
CA ILE F 623 59.64 -21.50 21.48
C ILE F 623 58.43 -20.61 21.68
N LEU F 624 58.00 -20.47 22.93
CA LEU F 624 56.85 -19.64 23.27
C LEU F 624 57.21 -18.77 24.47
N VAL F 625 56.90 -17.48 24.36
CA VAL F 625 57.24 -16.52 25.41
C VAL F 625 55.96 -15.90 25.94
N ILE F 626 55.81 -15.89 27.25
CA ILE F 626 54.65 -15.33 27.94
C ILE F 626 55.11 -14.12 28.75
N ASP F 627 54.41 -13.01 28.61
CA ASP F 627 54.87 -11.74 29.15
C ASP F 627 53.95 -11.26 30.26
N SER F 628 54.53 -10.95 31.43
CA SER F 628 53.80 -10.35 32.55
C SER F 628 52.62 -11.23 32.97
N LEU F 629 52.98 -12.39 33.49
CA LEU F 629 51.97 -13.39 33.84
C LEU F 629 50.89 -12.81 34.72
N GLU F 630 51.27 -12.02 35.73
CA GLU F 630 50.28 -11.56 36.69
C GLU F 630 49.29 -10.58 36.07
N THR F 631 49.70 -9.90 35.00
CA THR F 631 48.79 -8.96 34.36
C THR F 631 47.73 -9.67 33.55
N LEU F 632 48.05 -10.84 33.02
CA LEU F 632 47.06 -11.61 32.29
C LEU F 632 45.94 -12.06 33.21
N VAL F 633 46.24 -12.20 34.51
CA VAL F 633 45.30 -12.80 35.44
C VAL F 633 44.44 -11.75 36.12
N ASP F 634 44.70 -10.46 35.86
CA ASP F 634 43.90 -9.38 36.41
C ASP F 634 44.00 -9.33 37.93
N TRP F 635 45.23 -9.19 38.41
CA TRP F 635 45.49 -9.21 39.84
C TRP F 635 45.49 -7.80 40.40
N VAL F 636 44.70 -7.58 41.44
CA VAL F 636 44.66 -6.30 42.14
C VAL F 636 44.60 -6.60 43.63
N PRO F 637 45.49 -6.04 44.45
CA PRO F 637 45.65 -6.53 45.82
C PRO F 637 44.62 -6.02 46.79
N ILE F 638 43.71 -5.13 46.39
CA ILE F 638 42.76 -4.58 47.34
C ILE F 638 41.74 -5.63 47.76
N GLY F 639 41.31 -6.48 46.83
CA GLY F 639 40.26 -7.42 47.11
C GLY F 639 40.69 -8.49 48.08
N PRO F 640 41.60 -9.37 47.64
CA PRO F 640 42.24 -9.40 46.33
C PRO F 640 41.28 -9.92 45.27
N ARG F 641 41.35 -9.38 44.05
CA ARG F 641 40.50 -9.81 42.95
C ARG F 641 41.38 -10.36 41.84
N PHE F 642 40.91 -11.42 41.19
CA PHE F 642 41.59 -11.96 40.02
C PHE F 642 40.66 -12.96 39.34
N SER F 643 41.03 -13.34 38.13
CA SER F 643 40.25 -14.26 37.32
C SER F 643 40.80 -15.67 37.48
N ASN F 644 39.99 -16.56 38.05
CA ASN F 644 40.44 -17.92 38.31
C ASN F 644 40.48 -18.77 37.05
N ASN F 645 39.61 -18.48 36.09
CA ASN F 645 39.52 -19.33 34.91
C ASN F 645 40.81 -19.29 34.10
N ILE F 646 41.29 -18.09 33.81
CA ILE F 646 42.52 -17.96 33.03
C ILE F 646 43.69 -18.56 33.79
N LEU F 647 43.72 -18.34 35.11
CA LEU F 647 44.80 -18.90 35.91
C LEU F 647 44.81 -20.42 35.80
N GLN F 648 43.66 -21.04 35.92
CA GLN F 648 43.60 -22.50 35.83
C GLN F 648 43.96 -22.97 34.44
N MET F 649 43.51 -22.26 33.42
CA MET F 649 43.86 -22.64 32.06
C MET F 649 45.38 -22.61 31.86
N LEU F 650 46.03 -21.55 32.30
CA LEU F 650 47.47 -21.46 32.15
C LEU F 650 48.18 -22.53 32.96
N LYS F 651 47.70 -22.79 34.18
CA LYS F 651 48.34 -23.80 35.01
C LYS F 651 48.27 -25.16 34.35
N VAL F 652 47.13 -25.48 33.75
CA VAL F 652 47.01 -26.76 33.06
C VAL F 652 47.91 -26.79 31.84
N ALA F 653 47.96 -25.68 31.09
CA ALA F 653 48.70 -25.70 29.84
C ALA F 653 50.19 -25.82 30.08
N LEU F 654 50.69 -25.21 31.15
CA LEU F 654 52.14 -25.15 31.33
C LEU F 654 52.75 -26.51 31.67
N LYS F 655 51.94 -27.53 31.94
CA LYS F 655 52.45 -28.85 32.27
C LYS F 655 52.12 -29.89 31.22
N ARG F 656 51.43 -29.52 30.15
CA ARG F 656 51.00 -30.48 29.15
C ARG F 656 52.15 -30.79 28.20
N LYS F 657 52.51 -32.06 28.10
CA LYS F 657 53.58 -32.46 27.18
C LYS F 657 53.11 -32.29 25.74
N PRO F 658 53.98 -31.85 24.84
CA PRO F 658 53.60 -31.72 23.44
C PRO F 658 53.44 -33.10 22.82
N PRO F 659 52.83 -33.20 21.64
CA PRO F 659 52.69 -34.51 21.00
C PRO F 659 54.05 -35.13 20.74
N GLN F 660 54.01 -36.38 20.31
CA GLN F 660 55.22 -37.16 20.12
C GLN F 660 56.18 -36.45 19.18
N ASP F 661 57.47 -36.50 19.53
CA ASP F 661 58.58 -36.07 18.69
C ASP F 661 58.65 -34.55 18.51
N ARG F 662 57.84 -33.79 19.24
CA ARG F 662 57.86 -32.35 19.15
C ARG F 662 58.29 -31.77 20.49
N ARG F 663 59.00 -30.64 20.43
CA ARG F 663 59.67 -30.08 21.59
C ARG F 663 59.34 -28.60 21.73
N LEU F 664 59.15 -28.19 22.98
CA LEU F 664 58.79 -26.83 23.32
C LEU F 664 59.79 -26.23 24.29
N LEU F 665 59.95 -24.91 24.21
CA LEU F 665 60.68 -24.15 25.20
C LEU F 665 59.83 -22.95 25.57
N ILE F 666 59.41 -22.88 26.83
CA ILE F 666 58.52 -21.83 27.31
C ILE F 666 59.28 -20.94 28.27
N MET F 667 59.26 -19.64 28.01
CA MET F 667 59.83 -18.65 28.92
C MET F 667 58.76 -17.66 29.32
N THR F 668 58.55 -17.54 30.63
CA THR F 668 57.53 -16.66 31.18
C THR F 668 58.17 -15.63 32.10
N THR F 669 57.74 -14.38 31.97
CA THR F 669 58.31 -13.29 32.75
C THR F 669 57.29 -12.75 33.74
N THR F 670 57.75 -12.49 34.96
CA THR F 670 56.88 -12.02 36.03
C THR F 670 57.64 -11.06 36.93
N SER F 671 56.89 -10.31 37.73
CA SER F 671 57.46 -9.32 38.62
C SER F 671 56.86 -9.38 40.03
N ALA F 672 56.02 -10.37 40.33
CA ALA F 672 55.30 -10.45 41.60
C ALA F 672 55.53 -11.80 42.25
N TYR F 673 56.79 -12.23 42.32
CA TYR F 673 57.16 -13.54 42.81
C TYR F 673 56.34 -13.97 44.03
N SER F 674 56.11 -13.04 44.95
CA SER F 674 55.36 -13.37 46.16
C SER F 674 53.94 -13.81 45.84
N VAL F 675 53.27 -13.12 44.94
CA VAL F 675 51.90 -13.47 44.59
C VAL F 675 51.86 -14.89 44.02
N LEU F 676 52.77 -15.20 43.11
CA LEU F 676 52.82 -16.55 42.57
C LEU F 676 53.11 -17.55 43.66
N GLN F 677 53.91 -17.16 44.65
CA GLN F 677 54.14 -18.05 45.79
C GLN F 677 52.84 -18.31 46.52
N GLN F 678 52.03 -17.27 46.70
CA GLN F 678 50.78 -17.43 47.43
C GLN F 678 49.84 -18.37 46.69
N MET F 679 49.75 -18.22 45.37
CA MET F 679 48.83 -19.07 44.62
C MET F 679 49.29 -20.53 44.55
N ASP F 680 50.51 -20.83 44.97
CA ASP F 680 51.03 -22.18 44.96
C ASP F 680 51.29 -22.69 43.55
N ILE F 681 51.34 -21.79 42.58
CA ILE F 681 51.65 -22.15 41.19
C ILE F 681 53.13 -22.38 40.97
N LEU F 682 53.96 -22.16 42.00
CA LEU F 682 55.39 -22.16 41.79
C LEU F 682 55.90 -23.55 41.45
N SER F 683 55.13 -24.58 41.77
CA SER F 683 55.55 -25.94 41.48
C SER F 683 55.58 -26.22 40.00
N CYS F 684 55.01 -25.34 39.17
CA CYS F 684 54.90 -25.65 37.75
C CYS F 684 56.18 -25.36 36.97
N PHE F 685 57.10 -24.59 37.53
CA PHE F 685 58.31 -24.20 36.83
C PHE F 685 59.50 -25.05 37.25
N ASP F 686 60.44 -25.23 36.33
CA ASP F 686 61.59 -26.07 36.59
C ASP F 686 62.77 -25.28 37.13
N ASN F 687 62.98 -24.06 36.66
CA ASN F 687 64.12 -23.27 37.11
C ASN F 687 63.75 -21.80 37.08
N GLU F 688 64.42 -21.03 37.94
CA GLU F 688 64.21 -19.60 38.08
C GLU F 688 65.51 -18.86 37.81
N ILE F 689 65.39 -17.67 37.24
CA ILE F 689 66.52 -16.80 36.94
C ILE F 689 66.20 -15.41 37.46
N ALA F 690 67.10 -14.88 38.28
CA ALA F 690 66.91 -13.58 38.91
C ALA F 690 67.73 -12.52 38.17
N VAL F 691 67.11 -11.37 37.94
CA VAL F 691 67.74 -10.28 37.22
C VAL F 691 67.79 -9.05 38.11
N PRO F 692 68.87 -8.83 38.85
CA PRO F 692 68.95 -7.65 39.71
C PRO F 692 69.33 -6.40 38.93
N ASN F 693 68.74 -5.28 39.32
CA ASN F 693 69.03 -4.01 38.68
C ASN F 693 70.36 -3.44 39.18
N MET F 694 71.00 -2.66 38.32
CA MET F 694 72.35 -2.17 38.59
C MET F 694 72.37 -1.29 39.83
N THR F 695 73.47 -1.37 40.57
CA THR F 695 73.63 -0.61 41.80
C THR F 695 74.97 0.12 41.93
N ASN F 696 75.96 -0.20 41.11
CA ASN F 696 77.28 0.40 41.21
C ASN F 696 77.45 1.46 40.13
N LEU F 697 78.17 2.53 40.47
CA LEU F 697 78.34 3.65 39.57
C LEU F 697 79.18 3.28 38.34
N ASP F 698 79.90 2.17 38.39
CA ASP F 698 80.61 1.71 37.20
C ASP F 698 79.64 1.42 36.08
N GLU F 699 78.51 0.79 36.39
CA GLU F 699 77.49 0.53 35.39
C GLU F 699 76.95 1.84 34.84
N LEU F 700 76.79 2.84 35.71
CA LEU F 700 76.35 4.14 35.23
C LEU F 700 77.35 4.72 34.26
N ASN F 701 78.64 4.59 34.55
CA ASN F 701 79.66 5.07 33.62
C ASN F 701 79.56 4.35 32.28
N ASN F 702 79.39 3.03 32.31
CA ASN F 702 79.26 2.30 31.04
C ASN F 702 78.06 2.78 30.25
N VAL F 703 76.92 2.96 30.93
CA VAL F 703 75.72 3.42 30.24
C VAL F 703 75.93 4.82 29.68
N MET F 704 76.61 5.67 30.44
CA MET F 704 76.85 7.04 29.99
C MET F 704 77.69 7.06 28.73
N ILE F 705 78.76 6.27 28.71
CA ILE F 705 79.60 6.23 27.52
C ILE F 705 78.84 5.60 26.36
N GLU F 706 77.99 4.62 26.66
CA GLU F 706 77.23 3.96 25.61
C GLU F 706 76.23 4.92 24.97
N SER F 707 75.62 5.78 25.77
CA SER F 707 74.63 6.72 25.29
C SER F 707 75.23 8.05 24.84
N ASN F 708 76.55 8.20 24.91
CA ASN F 708 77.23 9.42 24.51
C ASN F 708 76.47 10.66 25.00
N PHE F 709 76.12 10.63 26.28
CA PHE F 709 75.34 11.72 26.85
C PHE F 709 76.14 13.02 26.89
N LEU F 710 77.37 12.95 27.39
CA LEU F 710 78.19 14.13 27.60
C LEU F 710 79.63 13.82 27.23
N ASP F 711 80.45 14.86 27.24
CA ASP F 711 81.87 14.70 27.04
C ASP F 711 82.49 14.03 28.26
N ASP F 712 83.81 13.81 28.19
CA ASP F 712 84.50 13.10 29.25
C ASP F 712 84.44 13.87 30.55
N ALA F 713 84.60 15.20 30.49
CA ALA F 713 84.64 15.99 31.71
C ALA F 713 83.34 15.90 32.49
N GLY F 714 82.21 16.06 31.80
CA GLY F 714 80.92 15.96 32.48
C GLY F 714 80.67 14.57 33.03
N ARG F 715 81.04 13.55 32.26
CA ARG F 715 80.85 12.18 32.71
C ARG F 715 81.81 11.80 33.83
N VAL F 716 82.88 12.57 34.01
CA VAL F 716 83.75 12.37 35.16
C VAL F 716 83.23 13.14 36.38
N LYS F 717 82.62 14.30 36.15
CA LYS F 717 82.11 15.10 37.26
C LYS F 717 80.82 14.52 37.82
N VAL F 718 80.04 13.84 36.99
CA VAL F 718 78.76 13.29 37.46
C VAL F 718 79.01 12.25 38.55
N ILE F 719 79.99 11.38 38.34
CA ILE F 719 80.28 10.34 39.34
C ILE F 719 80.73 10.99 40.64
N ASN F 720 81.59 12.00 40.55
CA ASN F 720 82.03 12.67 41.77
C ASN F 720 80.87 13.31 42.50
N GLU F 721 79.96 13.95 41.75
CA GLU F 721 78.81 14.59 42.38
C GLU F 721 77.91 13.55 43.03
N LEU F 722 77.72 12.40 42.38
CA LEU F 722 76.83 11.38 42.93
C LEU F 722 77.45 10.71 44.16
N SER F 723 78.74 10.41 44.11
CA SER F 723 79.34 9.62 45.17
C SER F 723 79.20 10.29 46.53
N ARG F 724 79.10 11.62 46.55
CA ARG F 724 79.00 12.37 47.79
C ARG F 724 77.56 12.58 48.25
N SER F 725 76.59 12.02 47.54
CA SER F 725 75.19 12.18 47.90
C SER F 725 74.43 10.85 47.99
N CYS F 726 74.76 9.87 47.14
CA CYS F 726 74.00 8.63 47.05
C CYS F 726 74.95 7.49 46.79
N PRO F 727 75.45 6.83 47.85
CA PRO F 727 76.41 5.73 47.64
C PRO F 727 75.78 4.50 47.02
N ASN F 728 74.59 4.11 47.45
CA ASN F 728 73.90 2.92 46.93
C ASN F 728 72.90 3.36 45.87
N PHE F 729 73.07 2.86 44.65
CA PHE F 729 72.35 3.41 43.51
C PHE F 729 70.93 2.85 43.42
N ASN F 730 70.80 1.55 43.19
CA ASN F 730 69.51 0.87 43.19
C ASN F 730 68.49 1.59 42.31
N VAL F 731 68.77 1.64 41.01
CA VAL F 731 67.86 2.22 40.03
C VAL F 731 67.79 1.33 38.81
N GLY F 732 66.60 1.19 38.24
CA GLY F 732 66.43 0.36 37.07
C GLY F 732 66.98 1.01 35.80
N ILE F 733 67.30 0.15 34.83
CA ILE F 733 67.91 0.62 33.60
C ILE F 733 66.94 1.46 32.79
N LYS F 734 65.68 1.04 32.74
CA LYS F 734 64.67 1.80 32.01
C LYS F 734 64.57 3.23 32.53
N LYS F 735 64.53 3.37 33.86
CA LYS F 735 64.48 4.69 34.46
C LYS F 735 65.72 5.49 34.12
N THR F 736 66.88 4.83 34.12
CA THR F 736 68.12 5.52 33.77
C THR F 736 68.05 6.07 32.35
N LEU F 737 67.57 5.25 31.42
CA LEU F 737 67.50 5.70 30.03
C LEU F 737 66.54 6.87 29.88
N THR F 738 65.36 6.76 30.49
CA THR F 738 64.40 7.86 30.35
C THR F 738 64.91 9.13 31.02
N ASN F 739 65.59 8.99 32.15
CA ASN F 739 66.15 10.16 32.81
C ASN F 739 67.22 10.82 31.96
N ILE F 740 68.08 10.02 31.34
CA ILE F 740 69.09 10.60 30.46
C ILE F 740 68.42 11.34 29.31
N GLU F 741 67.40 10.72 28.71
CA GLU F 741 66.73 11.35 27.60
C GLU F 741 66.10 12.67 28.00
N THR F 742 65.45 12.72 29.16
CA THR F 742 64.79 13.95 29.57
C THR F 742 65.80 15.01 29.98
N ALA F 743 66.94 14.60 30.56
CA ALA F 743 67.95 15.56 30.99
C ALA F 743 68.74 16.11 29.83
N ARG F 744 68.76 15.42 28.69
CA ARG F 744 69.52 15.90 27.55
C ARG F 744 69.09 17.30 27.12
N HIS F 745 67.86 17.69 27.40
CA HIS F 745 67.32 18.93 26.84
C HIS F 745 67.48 20.12 27.78
N ASP F 746 66.96 20.01 29.00
CA ASP F 746 66.90 21.18 29.88
C ASP F 746 68.29 21.78 30.09
N GLU F 747 69.20 21.02 30.71
CA GLU F 747 70.55 21.50 30.96
C GLU F 747 71.50 20.32 30.76
N ASP F 748 72.19 20.34 29.63
CA ASP F 748 73.14 19.27 29.34
C ASP F 748 74.16 19.11 30.46
N PRO F 749 74.68 20.16 31.07
CA PRO F 749 75.60 19.99 32.21
C PRO F 749 75.01 19.12 33.31
N VAL F 750 75.88 18.76 34.26
CA VAL F 750 75.51 17.82 35.31
C VAL F 750 74.35 18.35 36.13
N ASN F 751 74.22 19.67 36.22
CA ASN F 751 73.32 20.31 37.17
C ASN F 751 71.89 19.83 37.06
N GLU F 752 71.54 19.07 36.03
CA GLU F 752 70.24 18.41 35.94
C GLU F 752 70.30 16.97 36.43
N LEU F 753 71.12 16.15 35.77
CA LEU F 753 71.05 14.70 35.96
C LEU F 753 71.16 14.31 37.43
N VAL F 754 72.19 14.79 38.12
CA VAL F 754 72.43 14.35 39.49
C VAL F 754 71.19 14.60 40.35
N GLU F 755 70.52 15.73 40.14
CA GLU F 755 69.30 16.00 40.89
C GLU F 755 68.21 15.00 40.53
N LEU F 756 67.94 14.86 39.23
CA LEU F 756 66.84 14.01 38.81
C LEU F 756 67.01 12.61 39.36
N MET F 757 68.20 12.03 39.16
CA MET F 757 68.45 10.68 39.64
C MET F 757 68.33 10.61 41.16
N THR F 758 68.83 11.62 41.87
CA THR F 758 68.65 11.62 43.32
C THR F 758 67.18 11.63 43.68
N GLN F 759 66.36 12.24 42.83
CA GLN F 759 64.93 12.25 43.06
C GLN F 759 64.31 10.90 42.80
N SER F 760 64.93 10.10 41.93
CA SER F 760 64.41 8.79 41.59
C SER F 760 65.07 7.68 42.39
N ALA F 761 65.94 8.01 43.34
CA ALA F 761 66.61 7.00 44.14
C ALA F 761 65.59 6.22 44.94
N MET G 2 -42.60 2.08 -108.93
CA MET G 2 -42.10 3.36 -108.35
C MET G 2 -41.53 4.25 -109.44
N SER G 3 -41.78 5.55 -109.32
CA SER G 3 -41.29 6.50 -110.31
C SER G 3 -39.77 6.53 -110.32
N ASP G 4 -39.21 6.84 -111.49
CA ASP G 4 -37.77 6.93 -111.63
C ASP G 4 -37.28 8.19 -110.92
N PRO G 5 -36.38 8.10 -109.94
CA PRO G 5 -35.90 9.32 -109.29
C PRO G 5 -35.19 10.26 -110.24
N VAL G 6 -34.50 9.74 -111.25
CA VAL G 6 -33.83 10.60 -112.22
C VAL G 6 -34.85 11.41 -113.01
N GLU G 7 -35.94 10.78 -113.44
CA GLU G 7 -36.98 11.50 -114.17
C GLU G 7 -37.63 12.55 -113.27
N LEU G 8 -37.87 12.21 -112.01
CA LEU G 8 -38.43 13.18 -111.08
C LEU G 8 -37.51 14.38 -110.90
N LEU G 9 -36.21 14.14 -110.77
CA LEU G 9 -35.25 15.23 -110.63
C LEU G 9 -35.22 16.08 -111.90
N LYS G 10 -35.28 15.44 -113.07
CA LYS G 10 -35.31 16.19 -114.32
C LYS G 10 -36.56 17.08 -114.39
N ARG G 11 -37.71 16.53 -114.01
CA ARG G 11 -38.94 17.32 -114.00
C ARG G 11 -38.85 18.48 -113.02
N ALA G 12 -38.26 18.24 -111.84
CA ALA G 12 -38.10 19.30 -110.87
C ALA G 12 -37.19 20.41 -111.42
N GLU G 13 -36.10 20.02 -112.09
CA GLU G 13 -35.22 21.01 -112.69
C GLU G 13 -35.94 21.80 -113.77
N LYS G 14 -36.75 21.12 -114.59
CA LYS G 14 -37.53 21.82 -115.62
C LYS G 14 -38.49 22.81 -114.99
N LYS G 15 -39.17 22.41 -113.91
CA LYS G 15 -40.10 23.30 -113.24
C LYS G 15 -39.41 24.36 -112.40
N GLY G 16 -38.14 24.15 -112.06
CA GLY G 16 -37.42 25.03 -111.17
C GLY G 16 -36.85 26.26 -111.84
N VAL G 17 -37.05 26.40 -113.15
CA VAL G 17 -36.54 27.54 -113.90
C VAL G 17 -37.45 28.74 -113.63
N PRO G 18 -36.94 29.85 -113.10
CA PRO G 18 -37.80 31.00 -112.86
C PRO G 18 -38.29 31.63 -114.15
N SER G 19 -39.48 32.22 -114.08
CA SER G 19 -40.03 32.92 -115.24
C SER G 19 -39.15 34.11 -115.58
N SER G 20 -38.89 34.30 -116.87
CA SER G 20 -38.00 35.36 -117.34
C SER G 20 -38.63 36.11 -118.50
N GLY G 21 -38.34 37.41 -118.56
CA GLY G 21 -38.77 38.22 -119.70
C GLY G 21 -40.27 38.36 -119.78
N PHE G 22 -40.78 38.35 -121.01
CA PHE G 22 -42.19 38.61 -121.26
C PHE G 22 -43.09 37.68 -120.45
N MET G 23 -42.69 36.41 -120.34
CA MET G 23 -43.51 35.44 -119.62
C MET G 23 -43.78 35.88 -118.18
N LYS G 24 -42.83 36.60 -117.57
CA LYS G 24 -43.01 37.04 -116.20
C LYS G 24 -44.24 37.94 -116.03
N LEU G 25 -44.64 38.63 -117.10
CA LEU G 25 -45.82 39.50 -117.02
C LEU G 25 -47.13 38.72 -117.01
N PHE G 26 -47.12 37.46 -117.44
CA PHE G 26 -48.32 36.64 -117.48
C PHE G 26 -48.27 35.44 -116.53
N SER G 27 -47.08 35.03 -116.11
CA SER G 27 -46.92 33.91 -115.18
C SER G 27 -47.04 34.42 -113.74
N GLY G 28 -47.78 33.68 -112.93
CA GLY G 28 -47.96 34.04 -111.54
C GLY G 28 -46.65 33.93 -110.77
N SER G 29 -46.80 33.97 -109.44
CA SER G 29 -45.65 33.88 -108.57
C SER G 29 -44.89 32.57 -108.80
N ASP G 30 -43.56 32.67 -108.86
CA ASP G 30 -42.72 31.50 -109.08
C ASP G 30 -42.67 30.58 -107.87
N SER G 31 -43.24 30.99 -106.74
CA SER G 31 -43.18 30.16 -105.53
C SER G 31 -43.79 28.79 -105.74
N TYR G 32 -44.90 28.72 -106.48
CA TYR G 32 -45.56 27.45 -106.71
C TYR G 32 -44.69 26.50 -107.54
N LYS G 33 -44.01 27.03 -108.55
CA LYS G 33 -43.11 26.19 -109.34
C LYS G 33 -41.99 25.63 -108.48
N PHE G 34 -41.40 26.46 -107.63
CA PHE G 34 -40.36 25.99 -106.73
C PHE G 34 -40.91 24.94 -105.76
N GLU G 35 -42.14 25.15 -105.28
CA GLU G 35 -42.75 24.19 -104.37
C GLU G 35 -42.96 22.83 -105.06
N GLU G 36 -43.44 22.86 -106.31
CA GLU G 36 -43.63 21.61 -107.04
C GLU G 36 -42.30 20.92 -107.31
N ALA G 37 -41.28 21.68 -107.68
CA ALA G 37 -39.96 21.10 -107.90
C ALA G 37 -39.41 20.50 -106.61
N ALA G 38 -39.61 21.17 -105.49
CA ALA G 38 -39.15 20.63 -104.21
C ALA G 38 -39.89 19.34 -103.87
N ASP G 39 -41.19 19.29 -104.14
CA ASP G 39 -41.93 18.05 -103.88
C ASP G 39 -41.42 16.91 -104.76
N LEU G 40 -41.17 17.20 -106.04
CA LEU G 40 -40.63 16.17 -106.93
C LEU G 40 -39.26 15.70 -106.45
N CYS G 41 -38.41 16.62 -106.03
CA CYS G 41 -37.10 16.25 -105.51
C CYS G 41 -37.23 15.41 -104.25
N VAL G 42 -38.18 15.76 -103.38
CA VAL G 42 -38.39 14.99 -102.16
C VAL G 42 -38.85 13.58 -102.49
N GLN G 43 -39.72 13.43 -103.48
CA GLN G 43 -40.18 12.10 -103.88
C GLN G 43 -39.01 11.27 -104.42
N ALA G 44 -38.25 11.84 -105.35
CA ALA G 44 -37.09 11.12 -105.90
C ALA G 44 -36.12 10.76 -104.80
N ALA G 45 -35.95 11.65 -103.83
CA ALA G 45 -34.98 11.44 -102.76
C ALA G 45 -35.44 10.35 -101.79
N ALA G 57 -29.80 10.57 -102.21
CA ALA G 57 -30.95 11.07 -101.48
C ALA G 57 -30.62 12.38 -100.77
N GLY G 58 -29.41 12.48 -100.21
CA GLY G 58 -29.00 13.72 -99.58
C GLY G 58 -28.89 14.85 -100.57
N ASP G 59 -28.33 14.57 -101.75
CA ASP G 59 -28.24 15.59 -102.79
C ASP G 59 -29.63 16.06 -103.20
N SER G 60 -30.58 15.12 -103.27
CA SER G 60 -31.94 15.48 -103.67
C SER G 60 -32.64 16.29 -102.59
N PHE G 61 -32.47 15.92 -101.30
CA PHE G 61 -32.93 16.81 -100.25
C PHE G 61 -32.30 18.18 -100.37
N LEU G 62 -31.01 18.25 -100.70
CA LEU G 62 -30.37 19.56 -100.80
C LEU G 62 -31.02 20.40 -101.90
N LYS G 63 -31.30 19.78 -103.06
CA LYS G 63 -31.96 20.50 -104.13
C LYS G 63 -33.36 20.94 -103.72
N ALA G 64 -34.10 20.07 -103.04
CA ALA G 64 -35.43 20.43 -102.57
C ALA G 64 -35.37 21.58 -101.57
N ALA G 65 -34.37 21.58 -100.69
CA ALA G 65 -34.21 22.65 -99.72
C ALA G 65 -33.89 23.97 -100.41
N ASP G 66 -33.05 23.93 -101.43
CA ASP G 66 -32.76 25.13 -102.19
C ASP G 66 -34.01 25.67 -102.87
N TYR G 67 -34.80 24.78 -103.46
CA TYR G 67 -36.05 25.22 -104.09
C TYR G 67 -37.01 25.80 -103.05
N GLN G 68 -37.09 25.19 -101.88
CA GLN G 68 -37.95 25.71 -100.81
C GLN G 68 -37.49 27.08 -100.37
N LYS G 69 -36.17 27.28 -100.23
CA LYS G 69 -35.65 28.61 -99.92
C LYS G 69 -36.05 29.61 -100.99
N LYS G 70 -35.94 29.22 -102.26
CA LYS G 70 -36.36 30.11 -103.35
C LYS G 70 -37.85 30.39 -103.27
N ALA G 71 -38.63 29.47 -102.70
CA ALA G 71 -40.07 29.66 -102.56
C ALA G 71 -40.45 30.47 -101.33
N GLY G 72 -39.51 30.76 -100.45
CA GLY G 72 -39.77 31.50 -99.23
C GLY G 72 -40.11 30.66 -98.01
N ASN G 73 -40.25 29.34 -98.18
CA ASN G 73 -40.54 28.42 -97.08
C ASN G 73 -39.24 28.01 -96.41
N GLU G 74 -38.74 28.89 -95.54
CA GLU G 74 -37.42 28.68 -94.93
C GLU G 74 -37.44 27.48 -93.98
N ASP G 75 -38.52 27.29 -93.23
CA ASP G 75 -38.61 26.17 -92.30
C ASP G 75 -38.55 24.85 -93.05
N GLU G 76 -39.27 24.77 -94.16
CA GLU G 76 -39.24 23.57 -94.99
C GLU G 76 -37.83 23.31 -95.51
N ALA G 77 -37.13 24.39 -95.87
CA ALA G 77 -35.74 24.29 -96.31
C ALA G 77 -34.87 23.72 -95.21
N GLY G 78 -35.09 24.16 -93.98
CA GLY G 78 -34.34 23.65 -92.85
C GLY G 78 -34.59 22.17 -92.67
N THR G 80 -35.37 19.95 -94.98
CA THR G 80 -34.69 19.22 -96.01
C THR G 80 -33.19 19.21 -95.76
N TYR G 81 -32.65 20.32 -95.23
CA TYR G 81 -31.23 20.35 -94.87
C TYR G 81 -30.92 19.38 -93.74
N VAL G 82 -31.80 19.28 -92.74
CA VAL G 82 -31.61 18.33 -91.65
C VAL G 82 -31.67 16.89 -92.14
N GLU G 83 -32.63 16.60 -93.03
CA GLU G 83 -32.71 15.26 -93.62
C GLU G 83 -31.48 14.97 -94.45
N ALA G 84 -30.99 15.97 -95.17
CA ALA G 84 -29.75 15.84 -95.93
C ALA G 84 -28.60 15.51 -95.01
N TYR G 85 -28.51 16.22 -93.88
CA TYR G 85 -27.47 15.92 -92.91
C TYR G 85 -27.60 14.49 -92.41
N LYS G 86 -28.84 14.07 -92.08
CA LYS G 86 -29.06 12.72 -91.57
C LYS G 86 -28.57 11.68 -92.57
N CYS G 87 -29.00 11.80 -93.82
CA CYS G 87 -28.67 10.77 -94.80
C CYS G 87 -27.22 10.85 -95.24
N PHE G 88 -26.64 12.05 -95.31
CA PHE G 88 -25.21 12.15 -95.60
C PHE G 88 -24.39 11.51 -94.48
N LYS G 89 -24.76 11.76 -93.23
CA LYS G 89 -24.05 11.14 -92.11
C LYS G 89 -24.22 9.63 -92.14
N SER G 90 -25.42 9.14 -92.43
CA SER G 90 -25.63 7.71 -92.57
C SER G 90 -24.88 7.16 -93.78
N GLY G 91 -24.73 7.96 -94.83
CA GLY G 91 -23.99 7.58 -96.01
C GLY G 91 -22.50 7.77 -95.94
N GLY G 92 -22.00 8.29 -94.81
CA GLY G 92 -20.57 8.46 -94.64
C GLY G 92 -19.99 9.71 -95.26
N ASN G 93 -20.82 10.59 -95.83
CA ASN G 93 -20.35 11.83 -96.45
C ASN G 93 -20.39 12.92 -95.40
N SER G 94 -19.27 13.10 -94.70
CA SER G 94 -19.21 14.05 -93.60
C SER G 94 -19.25 15.49 -94.09
N VAL G 95 -18.65 15.77 -95.24
CA VAL G 95 -18.58 17.15 -95.72
C VAL G 95 -19.97 17.66 -96.08
N ASN G 96 -20.73 16.86 -96.83
CA ASN G 96 -22.08 17.27 -97.20
C ASN G 96 -22.98 17.36 -95.97
N ALA G 97 -22.78 16.47 -95.00
CA ALA G 97 -23.52 16.56 -93.75
C ALA G 97 -23.21 17.86 -93.03
N VAL G 98 -21.93 18.25 -93.00
CA VAL G 98 -21.54 19.50 -92.36
C VAL G 98 -22.20 20.68 -93.07
N ASP G 99 -22.17 20.66 -94.41
CA ASP G 99 -22.80 21.74 -95.17
C ASP G 99 -24.29 21.83 -94.86
N SER G 100 -24.98 20.68 -94.88
CA SER G 100 -26.41 20.65 -94.62
C SER G 100 -26.71 21.17 -93.22
N LEU G 101 -25.92 20.74 -92.24
CA LEU G 101 -26.10 21.24 -90.88
C LEU G 101 -25.88 22.74 -90.82
N GLU G 102 -24.91 23.26 -91.59
CA GLU G 102 -24.68 24.70 -91.59
C GLU G 102 -25.89 25.44 -92.14
N ASN G 103 -26.45 24.98 -93.27
CA ASN G 103 -27.63 25.66 -93.80
C ASN G 103 -28.81 25.54 -92.85
N ALA G 104 -29.02 24.35 -92.27
CA ALA G 104 -30.13 24.18 -91.33
C ALA G 104 -29.95 25.06 -90.11
N ILE G 105 -28.72 25.15 -89.60
CA ILE G 105 -28.46 25.99 -88.44
C ILE G 105 -28.74 27.43 -88.80
N GLN G 106 -28.29 27.86 -89.97
CA GLN G 106 -28.53 29.22 -90.39
C GLN G 106 -30.02 29.50 -90.50
N ILE G 107 -30.78 28.59 -91.13
CA ILE G 107 -32.22 28.79 -91.28
C ILE G 107 -32.92 28.85 -89.93
N PHE G 108 -32.63 27.90 -89.05
CA PHE G 108 -33.32 27.85 -87.76
C PHE G 108 -32.99 29.07 -86.92
N ARG G 116 -32.53 24.87 -81.86
CA ARG G 116 -32.19 24.01 -82.97
C ARG G 116 -30.80 24.32 -83.49
N GLY G 117 -30.49 25.61 -83.61
CA GLY G 117 -29.17 25.99 -84.04
C GLY G 117 -28.11 25.41 -83.14
N ALA G 118 -28.33 25.49 -81.82
CA ALA G 118 -27.39 24.94 -80.85
C ALA G 118 -27.33 23.42 -80.90
N ASN G 119 -28.48 22.76 -81.01
CA ASN G 119 -28.47 21.30 -81.12
C ASN G 119 -27.68 20.85 -82.33
N PHE G 120 -27.97 21.45 -83.49
CA PHE G 120 -27.31 21.06 -84.70
C PHE G 120 -25.88 21.57 -84.74
N LYS G 121 -25.56 22.64 -84.01
CA LYS G 121 -24.19 23.10 -83.89
C LYS G 121 -23.37 22.14 -83.04
N PHE G 122 -23.97 21.61 -81.98
CA PHE G 122 -23.31 20.58 -81.21
C PHE G 122 -23.08 19.34 -82.05
N GLU G 123 -24.09 18.94 -82.84
CA GLU G 123 -23.91 17.81 -83.73
C GLU G 123 -22.82 18.09 -84.76
N LEU G 124 -22.80 19.32 -85.29
CA LEU G 124 -21.77 19.70 -86.26
C LEU G 124 -20.38 19.65 -85.63
N GLY G 125 -20.27 20.14 -84.39
CA GLY G 125 -19.00 20.08 -83.70
C GLY G 125 -18.56 18.64 -83.45
N GLU G 126 -19.50 17.77 -83.10
CA GLU G 126 -19.18 16.36 -82.96
C GLU G 126 -18.67 15.79 -84.28
N ILE G 127 -19.35 16.11 -85.38
CA ILE G 127 -18.92 15.63 -86.70
C ILE G 127 -17.52 16.13 -87.02
N LEU G 128 -17.27 17.41 -86.76
CA LEU G 128 -15.96 17.98 -87.04
C LEU G 128 -14.88 17.32 -86.20
N GLU G 129 -15.16 17.10 -84.92
CA GLU G 129 -14.15 16.54 -84.02
C GLU G 129 -13.84 15.09 -84.34
N ASN G 130 -14.88 14.29 -84.64
CA ASN G 130 -14.68 12.86 -84.83
C ASN G 130 -14.44 12.47 -86.29
N ASP G 131 -15.24 13.02 -87.22
CA ASP G 131 -15.17 12.61 -88.62
C ASP G 131 -14.13 13.38 -89.41
N LEU G 132 -14.06 14.69 -89.25
CA LEU G 132 -13.16 15.54 -90.02
C LEU G 132 -11.95 16.01 -89.23
N HIS G 133 -11.95 15.85 -87.91
CA HIS G 133 -10.81 16.22 -87.07
C HIS G 133 -10.49 17.71 -87.16
N ASP G 134 -11.49 18.52 -87.52
CA ASP G 134 -11.34 19.97 -87.56
C ASP G 134 -11.59 20.53 -86.17
N TYR G 135 -10.55 20.46 -85.34
CA TYR G 135 -10.72 20.71 -83.91
C TYR G 135 -11.05 22.18 -83.62
N ALA G 136 -10.48 23.10 -84.40
CA ALA G 136 -10.79 24.51 -84.20
C ALA G 136 -12.26 24.81 -84.47
N LYS G 137 -12.78 24.30 -85.59
CA LYS G 137 -14.19 24.49 -85.89
C LYS G 137 -15.07 23.78 -84.87
N ALA G 138 -14.66 22.61 -84.41
CA ALA G 138 -15.41 21.92 -83.35
C ALA G 138 -15.44 22.75 -82.07
N ILE G 139 -14.31 23.36 -81.71
CA ILE G 139 -14.28 24.22 -80.53
C ILE G 139 -15.22 25.40 -80.71
N ASP G 140 -15.19 26.02 -81.88
CA ASP G 140 -16.07 27.16 -82.14
C ASP G 140 -17.53 26.73 -82.05
N CYS G 141 -17.87 25.59 -82.65
CA CYS G 141 -19.24 25.08 -82.60
C CYS G 141 -19.68 24.79 -81.17
N TYR G 142 -18.82 24.15 -80.39
CA TYR G 142 -19.18 23.82 -79.01
C TYR G 142 -19.36 25.10 -78.19
N GLU G 143 -18.48 26.08 -78.38
CA GLU G 143 -18.62 27.35 -77.68
C GLU G 143 -19.93 28.00 -78.07
N LEU G 144 -20.23 28.01 -79.36
CA LEU G 144 -21.46 28.63 -79.85
C LEU G 144 -22.69 27.91 -79.31
N ALA G 145 -22.67 26.56 -79.30
CA ALA G 145 -23.79 25.79 -78.77
C ALA G 145 -23.95 26.01 -77.28
N GLY G 146 -22.84 26.04 -76.54
CA GLY G 146 -22.92 26.32 -75.12
C GLY G 146 -23.45 27.70 -74.83
N GLU G 147 -23.01 28.69 -75.60
CA GLU G 147 -23.51 30.05 -75.39
C GLU G 147 -25.00 30.10 -75.65
N TRP G 148 -25.46 29.51 -76.76
CA TRP G 148 -26.90 29.49 -77.02
C TRP G 148 -27.67 28.68 -75.97
N TYR G 149 -27.14 27.53 -75.55
CA TYR G 149 -27.85 26.77 -74.52
C TYR G 149 -27.98 27.59 -73.25
N ALA G 150 -26.92 28.31 -72.89
CA ALA G 150 -27.01 29.24 -71.79
C ALA G 150 -28.05 30.27 -72.14
N GLN G 151 -28.10 30.66 -73.41
CA GLN G 151 -29.09 31.60 -73.86
C GLN G 151 -30.50 31.01 -73.65
N SER G 158 -25.64 23.83 -71.92
CA SER G 158 -24.50 24.72 -72.03
C SER G 158 -23.29 24.12 -71.35
N ASN G 159 -23.50 23.44 -70.22
CA ASN G 159 -22.40 22.82 -69.48
C ASN G 159 -21.75 21.70 -70.28
N LYS G 160 -22.55 20.87 -70.95
CA LYS G 160 -22.00 19.83 -71.80
C LYS G 160 -21.19 20.45 -72.95
N CYS G 161 -21.76 21.46 -73.60
CA CYS G 161 -21.05 22.11 -74.69
C CYS G 161 -19.73 22.71 -74.20
N PHE G 162 -19.76 23.33 -73.02
CA PHE G 162 -18.56 23.93 -72.46
C PHE G 162 -17.54 22.88 -72.05
N ILE G 163 -17.99 21.72 -71.56
CA ILE G 163 -17.06 20.63 -71.28
C ILE G 163 -16.33 20.24 -72.56
N LYS G 164 -17.09 20.04 -73.64
CA LYS G 164 -16.46 19.66 -74.91
C LYS G 164 -15.50 20.75 -75.37
N CYS G 165 -15.91 22.01 -75.29
CA CYS G 165 -15.08 23.12 -75.75
C CYS G 165 -13.79 23.21 -74.93
N ALA G 166 -13.90 23.10 -73.62
CA ALA G 166 -12.71 23.18 -72.77
C ALA G 166 -11.78 22.01 -73.01
N ASP G 167 -12.34 20.80 -73.17
CA ASP G 167 -11.50 19.65 -73.46
C ASP G 167 -10.70 19.86 -74.74
N LEU G 168 -11.39 20.27 -75.81
CA LEU G 168 -10.70 20.46 -77.08
C LEU G 168 -9.68 21.59 -76.99
N LYS G 169 -10.04 22.68 -76.30
CA LYS G 169 -9.12 23.81 -76.19
C LYS G 169 -7.86 23.43 -75.42
N ALA G 170 -8.01 22.69 -74.32
CA ALA G 170 -6.84 22.23 -73.57
C ALA G 170 -5.99 21.28 -74.43
N LEU G 171 -6.65 20.39 -75.18
CA LEU G 171 -5.90 19.53 -76.08
C LEU G 171 -5.27 20.32 -77.22
N ASP G 172 -5.75 21.52 -77.50
CA ASP G 172 -5.30 22.32 -78.62
C ASP G 172 -4.21 23.31 -78.25
N GLY G 173 -3.73 23.30 -77.01
CA GLY G 173 -2.72 24.25 -76.57
C GLY G 173 -3.25 25.50 -75.91
N GLN G 174 -4.58 25.69 -75.88
CA GLN G 174 -5.18 26.85 -75.26
C GLN G 174 -5.57 26.51 -73.83
N TYR G 175 -4.56 26.48 -72.96
CA TYR G 175 -4.77 26.10 -71.57
C TYR G 175 -5.52 27.18 -70.80
N ILE G 176 -5.18 28.45 -71.04
CA ILE G 176 -5.80 29.54 -70.29
C ILE G 176 -7.29 29.62 -70.59
N GLU G 177 -7.66 29.53 -71.87
CA GLU G 177 -9.07 29.57 -72.24
C GLU G 177 -9.81 28.36 -71.70
N ALA G 178 -9.18 27.19 -71.73
CA ALA G 178 -9.81 26.00 -71.16
C ALA G 178 -10.04 26.17 -69.67
N SER G 179 -9.07 26.75 -68.96
CA SER G 179 -9.24 26.99 -67.53
C SER G 179 -10.36 27.99 -67.28
N ASP G 180 -10.47 29.01 -68.12
CA ASP G 180 -11.57 29.97 -67.98
C ASP G 180 -12.91 29.28 -68.18
N ILE G 181 -13.02 28.41 -69.17
CA ILE G 181 -14.27 27.69 -69.40
C ILE G 181 -14.56 26.77 -68.23
N TYR G 182 -13.51 26.17 -67.65
CA TYR G 182 -13.71 25.33 -66.47
C TYR G 182 -14.19 26.15 -65.29
N SER G 183 -13.68 27.37 -65.14
CA SER G 183 -14.18 28.27 -64.10
C SER G 183 -15.65 28.59 -64.32
N LYS G 184 -16.03 28.85 -65.57
CA LYS G 184 -17.44 29.09 -65.88
C LYS G 184 -18.28 27.88 -65.51
N LEU G 185 -17.80 26.68 -65.85
CA LEU G 185 -18.52 25.46 -65.50
C LEU G 185 -18.66 25.32 -63.99
N ILE G 186 -17.58 25.62 -63.25
CA ILE G 186 -17.63 25.53 -61.79
C ILE G 186 -18.67 26.49 -61.24
N LYS G 187 -18.68 27.73 -61.73
CA LYS G 187 -19.65 28.71 -61.25
C LYS G 187 -21.07 28.29 -61.57
N SER G 188 -21.30 27.74 -62.76
CA SER G 188 -22.64 27.32 -63.15
C SER G 188 -23.11 26.11 -62.36
N SER G 189 -22.20 25.19 -62.02
CA SER G 189 -22.57 23.95 -61.34
C SER G 189 -22.55 24.07 -59.82
N MET G 190 -22.11 25.20 -59.28
CA MET G 190 -22.05 25.38 -57.83
C MET G 190 -23.47 25.40 -57.27
N SER G 198 -19.22 16.27 -61.04
CA SER G 198 -18.65 17.06 -62.13
C SER G 198 -17.72 18.14 -61.59
N LEU G 199 -18.19 18.89 -60.59
CA LEU G 199 -17.37 19.92 -59.96
C LEU G 199 -16.04 19.35 -59.48
N LYS G 200 -16.10 18.22 -58.76
CA LYS G 200 -14.89 17.59 -58.24
C LYS G 200 -13.86 17.40 -59.34
N ASP G 201 -14.31 17.04 -60.54
CA ASP G 201 -13.37 16.88 -61.65
C ASP G 201 -13.01 18.24 -62.21
N TYR G 202 -13.99 19.14 -62.34
CA TYR G 202 -13.79 20.46 -62.91
C TYR G 202 -12.58 21.13 -62.29
N PHE G 203 -12.63 21.34 -60.97
CA PHE G 203 -11.49 21.91 -60.26
C PHE G 203 -10.17 21.26 -60.70
N LEU G 204 -10.07 19.95 -60.55
CA LEU G 204 -8.87 19.21 -60.97
C LEU G 204 -8.43 19.61 -62.36
N LYS G 205 -9.31 19.42 -63.36
CA LYS G 205 -9.00 19.77 -64.74
C LYS G 205 -8.51 21.20 -64.87
N LYS G 206 -9.23 22.14 -64.26
CA LYS G 206 -8.81 23.54 -64.29
C LYS G 206 -7.38 23.68 -63.79
N GLY G 207 -7.10 23.13 -62.61
CA GLY G 207 -5.75 23.18 -62.07
C GLY G 207 -4.74 22.59 -63.02
N LEU G 208 -5.08 21.43 -63.60
CA LEU G 208 -4.21 20.78 -64.58
C LEU G 208 -3.89 21.73 -65.73
N CYS G 209 -4.91 22.40 -66.26
CA CYS G 209 -4.70 23.38 -67.33
C CYS G 209 -3.78 24.51 -66.86
N GLN G 210 -4.02 25.03 -65.67
CA GLN G 210 -3.18 26.08 -65.12
C GLN G 210 -1.74 25.60 -64.92
N LEU G 211 -1.57 24.30 -64.69
CA LEU G 211 -0.25 23.71 -64.54
C LEU G 211 0.38 23.41 -65.89
N ALA G 212 -0.43 23.20 -66.92
CA ALA G 212 0.06 23.07 -68.28
C ALA G 212 0.55 24.40 -68.81
N ALA G 213 0.03 25.50 -68.27
CA ALA G 213 0.45 26.84 -68.63
C ALA G 213 1.60 27.33 -67.78
N THR G 214 2.17 26.46 -66.94
CA THR G 214 3.28 26.73 -66.02
C THR G 214 2.88 27.67 -64.89
N ASP G 215 1.58 27.90 -64.69
CA ASP G 215 1.09 28.80 -63.66
C ASP G 215 0.73 27.99 -62.42
N ALA G 216 1.76 27.59 -61.68
CA ALA G 216 1.54 26.81 -60.46
C ALA G 216 0.80 27.62 -59.41
N VAL G 217 1.03 28.93 -59.36
CA VAL G 217 0.32 29.77 -58.39
C VAL G 217 -1.17 29.75 -58.66
N ALA G 218 -1.57 29.85 -59.93
CA ALA G 218 -2.98 29.79 -60.28
C ALA G 218 -3.56 28.43 -59.92
N ALA G 219 -2.80 27.36 -60.14
CA ALA G 219 -3.27 26.02 -59.77
C ALA G 219 -3.48 25.93 -58.26
N ALA G 220 -2.57 26.47 -57.47
CA ALA G 220 -2.73 26.47 -56.02
C ALA G 220 -3.95 27.27 -55.60
N ARG G 221 -4.16 28.43 -56.24
CA ARG G 221 -5.33 29.23 -55.94
C ARG G 221 -6.60 28.46 -56.25
N THR G 222 -6.64 27.77 -57.39
CA THR G 222 -7.80 26.97 -57.75
C THR G 222 -8.03 25.87 -56.74
N LEU G 223 -6.97 25.19 -56.32
CA LEU G 223 -7.10 24.12 -55.33
C LEU G 223 -7.66 24.67 -54.02
N GLN G 224 -7.13 25.80 -53.56
CA GLN G 224 -7.63 26.39 -52.31
C GLN G 224 -9.09 26.80 -52.44
N GLU G 225 -9.45 27.41 -53.58
CA GLU G 225 -10.84 27.82 -53.78
C GLU G 225 -11.76 26.62 -53.77
N GLY G 226 -11.37 25.54 -54.44
CA GLY G 226 -12.19 24.34 -54.46
C GLY G 226 -12.32 23.72 -53.08
N GLN G 227 -11.21 23.68 -52.32
CA GLN G 227 -11.26 23.11 -50.98
C GLN G 227 -12.16 23.92 -50.07
N SER G 228 -12.08 25.24 -50.14
CA SER G 228 -12.85 26.09 -49.24
C SER G 228 -14.31 26.20 -49.66
N GLU G 229 -14.61 26.08 -50.96
CA GLU G 229 -15.95 26.29 -51.46
C GLU G 229 -16.77 25.01 -51.52
N ASP G 230 -16.15 23.90 -51.92
CA ASP G 230 -16.85 22.63 -52.06
C ASP G 230 -16.29 21.65 -51.05
N PRO G 231 -17.00 21.36 -49.95
CA PRO G 231 -16.48 20.38 -48.98
C PRO G 231 -16.20 19.02 -49.59
N ASN G 232 -17.02 18.60 -50.55
CA ASN G 232 -16.78 17.30 -51.19
C ASN G 232 -15.44 17.29 -51.90
N PHE G 233 -15.10 18.37 -52.61
CA PHE G 233 -13.82 18.43 -53.30
C PHE G 233 -12.65 18.49 -52.34
N ALA G 234 -12.84 19.11 -51.18
CA ALA G 234 -11.73 19.26 -50.24
C ALA G 234 -11.20 17.89 -49.82
N ASP G 235 -12.10 16.96 -49.55
CA ASP G 235 -11.74 15.62 -49.13
C ASP G 235 -11.64 14.63 -50.28
N SER G 236 -11.83 15.08 -51.52
CA SER G 236 -11.79 14.19 -52.66
C SER G 236 -10.35 13.83 -53.04
N ARG G 237 -10.19 12.63 -53.60
CA ARG G 237 -8.87 12.21 -54.06
C ARG G 237 -8.33 13.16 -55.12
N GLU G 238 -9.22 13.80 -55.87
CA GLU G 238 -8.79 14.73 -56.90
C GLU G 238 -8.05 15.91 -56.28
N SER G 239 -8.54 16.40 -55.14
CA SER G 239 -7.87 17.51 -54.47
C SER G 239 -6.47 17.11 -54.03
N ASN G 240 -6.32 15.93 -53.45
CA ASN G 240 -4.99 15.46 -53.04
C ASN G 240 -4.07 15.31 -54.24
N PHE G 241 -4.60 14.76 -55.34
CA PHE G 241 -3.77 14.59 -56.54
C PHE G 241 -3.33 15.94 -57.09
N LEU G 242 -4.23 16.92 -57.12
CA LEU G 242 -3.87 18.24 -57.60
C LEU G 242 -2.82 18.89 -56.70
N LYS G 243 -2.98 18.74 -55.38
CA LYS G 243 -1.98 19.29 -54.46
C LYS G 243 -0.62 18.62 -54.68
N SER G 244 -0.62 17.30 -54.87
CA SER G 244 0.63 16.59 -55.12
C SER G 244 1.29 17.07 -56.41
N LEU G 245 0.49 17.27 -57.46
CA LEU G 245 1.04 17.77 -58.71
C LEU G 245 1.62 19.18 -58.55
N ILE G 246 0.90 20.03 -57.80
CA ILE G 246 1.39 21.38 -57.56
C ILE G 246 2.71 21.35 -56.81
N ASP G 247 2.80 20.51 -55.77
CA ASP G 247 4.04 20.39 -55.02
C ASP G 247 5.16 19.88 -55.91
N ALA G 248 4.88 18.87 -56.73
CA ALA G 248 5.91 18.31 -57.61
C ALA G 248 6.43 19.36 -58.58
N VAL G 249 5.53 20.15 -59.18
CA VAL G 249 5.98 21.19 -60.09
C VAL G 249 6.76 22.25 -59.34
N ASN G 250 6.36 22.56 -58.11
CA ASN G 250 7.09 23.55 -57.32
C ASN G 250 8.52 23.09 -57.04
N GLU G 251 8.69 21.81 -56.69
CA GLU G 251 10.02 21.27 -56.46
C GLU G 251 10.72 20.85 -57.74
N GLY G 252 10.04 20.88 -58.88
CA GLY G 252 10.66 20.48 -60.13
C GLY G 252 11.09 19.03 -60.15
N ASP G 253 10.33 18.15 -59.52
CA ASP G 253 10.65 16.72 -59.47
C ASP G 253 9.70 16.00 -60.42
N SER G 254 10.17 15.80 -61.65
CA SER G 254 9.37 15.10 -62.65
C SER G 254 9.08 13.66 -62.23
N GLU G 255 10.06 12.98 -61.63
CA GLU G 255 9.84 11.61 -61.20
C GLU G 255 8.77 11.52 -60.13
N GLN G 256 8.75 12.49 -59.21
CA GLN G 256 7.70 12.52 -58.20
C GLN G 256 6.34 12.72 -58.84
N LEU G 257 6.26 13.59 -59.86
CA LEU G 257 5.02 13.77 -60.59
C LEU G 257 4.57 12.47 -61.25
N SER G 258 5.51 11.74 -61.84
CA SER G 258 5.17 10.45 -62.46
C SER G 258 4.66 9.47 -61.41
N GLU G 259 5.31 9.42 -60.25
CA GLU G 259 4.85 8.53 -59.19
C GLU G 259 3.44 8.89 -58.73
N HIS G 260 3.17 10.19 -58.58
CA HIS G 260 1.84 10.62 -58.19
C HIS G 260 0.81 10.25 -59.26
N CYS G 261 1.17 10.41 -60.53
CA CYS G 261 0.27 10.02 -61.61
C CYS G 261 -0.03 8.53 -61.57
N LYS G 262 0.99 7.70 -61.33
CA LYS G 262 0.76 6.27 -61.24
C LYS G 262 -0.13 5.93 -60.04
N GLU G 263 0.10 6.58 -58.90
CA GLU G 263 -0.73 6.35 -57.73
C GLU G 263 -2.18 6.73 -58.02
N PHE G 264 -2.39 7.87 -58.69
CA PHE G 264 -3.75 8.30 -59.02
C PHE G 264 -4.39 7.32 -59.99
N ASP G 265 -3.64 6.83 -60.97
CA ASP G 265 -4.18 5.86 -61.92
C ASP G 265 -4.57 4.57 -61.22
N ASN G 266 -3.79 4.13 -60.23
CA ASN G 266 -4.05 2.87 -59.56
C ASN G 266 -5.45 2.84 -58.93
N PHE G 267 -5.96 3.97 -58.48
CA PHE G 267 -7.27 4.04 -57.84
C PHE G 267 -8.34 4.64 -58.74
N MET G 268 -7.99 5.63 -59.57
CA MET G 268 -8.90 6.27 -60.51
C MET G 268 -8.20 6.35 -61.85
N ARG G 269 -8.69 5.59 -62.82
CA ARG G 269 -8.05 5.51 -64.14
C ARG G 269 -8.01 6.88 -64.80
N LEU G 270 -6.86 7.23 -65.37
CA LEU G 270 -6.71 8.48 -66.08
C LEU G 270 -7.24 8.35 -67.51
N ASP G 271 -7.59 9.49 -68.09
CA ASP G 271 -8.12 9.57 -69.45
C ASP G 271 -7.09 10.24 -70.36
N LYS G 272 -7.32 10.12 -71.67
CA LYS G 272 -6.35 10.63 -72.62
C LYS G 272 -6.16 12.14 -72.49
N TRP G 273 -7.21 12.87 -72.11
CA TRP G 273 -7.06 14.30 -71.88
C TRP G 273 -6.03 14.57 -70.79
N LYS G 274 -6.20 13.93 -69.63
CA LYS G 274 -5.24 14.09 -68.54
C LYS G 274 -3.86 13.60 -68.95
N ILE G 275 -3.81 12.52 -69.73
CA ILE G 275 -2.52 12.01 -70.19
C ILE G 275 -1.79 13.09 -70.95
N THR G 276 -2.50 13.74 -71.90
CA THR G 276 -1.87 14.78 -72.71
C THR G 276 -1.44 15.96 -71.84
N ILE G 277 -2.31 16.40 -70.92
CA ILE G 277 -1.96 17.55 -70.10
C ILE G 277 -0.71 17.26 -69.29
N LEU G 278 -0.66 16.10 -68.64
CA LEU G 278 0.49 15.78 -67.81
C LEU G 278 1.74 15.50 -68.64
N ASN G 279 1.58 14.98 -69.86
CA ASN G 279 2.73 14.80 -70.73
C ASN G 279 3.33 16.15 -71.13
N LYS G 280 2.47 17.11 -71.47
CA LYS G 280 2.97 18.45 -71.77
C LYS G 280 3.62 19.07 -70.53
N ILE G 281 3.07 18.78 -69.34
CA ILE G 281 3.64 19.31 -68.12
C ILE G 281 5.04 18.73 -67.88
N LYS G 282 5.19 17.42 -68.08
CA LYS G 282 6.50 16.80 -67.90
C LYS G 282 7.49 17.31 -68.94
N GLU G 283 7.04 17.48 -70.18
CA GLU G 283 7.91 18.06 -71.19
C GLU G 283 8.26 19.52 -70.86
N SER G 284 7.37 20.22 -70.16
CA SER G 284 7.70 21.56 -69.68
C SER G 284 8.74 21.53 -68.59
N ILE G 285 8.68 20.52 -67.71
CA ILE G 285 9.76 20.33 -66.74
C ILE G 285 11.07 20.05 -67.46
N GLN G 286 11.03 19.23 -68.51
CA GLN G 286 12.24 18.97 -69.29
C GLN G 286 12.74 20.25 -69.95
N GLN G 287 11.82 21.09 -70.44
CA GLN G 287 12.21 22.37 -71.03
C GLN G 287 12.85 23.29 -69.99
N GLN G 288 12.32 23.29 -68.77
CA GLN G 288 12.96 24.02 -67.67
C GLN G 288 14.37 23.49 -67.40
N GLU G 289 14.53 22.17 -67.40
CA GLU G 289 15.86 21.58 -67.31
C GLU G 289 16.77 22.06 -68.45
N ASP G 290 16.20 22.28 -69.62
CA ASP G 290 16.97 22.87 -70.72
C ASP G 290 17.34 24.32 -70.41
N ASP G 291 16.39 25.08 -69.84
CA ASP G 291 16.68 26.43 -69.36
C ASP G 291 17.65 26.43 -68.18
N LEU G 292 17.74 25.33 -67.45
CA LEU G 292 18.72 25.22 -66.37
C LEU G 292 20.15 25.26 -66.90
N LEU G 293 20.33 25.01 -68.19
CA LEU G 293 21.65 25.03 -68.80
C LEU G 293 21.80 26.24 -69.72
N MET H 2 -28.80 37.08 -96.77
CA MET H 2 -29.78 37.37 -95.70
C MET H 2 -30.26 38.81 -95.67
N SER H 3 -31.54 38.99 -95.39
CA SER H 3 -32.11 40.32 -95.34
C SER H 3 -31.47 41.12 -94.20
N ASP H 4 -31.40 42.41 -94.38
CA ASP H 4 -30.83 43.28 -93.36
C ASP H 4 -31.81 43.41 -92.19
N PRO H 5 -31.43 43.03 -90.96
CA PRO H 5 -32.38 43.18 -89.85
C PRO H 5 -32.81 44.62 -89.64
N VAL H 6 -31.94 45.59 -89.89
CA VAL H 6 -32.32 47.00 -89.73
C VAL H 6 -33.41 47.38 -90.73
N GLU H 7 -33.26 46.95 -91.98
CA GLU H 7 -34.28 47.24 -92.98
C GLU H 7 -35.60 46.56 -92.63
N LEU H 8 -35.54 45.32 -92.15
CA LEU H 8 -36.75 44.63 -91.73
C LEU H 8 -37.43 45.37 -90.59
N LEU H 9 -36.66 45.85 -89.61
CA LEU H 9 -37.24 46.59 -88.50
C LEU H 9 -37.86 47.89 -88.99
N LYS H 10 -37.19 48.57 -89.92
CA LYS H 10 -37.76 49.79 -90.48
C LYS H 10 -39.07 49.52 -91.20
N ARG H 11 -39.13 48.43 -91.97
CA ARG H 11 -40.37 48.07 -92.65
C ARG H 11 -41.46 47.73 -91.65
N ALA H 12 -41.12 47.02 -90.58
CA ALA H 12 -42.11 46.70 -89.55
C ALA H 12 -42.64 47.96 -88.90
N GLU H 13 -41.75 48.92 -88.61
CA GLU H 13 -42.19 50.18 -88.04
C GLU H 13 -43.10 50.94 -89.00
N LYS H 14 -42.76 50.93 -90.29
CA LYS H 14 -43.62 51.58 -91.28
C LYS H 14 -44.99 50.93 -91.33
N LYS H 15 -45.04 49.59 -91.29
CA LYS H 15 -46.30 48.89 -91.32
C LYS H 15 -47.03 48.93 -90.00
N GLY H 16 -46.33 49.24 -88.91
CA GLY H 16 -46.91 49.21 -87.58
C GLY H 16 -47.68 50.45 -87.21
N VAL H 17 -47.75 51.42 -88.12
CA VAL H 17 -48.48 52.66 -87.87
C VAL H 17 -49.97 52.39 -88.04
N PRO H 18 -50.79 52.61 -87.01
CA PRO H 18 -52.23 52.37 -87.17
C PRO H 18 -52.86 53.35 -88.13
N SER H 19 -53.92 52.89 -88.80
CA SER H 19 -54.66 53.76 -89.71
C SER H 19 -55.33 54.88 -88.93
N SER H 20 -55.25 56.10 -89.45
CA SER H 20 -55.76 57.27 -88.77
C SER H 20 -56.60 58.12 -89.73
N GLY H 21 -57.63 58.76 -89.17
CA GLY H 21 -58.42 59.70 -89.94
C GLY H 21 -59.20 59.05 -91.06
N PHE H 22 -59.27 59.77 -92.19
CA PHE H 22 -60.10 59.32 -93.31
C PHE H 22 -59.72 57.91 -93.75
N MET H 23 -58.43 57.59 -93.75
CA MET H 23 -57.99 56.28 -94.21
C MET H 23 -58.64 55.16 -93.40
N LYS H 24 -58.93 55.41 -92.12
CA LYS H 24 -59.55 54.36 -91.30
C LYS H 24 -60.91 53.93 -91.85
N LEU H 25 -61.59 54.79 -92.60
CA LEU H 25 -62.88 54.43 -93.17
C LEU H 25 -62.76 53.48 -94.35
N PHE H 26 -61.58 53.40 -94.98
CA PHE H 26 -61.35 52.53 -96.13
C PHE H 26 -60.36 51.41 -95.86
N SER H 27 -59.52 51.54 -94.85
CA SER H 27 -58.56 50.51 -94.49
C SER H 27 -59.20 49.49 -93.57
N GLY H 28 -58.94 48.22 -93.84
CA GLY H 28 -59.48 47.15 -93.03
C GLY H 28 -58.90 47.16 -91.62
N SER H 29 -59.13 46.07 -90.92
CA SER H 29 -58.65 45.93 -89.56
C SER H 29 -57.12 46.07 -89.52
N ASP H 30 -56.63 46.83 -88.54
CA ASP H 30 -55.21 47.04 -88.39
C ASP H 30 -54.48 45.80 -87.89
N SER H 31 -55.22 44.75 -87.51
CA SER H 31 -54.58 43.55 -86.96
C SER H 31 -53.59 42.94 -87.95
N TYR H 32 -53.94 42.93 -89.24
CA TYR H 32 -53.06 42.33 -90.24
C TYR H 32 -51.76 43.11 -90.36
N LYS H 33 -51.83 44.45 -90.32
CA LYS H 33 -50.60 45.24 -90.37
C LYS H 33 -49.70 44.94 -89.19
N PHE H 34 -50.29 44.83 -87.98
CA PHE H 34 -49.49 44.49 -86.81
C PHE H 34 -48.90 43.10 -86.94
N GLU H 35 -49.66 42.15 -87.50
CA GLU H 35 -49.13 40.80 -87.68
C GLU H 35 -47.94 40.80 -88.63
N GLU H 36 -48.05 41.54 -89.74
CA GLU H 36 -46.95 41.62 -90.69
C GLU H 36 -45.73 42.28 -90.06
N ALA H 37 -45.94 43.36 -89.30
CA ALA H 37 -44.83 44.02 -88.62
C ALA H 37 -44.17 43.08 -87.62
N ALA H 38 -44.98 42.31 -86.89
CA ALA H 38 -44.43 41.35 -85.94
C ALA H 38 -43.62 40.27 -86.64
N ASP H 39 -44.10 39.79 -87.79
CA ASP H 39 -43.35 38.80 -88.54
C ASP H 39 -42.02 39.36 -89.01
N LEU H 40 -42.03 40.59 -89.52
CA LEU H 40 -40.78 41.23 -89.95
C LEU H 40 -39.83 41.39 -88.78
N CYS H 41 -40.34 41.82 -87.63
CA CYS H 41 -39.52 41.97 -86.43
C CYS H 41 -38.93 40.63 -86.00
N VAL H 42 -39.72 39.56 -86.08
CA VAL H 42 -39.22 38.25 -85.69
C VAL H 42 -38.08 37.84 -86.60
N GLN H 43 -38.22 38.10 -87.90
CA GLN H 43 -37.17 37.76 -88.84
C GLN H 43 -35.89 38.55 -88.55
N ALA H 44 -36.00 39.88 -88.43
CA ALA H 44 -34.85 40.72 -88.13
C ALA H 44 -34.17 40.37 -86.80
N ALA H 45 -34.96 40.03 -85.79
CA ALA H 45 -34.43 39.76 -84.47
C ALA H 45 -33.69 38.45 -84.45
N LEU H 54 -27.52 39.37 -79.13
CA LEU H 54 -28.64 38.83 -78.35
C LEU H 54 -29.52 39.95 -77.83
N ASN H 55 -28.91 41.08 -77.48
CA ASN H 55 -29.67 42.21 -76.95
C ASN H 55 -30.55 42.82 -78.03
N LEU H 56 -30.00 43.00 -79.24
CA LEU H 56 -30.79 43.51 -80.35
C LEU H 56 -31.90 42.53 -80.71
N ALA H 57 -31.59 41.23 -80.71
CA ALA H 57 -32.61 40.23 -80.99
C ALA H 57 -33.72 40.26 -79.93
N GLY H 58 -33.34 40.46 -78.66
CA GLY H 58 -34.34 40.58 -77.63
C GLY H 58 -35.21 41.81 -77.79
N ASP H 59 -34.59 42.94 -78.14
CA ASP H 59 -35.36 44.15 -78.39
C ASP H 59 -36.35 43.95 -79.53
N SER H 60 -35.92 43.23 -80.56
CA SER H 60 -36.79 43.00 -81.71
C SER H 60 -37.90 42.01 -81.37
N PHE H 61 -37.63 40.96 -80.60
CA PHE H 61 -38.73 40.14 -80.08
C PHE H 61 -39.69 40.99 -79.27
N LEU H 62 -39.17 41.93 -78.48
CA LEU H 62 -40.05 42.77 -77.67
C LEU H 62 -40.96 43.60 -78.57
N LYS H 63 -40.40 44.16 -79.64
CA LYS H 63 -41.21 44.92 -80.59
C LYS H 63 -42.26 44.03 -81.25
N ALA H 64 -41.87 42.81 -81.63
CA ALA H 64 -42.81 41.87 -82.24
C ALA H 64 -43.92 41.51 -81.26
N ALA H 65 -43.57 41.32 -79.99
CA ALA H 65 -44.57 40.99 -78.98
C ALA H 65 -45.53 42.15 -78.77
N ASP H 66 -45.02 43.38 -78.76
CA ASP H 66 -45.89 44.54 -78.64
C ASP H 66 -46.84 44.63 -79.83
N TYR H 67 -46.33 44.39 -81.04
CA TYR H 67 -47.19 44.40 -82.21
C TYR H 67 -48.24 43.29 -82.14
N GLN H 68 -47.84 42.11 -81.66
CA GLN H 68 -48.80 41.01 -81.51
C GLN H 68 -49.88 41.36 -80.50
N LYS H 69 -49.49 41.99 -79.39
CA LYS H 69 -50.49 42.46 -78.42
C LYS H 69 -51.45 43.43 -79.08
N LYS H 70 -50.92 44.37 -79.88
CA LYS H 70 -51.78 45.31 -80.59
C LYS H 70 -52.68 44.58 -81.58
N ALA H 71 -52.26 43.41 -82.08
CA ALA H 71 -53.04 42.63 -83.02
C ALA H 71 -54.06 41.73 -82.32
N GLY H 72 -54.01 41.60 -81.00
CA GLY H 72 -54.90 40.73 -80.27
C GLY H 72 -54.41 39.32 -80.06
N ASN H 73 -53.26 38.94 -80.63
CA ASN H 73 -52.71 37.60 -80.47
C ASN H 73 -51.86 37.59 -79.19
N GLU H 74 -52.54 37.46 -78.06
CA GLU H 74 -51.86 37.55 -76.77
C GLU H 74 -50.94 36.36 -76.54
N ASP H 75 -51.35 35.16 -76.95
CA ASP H 75 -50.51 33.98 -76.74
C ASP H 75 -49.19 34.09 -77.50
N GLU H 76 -49.26 34.53 -78.76
CA GLU H 76 -48.04 34.73 -79.53
C GLU H 76 -47.18 35.82 -78.90
N ALA H 77 -47.82 36.87 -78.37
CA ALA H 77 -47.06 37.91 -77.68
C ALA H 77 -46.33 37.35 -76.47
N GLY H 78 -47.00 36.48 -75.71
CA GLY H 78 -46.34 35.88 -74.56
C GLY H 78 -45.18 34.99 -74.96
N ASN H 79 -45.37 34.22 -76.04
CA ASN H 79 -44.28 33.38 -76.53
C ASN H 79 -43.08 34.23 -76.96
N THR H 80 -43.35 35.33 -77.66
CA THR H 80 -42.28 36.23 -78.07
C THR H 80 -41.61 36.89 -76.89
N TYR H 81 -42.39 37.22 -75.85
CA TYR H 81 -41.81 37.75 -74.62
C TYR H 81 -40.91 36.73 -73.95
N VAL H 82 -41.31 35.46 -73.98
CA VAL H 82 -40.46 34.42 -73.42
C VAL H 82 -39.15 34.34 -74.18
N GLU H 83 -39.20 34.43 -75.50
CA GLU H 83 -37.98 34.44 -76.30
C GLU H 83 -37.11 35.66 -75.98
N ALA H 84 -37.75 36.83 -75.80
CA ALA H 84 -37.03 38.04 -75.41
C ALA H 84 -36.34 37.85 -74.07
N TYR H 85 -37.06 37.28 -73.10
CA TYR H 85 -36.48 36.98 -71.80
C TYR H 85 -35.30 36.03 -71.97
N LYS H 86 -35.46 35.01 -72.82
CA LYS H 86 -34.39 34.05 -73.02
C LYS H 86 -33.13 34.79 -73.44
N CYS H 87 -33.27 35.63 -74.46
CA CYS H 87 -32.08 36.28 -75.00
C CYS H 87 -31.54 37.40 -74.13
N PHE H 88 -32.39 38.16 -73.44
CA PHE H 88 -31.88 39.18 -72.53
C PHE H 88 -31.08 38.54 -71.41
N LYS H 89 -31.58 37.45 -70.85
CA LYS H 89 -30.81 36.74 -69.83
C LYS H 89 -29.53 36.23 -70.45
N SER H 90 -29.63 35.76 -71.69
CA SER H 90 -28.52 35.25 -72.47
C SER H 90 -27.45 36.30 -72.80
N GLY H 91 -27.85 37.54 -73.01
CA GLY H 91 -26.96 38.66 -73.27
C GLY H 91 -26.41 39.29 -72.03
N GLY H 92 -26.81 38.82 -70.85
CA GLY H 92 -26.34 39.41 -69.63
C GLY H 92 -27.17 40.62 -69.24
N ASN H 93 -28.22 40.91 -70.00
CA ASN H 93 -29.11 42.03 -69.75
C ASN H 93 -30.23 41.48 -68.88
N SER H 94 -30.02 41.57 -67.56
CA SER H 94 -30.96 41.00 -66.62
C SER H 94 -32.25 41.83 -66.55
N VAL H 95 -32.14 43.14 -66.70
CA VAL H 95 -33.29 44.03 -66.55
C VAL H 95 -34.30 43.77 -67.66
N ASN H 96 -33.84 43.70 -68.90
CA ASN H 96 -34.75 43.43 -70.01
C ASN H 96 -35.35 42.05 -69.91
N ALA H 97 -34.56 41.07 -69.43
CA ALA H 97 -35.11 39.74 -69.21
C ALA H 97 -36.21 39.75 -68.16
N VAL H 98 -36.00 40.51 -67.08
CA VAL H 98 -37.02 40.64 -66.04
C VAL H 98 -38.28 41.26 -66.62
N ASP H 99 -38.12 42.31 -67.41
CA ASP H 99 -39.28 42.97 -68.02
C ASP H 99 -40.04 42.00 -68.91
N SER H 100 -39.31 41.26 -69.75
CA SER H 100 -39.94 40.31 -70.66
C SER H 100 -40.68 39.23 -69.88
N LEU H 101 -40.08 38.72 -68.80
CA LEU H 101 -40.78 37.75 -67.97
C LEU H 101 -42.03 38.34 -67.36
N GLU H 102 -41.98 39.61 -66.97
CA GLU H 102 -43.16 40.23 -66.39
C GLU H 102 -44.29 40.29 -67.41
N ASN H 103 -43.99 40.72 -68.63
CA ASN H 103 -45.06 40.78 -69.64
C ASN H 103 -45.58 39.38 -69.95
N ALA H 104 -44.68 38.40 -70.08
CA ALA H 104 -45.12 37.04 -70.37
C ALA H 104 -45.99 36.48 -69.25
N ILE H 105 -45.60 36.75 -68.00
CA ILE H 105 -46.37 36.28 -66.86
C ILE H 105 -47.75 36.92 -66.85
N GLN H 106 -47.81 38.23 -67.09
CA GLN H 106 -49.10 38.90 -67.12
C GLN H 106 -49.98 38.32 -68.21
N ILE H 107 -49.42 38.10 -69.40
CA ILE H 107 -50.20 37.54 -70.50
C ILE H 107 -50.73 36.16 -70.13
N PHE H 108 -49.85 35.31 -69.59
CA PHE H 108 -50.26 33.95 -69.26
C PHE H 108 -51.31 33.93 -68.16
N THR H 109 -51.11 34.72 -67.11
CA THR H 109 -52.09 34.75 -66.02
C THR H 109 -53.43 35.27 -66.51
N HIS H 110 -53.42 36.30 -67.35
CA HIS H 110 -54.67 36.81 -67.88
C HIS H 110 -55.39 35.78 -68.73
N ARG H 111 -54.66 34.80 -69.28
CA ARG H 111 -55.25 33.74 -70.09
C ARG H 111 -55.51 32.46 -69.31
N GLY H 112 -55.35 32.50 -67.99
CA GLY H 112 -55.60 31.32 -67.18
C GLY H 112 -54.45 30.33 -67.08
N GLN H 113 -53.31 30.62 -67.70
CA GLN H 113 -52.16 29.73 -67.66
C GLN H 113 -51.30 30.08 -66.45
N PHE H 114 -51.89 29.85 -65.26
CA PHE H 114 -51.18 30.14 -64.02
C PHE H 114 -49.98 29.22 -63.83
N ARG H 115 -49.98 28.06 -64.46
CA ARG H 115 -48.81 27.18 -64.45
C ARG H 115 -47.63 27.87 -65.10
N ARG H 116 -47.83 28.38 -66.32
CA ARG H 116 -46.77 29.13 -67.00
C ARG H 116 -46.38 30.36 -66.20
N GLY H 117 -47.36 31.07 -65.67
CA GLY H 117 -47.08 32.24 -64.85
C GLY H 117 -46.19 31.88 -63.67
N ALA H 118 -46.50 30.78 -62.99
CA ALA H 118 -45.71 30.33 -61.86
C ALA H 118 -44.30 29.91 -62.27
N ASN H 119 -44.18 29.15 -63.36
CA ASN H 119 -42.85 28.76 -63.83
C ASN H 119 -41.99 29.99 -64.11
N PHE H 120 -42.54 30.95 -64.87
CA PHE H 120 -41.76 32.12 -65.21
C PHE H 120 -41.58 33.06 -64.02
N LYS H 121 -42.49 33.01 -63.04
CA LYS H 121 -42.31 33.78 -61.82
C LYS H 121 -41.17 33.21 -60.99
N PHE H 122 -41.06 31.88 -60.94
CA PHE H 122 -39.92 31.27 -60.27
C PHE H 122 -38.62 31.63 -60.97
N GLU H 123 -38.62 31.61 -62.31
CA GLU H 123 -37.43 32.02 -63.04
C GLU H 123 -37.10 33.49 -62.77
N LEU H 124 -38.13 34.34 -62.72
CA LEU H 124 -37.92 35.75 -62.43
C LEU H 124 -37.35 35.96 -61.05
N GLY H 125 -37.86 35.20 -60.06
CA GLY H 125 -37.32 35.30 -58.72
C GLY H 125 -35.87 34.84 -58.66
N GLU H 126 -35.53 33.79 -59.40
CA GLU H 126 -34.14 33.37 -59.49
C GLU H 126 -33.28 34.47 -60.07
N ILE H 127 -33.75 35.12 -61.14
CA ILE H 127 -32.99 36.20 -61.76
C ILE H 127 -32.80 37.34 -60.76
N LEU H 128 -33.87 37.70 -60.05
CA LEU H 128 -33.78 38.79 -59.09
C LEU H 128 -32.79 38.44 -57.98
N GLU H 129 -32.86 37.21 -57.47
CA GLU H 129 -32.01 36.83 -56.34
C GLU H 129 -30.54 36.75 -56.74
N ASN H 130 -30.24 36.19 -57.91
CA ASN H 130 -28.85 35.95 -58.30
C ASN H 130 -28.25 37.09 -59.11
N ASP H 131 -28.98 37.60 -60.10
CA ASP H 131 -28.45 38.59 -61.02
C ASP H 131 -28.60 40.02 -60.51
N LEU H 132 -29.78 40.37 -59.98
CA LEU H 132 -30.05 41.73 -59.54
C LEU H 132 -30.02 41.89 -58.02
N HIS H 133 -30.02 40.80 -57.27
CA HIS H 133 -29.96 40.85 -55.80
C HIS H 133 -31.15 41.60 -55.21
N ASP H 134 -32.27 41.64 -55.93
CA ASP H 134 -33.49 42.25 -55.43
C ASP H 134 -34.24 41.19 -54.62
N TYR H 135 -33.82 41.05 -53.36
CA TYR H 135 -34.27 39.92 -52.55
C TYR H 135 -35.75 40.02 -52.20
N ALA H 136 -36.25 41.23 -51.98
CA ALA H 136 -37.67 41.39 -51.68
C ALA H 136 -38.54 40.95 -52.85
N LYS H 137 -38.19 41.40 -54.05
CA LYS H 137 -38.95 40.98 -55.23
C LYS H 137 -38.81 39.48 -55.47
N ALA H 138 -37.63 38.92 -55.21
CA ALA H 138 -37.46 37.48 -55.34
C ALA H 138 -38.34 36.72 -54.36
N ILE H 139 -38.45 37.23 -53.12
CA ILE H 139 -39.33 36.60 -52.14
C ILE H 139 -40.77 36.66 -52.60
N ASP H 140 -41.19 37.82 -53.10
CA ASP H 140 -42.56 37.96 -53.60
C ASP H 140 -42.83 36.99 -54.74
N CYS H 141 -41.90 36.91 -55.69
CA CYS H 141 -42.06 36.01 -56.83
C CYS H 141 -42.14 34.56 -56.38
N TYR H 142 -41.27 34.15 -55.46
CA TYR H 142 -41.28 32.77 -54.98
C TYR H 142 -42.57 32.45 -54.25
N GLU H 143 -43.04 33.37 -53.40
CA GLU H 143 -44.29 33.16 -52.69
C GLU H 143 -45.45 33.01 -53.66
N LEU H 144 -45.54 33.90 -54.64
CA LEU H 144 -46.63 33.83 -55.61
C LEU H 144 -46.55 32.55 -56.43
N ALA H 145 -45.35 32.16 -56.85
CA ALA H 145 -45.19 30.94 -57.64
C ALA H 145 -45.59 29.72 -56.82
N GLY H 146 -45.20 29.67 -55.56
CA GLY H 146 -45.62 28.57 -54.70
C GLY H 146 -47.12 28.54 -54.52
N GLU H 147 -47.74 29.72 -54.35
CA GLU H 147 -49.19 29.77 -54.20
C GLU H 147 -49.89 29.25 -55.44
N TRP H 148 -49.48 29.70 -56.62
CA TRP H 148 -50.10 29.22 -57.85
C TRP H 148 -49.87 27.72 -58.04
N TYR H 149 -48.66 27.24 -57.74
CA TYR H 149 -48.42 25.80 -57.84
C TYR H 149 -49.33 25.04 -56.91
N ALA H 150 -49.53 25.55 -55.68
CA ALA H 150 -50.47 24.92 -54.77
C ALA H 150 -51.87 24.91 -55.35
N GLN H 151 -52.27 26.02 -55.98
CA GLN H 151 -53.59 26.04 -56.61
C GLN H 151 -53.68 25.02 -57.74
N ASP H 152 -52.56 24.64 -58.33
CA ASP H 152 -52.53 23.56 -59.31
C ASP H 152 -52.26 22.21 -58.68
N GLN H 153 -52.15 22.16 -57.35
CA GLN H 153 -51.87 20.95 -56.59
C GLN H 153 -50.51 20.34 -56.89
N SER H 154 -49.58 21.12 -57.43
CA SER H 154 -48.23 20.62 -57.65
C SER H 154 -47.52 20.85 -56.32
N VAL H 155 -47.57 19.82 -55.47
CA VAL H 155 -47.08 19.94 -54.10
C VAL H 155 -45.58 20.18 -54.10
N ALA H 156 -44.87 19.48 -54.97
CA ALA H 156 -43.41 19.52 -54.91
C ALA H 156 -42.90 20.87 -55.42
N LEU H 157 -43.49 21.38 -56.50
CA LEU H 157 -43.07 22.68 -57.01
C LEU H 157 -43.41 23.79 -56.03
N SER H 158 -44.60 23.76 -55.44
CA SER H 158 -44.94 24.74 -54.42
C SER H 158 -43.99 24.63 -53.25
N ASN H 159 -43.60 23.40 -52.91
CA ASN H 159 -42.66 23.19 -51.81
C ASN H 159 -41.30 23.79 -52.13
N LYS H 160 -40.82 23.62 -53.37
CA LYS H 160 -39.56 24.23 -53.79
C LYS H 160 -39.64 25.75 -53.71
N CYS H 161 -40.73 26.32 -54.24
CA CYS H 161 -40.88 27.77 -54.20
C CYS H 161 -40.93 28.27 -52.77
N PHE H 162 -41.61 27.55 -51.89
CA PHE H 162 -41.70 27.95 -50.50
C PHE H 162 -40.36 27.78 -49.79
N ILE H 163 -39.57 26.78 -50.16
CA ILE H 163 -38.22 26.67 -49.62
C ILE H 163 -37.43 27.92 -49.96
N LYS H 164 -37.46 28.31 -51.23
CA LYS H 164 -36.73 29.51 -51.63
C LYS H 164 -37.24 30.74 -50.88
N CYS H 165 -38.56 30.88 -50.79
CA CYS H 165 -39.15 32.04 -50.13
C CYS H 165 -38.76 32.10 -48.66
N ALA H 166 -38.84 30.96 -47.96
CA ALA H 166 -38.49 30.94 -46.54
C ALA H 166 -37.01 31.21 -46.34
N ASP H 167 -36.15 30.64 -47.19
CA ASP H 167 -34.72 30.90 -47.07
C ASP H 167 -34.44 32.39 -47.20
N LEU H 168 -34.99 33.02 -48.24
CA LEU H 168 -34.73 34.44 -48.44
C LEU H 168 -35.32 35.28 -47.31
N LYS H 169 -36.52 34.91 -46.84
CA LYS H 169 -37.14 35.68 -45.77
C LYS H 169 -36.34 35.59 -44.49
N ALA H 170 -35.85 34.39 -44.15
CA ALA H 170 -35.00 34.25 -42.97
C ALA H 170 -33.71 35.03 -43.13
N LEU H 171 -33.11 34.99 -44.32
CA LEU H 171 -31.92 35.80 -44.56
C LEU H 171 -32.24 37.29 -44.55
N ASP H 172 -33.50 37.66 -44.73
CA ASP H 172 -33.90 39.05 -44.84
C ASP H 172 -34.35 39.67 -43.52
N GLY H 173 -34.26 38.92 -42.41
CA GLY H 173 -34.72 39.42 -41.13
C GLY H 173 -36.14 39.06 -40.77
N GLN H 174 -36.88 38.41 -41.67
CA GLN H 174 -38.27 38.00 -41.42
C GLN H 174 -38.27 36.56 -40.93
N TYR H 175 -37.90 36.39 -39.66
CA TYR H 175 -37.80 35.05 -39.09
C TYR H 175 -39.17 34.43 -38.86
N ILE H 176 -40.14 35.21 -38.39
CA ILE H 176 -41.45 34.66 -38.08
C ILE H 176 -42.14 34.16 -39.35
N GLU H 177 -42.08 34.96 -40.42
CA GLU H 177 -42.69 34.55 -41.67
C GLU H 177 -41.98 33.32 -42.24
N ALA H 178 -40.65 33.28 -42.14
CA ALA H 178 -39.92 32.11 -42.61
C ALA H 178 -40.32 30.86 -41.83
N SER H 179 -40.49 31.00 -40.51
CA SER H 179 -40.93 29.87 -39.71
C SER H 179 -42.34 29.43 -40.09
N ASP H 180 -43.21 30.38 -40.39
CA ASP H 180 -44.56 30.04 -40.84
C ASP H 180 -44.52 29.27 -42.15
N ILE H 181 -43.67 29.71 -43.09
CA ILE H 181 -43.54 29.00 -44.36
C ILE H 181 -42.96 27.62 -44.14
N TYR H 182 -42.03 27.50 -43.18
CA TYR H 182 -41.48 26.18 -42.86
C TYR H 182 -42.55 25.27 -42.26
N SER H 183 -43.44 25.83 -41.45
CA SER H 183 -44.56 25.06 -40.93
C SER H 183 -45.47 24.59 -42.05
N LYS H 184 -45.75 25.47 -43.02
CA LYS H 184 -46.54 25.06 -44.17
C LYS H 184 -45.85 23.94 -44.94
N LEU H 185 -44.54 24.04 -45.12
CA LEU H 185 -43.79 22.98 -45.81
C LEU H 185 -43.88 21.68 -45.03
N ILE H 186 -43.76 21.75 -43.71
CA ILE H 186 -43.85 20.54 -42.88
C ILE H 186 -45.22 19.90 -43.05
N LYS H 187 -46.28 20.71 -43.00
CA LYS H 187 -47.62 20.17 -43.13
C LYS H 187 -47.84 19.55 -44.51
N SER H 188 -47.32 20.19 -45.55
CA SER H 188 -47.50 19.67 -46.90
C SER H 188 -46.69 18.39 -47.13
N SER H 189 -45.51 18.28 -46.52
CA SER H 189 -44.65 17.14 -46.73
C SER H 189 -44.89 15.99 -45.75
N MET H 190 -45.76 16.18 -44.76
CA MET H 190 -46.03 15.14 -43.79
C MET H 190 -46.74 13.96 -44.45
N GLY H 191 -46.31 12.76 -44.09
CA GLY H 191 -46.94 11.56 -44.61
C GLY H 191 -46.39 11.12 -45.95
N ASN H 192 -45.49 11.88 -46.54
CA ASN H 192 -44.90 11.53 -47.82
C ASN H 192 -43.57 10.88 -47.56
N ARG H 193 -43.37 9.68 -48.12
CA ARG H 193 -42.11 8.99 -47.95
C ARG H 193 -41.04 9.66 -48.79
N LEU H 194 -41.45 10.45 -49.77
CA LEU H 194 -40.54 11.09 -50.70
C LEU H 194 -39.83 12.33 -50.10
N SER H 195 -40.48 13.10 -49.22
CA SER H 195 -39.88 14.34 -48.69
C SER H 195 -39.38 14.29 -47.25
N GLN H 196 -39.31 13.12 -46.62
CA GLN H 196 -38.95 13.04 -45.20
C GLN H 196 -37.68 13.83 -44.85
N TRP H 197 -36.50 13.57 -45.46
CA TRP H 197 -35.32 14.37 -45.06
C TRP H 197 -35.63 15.84 -45.16
N SER H 198 -36.33 16.25 -46.22
CA SER H 198 -36.68 17.65 -46.30
C SER H 198 -37.33 18.03 -44.98
N LEU H 199 -38.28 17.22 -44.51
CA LEU H 199 -38.90 17.42 -43.20
C LEU H 199 -37.85 17.51 -42.07
N LYS H 200 -36.92 16.54 -42.05
CA LYS H 200 -35.89 16.50 -41.01
C LYS H 200 -35.16 17.82 -40.92
N ASP H 201 -34.91 18.43 -42.08
CA ASP H 201 -34.26 19.73 -42.13
C ASP H 201 -35.25 20.82 -41.80
N TYR H 202 -36.46 20.71 -42.34
CA TYR H 202 -37.50 21.72 -42.15
C TYR H 202 -37.60 22.06 -40.68
N PHE H 203 -37.98 21.06 -39.88
CA PHE H 203 -38.08 21.25 -38.44
C PHE H 203 -36.89 22.03 -37.90
N LEU H 204 -35.69 21.52 -38.13
CA LEU H 204 -34.48 22.22 -37.71
C LEU H 204 -34.51 23.70 -38.11
N LYS H 205 -34.62 23.97 -39.41
CA LYS H 205 -34.66 25.34 -39.93
C LYS H 205 -35.73 26.19 -39.22
N LYS H 206 -36.95 25.67 -39.13
CA LYS H 206 -38.01 26.36 -38.42
C LYS H 206 -37.57 26.75 -37.03
N GLY H 207 -37.07 25.77 -36.27
CA GLY H 207 -36.59 26.05 -34.93
C GLY H 207 -35.51 27.11 -34.93
N LEU H 208 -34.56 27.01 -35.86
CA LEU H 208 -33.51 28.00 -35.98
C LEU H 208 -34.09 29.39 -36.17
N CYS H 209 -35.08 29.51 -37.05
CA CYS H 209 -35.75 30.79 -37.26
C CYS H 209 -36.41 31.29 -35.97
N GLN H 210 -37.11 30.38 -35.27
CA GLN H 210 -37.75 30.75 -34.01
C GLN H 210 -36.71 31.16 -32.97
N LEU H 211 -35.50 30.63 -33.07
CA LEU H 211 -34.41 30.99 -32.18
C LEU H 211 -33.72 32.28 -32.61
N ALA H 212 -33.79 32.61 -33.90
CA ALA H 212 -33.31 33.88 -34.39
C ALA H 212 -34.25 35.00 -33.95
N ALA H 213 -35.51 34.67 -33.71
CA ALA H 213 -36.50 35.61 -33.23
C ALA H 213 -36.52 35.70 -31.71
N THR H 214 -35.58 35.02 -31.03
CA THR H 214 -35.44 34.98 -29.58
C THR H 214 -36.58 34.22 -28.92
N ASP H 215 -37.36 33.47 -29.70
CA ASP H 215 -38.49 32.70 -29.17
C ASP H 215 -38.05 31.27 -28.92
N ALA H 216 -37.33 31.08 -27.82
CA ALA H 216 -36.85 29.74 -27.47
C ALA H 216 -38.01 28.81 -27.15
N VAL H 217 -39.09 29.33 -26.57
CA VAL H 217 -40.23 28.49 -26.27
C VAL H 217 -40.84 27.92 -27.55
N ALA H 218 -40.96 28.76 -28.58
CA ALA H 218 -41.49 28.29 -29.85
C ALA H 218 -40.56 27.25 -30.47
N ALA H 219 -39.24 27.46 -30.36
CA ALA H 219 -38.31 26.47 -30.88
C ALA H 219 -38.46 25.14 -30.16
N ALA H 220 -38.61 25.17 -28.84
CA ALA H 220 -38.82 23.94 -28.08
C ALA H 220 -40.12 23.26 -28.48
N ARG H 221 -41.18 24.05 -28.68
CA ARG H 221 -42.44 23.47 -29.10
C ARG H 221 -42.28 22.78 -30.45
N THR H 222 -41.56 23.43 -31.37
CA THR H 222 -41.32 22.84 -32.69
C THR H 222 -40.51 21.56 -32.57
N LEU H 223 -39.49 21.55 -31.72
CA LEU H 223 -38.70 20.34 -31.53
C LEU H 223 -39.56 19.20 -31.02
N GLN H 224 -40.40 19.50 -30.02
CA GLN H 224 -41.26 18.47 -29.46
C GLN H 224 -42.25 17.96 -30.50
N GLU H 225 -42.83 18.87 -31.29
CA GLU H 225 -43.77 18.48 -32.33
C GLU H 225 -43.10 17.58 -33.35
N GLY H 226 -41.89 17.94 -33.79
CA GLY H 226 -41.18 17.13 -34.75
C GLY H 226 -40.82 15.77 -34.19
N GLN H 227 -40.39 15.73 -32.93
CA GLN H 227 -40.03 14.45 -32.31
C GLN H 227 -41.25 13.54 -32.19
N SER H 228 -42.39 14.09 -31.77
CA SER H 228 -43.57 13.28 -31.56
C SER H 228 -44.27 12.90 -32.85
N GLU H 229 -44.15 13.72 -33.89
CA GLU H 229 -44.88 13.49 -35.14
C GLU H 229 -44.08 12.65 -36.12
N ASP H 230 -42.77 12.90 -36.21
CA ASP H 230 -41.89 12.22 -37.16
C ASP H 230 -40.86 11.36 -36.42
N PRO H 231 -41.02 10.03 -36.40
CA PRO H 231 -40.01 9.19 -35.76
C PRO H 231 -38.62 9.36 -36.33
N ASN H 232 -38.50 9.59 -37.65
CA ASN H 232 -37.19 9.79 -38.25
C ASN H 232 -36.50 11.02 -37.67
N PHE H 233 -37.25 12.12 -37.51
CA PHE H 233 -36.66 13.34 -36.97
C PHE H 233 -36.29 13.18 -35.50
N ALA H 234 -37.02 12.36 -34.77
CA ALA H 234 -36.76 12.22 -33.34
C ALA H 234 -35.34 11.70 -33.10
N ASP H 235 -34.91 10.72 -33.88
CA ASP H 235 -33.59 10.16 -33.75
C ASP H 235 -32.56 10.82 -34.65
N SER H 236 -32.94 11.85 -35.41
CA SER H 236 -32.01 12.51 -36.32
C SER H 236 -31.07 13.45 -35.58
N ARG H 237 -29.86 13.61 -36.13
CA ARG H 237 -28.91 14.53 -35.54
C ARG H 237 -29.45 15.95 -35.51
N GLU H 238 -30.33 16.28 -36.46
CA GLU H 238 -30.90 17.63 -36.49
C GLU H 238 -31.70 17.89 -35.22
N SER H 239 -32.45 16.89 -34.76
CA SER H 239 -33.20 17.06 -33.53
C SER H 239 -32.28 17.29 -32.33
N ASN H 240 -31.20 16.51 -32.23
CA ASN H 240 -30.26 16.70 -31.13
C ASN H 240 -29.60 18.07 -31.21
N PHE H 241 -29.22 18.49 -32.41
CA PHE H 241 -28.60 19.80 -32.57
C PHE H 241 -29.54 20.92 -32.19
N LEU H 242 -30.81 20.81 -32.59
CA LEU H 242 -31.79 21.83 -32.23
C LEU H 242 -32.01 21.86 -30.72
N LYS H 243 -32.07 20.69 -30.09
CA LYS H 243 -32.23 20.67 -28.64
C LYS H 243 -31.02 21.29 -27.95
N SER H 244 -29.82 21.01 -28.44
CA SER H 244 -28.62 21.60 -27.87
C SER H 244 -28.63 23.12 -28.02
N LEU H 245 -29.03 23.61 -29.19
CA LEU H 245 -29.12 25.05 -29.40
C LEU H 245 -30.14 25.67 -28.46
N ILE H 246 -31.29 25.02 -28.29
CA ILE H 246 -32.32 25.54 -27.40
C ILE H 246 -31.80 25.60 -25.98
N ASP H 247 -31.11 24.55 -25.54
CA ASP H 247 -30.55 24.54 -24.19
C ASP H 247 -29.50 25.64 -24.04
N ALA H 248 -28.65 25.81 -25.03
CA ALA H 248 -27.60 26.83 -24.95
C ALA H 248 -28.21 28.22 -24.85
N VAL H 249 -29.23 28.50 -25.65
CA VAL H 249 -29.88 29.81 -25.58
C VAL H 249 -30.57 29.98 -24.23
N ASN H 250 -31.14 28.89 -23.69
CA ASN H 250 -31.78 28.98 -22.39
C ASN H 250 -30.78 29.33 -21.30
N GLU H 251 -29.60 28.72 -21.34
CA GLU H 251 -28.56 29.03 -20.36
C GLU H 251 -27.76 30.27 -20.73
N GLY H 252 -27.97 30.82 -21.93
CA GLY H 252 -27.21 32.00 -22.34
C GLY H 252 -25.72 31.75 -22.45
N ASP H 253 -25.33 30.55 -22.89
CA ASP H 253 -23.93 30.19 -23.04
C ASP H 253 -23.59 30.23 -24.53
N SER H 254 -23.08 31.37 -24.98
CA SER H 254 -22.71 31.51 -26.39
C SER H 254 -21.59 30.54 -26.78
N GLU H 255 -20.62 30.33 -25.89
CA GLU H 255 -19.52 29.42 -26.20
C GLU H 255 -20.03 27.99 -26.36
N GLN H 256 -20.99 27.59 -25.53
CA GLN H 256 -21.58 26.26 -25.69
C GLN H 256 -22.28 26.14 -27.03
N LEU H 257 -22.98 27.21 -27.44
CA LEU H 257 -23.62 27.20 -28.76
C LEU H 257 -22.58 27.06 -29.87
N SER H 258 -21.45 27.76 -29.74
CA SER H 258 -20.40 27.64 -30.74
C SER H 258 -19.84 26.22 -30.78
N GLU H 259 -19.64 25.61 -29.60
CA GLU H 259 -19.15 24.24 -29.56
C GLU H 259 -20.13 23.29 -30.23
N HIS H 260 -21.42 23.47 -29.96
CA HIS H 260 -22.43 22.61 -30.59
C HIS H 260 -22.43 22.81 -32.10
N CYS H 261 -22.28 24.06 -32.55
CA CYS H 261 -22.22 24.32 -33.99
C CYS H 261 -21.02 23.62 -34.63
N LYS H 262 -19.85 23.68 -33.96
CA LYS H 262 -18.68 23.00 -34.50
C LYS H 262 -18.89 21.49 -34.54
N GLU H 263 -19.48 20.93 -33.48
CA GLU H 263 -19.75 19.50 -33.47
C GLU H 263 -20.70 19.11 -34.59
N PHE H 264 -21.73 19.91 -34.81
CA PHE H 264 -22.67 19.63 -35.90
C PHE H 264 -21.98 19.73 -37.25
N ASP H 265 -21.12 20.73 -37.43
CA ASP H 265 -20.39 20.86 -38.69
C ASP H 265 -19.48 19.66 -38.93
N ASN H 266 -18.85 19.15 -37.87
CA ASN H 266 -17.91 18.06 -38.04
C ASN H 266 -18.54 16.84 -38.69
N PHE H 267 -19.83 16.60 -38.47
CA PHE H 267 -20.52 15.45 -39.05
C PHE H 267 -21.43 15.82 -40.20
N MET H 268 -22.08 16.98 -40.14
CA MET H 268 -22.94 17.47 -41.20
C MET H 268 -22.58 18.92 -41.45
N ARG H 269 -22.02 19.18 -42.62
CA ARG H 269 -21.54 20.51 -42.96
C ARG H 269 -22.68 21.52 -42.94
N LEU H 270 -22.42 22.68 -42.33
CA LEU H 270 -23.41 23.74 -42.29
C LEU H 270 -23.38 24.54 -43.59
N ASP H 271 -24.49 25.22 -43.88
CA ASP H 271 -24.65 26.05 -45.06
C ASP H 271 -24.71 27.52 -44.66
N LYS H 272 -24.57 28.39 -45.66
CA LYS H 272 -24.51 29.83 -45.38
C LYS H 272 -25.78 30.32 -44.72
N TRP H 273 -26.92 29.74 -45.06
CA TRP H 273 -28.16 30.11 -44.41
C TRP H 273 -28.08 29.88 -42.91
N LYS H 274 -27.69 28.66 -42.51
CA LYS H 274 -27.54 28.34 -41.10
C LYS H 274 -26.47 29.20 -40.46
N ILE H 275 -25.39 29.48 -41.20
CA ILE H 275 -24.33 30.32 -40.68
C ILE H 275 -24.91 31.68 -40.29
N THR H 276 -25.69 32.27 -41.19
CA THR H 276 -26.26 33.58 -40.92
C THR H 276 -27.22 33.52 -39.73
N ILE H 277 -28.08 32.51 -39.70
CA ILE H 277 -29.05 32.42 -38.61
C ILE H 277 -28.32 32.34 -37.26
N LEU H 278 -27.34 31.45 -37.17
CA LEU H 278 -26.63 31.28 -35.89
C LEU H 278 -25.76 32.48 -35.56
N ASN H 279 -25.25 33.18 -36.57
CA ASN H 279 -24.50 34.39 -36.29
C ASN H 279 -25.40 35.46 -35.69
N LYS H 280 -26.60 35.63 -36.27
CA LYS H 280 -27.54 36.57 -35.69
C LYS H 280 -27.94 36.14 -34.28
N ILE H 281 -28.05 34.84 -34.05
CA ILE H 281 -28.41 34.34 -32.73
C ILE H 281 -27.30 34.66 -31.71
N LYS H 282 -26.05 34.44 -32.09
CA LYS H 282 -24.95 34.75 -31.19
C LYS H 282 -24.85 36.25 -30.94
N GLU H 283 -25.07 37.06 -31.97
CA GLU H 283 -25.11 38.50 -31.77
C GLU H 283 -26.29 38.92 -30.90
N SER H 284 -27.38 38.15 -30.94
CA SER H 284 -28.49 38.41 -30.02
C SER H 284 -28.11 38.07 -28.58
N ILE H 285 -27.34 37.00 -28.39
CA ILE H 285 -26.80 36.72 -27.06
C ILE H 285 -25.91 37.86 -26.59
N GLN H 286 -25.09 38.39 -27.50
CA GLN H 286 -24.26 39.54 -27.15
C GLN H 286 -25.10 40.75 -26.82
N GLN H 287 -26.20 40.95 -27.54
CA GLN H 287 -27.11 42.04 -27.25
C GLN H 287 -27.76 41.86 -25.89
N GLN H 288 -28.12 40.63 -25.55
CA GLN H 288 -28.61 40.35 -24.21
C GLN H 288 -27.56 40.69 -23.16
N GLU H 289 -26.30 40.33 -23.42
CA GLU H 289 -25.20 40.76 -22.55
C GLU H 289 -25.12 42.27 -22.44
N ASP H 290 -25.47 42.99 -23.51
CA ASP H 290 -25.56 44.44 -23.44
C ASP H 290 -26.72 44.89 -22.56
N ASP H 291 -27.87 44.22 -22.70
CA ASP H 291 -29.01 44.46 -21.82
C ASP H 291 -28.71 44.01 -20.39
N LEU H 292 -27.75 43.10 -20.22
CA LEU H 292 -27.32 42.66 -18.91
C LEU H 292 -26.67 43.80 -18.13
N LEU H 293 -26.26 44.86 -18.82
CA LEU H 293 -25.65 46.02 -18.18
C LEU H 293 -26.58 47.23 -18.23
N MET I 2 -64.91 45.22 -66.77
CA MET I 2 -65.10 43.80 -67.19
C MET I 2 -66.58 43.48 -67.37
N SER I 3 -66.89 42.70 -68.39
CA SER I 3 -68.27 42.34 -68.66
C SER I 3 -68.85 41.52 -67.52
N ASP I 4 -70.16 41.64 -67.32
CA ASP I 4 -70.83 40.89 -66.27
C ASP I 4 -70.91 39.42 -66.69
N PRO I 5 -70.35 38.49 -65.91
CA PRO I 5 -70.46 37.08 -66.30
C PRO I 5 -71.88 36.58 -66.40
N VAL I 6 -72.79 37.09 -65.56
CA VAL I 6 -74.18 36.68 -65.62
C VAL I 6 -74.80 37.10 -66.95
N GLU I 7 -74.53 38.33 -67.40
CA GLU I 7 -75.05 38.79 -68.68
C GLU I 7 -74.48 37.97 -69.83
N LEU I 8 -73.18 37.65 -69.75
CA LEU I 8 -72.57 36.81 -70.78
C LEU I 8 -73.22 35.43 -70.82
N LEU I 9 -73.48 34.84 -69.66
CA LEU I 9 -74.14 33.53 -69.63
C LEU I 9 -75.56 33.62 -70.19
N LYS I 10 -76.28 34.70 -69.87
CA LYS I 10 -77.62 34.88 -70.42
C LYS I 10 -77.58 35.00 -71.93
N ARG I 11 -76.62 35.76 -72.46
CA ARG I 11 -76.48 35.90 -73.90
C ARG I 11 -76.13 34.56 -74.54
N ALA I 12 -75.25 33.78 -73.90
CA ALA I 12 -74.90 32.47 -74.42
C ALA I 12 -76.12 31.56 -74.46
N GLU I 13 -76.93 31.58 -73.40
CA GLU I 13 -78.15 30.78 -73.37
C GLU I 13 -79.11 31.21 -74.47
N LYS I 14 -79.24 32.53 -74.68
CA LYS I 14 -80.10 33.02 -75.75
C LYS I 14 -79.62 32.54 -77.11
N LYS I 15 -78.30 32.59 -77.33
CA LYS I 15 -77.74 32.15 -78.61
C LYS I 15 -77.69 30.64 -78.72
N GLY I 16 -77.78 29.93 -77.59
CA GLY I 16 -77.64 28.49 -77.59
C GLY I 16 -78.89 27.73 -77.94
N VAL I 17 -79.97 28.45 -78.24
CA VAL I 17 -81.24 27.81 -78.61
C VAL I 17 -81.15 27.36 -80.06
N PRO I 18 -81.33 26.08 -80.36
CA PRO I 18 -81.25 25.65 -81.75
C PRO I 18 -82.41 26.18 -82.57
N SER I 19 -82.16 26.38 -83.86
CA SER I 19 -83.22 26.82 -84.77
C SER I 19 -84.29 25.75 -84.88
N SER I 20 -85.55 26.17 -84.84
CA SER I 20 -86.68 25.26 -84.86
C SER I 20 -87.72 25.71 -85.87
N GLY I 21 -88.39 24.73 -86.47
CA GLY I 21 -89.51 25.02 -87.35
C GLY I 21 -89.10 25.77 -88.61
N PHE I 22 -89.96 26.70 -89.02
CA PHE I 22 -89.75 27.41 -90.28
C PHE I 22 -88.39 28.08 -90.33
N MET I 23 -87.94 28.64 -89.21
CA MET I 23 -86.66 29.33 -89.20
C MET I 23 -85.51 28.42 -89.63
N LYS I 24 -85.62 27.12 -89.35
CA LYS I 24 -84.55 26.19 -89.73
C LYS I 24 -84.34 26.16 -91.24
N LEU I 25 -85.36 26.49 -92.03
CA LEU I 25 -85.21 26.50 -93.49
C LEU I 25 -84.42 27.70 -93.99
N PHE I 26 -84.30 28.76 -93.19
CA PHE I 26 -83.57 29.96 -93.59
C PHE I 26 -82.32 30.22 -92.75
N SER I 27 -82.23 29.64 -91.56
CA SER I 27 -81.07 29.80 -90.70
C SER I 27 -80.01 28.76 -91.07
N GLY I 28 -78.76 29.21 -91.14
CA GLY I 28 -77.66 28.33 -91.46
C GLY I 28 -77.43 27.30 -90.37
N SER I 29 -76.27 26.65 -90.46
CA SER I 29 -75.92 25.62 -89.49
C SER I 29 -75.89 26.22 -88.08
N ASP I 30 -76.45 25.48 -87.13
CA ASP I 30 -76.49 25.93 -85.74
C ASP I 30 -75.12 25.86 -85.07
N SER I 31 -74.11 25.30 -85.74
CA SER I 31 -72.79 25.16 -85.14
C SER I 31 -72.22 26.52 -84.73
N TYR I 32 -72.41 27.54 -85.58
CA TYR I 32 -71.86 28.85 -85.27
C TYR I 32 -72.51 29.45 -84.02
N LYS I 33 -73.82 29.28 -83.86
CA LYS I 33 -74.49 29.78 -82.66
C LYS I 33 -73.93 29.10 -81.41
N PHE I 34 -73.73 27.78 -81.47
CA PHE I 34 -73.15 27.07 -80.34
C PHE I 34 -71.73 27.54 -80.06
N GLU I 35 -70.95 27.80 -81.11
CA GLU I 35 -69.59 28.28 -80.91
C GLU I 35 -69.60 29.64 -80.23
N GLU I 36 -70.49 30.54 -80.65
CA GLU I 36 -70.56 31.86 -80.02
C GLU I 36 -71.01 31.74 -78.57
N ALA I 37 -71.99 30.89 -78.29
CA ALA I 37 -72.43 30.68 -76.92
C ALA I 37 -71.31 30.12 -76.07
N ALA I 38 -70.54 29.17 -76.61
CA ALA I 38 -69.40 28.61 -75.88
C ALA I 38 -68.36 29.67 -75.59
N ASP I 39 -68.08 30.54 -76.57
CA ASP I 39 -67.12 31.62 -76.35
C ASP I 39 -67.60 32.57 -75.25
N LEU I 40 -68.89 32.93 -75.27
CA LEU I 40 -69.43 33.80 -74.23
C LEU I 40 -69.32 33.13 -72.87
N CYS I 41 -69.64 31.83 -72.79
CA CYS I 41 -69.54 31.11 -71.53
C CYS I 41 -68.09 31.08 -71.05
N VAL I 42 -67.14 30.88 -71.98
CA VAL I 42 -65.74 30.85 -71.61
C VAL I 42 -65.30 32.20 -71.06
N GLN I 43 -65.77 33.29 -71.68
CA GLN I 43 -65.42 34.62 -71.17
C GLN I 43 -65.98 34.84 -69.77
N ALA I 44 -67.27 34.56 -69.57
CA ALA I 44 -67.86 34.71 -68.25
C ALA I 44 -67.13 33.84 -67.23
N ALA I 45 -66.72 32.66 -67.64
CA ALA I 45 -66.08 31.72 -66.73
C ALA I 45 -64.67 32.16 -66.37
N THR I 46 -63.93 32.70 -67.33
CA THR I 46 -62.63 33.29 -67.02
C THR I 46 -62.79 34.45 -66.05
N ILE I 47 -63.84 35.25 -66.23
CA ILE I 47 -64.11 36.32 -65.27
C ILE I 47 -64.36 35.74 -63.87
N TYR I 48 -65.14 34.66 -63.81
CA TYR I 48 -65.39 34.00 -62.51
C TYR I 48 -64.08 33.53 -61.89
N ARG I 49 -63.22 32.91 -62.70
CA ARG I 49 -61.94 32.44 -62.19
C ARG I 49 -61.09 33.60 -61.70
N LEU I 50 -61.09 34.72 -62.43
CA LEU I 50 -60.37 35.89 -61.95
C LEU I 50 -60.92 36.35 -60.62
N ARG I 51 -62.19 36.07 -60.35
CA ARG I 51 -62.81 36.44 -59.07
C ARG I 51 -62.69 35.35 -58.03
N LYS I 52 -62.01 34.24 -58.32
CA LYS I 52 -61.82 33.11 -57.42
C LYS I 52 -63.13 32.38 -57.14
N GLU I 53 -64.18 32.64 -57.90
CA GLU I 53 -65.43 31.89 -57.82
C GLU I 53 -65.30 30.63 -58.66
N LEU I 54 -64.52 29.68 -58.12
CA LEU I 54 -64.09 28.53 -58.92
C LEU I 54 -65.26 27.64 -59.33
N ASN I 55 -66.25 27.49 -58.46
CA ASN I 55 -67.37 26.60 -58.77
C ASN I 55 -68.22 27.16 -59.91
N LEU I 56 -68.52 28.47 -59.88
CA LEU I 56 -69.26 29.08 -60.96
C LEU I 56 -68.47 29.02 -62.27
N ALA I 57 -67.16 29.25 -62.18
CA ALA I 57 -66.32 29.15 -63.38
C ALA I 57 -66.35 27.73 -63.93
N GLY I 58 -66.34 26.73 -63.06
CA GLY I 58 -66.43 25.35 -63.52
C GLY I 58 -67.75 25.06 -64.20
N ASP I 59 -68.85 25.57 -63.62
CA ASP I 59 -70.16 25.41 -64.24
C ASP I 59 -70.18 26.05 -65.62
N SER I 60 -69.53 27.21 -65.75
CA SER I 60 -69.52 27.91 -67.04
C SER I 60 -68.66 27.18 -68.06
N PHE I 61 -67.50 26.65 -67.65
CA PHE I 61 -66.77 25.76 -68.55
C PHE I 61 -67.63 24.57 -68.96
N LEU I 62 -68.41 24.01 -68.03
CA LEU I 62 -69.24 22.86 -68.37
C LEU I 62 -70.27 23.24 -69.44
N LYS I 63 -70.90 24.40 -69.28
CA LYS I 63 -71.86 24.86 -70.27
C LYS I 63 -71.18 25.08 -71.62
N ALA I 64 -69.99 25.69 -71.60
CA ALA I 64 -69.26 25.91 -72.85
C ALA I 64 -68.89 24.59 -73.51
N ALA I 65 -68.50 23.60 -72.72
CA ALA I 65 -68.15 22.29 -73.26
C ALA I 65 -69.36 21.61 -73.87
N ASP I 66 -70.52 21.73 -73.21
CA ASP I 66 -71.74 21.17 -73.78
C ASP I 66 -72.07 21.84 -75.10
N TYR I 67 -71.95 23.17 -75.17
CA TYR I 67 -72.20 23.87 -76.43
C TYR I 67 -71.22 23.45 -77.50
N GLN I 68 -69.95 23.28 -77.13
CA GLN I 68 -68.94 22.83 -78.10
C GLN I 68 -69.27 21.44 -78.62
N LYS I 69 -69.70 20.54 -77.73
CA LYS I 69 -70.15 19.22 -78.16
C LYS I 69 -71.30 19.34 -79.15
N LYS I 70 -72.27 20.21 -78.84
CA LYS I 70 -73.37 20.43 -79.77
C LYS I 70 -72.88 21.00 -81.09
N ALA I 71 -71.76 21.71 -81.08
CA ALA I 71 -71.20 22.29 -82.29
C ALA I 71 -70.33 21.31 -83.07
N GLY I 72 -70.01 20.15 -82.50
CA GLY I 72 -69.16 19.18 -83.15
C GLY I 72 -67.68 19.30 -82.84
N ASN I 73 -67.27 20.33 -82.11
CA ASN I 73 -65.86 20.51 -81.73
C ASN I 73 -65.59 19.71 -80.46
N GLU I 74 -65.38 18.40 -80.63
CA GLU I 74 -65.24 17.52 -79.49
C GLU I 74 -63.93 17.79 -78.74
N ASP I 75 -62.84 18.08 -79.46
CA ASP I 75 -61.57 18.33 -78.80
C ASP I 75 -61.64 19.56 -77.90
N GLU I 76 -62.24 20.64 -78.40
CA GLU I 76 -62.42 21.83 -77.58
C GLU I 76 -63.32 21.54 -76.38
N ALA I 77 -64.34 20.70 -76.58
CA ALA I 77 -65.19 20.31 -75.47
C ALA I 77 -64.39 19.57 -74.41
N GLY I 78 -63.50 18.67 -74.83
CA GLY I 78 -62.67 17.96 -73.88
C GLY I 78 -61.74 18.88 -73.12
N ASN I 79 -61.14 19.85 -73.82
CA ASN I 79 -60.27 20.81 -73.12
C ASN I 79 -61.07 21.61 -72.11
N THR I 80 -62.27 22.05 -72.48
CA THR I 80 -63.10 22.80 -71.55
C THR I 80 -63.51 21.94 -70.37
N TYR I 81 -63.79 20.66 -70.60
CA TYR I 81 -64.10 19.74 -69.50
C TYR I 81 -62.89 19.59 -68.58
N VAL I 82 -61.69 19.55 -69.13
CA VAL I 82 -60.49 19.48 -68.31
C VAL I 82 -60.35 20.73 -67.46
N GLU I 83 -60.63 21.89 -68.04
CA GLU I 83 -60.60 23.13 -67.26
C GLU I 83 -61.66 23.11 -66.16
N ALA I 84 -62.84 22.57 -66.47
CA ALA I 84 -63.88 22.42 -65.45
C ALA I 84 -63.40 21.54 -64.32
N TYR I 85 -62.77 20.42 -64.66
CA TYR I 85 -62.21 19.55 -63.62
C TYR I 85 -61.19 20.30 -62.79
N LYS I 86 -60.30 21.05 -63.44
CA LYS I 86 -59.26 21.79 -62.71
C LYS I 86 -59.89 22.75 -61.71
N CYS I 87 -60.82 23.58 -62.17
CA CYS I 87 -61.36 24.61 -61.27
C CYS I 87 -62.30 24.04 -60.22
N PHE I 88 -63.06 23.00 -60.56
CA PHE I 88 -63.88 22.34 -59.54
C PHE I 88 -63.00 21.71 -58.47
N LYS I 89 -61.93 21.04 -58.89
CA LYS I 89 -61.03 20.42 -57.92
C LYS I 89 -60.39 21.47 -57.04
N SER I 90 -59.95 22.59 -57.64
CA SER I 90 -59.42 23.70 -56.87
C SER I 90 -60.47 24.34 -55.97
N GLY I 91 -61.73 24.32 -56.41
CA GLY I 91 -62.84 24.84 -55.64
C GLY I 91 -63.39 23.89 -54.60
N GLY I 92 -62.85 22.69 -54.50
CA GLY I 92 -63.28 21.73 -53.51
C GLY I 92 -64.50 20.93 -53.89
N ASN I 93 -65.02 21.09 -55.10
CA ASN I 93 -66.21 20.36 -55.56
C ASN I 93 -65.72 19.09 -56.26
N SER I 94 -65.60 18.01 -55.48
CA SER I 94 -65.05 16.77 -56.02
C SER I 94 -66.00 16.10 -57.00
N VAL I 95 -67.32 16.20 -56.75
CA VAL I 95 -68.28 15.51 -57.60
C VAL I 95 -68.28 16.10 -59.00
N ASN I 96 -68.32 17.43 -59.10
CA ASN I 96 -68.31 18.07 -60.42
C ASN I 96 -66.98 17.84 -61.12
N ALA I 97 -65.88 17.81 -60.37
CA ALA I 97 -64.59 17.48 -60.96
C ALA I 97 -64.60 16.06 -61.53
N VAL I 98 -65.19 15.11 -60.80
CA VAL I 98 -65.27 13.73 -61.28
C VAL I 98 -66.10 13.68 -62.56
N ASP I 99 -67.23 14.40 -62.58
CA ASP I 99 -68.07 14.41 -63.78
C ASP I 99 -67.31 14.99 -64.96
N SER I 100 -66.63 16.11 -64.76
CA SER I 100 -65.88 16.75 -65.84
C SER I 100 -64.79 15.82 -66.36
N LEU I 101 -64.07 15.15 -65.45
CA LEU I 101 -63.05 14.21 -65.87
C LEU I 101 -63.67 13.07 -66.66
N GLU I 102 -64.87 12.62 -66.27
CA GLU I 102 -65.52 11.55 -67.01
C GLU I 102 -65.86 11.98 -68.43
N ASN I 103 -66.42 13.18 -68.60
CA ASN I 103 -66.75 13.63 -69.96
C ASN I 103 -65.47 13.80 -70.78
N ALA I 104 -64.43 14.37 -70.17
CA ALA I 104 -63.17 14.56 -70.90
C ALA I 104 -62.58 13.21 -71.31
N ILE I 105 -62.64 12.23 -70.41
CA ILE I 105 -62.10 10.90 -70.71
C ILE I 105 -62.88 10.27 -71.85
N GLN I 106 -64.20 10.37 -71.81
CA GLN I 106 -65.01 9.82 -72.89
C GLN I 106 -64.67 10.48 -74.22
N ILE I 107 -64.55 11.81 -74.23
CA ILE I 107 -64.23 12.52 -75.46
C ILE I 107 -62.88 12.07 -75.99
N PHE I 108 -61.87 12.01 -75.12
CA PHE I 108 -60.53 11.66 -75.56
C PHE I 108 -60.47 10.22 -76.07
N THR I 109 -61.09 9.28 -75.35
CA THR I 109 -61.08 7.90 -75.78
C THR I 109 -61.80 7.74 -77.12
N ARG I 116 -54.67 10.36 -72.96
CA ARG I 116 -55.32 11.37 -72.15
C ARG I 116 -56.36 10.72 -71.28
N GLY I 117 -57.09 9.78 -71.86
CA GLY I 117 -58.06 9.05 -71.08
C GLY I 117 -57.42 8.37 -69.89
N ALA I 118 -56.26 7.76 -70.08
CA ALA I 118 -55.55 7.11 -68.98
C ALA I 118 -55.02 8.09 -67.95
N ASN I 119 -54.43 9.21 -68.39
CA ASN I 119 -53.96 10.21 -67.44
C ASN I 119 -55.11 10.74 -66.60
N PHE I 120 -56.21 11.13 -67.24
CA PHE I 120 -57.33 11.68 -66.51
C PHE I 120 -58.07 10.60 -65.74
N LYS I 121 -57.99 9.34 -66.16
CA LYS I 121 -58.56 8.24 -65.40
C LYS I 121 -57.76 8.01 -64.13
N PHE I 122 -56.44 8.12 -64.21
CA PHE I 122 -55.62 8.03 -63.01
C PHE I 122 -55.94 9.18 -62.06
N GLU I 123 -56.08 10.39 -62.61
CA GLU I 123 -56.46 11.52 -61.76
C GLU I 123 -57.83 11.31 -61.14
N LEU I 124 -58.77 10.77 -61.91
CA LEU I 124 -60.11 10.50 -61.39
C LEU I 124 -60.07 9.44 -60.29
N GLY I 125 -59.25 8.40 -60.47
CA GLY I 125 -59.10 7.41 -59.43
C GLY I 125 -58.49 8.00 -58.17
N GLU I 126 -57.51 8.89 -58.33
CA GLU I 126 -56.96 9.58 -57.17
C GLU I 126 -58.03 10.39 -56.45
N ILE I 127 -58.86 11.11 -57.21
CA ILE I 127 -59.92 11.91 -56.61
C ILE I 127 -60.90 11.01 -55.86
N LEU I 128 -61.28 9.90 -56.49
CA LEU I 128 -62.21 8.98 -55.85
C LEU I 128 -61.61 8.40 -54.57
N GLU I 129 -60.34 8.00 -54.61
CA GLU I 129 -59.74 7.35 -53.45
C GLU I 129 -59.55 8.33 -52.29
N ASN I 130 -59.12 9.55 -52.58
CA ASN I 130 -58.79 10.50 -51.51
C ASN I 130 -59.96 11.39 -51.12
N ASP I 131 -60.68 11.95 -52.11
CA ASP I 131 -61.72 12.92 -51.84
C ASP I 131 -63.07 12.28 -51.55
N LEU I 132 -63.48 11.30 -52.36
CA LEU I 132 -64.78 10.67 -52.21
C LEU I 132 -64.74 9.31 -51.55
N HIS I 133 -63.57 8.70 -51.42
CA HIS I 133 -63.41 7.40 -50.75
C HIS I 133 -64.19 6.30 -51.47
N ASP I 134 -64.44 6.48 -52.77
CA ASP I 134 -65.10 5.46 -53.58
C ASP I 134 -64.04 4.50 -54.10
N TYR I 135 -63.68 3.54 -53.23
CA TYR I 135 -62.51 2.71 -53.49
C TYR I 135 -62.71 1.77 -54.67
N ALA I 136 -63.93 1.27 -54.86
CA ALA I 136 -64.20 0.38 -55.99
C ALA I 136 -64.01 1.11 -57.32
N LYS I 137 -64.59 2.32 -57.42
CA LYS I 137 -64.42 3.11 -58.64
C LYS I 137 -62.95 3.50 -58.84
N ALA I 138 -62.24 3.80 -57.75
CA ALA I 138 -60.82 4.10 -57.86
C ALA I 138 -60.05 2.90 -58.39
N ILE I 139 -60.38 1.71 -57.90
CA ILE I 139 -59.72 0.50 -58.39
C ILE I 139 -60.00 0.30 -59.88
N ASP I 140 -61.25 0.49 -60.29
CA ASP I 140 -61.60 0.35 -61.69
C ASP I 140 -60.83 1.36 -62.55
N CYS I 141 -60.77 2.61 -62.10
CA CYS I 141 -60.06 3.64 -62.85
C CYS I 141 -58.58 3.31 -62.96
N TYR I 142 -57.97 2.87 -61.86
CA TYR I 142 -56.55 2.54 -61.89
C TYR I 142 -56.27 1.36 -62.81
N GLU I 143 -57.13 0.33 -62.75
CA GLU I 143 -56.95 -0.82 -63.63
C GLU I 143 -57.06 -0.41 -65.09
N LEU I 144 -58.08 0.39 -65.42
CA LEU I 144 -58.25 0.81 -66.81
C LEU I 144 -57.09 1.68 -67.26
N ALA I 145 -56.63 2.60 -66.41
CA ALA I 145 -55.52 3.47 -66.78
C ALA I 145 -54.25 2.65 -67.01
N GLY I 146 -53.99 1.67 -66.14
CA GLY I 146 -52.85 0.80 -66.35
C GLY I 146 -52.95 0.01 -67.63
N GLU I 147 -54.14 -0.51 -67.93
CA GLU I 147 -54.32 -1.27 -69.17
C GLU I 147 -54.05 -0.41 -70.39
N TRP I 148 -54.64 0.79 -70.43
CA TRP I 148 -54.39 1.68 -71.57
C TRP I 148 -52.92 2.07 -71.67
N TYR I 149 -52.28 2.36 -70.53
CA TYR I 149 -50.86 2.69 -70.57
C TYR I 149 -50.06 1.53 -71.13
N ALA I 150 -50.41 0.31 -70.74
CA ALA I 150 -49.75 -0.88 -71.30
C ALA I 150 -49.97 -0.96 -72.80
N SER I 158 -48.31 2.10 -66.21
CA SER I 158 -49.12 0.92 -66.06
C SER I 158 -48.72 0.25 -64.75
N ASN I 159 -47.42 0.27 -64.44
CA ASN I 159 -46.92 -0.30 -63.19
C ASN I 159 -47.42 0.49 -61.98
N LYS I 160 -47.39 1.83 -62.05
CA LYS I 160 -47.90 2.69 -60.98
C LYS I 160 -49.40 2.50 -60.78
N CYS I 161 -50.15 2.50 -61.87
CA CYS I 161 -51.59 2.30 -61.79
C CYS I 161 -51.88 0.94 -61.21
N PHE I 162 -51.11 -0.08 -61.61
CA PHE I 162 -51.31 -1.42 -61.08
C PHE I 162 -50.90 -1.49 -59.62
N ILE I 163 -49.89 -0.74 -59.21
CA ILE I 163 -49.55 -0.64 -57.79
C ILE I 163 -50.73 -0.08 -57.01
N LYS I 164 -51.30 1.02 -57.50
CA LYS I 164 -52.44 1.63 -56.84
C LYS I 164 -53.62 0.66 -56.80
N CYS I 165 -53.89 0.01 -57.94
CA CYS I 165 -55.00 -0.92 -58.05
C CYS I 165 -54.83 -2.10 -57.10
N ALA I 166 -53.62 -2.68 -57.07
CA ALA I 166 -53.34 -3.80 -56.19
C ALA I 166 -53.43 -3.39 -54.73
N ASP I 167 -52.90 -2.21 -54.40
CA ASP I 167 -52.99 -1.72 -53.02
C ASP I 167 -54.44 -1.60 -52.60
N LEU I 168 -55.27 -0.94 -53.42
CA LEU I 168 -56.67 -0.76 -53.05
C LEU I 168 -57.40 -2.10 -53.01
N LYS I 169 -57.10 -3.00 -53.95
CA LYS I 169 -57.77 -4.28 -53.98
C LYS I 169 -57.44 -5.11 -52.75
N ALA I 170 -56.16 -5.13 -52.35
CA ALA I 170 -55.76 -5.82 -51.14
C ALA I 170 -56.43 -5.20 -49.92
N LEU I 171 -56.48 -3.86 -49.87
CA LEU I 171 -57.18 -3.22 -48.77
C LEU I 171 -58.68 -3.45 -48.82
N ASP I 172 -59.19 -3.85 -49.98
CA ASP I 172 -60.63 -4.02 -50.18
C ASP I 172 -61.09 -5.46 -49.96
N GLY I 173 -60.20 -6.36 -49.55
CA GLY I 173 -60.56 -7.75 -49.36
C GLY I 173 -60.29 -8.64 -50.56
N GLN I 174 -59.87 -8.08 -51.69
CA GLN I 174 -59.57 -8.87 -52.90
C GLN I 174 -58.08 -9.19 -52.92
N TYR I 175 -57.70 -10.18 -52.11
CA TYR I 175 -56.30 -10.54 -51.99
C TYR I 175 -55.80 -11.27 -53.23
N ILE I 176 -56.62 -12.16 -53.79
CA ILE I 176 -56.18 -12.96 -54.94
C ILE I 176 -55.93 -12.05 -56.15
N GLU I 177 -56.84 -11.13 -56.41
CA GLU I 177 -56.66 -10.22 -57.53
C GLU I 177 -55.46 -9.31 -57.31
N ALA I 178 -55.26 -8.84 -56.08
CA ALA I 178 -54.10 -8.02 -55.78
C ALA I 178 -52.82 -8.80 -56.02
N SER I 179 -52.79 -10.08 -55.62
CA SER I 179 -51.61 -10.91 -55.87
C SER I 179 -51.39 -11.11 -57.36
N ASP I 180 -52.47 -11.28 -58.12
CA ASP I 180 -52.33 -11.41 -59.57
C ASP I 180 -51.73 -10.14 -60.18
N ILE I 181 -52.20 -8.98 -59.73
CA ILE I 181 -51.66 -7.72 -60.24
C ILE I 181 -50.20 -7.57 -59.84
N TYR I 182 -49.86 -8.04 -58.63
CA TYR I 182 -48.46 -8.00 -58.20
C TYR I 182 -47.61 -8.92 -59.06
N SER I 183 -48.15 -10.08 -59.45
CA SER I 183 -47.43 -10.96 -60.37
C SER I 183 -47.22 -10.28 -61.71
N LYS I 184 -48.24 -9.59 -62.21
CA LYS I 184 -48.09 -8.83 -63.46
C LYS I 184 -46.99 -7.78 -63.32
N LEU I 185 -46.99 -7.08 -62.19
CA LEU I 185 -45.95 -6.07 -61.95
C LEU I 185 -44.56 -6.70 -61.91
N ILE I 186 -44.45 -7.86 -61.26
CA ILE I 186 -43.16 -8.55 -61.19
C ILE I 186 -42.69 -8.92 -62.58
N LYS I 187 -43.60 -9.47 -63.40
CA LYS I 187 -43.23 -9.87 -64.75
C LYS I 187 -42.82 -8.66 -65.59
N SER I 188 -43.54 -7.55 -65.44
CA SER I 188 -43.21 -6.35 -66.22
C SER I 188 -41.90 -5.72 -65.78
N SER I 189 -41.58 -5.78 -64.49
CA SER I 189 -40.39 -5.14 -63.97
C SER I 189 -39.16 -6.06 -63.99
N SER I 198 -38.81 -2.09 -56.49
CA SER I 198 -40.20 -2.37 -56.76
C SER I 198 -40.40 -3.88 -56.71
N LEU I 199 -39.57 -4.63 -57.43
CA LEU I 199 -39.60 -6.09 -57.39
C LEU I 199 -39.43 -6.65 -55.97
N LYS I 200 -38.40 -6.18 -55.26
CA LYS I 200 -38.10 -6.65 -53.90
C LYS I 200 -39.32 -6.52 -52.99
N ASP I 201 -40.05 -5.42 -53.15
CA ASP I 201 -41.25 -5.21 -52.36
C ASP I 201 -42.39 -6.01 -52.95
N TYR I 202 -42.49 -6.02 -54.29
CA TYR I 202 -43.57 -6.69 -55.01
C TYR I 202 -43.72 -8.10 -54.48
N PHE I 203 -42.64 -8.89 -54.62
CA PHE I 203 -42.66 -10.25 -54.09
C PHE I 203 -43.25 -10.29 -52.68
N LEU I 204 -42.65 -9.54 -51.76
CA LEU I 204 -43.15 -9.46 -50.39
C LEU I 204 -44.66 -9.22 -50.35
N LYS I 205 -45.11 -8.11 -50.94
CA LYS I 205 -46.53 -7.76 -50.98
C LYS I 205 -47.39 -8.89 -51.51
N LYS I 206 -46.98 -9.45 -52.65
CA LYS I 206 -47.70 -10.58 -53.23
C LYS I 206 -47.85 -11.69 -52.20
N GLY I 207 -46.73 -12.10 -51.60
CA GLY I 207 -46.78 -13.13 -50.58
C GLY I 207 -47.72 -12.77 -49.45
N LEU I 208 -47.63 -11.52 -48.99
CA LEU I 208 -48.52 -11.04 -47.93
C LEU I 208 -49.97 -11.22 -48.32
N CYS I 209 -50.32 -10.84 -49.55
CA CYS I 209 -51.68 -11.04 -50.05
C CYS I 209 -52.07 -12.51 -50.05
N GLN I 210 -51.16 -13.37 -50.54
CA GLN I 210 -51.43 -14.81 -50.56
C GLN I 210 -51.58 -15.35 -49.13
N LEU I 211 -50.94 -14.71 -48.16
CA LEU I 211 -51.06 -15.09 -46.77
C LEU I 211 -52.30 -14.51 -46.12
N ALA I 212 -52.81 -13.40 -46.66
CA ALA I 212 -54.08 -12.85 -46.23
C ALA I 212 -55.23 -13.71 -46.72
N ALA I 213 -55.00 -14.45 -47.80
CA ALA I 213 -55.98 -15.36 -48.36
C ALA I 213 -55.86 -16.76 -47.75
N THR I 214 -55.01 -16.93 -46.74
CA THR I 214 -54.76 -18.19 -46.04
C THR I 214 -54.02 -19.19 -46.91
N ASP I 215 -53.47 -18.76 -48.04
CA ASP I 215 -52.77 -19.65 -48.97
C ASP I 215 -51.27 -19.58 -48.69
N ALA I 216 -50.87 -20.26 -47.62
CA ALA I 216 -49.46 -20.27 -47.24
C ALA I 216 -48.61 -20.97 -48.29
N VAL I 217 -49.15 -21.99 -48.96
CA VAL I 217 -48.41 -22.68 -50.01
C VAL I 217 -48.08 -21.72 -51.16
N ALA I 218 -49.07 -20.90 -51.56
CA ALA I 218 -48.81 -19.94 -52.62
C ALA I 218 -47.78 -18.91 -52.18
N ALA I 219 -47.83 -18.49 -50.91
CA ALA I 219 -46.82 -17.56 -50.41
C ALA I 219 -45.42 -18.18 -50.46
N ALA I 220 -45.31 -19.46 -50.08
CA ALA I 220 -44.02 -20.13 -50.15
C ALA I 220 -43.54 -20.24 -51.61
N ARG I 221 -44.46 -20.56 -52.52
CA ARG I 221 -44.09 -20.62 -53.93
C ARG I 221 -43.59 -19.27 -54.43
N THR I 222 -44.28 -18.20 -54.05
CA THR I 222 -43.85 -16.86 -54.45
C THR I 222 -42.48 -16.54 -53.88
N LEU I 223 -42.25 -16.88 -52.62
CA LEU I 223 -40.94 -16.63 -52.00
C LEU I 223 -39.84 -17.40 -52.74
N GLN I 224 -40.09 -18.67 -53.05
CA GLN I 224 -39.09 -19.45 -53.76
C GLN I 224 -38.84 -18.88 -55.16
N GLU I 225 -39.90 -18.48 -55.86
CA GLU I 225 -39.73 -17.91 -57.19
C GLU I 225 -38.91 -16.64 -57.13
N GLY I 226 -39.20 -15.77 -56.15
CA GLY I 226 -38.45 -14.54 -56.02
C GLY I 226 -36.99 -14.80 -55.67
N GLN I 227 -36.74 -15.75 -54.77
CA GLN I 227 -35.36 -16.07 -54.41
C GLN I 227 -34.57 -16.62 -55.60
N SER I 228 -35.19 -17.52 -56.37
CA SER I 228 -34.48 -18.14 -57.49
C SER I 228 -34.35 -17.22 -58.69
N GLU I 229 -35.28 -16.29 -58.88
CA GLU I 229 -35.30 -15.45 -60.07
C GLU I 229 -34.54 -14.16 -59.88
N ASP I 230 -34.66 -13.55 -58.70
CA ASP I 230 -34.03 -12.26 -58.41
C ASP I 230 -32.98 -12.43 -57.32
N PRO I 231 -31.69 -12.40 -57.65
CA PRO I 231 -30.68 -12.51 -56.58
C PRO I 231 -30.83 -11.43 -55.52
N ASN I 232 -31.27 -10.24 -55.91
CA ASN I 232 -31.46 -9.16 -54.95
C ASN I 232 -32.50 -9.53 -53.90
N PHE I 233 -33.61 -10.13 -54.32
CA PHE I 233 -34.65 -10.49 -53.36
C PHE I 233 -34.21 -11.62 -52.45
N ALA I 234 -33.35 -12.52 -52.95
CA ALA I 234 -32.94 -13.67 -52.15
C ALA I 234 -32.23 -13.24 -50.88
N ASP I 235 -31.33 -12.26 -50.97
CA ASP I 235 -30.60 -11.80 -49.80
C ASP I 235 -31.27 -10.60 -49.14
N SER I 236 -32.43 -10.17 -49.66
CA SER I 236 -33.11 -9.02 -49.11
C SER I 236 -33.87 -9.36 -47.84
N ARG I 237 -33.98 -8.36 -46.97
CA ARG I 237 -34.74 -8.52 -45.74
C ARG I 237 -36.18 -8.88 -46.00
N GLU I 238 -36.72 -8.44 -47.14
CA GLU I 238 -38.11 -8.76 -47.46
C GLU I 238 -38.28 -10.26 -47.61
N SER I 239 -37.31 -10.93 -48.22
CA SER I 239 -37.37 -12.38 -48.36
C SER I 239 -37.34 -13.08 -47.00
N ASN I 240 -36.45 -12.65 -46.11
CA ASN I 240 -36.38 -13.26 -44.78
C ASN I 240 -37.68 -13.01 -44.00
N PHE I 241 -38.21 -11.80 -44.08
CA PHE I 241 -39.45 -11.48 -43.38
C PHE I 241 -40.61 -12.31 -43.91
N LEU I 242 -40.68 -12.46 -45.23
CA LEU I 242 -41.74 -13.27 -45.81
C LEU I 242 -41.60 -14.73 -45.40
N LYS I 243 -40.38 -15.25 -45.38
CA LYS I 243 -40.16 -16.62 -44.94
C LYS I 243 -40.57 -16.78 -43.48
N SER I 244 -40.23 -15.81 -42.64
CA SER I 244 -40.61 -15.87 -41.23
C SER I 244 -42.13 -15.85 -41.08
N LEU I 245 -42.82 -15.00 -41.84
CA LEU I 245 -44.27 -14.96 -41.78
C LEU I 245 -44.88 -16.28 -42.24
N ILE I 246 -44.33 -16.87 -43.31
CA ILE I 246 -44.83 -18.14 -43.80
C ILE I 246 -44.66 -19.22 -42.74
N ASP I 247 -43.48 -19.26 -42.11
CA ASP I 247 -43.25 -20.24 -41.05
C ASP I 247 -44.20 -20.03 -39.89
N ALA I 248 -44.40 -18.77 -39.50
CA ALA I 248 -45.29 -18.48 -38.37
C ALA I 248 -46.72 -18.93 -38.66
N VAL I 249 -47.21 -18.66 -39.88
CA VAL I 249 -48.55 -19.10 -40.23
C VAL I 249 -48.62 -20.62 -40.29
N ASN I 250 -47.54 -21.26 -40.75
CA ASN I 250 -47.53 -22.72 -40.80
C ASN I 250 -47.62 -23.32 -39.41
N GLU I 251 -46.88 -22.75 -38.45
CA GLU I 251 -46.96 -23.24 -37.07
C GLU I 251 -48.14 -22.66 -36.29
N GLY I 252 -48.87 -21.71 -36.87
CA GLY I 252 -49.99 -21.11 -36.18
C GLY I 252 -49.60 -20.37 -34.91
N ASP I 253 -48.44 -19.71 -34.92
CA ASP I 253 -47.95 -18.97 -33.75
C ASP I 253 -48.14 -17.48 -34.06
N SER I 254 -49.27 -16.94 -33.59
CA SER I 254 -49.55 -15.53 -33.80
C SER I 254 -48.53 -14.64 -33.09
N GLU I 255 -48.12 -15.02 -31.89
CA GLU I 255 -47.14 -14.23 -31.16
C GLU I 255 -45.81 -14.18 -31.90
N GLN I 256 -45.40 -15.30 -32.50
CA GLN I 256 -44.17 -15.29 -33.29
C GLN I 256 -44.31 -14.37 -34.50
N LEU I 257 -45.49 -14.36 -35.13
CA LEU I 257 -45.71 -13.44 -36.23
C LEU I 257 -45.61 -11.99 -35.76
N SER I 258 -46.17 -11.69 -34.60
CA SER I 258 -46.06 -10.33 -34.06
C SER I 258 -44.62 -9.96 -33.79
N GLU I 259 -43.85 -10.89 -33.22
CA GLU I 259 -42.44 -10.63 -32.96
C GLU I 259 -41.68 -10.36 -34.26
N HIS I 260 -41.96 -11.16 -35.30
CA HIS I 260 -41.31 -10.94 -36.58
C HIS I 260 -41.70 -9.59 -37.16
N CYS I 261 -42.97 -9.21 -37.03
CA CYS I 261 -43.40 -7.90 -37.50
C CYS I 261 -42.68 -6.78 -36.77
N LYS I 262 -42.53 -6.90 -35.45
CA LYS I 262 -41.80 -5.87 -34.70
C LYS I 262 -40.35 -5.81 -35.13
N GLU I 263 -39.72 -6.97 -35.34
CA GLU I 263 -38.33 -6.98 -35.79
C GLU I 263 -38.20 -6.31 -37.15
N PHE I 264 -39.13 -6.61 -38.06
CA PHE I 264 -39.10 -5.99 -39.38
C PHE I 264 -39.32 -4.49 -39.29
N ASP I 265 -40.24 -4.05 -38.44
CA ASP I 265 -40.48 -2.62 -38.26
C ASP I 265 -39.25 -1.92 -37.71
N ASN I 266 -38.54 -2.56 -36.79
CA ASN I 266 -37.39 -1.94 -36.15
C ASN I 266 -36.34 -1.50 -37.16
N PHE I 267 -36.19 -2.23 -38.26
CA PHE I 267 -35.19 -1.91 -39.27
C PHE I 267 -35.78 -1.25 -40.51
N MET I 268 -36.97 -1.68 -40.91
CA MET I 268 -37.68 -1.11 -42.06
C MET I 268 -39.11 -0.84 -41.63
N ARG I 269 -39.46 0.44 -41.55
CA ARG I 269 -40.78 0.85 -41.06
C ARG I 269 -41.89 0.27 -41.93
N LEU I 270 -42.92 -0.26 -41.28
CA LEU I 270 -44.07 -0.79 -41.99
C LEU I 270 -45.03 0.34 -42.37
N ASP I 271 -45.85 0.08 -43.38
CA ASP I 271 -46.84 1.03 -43.87
C ASP I 271 -48.24 0.52 -43.56
N LYS I 272 -49.22 1.41 -43.69
CA LYS I 272 -50.59 1.06 -43.31
C LYS I 272 -51.12 -0.11 -44.11
N TRP I 273 -50.71 -0.23 -45.38
CA TRP I 273 -51.12 -1.38 -46.18
C TRP I 273 -50.68 -2.68 -45.53
N LYS I 274 -49.39 -2.78 -45.21
CA LYS I 274 -48.87 -3.98 -44.55
C LYS I 274 -49.53 -4.17 -43.19
N ILE I 275 -49.79 -3.07 -42.47
CA ILE I 275 -50.45 -3.16 -41.19
C ILE I 275 -51.79 -3.85 -41.34
N THR I 276 -52.58 -3.42 -42.32
CA THR I 276 -53.89 -4.00 -42.55
C THR I 276 -53.78 -5.47 -42.94
N ILE I 277 -52.85 -5.79 -43.86
CA ILE I 277 -52.73 -7.18 -44.31
C ILE I 277 -52.40 -8.08 -43.14
N LEU I 278 -51.41 -7.69 -42.33
CA LEU I 278 -50.99 -8.53 -41.21
C LEU I 278 -52.04 -8.55 -40.11
N ASN I 279 -52.81 -7.48 -39.95
CA ASN I 279 -53.90 -7.51 -38.98
C ASN I 279 -54.97 -8.51 -39.39
N LYS I 280 -55.34 -8.51 -40.67
CA LYS I 280 -56.28 -9.50 -41.16
C LYS I 280 -55.71 -10.91 -41.03
N ILE I 281 -54.40 -11.06 -41.23
CA ILE I 281 -53.78 -12.37 -41.09
C ILE I 281 -53.85 -12.86 -39.64
N LYS I 282 -53.56 -11.97 -38.68
CA LYS I 282 -53.63 -12.34 -37.28
C LYS I 282 -55.07 -12.65 -36.88
N GLU I 283 -56.02 -11.86 -37.36
CA GLU I 283 -57.43 -12.18 -37.11
C GLU I 283 -57.83 -13.49 -37.76
N SER I 284 -57.20 -13.86 -38.87
CA SER I 284 -57.45 -15.17 -39.46
C SER I 284 -56.88 -16.28 -38.59
N ILE I 285 -55.72 -16.06 -37.98
CA ILE I 285 -55.21 -17.02 -36.99
C ILE I 285 -56.18 -17.15 -35.83
N GLN I 286 -56.73 -16.03 -35.37
CA GLN I 286 -57.73 -16.08 -34.31
C GLN I 286 -58.97 -16.84 -34.76
N GLN I 287 -59.37 -16.65 -36.01
CA GLN I 287 -60.51 -17.39 -36.56
C GLN I 287 -60.22 -18.88 -36.61
N GLN I 288 -58.99 -19.24 -36.99
CA GLN I 288 -58.58 -20.65 -36.93
C GLN I 288 -58.66 -21.18 -35.51
N GLU I 289 -58.20 -20.40 -34.53
CA GLU I 289 -58.39 -20.77 -33.13
C GLU I 289 -59.86 -20.96 -32.78
N ASP I 290 -60.73 -20.17 -33.40
CA ASP I 290 -62.16 -20.40 -33.24
C ASP I 290 -62.60 -21.72 -33.87
N ASP I 291 -62.07 -22.02 -35.06
CA ASP I 291 -62.30 -23.32 -35.69
C ASP I 291 -61.66 -24.47 -34.92
N LEU I 292 -60.65 -24.18 -34.10
CA LEU I 292 -60.06 -25.19 -33.25
C LEU I 292 -61.06 -25.71 -32.23
N LEU I 293 -62.14 -24.97 -32.00
CA LEU I 293 -63.18 -25.36 -31.05
C LEU I 293 -64.46 -25.77 -31.77
N SER J 31 -12.25 -7.87 -42.28
CA SER J 31 -12.49 -8.08 -43.70
C SER J 31 -13.90 -7.63 -44.09
N ARG J 32 -14.86 -7.84 -43.19
CA ARG J 32 -16.23 -7.42 -43.47
C ARG J 32 -16.31 -5.91 -43.64
N THR J 33 -15.61 -5.17 -42.78
CA THR J 33 -15.64 -3.71 -42.88
C THR J 33 -14.94 -3.23 -44.14
N ALA J 34 -13.84 -3.89 -44.52
CA ALA J 34 -13.16 -3.51 -45.75
C ALA J 34 -14.04 -3.78 -46.97
N GLU J 35 -14.75 -4.90 -46.96
CA GLU J 35 -15.67 -5.21 -48.04
C GLU J 35 -16.78 -4.17 -48.11
N LEU J 36 -17.30 -3.77 -46.96
CA LEU J 36 -18.35 -2.76 -46.92
C LEU J 36 -17.83 -1.44 -47.50
N GLN J 37 -16.63 -1.04 -47.08
CA GLN J 37 -16.01 0.16 -47.63
C GLN J 37 -15.86 0.08 -49.15
N ALA J 38 -15.46 -1.08 -49.66
CA ALA J 38 -15.29 -1.24 -51.11
C ALA J 38 -16.64 -1.09 -51.81
N GLU J 39 -17.70 -1.66 -51.24
CA GLU J 39 -19.01 -1.56 -51.86
C GLU J 39 -19.49 -0.11 -51.85
N ILE J 40 -19.24 0.61 -50.76
CA ILE J 40 -19.67 1.99 -50.66
C ILE J 40 -18.93 2.85 -51.66
N ASP J 41 -17.62 2.64 -51.80
CA ASP J 41 -16.84 3.38 -52.80
C ASP J 41 -17.38 3.11 -54.21
N ASP J 42 -17.71 1.85 -54.52
CA ASP J 42 -18.27 1.54 -55.82
C ASP J 42 -19.59 2.25 -56.03
N THR J 43 -20.42 2.31 -54.98
CA THR J 43 -21.73 2.93 -55.14
C THR J 43 -21.60 4.44 -55.29
N VAL J 44 -20.61 5.03 -54.61
CA VAL J 44 -20.31 6.44 -54.82
C VAL J 44 -19.93 6.70 -56.27
N GLY J 45 -19.10 5.83 -56.85
CA GLY J 45 -18.76 5.99 -58.26
C GLY J 45 -19.99 5.94 -59.15
N ILE J 46 -20.86 4.96 -58.91
CA ILE J 46 -22.07 4.82 -59.73
C ILE J 46 -22.96 6.05 -59.59
N MET J 47 -23.05 6.59 -58.36
CA MET J 47 -23.90 7.76 -58.14
C MET J 47 -23.29 9.01 -58.74
N ARG J 48 -21.97 9.12 -58.78
CA ARG J 48 -21.35 10.24 -59.47
C ARG J 48 -21.68 10.17 -60.96
N ASP J 49 -21.63 8.96 -61.51
CA ASP J 49 -22.03 8.77 -62.90
C ASP J 49 -23.47 9.18 -63.10
N ASN J 50 -24.34 8.80 -62.17
CA ASN J 50 -25.75 9.11 -62.26
C ASN J 50 -25.98 10.62 -62.23
N ILE J 51 -25.25 11.33 -61.37
CA ILE J 51 -25.35 12.78 -61.31
C ILE J 51 -25.00 13.39 -62.66
N ASN J 52 -23.92 12.90 -63.28
CA ASN J 52 -23.59 13.40 -64.62
C ASN J 52 -24.71 13.10 -65.62
N LYS J 53 -25.28 11.90 -65.53
CA LYS J 53 -26.36 11.54 -66.44
C LYS J 53 -27.61 12.38 -66.21
N VAL J 54 -27.93 12.67 -64.95
CA VAL J 54 -29.13 13.45 -64.68
C VAL J 54 -28.90 14.89 -65.10
N ALA J 55 -27.66 15.34 -65.09
CA ALA J 55 -27.39 16.65 -65.65
C ALA J 55 -27.70 16.63 -67.14
N GLU J 56 -27.25 15.57 -67.83
CA GLU J 56 -27.57 15.43 -69.25
C GLU J 56 -29.10 15.31 -69.46
N ARG J 57 -29.79 14.64 -68.55
CA ARG J 57 -31.24 14.52 -68.68
C ARG J 57 -31.94 15.87 -68.52
N GLY J 58 -31.50 16.65 -67.53
CA GLY J 58 -32.08 18.00 -67.38
C GLY J 58 -31.86 18.79 -68.64
N GLU J 59 -30.67 18.68 -69.23
CA GLU J 59 -30.35 19.41 -70.47
C GLU J 59 -31.31 18.96 -71.59
N ARG J 60 -31.46 17.65 -71.76
CA ARG J 60 -32.39 17.11 -72.78
C ARG J 60 -33.79 17.66 -72.51
N LEU J 61 -34.12 17.88 -71.23
CA LEU J 61 -35.49 18.27 -70.90
C LEU J 61 -35.73 19.76 -71.07
N THR J 62 -34.74 20.60 -70.76
CA THR J 62 -34.95 22.02 -71.00
C THR J 62 -35.13 22.26 -72.48
N SER J 63 -34.35 21.55 -73.31
CA SER J 63 -34.56 21.74 -74.74
C SER J 63 -35.91 21.22 -75.19
N ILE J 64 -36.30 20.04 -74.71
CA ILE J 64 -37.57 19.47 -75.16
C ILE J 64 -38.76 20.30 -74.68
N GLU J 65 -38.71 20.87 -73.47
CA GLU J 65 -39.81 21.74 -73.06
C GLU J 65 -39.94 22.93 -73.98
N ASP J 66 -38.83 23.56 -74.30
CA ASP J 66 -38.92 24.70 -75.20
C ASP J 66 -39.48 24.27 -76.56
N LYS J 67 -39.03 23.12 -77.11
CA LYS J 67 -39.49 22.70 -78.44
C LYS J 67 -40.95 22.26 -78.42
N ALA J 68 -41.42 21.71 -77.31
CA ALA J 68 -42.82 21.36 -77.21
C ALA J 68 -43.65 22.63 -77.17
N ASP J 69 -43.10 23.69 -76.56
CA ASP J 69 -43.75 24.99 -76.68
C ASP J 69 -43.84 25.45 -78.13
N ASN J 70 -42.72 25.38 -78.86
CA ASN J 70 -42.74 25.69 -80.29
C ASN J 70 -43.83 24.87 -80.99
N LEU J 71 -43.90 23.58 -80.68
CA LEU J 71 -44.86 22.69 -81.32
C LEU J 71 -46.29 23.13 -81.04
N ALA J 72 -46.59 23.46 -79.79
CA ALA J 72 -47.92 23.94 -79.44
C ALA J 72 -48.29 25.20 -80.21
N VAL J 73 -47.35 26.15 -80.28
CA VAL J 73 -47.61 27.39 -81.02
C VAL J 73 -47.88 27.08 -82.50
N SER J 74 -47.04 26.24 -83.09
CA SER J 74 -47.21 25.91 -84.51
C SER J 74 -48.51 25.17 -84.75
N ALA J 75 -48.90 24.28 -83.83
CA ALA J 75 -50.15 23.55 -83.98
C ALA J 75 -51.34 24.50 -83.95
N GLN J 76 -51.35 25.44 -82.99
CA GLN J 76 -52.41 26.44 -82.97
C GLN J 76 -52.43 27.25 -84.26
N GLY J 77 -51.26 27.68 -84.73
CA GLY J 77 -51.19 28.44 -85.97
C GLY J 77 -51.74 27.65 -87.15
N PHE J 78 -51.44 26.35 -87.18
CA PHE J 78 -51.93 25.50 -88.27
C PHE J 78 -53.44 25.35 -88.19
N LYS J 79 -53.97 25.12 -86.98
CA LYS J 79 -55.41 25.06 -86.80
C LYS J 79 -56.08 26.32 -87.33
N ARG J 80 -55.60 27.48 -86.90
CA ARG J 80 -56.17 28.75 -87.34
C ARG J 80 -56.07 28.93 -88.85
N GLY J 81 -54.91 28.62 -89.43
CA GLY J 81 -54.76 28.77 -90.88
C GLY J 81 -55.70 27.86 -91.64
N ALA J 82 -55.82 26.62 -91.19
CA ALA J 82 -56.72 25.67 -91.83
C ALA J 82 -58.16 26.15 -91.71
N ASN J 83 -58.54 26.69 -90.55
CA ASN J 83 -59.89 27.24 -90.38
C ASN J 83 -60.12 28.39 -91.36
N ARG J 84 -59.12 29.25 -91.53
CA ARG J 84 -59.28 30.39 -92.44
C ARG J 84 -59.43 29.91 -93.88
N VAL J 85 -58.73 28.84 -94.25
CA VAL J 85 -58.89 28.29 -95.59
C VAL J 85 -60.25 27.62 -95.72
N ARG J 86 -60.72 26.95 -94.66
CA ARG J 86 -62.04 26.35 -94.68
C ARG J 86 -63.09 27.40 -94.97
N LYS J 87 -63.01 28.54 -94.27
CA LYS J 87 -63.94 29.63 -94.50
C LYS J 87 -63.79 30.19 -95.91
N ALA J 88 -62.55 30.28 -96.41
CA ALA J 88 -62.34 30.80 -97.76
C ALA J 88 -63.02 29.91 -98.80
N MET J 89 -62.76 28.60 -98.74
CA MET J 89 -63.35 27.68 -99.71
C MET J 89 -64.86 27.67 -99.64
N TRP J 90 -65.43 27.83 -98.44
CA TRP J 90 -66.87 27.86 -98.26
C TRP J 90 -67.47 29.06 -98.97
N GLY K 173 10.56 -17.35 15.68
CA GLY K 173 10.17 -15.97 15.98
C GLY K 173 10.56 -15.01 14.87
N GLN K 174 9.69 -14.88 13.88
CA GLN K 174 9.93 -13.97 12.77
C GLN K 174 8.71 -13.97 11.88
N GLN K 175 8.62 -12.96 11.01
CA GLN K 175 7.50 -12.85 10.08
C GLN K 175 8.02 -12.25 8.77
N ILE K 176 7.15 -12.24 7.75
CA ILE K 176 7.57 -11.81 6.42
C ILE K 176 6.40 -11.22 5.65
N PHE K 177 6.71 -10.27 4.76
CA PHE K 177 5.72 -9.65 3.88
C PHE K 177 5.71 -10.38 2.53
N SER K 178 5.21 -9.71 1.48
CA SER K 178 5.24 -10.29 0.14
C SER K 178 4.87 -9.24 -0.90
N GLN K 179 5.58 -9.27 -2.03
CA GLN K 179 5.33 -8.34 -3.14
C GLN K 179 4.89 -9.15 -4.37
N ALA K 180 4.55 -8.46 -5.46
CA ALA K 180 3.99 -9.13 -6.63
C ALA K 180 4.40 -8.47 -7.95
N LEU K 181 4.74 -9.31 -8.94
CA LEU K 181 5.05 -8.88 -10.29
C LEU K 181 3.90 -9.21 -11.24
N LEU K 182 3.63 -8.33 -12.20
CA LEU K 182 2.57 -8.59 -13.15
C LEU K 182 3.04 -9.63 -14.18
N ASN K 183 2.07 -10.14 -14.94
CA ASN K 183 2.36 -11.19 -15.92
C ASN K 183 3.02 -10.61 -17.15
N ALA K 184 4.07 -11.29 -17.62
CA ALA K 184 4.76 -10.84 -18.83
C ALA K 184 3.79 -10.72 -20.01
N ASN K 185 2.91 -11.72 -20.18
CA ASN K 185 1.96 -11.68 -21.28
C ASN K 185 1.30 -10.32 -21.37
N ARG K 186 0.75 -9.85 -20.24
CA ARG K 186 0.11 -8.54 -20.19
C ARG K 186 0.96 -7.52 -20.93
N ARG K 187 2.20 -7.36 -20.49
CA ARG K 187 3.11 -6.40 -21.11
C ARG K 187 2.42 -5.05 -21.18
N GLY K 188 2.52 -4.37 -22.32
CA GLY K 188 1.81 -3.12 -22.50
C GLY K 188 0.40 -3.38 -22.97
N GLU K 189 -0.40 -4.04 -22.14
CA GLU K 189 -1.77 -4.37 -22.55
C GLU K 189 -2.62 -3.14 -22.66
N ALA K 190 -2.17 -2.02 -22.08
CA ALA K 190 -2.91 -0.77 -22.20
C ALA K 190 -3.07 -0.40 -23.67
N LYS K 191 -2.05 -0.70 -24.48
CA LYS K 191 -2.10 -0.38 -25.89
C LYS K 191 -2.02 -1.60 -26.79
N THR K 192 -2.00 -2.81 -26.22
CA THR K 192 -2.01 -4.01 -27.05
C THR K 192 -3.27 -4.03 -27.90
N ALA K 193 -4.40 -3.68 -27.30
CA ALA K 193 -5.66 -3.58 -28.02
C ALA K 193 -6.10 -2.14 -28.24
N LEU K 194 -5.39 -1.16 -27.67
CA LEU K 194 -5.71 0.24 -27.94
C LEU K 194 -5.38 0.59 -29.37
N ALA K 195 -4.16 0.24 -29.80
CA ALA K 195 -3.78 0.40 -31.20
C ALA K 195 -4.83 -0.21 -32.12
N GLU K 196 -5.30 -1.42 -31.79
CA GLU K 196 -6.25 -2.10 -32.66
C GLU K 196 -7.61 -1.40 -32.70
N VAL K 197 -8.11 -0.96 -31.54
CA VAL K 197 -9.38 -0.23 -31.54
C VAL K 197 -9.23 1.10 -32.23
N GLN K 198 -8.05 1.72 -32.11
CA GLN K 198 -7.81 2.99 -32.80
C GLN K 198 -7.79 2.79 -34.31
N ALA K 199 -7.18 1.69 -34.76
CA ALA K 199 -7.16 1.39 -36.19
C ALA K 199 -8.56 1.13 -36.70
N ARG K 200 -9.35 0.35 -35.97
CA ARG K 200 -10.71 0.11 -36.41
C ARG K 200 -11.49 1.42 -36.43
N HIS K 201 -11.31 2.26 -35.41
CA HIS K 201 -12.00 3.54 -35.39
C HIS K 201 -11.65 4.35 -36.63
N GLN K 202 -10.39 4.33 -37.05
CA GLN K 202 -10.01 5.02 -38.28
C GLN K 202 -10.75 4.42 -39.48
N GLU K 203 -10.88 3.09 -39.52
CA GLU K 203 -11.66 2.48 -40.59
C GLU K 203 -13.10 2.97 -40.55
N LEU K 204 -13.68 3.07 -39.36
CA LEU K 204 -15.08 3.46 -39.24
C LEU K 204 -15.25 4.92 -39.62
N LEU K 205 -14.28 5.77 -39.31
CA LEU K 205 -14.33 7.15 -39.73
C LEU K 205 -14.29 7.25 -41.25
N LYS K 206 -13.46 6.42 -41.89
CA LYS K 206 -13.42 6.40 -43.34
C LYS K 206 -14.77 5.99 -43.91
N LEU K 207 -15.37 4.97 -43.29
CA LEU K 207 -16.69 4.51 -43.69
C LEU K 207 -17.72 5.63 -43.57
N GLU K 208 -17.67 6.36 -42.47
CA GLU K 208 -18.62 7.42 -42.22
C GLU K 208 -18.48 8.53 -43.26
N LYS K 209 -17.24 8.89 -43.57
CA LYS K 209 -16.98 9.91 -44.58
C LYS K 209 -17.52 9.50 -45.95
N SER K 210 -17.28 8.25 -46.34
CA SER K 210 -17.76 7.79 -47.64
C SER K 210 -19.28 7.78 -47.67
N MET K 211 -19.91 7.32 -46.59
CA MET K 211 -21.37 7.34 -46.53
C MET K 211 -21.92 8.76 -46.60
N ALA K 212 -21.23 9.71 -45.96
CA ALA K 212 -21.66 11.10 -46.04
C ALA K 212 -21.66 11.58 -47.49
N GLU K 213 -20.59 11.28 -48.22
CA GLU K 213 -20.57 11.67 -49.64
C GLU K 213 -21.67 10.98 -50.43
N LEU K 214 -21.90 9.70 -50.16
CA LEU K 214 -22.91 8.96 -50.90
C LEU K 214 -24.30 9.52 -50.64
N THR K 215 -24.59 9.83 -49.38
CA THR K 215 -25.89 10.40 -49.03
C THR K 215 -26.06 11.76 -49.69
N GLN K 216 -24.99 12.55 -49.75
CA GLN K 216 -25.08 13.84 -50.43
C GLN K 216 -25.41 13.65 -51.90
N LEU K 217 -24.79 12.66 -52.55
CA LEU K 217 -25.09 12.38 -53.95
C LEU K 217 -26.55 11.98 -54.15
N PHE K 218 -27.05 11.08 -53.30
CA PHE K 218 -28.46 10.71 -53.39
C PHE K 218 -29.40 11.90 -53.20
N ASN K 219 -29.10 12.75 -52.22
CA ASN K 219 -29.93 13.93 -51.99
C ASN K 219 -29.92 14.84 -53.22
N ASP K 220 -28.74 15.09 -53.78
CA ASP K 220 -28.64 15.97 -54.95
C ASP K 220 -29.40 15.38 -56.13
N MET K 221 -29.29 14.07 -56.32
CA MET K 221 -30.03 13.41 -57.40
C MET K 221 -31.51 13.62 -57.22
N GLU K 222 -32.00 13.40 -56.00
CA GLU K 222 -33.41 13.61 -55.70
C GLU K 222 -33.85 15.03 -56.04
N GLU K 223 -33.06 16.01 -55.59
CA GLU K 223 -33.41 17.41 -55.86
C GLU K 223 -33.47 17.69 -57.37
N LEU K 224 -32.50 17.18 -58.12
CA LEU K 224 -32.47 17.46 -59.55
C LEU K 224 -33.66 16.82 -60.27
N VAL K 225 -34.07 15.63 -59.83
CA VAL K 225 -35.22 15.00 -60.47
C VAL K 225 -36.50 15.74 -60.11
N ILE K 226 -36.58 16.26 -58.88
CA ILE K 226 -37.71 17.09 -58.51
C ILE K 226 -37.79 18.32 -59.41
N GLU K 227 -36.64 18.94 -59.65
CA GLU K 227 -36.60 20.10 -60.55
C GLU K 227 -37.04 19.74 -61.96
N GLN K 228 -36.57 18.60 -62.49
CA GLN K 228 -36.89 18.20 -63.86
C GLN K 228 -38.36 17.82 -64.02
N GLN K 229 -39.04 17.54 -62.91
CA GLN K 229 -40.47 17.26 -62.97
C GLN K 229 -41.21 18.42 -63.66
N GLU K 230 -40.75 19.66 -63.45
CA GLU K 230 -41.40 20.80 -64.08
C GLU K 230 -41.35 20.69 -65.59
N ASN K 231 -40.17 20.33 -66.10
CA ASN K 231 -40.00 20.21 -67.54
C ASN K 231 -40.94 19.15 -68.08
N VAL K 232 -40.99 18.01 -67.39
CA VAL K 232 -41.84 16.91 -67.86
C VAL K 232 -43.31 17.32 -67.88
N ASP K 233 -43.78 17.99 -66.83
CA ASP K 233 -45.16 18.48 -66.79
C ASP K 233 -45.47 19.38 -67.99
N VAL K 234 -44.65 20.41 -68.20
CA VAL K 234 -44.91 21.35 -69.27
C VAL K 234 -44.87 20.66 -70.62
N ILE K 235 -43.89 19.78 -70.83
CA ILE K 235 -43.76 19.07 -72.10
C ILE K 235 -45.02 18.26 -72.37
N ASP K 236 -45.47 17.50 -71.37
CA ASP K 236 -46.67 16.70 -71.55
C ASP K 236 -47.87 17.56 -71.95
N LYS K 237 -48.08 18.66 -71.22
CA LYS K 237 -49.22 19.52 -71.53
C LYS K 237 -49.12 20.11 -72.93
N ASN K 238 -47.94 20.62 -73.30
CA ASN K 238 -47.79 21.26 -74.60
C ASN K 238 -48.00 20.26 -75.74
N VAL K 239 -47.44 19.06 -75.62
CA VAL K 239 -47.58 18.08 -76.70
C VAL K 239 -49.04 17.64 -76.81
N GLU K 240 -49.73 17.51 -75.68
CA GLU K 240 -51.15 17.15 -75.68
C GLU K 240 -52.00 18.24 -76.35
N ASP K 241 -51.77 19.50 -75.98
CA ASP K 241 -52.50 20.60 -76.59
C ASP K 241 -52.23 20.64 -78.09
N ALA K 242 -50.97 20.47 -78.47
CA ALA K 242 -50.60 20.51 -79.87
C ALA K 242 -51.34 19.42 -80.64
N GLN K 243 -51.41 18.22 -80.07
CA GLN K 243 -52.09 17.13 -80.75
C GLN K 243 -53.54 17.49 -81.02
N LEU K 244 -54.23 18.07 -80.03
CA LEU K 244 -55.64 18.40 -80.27
C LEU K 244 -55.78 19.51 -81.31
N ASP K 245 -54.87 20.48 -81.30
CA ASP K 245 -54.96 21.54 -82.30
C ASP K 245 -54.68 20.99 -83.70
N VAL K 246 -53.73 20.07 -83.82
CA VAL K 246 -53.44 19.47 -85.12
C VAL K 246 -54.66 18.70 -85.61
N GLU K 247 -55.31 17.95 -84.72
CA GLU K 247 -56.51 17.21 -85.08
C GLU K 247 -57.60 18.16 -85.59
N GLN K 248 -57.82 19.27 -84.88
CA GLN K 248 -58.80 20.25 -85.34
C GLN K 248 -58.41 20.81 -86.70
N GLY K 249 -57.14 21.15 -86.87
CA GLY K 249 -56.68 21.68 -88.13
C GLY K 249 -56.92 20.73 -89.29
N VAL K 250 -56.62 19.44 -89.08
CA VAL K 250 -56.89 18.44 -90.11
C VAL K 250 -58.38 18.40 -90.42
N GLY K 251 -59.23 18.49 -89.39
CA GLY K 251 -60.66 18.55 -89.65
C GLY K 251 -61.03 19.73 -90.53
N HIS K 252 -60.39 20.88 -90.28
CA HIS K 252 -60.66 22.06 -91.10
C HIS K 252 -60.19 21.87 -92.53
N THR K 253 -59.02 21.26 -92.72
CA THR K 253 -58.56 21.03 -94.09
C THR K 253 -59.44 20.04 -94.81
N ASP K 254 -60.02 19.08 -94.07
CA ASP K 254 -60.95 18.14 -94.67
C ASP K 254 -62.18 18.85 -95.18
N LYS K 255 -62.79 19.68 -94.33
CA LYS K 255 -63.98 20.43 -94.77
C LYS K 255 -63.63 21.38 -95.92
N ALA K 256 -62.46 22.00 -95.86
CA ALA K 256 -62.03 22.88 -96.94
C ALA K 256 -61.94 22.13 -98.25
N VAL K 257 -61.38 20.91 -98.23
CA VAL K 257 -61.29 20.11 -99.44
C VAL K 257 -62.67 19.73 -99.92
N LYS K 258 -63.57 19.38 -98.98
CA LYS K 258 -64.93 19.03 -99.34
C LYS K 258 -65.60 20.17 -100.10
N SER K 259 -65.38 21.41 -99.66
CA SER K 259 -65.98 22.55 -100.34
C SER K 259 -65.29 22.84 -101.67
N ALA K 260 -63.97 22.82 -101.70
CA ALA K 260 -63.23 23.17 -102.91
C ALA K 260 -63.52 22.22 -104.07
N ARG K 261 -63.88 20.98 -103.78
CA ARG K 261 -64.21 20.02 -104.83
C ARG K 261 -65.49 20.43 -105.55
N ILE L 5 -9.22 3.34 -24.35
CA ILE L 5 -9.87 2.27 -25.10
C ILE L 5 -11.38 2.44 -25.05
N LYS L 6 -11.91 2.72 -23.86
CA LYS L 6 -13.34 2.91 -23.70
C LYS L 6 -13.82 4.12 -24.50
N PHE L 7 -13.07 5.22 -24.44
CA PHE L 7 -13.43 6.41 -25.20
C PHE L 7 -13.41 6.14 -26.69
N THR L 8 -12.41 5.41 -27.18
CA THR L 8 -12.33 5.10 -28.60
C THR L 8 -13.50 4.23 -29.04
N LYS L 9 -13.86 3.24 -28.23
CA LYS L 9 -15.01 2.39 -28.54
C LYS L 9 -16.28 3.22 -28.59
N GLN L 10 -16.45 4.14 -27.63
CA GLN L 10 -17.63 5.00 -27.65
C GLN L 10 -17.67 5.84 -28.92
N SER L 11 -16.52 6.37 -29.33
CA SER L 11 -16.43 7.13 -30.57
C SER L 11 -16.81 6.27 -31.76
N SER L 12 -16.39 5.01 -31.76
CA SER L 12 -16.72 4.12 -32.86
C SER L 12 -18.22 3.85 -32.90
N VAL L 13 -18.84 3.69 -31.73
CA VAL L 13 -20.29 3.49 -31.68
C VAL L 13 -21.00 4.69 -32.30
N ALA L 14 -20.61 5.90 -31.87
CA ALA L 14 -21.22 7.10 -32.41
C ALA L 14 -21.03 7.20 -33.93
N SER L 15 -19.82 6.87 -34.40
CA SER L 15 -19.55 6.91 -35.83
C SER L 15 -20.47 5.96 -36.59
N THR L 16 -20.61 4.73 -36.11
CA THR L 16 -21.46 3.79 -36.81
C THR L 16 -22.93 4.21 -36.73
N ARG L 17 -23.35 4.86 -35.65
CA ARG L 17 -24.72 5.35 -35.58
C ARG L 17 -24.97 6.39 -36.66
N ASN L 18 -24.04 7.33 -36.81
CA ASN L 18 -24.21 8.34 -37.85
C ASN L 18 -24.15 7.71 -39.24
N THR L 19 -23.20 6.80 -39.47
CA THR L 19 -23.14 6.12 -40.76
C THR L 19 -24.45 5.41 -41.10
N LEU L 20 -25.06 4.73 -40.13
CA LEU L 20 -26.36 4.09 -40.38
C LEU L 20 -27.43 5.12 -40.72
N LYS L 21 -27.52 6.18 -39.93
CA LYS L 21 -28.52 7.21 -40.21
C LYS L 21 -28.33 7.77 -41.62
N MET L 22 -27.10 8.09 -42.00
CA MET L 22 -26.84 8.62 -43.34
C MET L 22 -27.16 7.57 -44.42
N ALA L 23 -26.84 6.31 -44.17
CA ALA L 23 -27.15 5.27 -45.15
C ALA L 23 -28.65 5.22 -45.39
N GLN L 24 -29.43 5.35 -44.32
CA GLN L 24 -30.88 5.44 -44.45
C GLN L 24 -31.26 6.69 -45.21
N ASP L 25 -30.47 7.76 -45.02
CA ASP L 25 -30.70 9.00 -45.76
C ASP L 25 -30.61 8.78 -47.26
N ALA L 26 -29.54 8.10 -47.67
CA ALA L 26 -29.32 7.76 -49.05
C ALA L 26 -30.45 6.91 -49.58
N GLU L 27 -30.87 5.93 -48.79
CA GLU L 27 -31.92 5.04 -49.27
C GLU L 27 -33.25 5.71 -49.55
N ARG L 28 -33.75 6.52 -48.63
CA ARG L 28 -35.01 7.19 -48.93
C ARG L 28 -34.87 8.07 -50.16
N ALA L 29 -33.81 8.88 -50.22
CA ALA L 29 -33.65 9.77 -51.37
C ALA L 29 -33.64 8.95 -52.66
N GLY L 30 -32.92 7.83 -52.68
CA GLY L 30 -32.86 7.01 -53.88
C GLY L 30 -34.21 6.42 -54.26
N MET L 31 -34.99 6.00 -53.27
CA MET L 31 -36.29 5.42 -53.58
C MET L 31 -37.21 6.49 -54.16
N ASN L 32 -37.14 7.70 -53.62
CA ASN L 32 -37.92 8.80 -54.22
C ASN L 32 -37.47 9.08 -55.64
N THR L 33 -36.16 9.04 -55.88
CA THR L 33 -35.69 9.34 -57.21
C THR L 33 -36.24 8.33 -58.20
N LEU L 34 -36.20 7.05 -57.83
CA LEU L 34 -36.74 6.02 -58.71
C LEU L 34 -38.25 6.17 -58.91
N GLY L 35 -38.99 6.51 -57.86
CA GLY L 35 -40.42 6.71 -58.03
C GLY L 35 -40.74 7.83 -59.00
N MET L 36 -40.07 8.97 -58.80
CA MET L 36 -40.27 10.12 -59.66
C MET L 36 -39.86 9.79 -61.09
N LEU L 37 -38.74 9.08 -61.26
CA LEU L 37 -38.32 8.70 -62.59
C LEU L 37 -39.31 7.77 -63.28
N GLY L 38 -39.97 6.90 -62.53
CA GLY L 38 -40.97 6.08 -63.17
C GLY L 38 -42.15 6.91 -63.63
N HIS L 39 -42.60 7.83 -62.77
CA HIS L 39 -43.68 8.74 -63.16
C HIS L 39 -43.31 9.61 -64.36
N GLN L 40 -42.10 10.18 -64.37
CA GLN L 40 -41.67 11.05 -65.48
C GLN L 40 -41.41 10.27 -66.78
N SER L 41 -40.92 9.04 -66.67
CA SER L 41 -40.75 8.17 -67.81
C SER L 41 -42.08 7.97 -68.45
N GLU L 42 -43.08 7.79 -67.58
CA GLU L 42 -44.46 7.54 -68.08
C GLU L 42 -45.01 8.83 -68.70
N GLN L 43 -44.79 9.99 -68.08
CA GLN L 43 -45.29 11.18 -68.76
C GLN L 43 -44.71 11.23 -70.16
N LEU L 44 -43.41 10.91 -70.28
CA LEU L 44 -42.73 10.91 -71.57
C LEU L 44 -43.30 9.84 -72.51
N ASN L 45 -43.79 8.73 -71.98
CA ASN L 45 -44.51 7.76 -72.83
C ASN L 45 -45.76 8.39 -73.40
N ASN L 46 -46.44 9.19 -72.57
CA ASN L 46 -47.64 9.85 -73.08
C ASN L 46 -47.25 10.81 -74.20
N VAL L 47 -46.18 11.55 -73.98
CA VAL L 47 -45.64 12.46 -75.00
C VAL L 47 -45.35 11.70 -76.29
N GLU L 48 -44.73 10.54 -76.15
CA GLU L 48 -44.38 9.72 -77.31
C GLU L 48 -45.62 9.34 -78.11
N GLY L 49 -46.69 8.95 -77.42
CA GLY L 49 -47.91 8.61 -78.14
C GLY L 49 -48.48 9.76 -78.96
N ASN L 50 -48.54 10.97 -78.37
CA ASN L 50 -49.07 12.13 -79.11
C ASN L 50 -48.17 12.48 -80.28
N LEU L 51 -46.87 12.35 -80.11
CA LEU L 51 -45.99 12.62 -81.23
C LEU L 51 -46.31 11.65 -82.37
N ASP L 52 -46.54 10.38 -82.04
CA ASP L 52 -46.90 9.41 -83.08
C ASP L 52 -48.22 9.79 -83.76
N LEU L 53 -49.22 10.15 -82.96
CA LEU L 53 -50.53 10.52 -83.52
C LEU L 53 -50.41 11.75 -84.41
N MET L 54 -49.65 12.74 -83.96
CA MET L 54 -49.46 13.96 -84.74
C MET L 54 -48.71 13.65 -86.02
N LYS L 55 -47.79 12.68 -86.01
CA LYS L 55 -47.15 12.28 -87.26
C LYS L 55 -48.19 11.78 -88.26
N VAL L 56 -49.10 10.91 -87.80
CA VAL L 56 -50.14 10.39 -88.70
C VAL L 56 -51.02 11.54 -89.21
N GLN L 57 -51.43 12.43 -88.31
CA GLN L 57 -52.29 13.54 -88.69
C GLN L 57 -51.57 14.50 -89.64
N ASN L 58 -50.26 14.69 -89.47
CA ASN L 58 -49.52 15.50 -90.41
C ASN L 58 -49.45 14.85 -91.79
N LYS L 59 -49.40 13.51 -91.85
CA LYS L 59 -49.47 12.86 -93.16
C LYS L 59 -50.78 13.18 -93.85
N VAL L 60 -51.88 13.06 -93.10
CA VAL L 60 -53.19 13.41 -93.65
C VAL L 60 -53.22 14.88 -94.07
N ALA L 61 -52.69 15.76 -93.23
CA ALA L 61 -52.67 17.18 -93.55
C ALA L 61 -51.85 17.45 -94.80
N ASP L 62 -50.72 16.75 -94.96
CA ASP L 62 -49.91 16.93 -96.15
C ASP L 62 -50.74 16.68 -97.39
N GLU L 63 -51.49 15.58 -97.40
CA GLU L 63 -52.22 15.22 -98.61
C GLU L 63 -53.43 16.15 -98.83
N LYS L 64 -54.09 16.56 -97.76
CA LYS L 64 -55.20 17.51 -97.89
C LYS L 64 -54.72 18.87 -98.39
N VAL L 65 -53.61 19.39 -97.84
CA VAL L 65 -53.08 20.67 -98.30
C VAL L 65 -52.66 20.58 -99.75
N ALA L 66 -52.00 19.48 -100.14
CA ALA L 66 -51.60 19.32 -101.54
C ALA L 66 -52.81 19.38 -102.46
N GLU L 67 -53.87 18.65 -102.13
CA GLU L 67 -55.06 18.71 -102.98
C GLU L 67 -55.67 20.11 -102.99
N LEU L 68 -55.74 20.76 -101.83
CA LEU L 68 -56.26 22.13 -101.79
C LEU L 68 -55.49 23.03 -102.75
N LYS L 69 -54.16 22.92 -102.76
CA LYS L 69 -53.38 23.74 -103.68
C LYS L 69 -53.70 23.39 -105.12
N LYS L 70 -53.87 22.09 -105.41
CA LYS L 70 -54.23 21.69 -106.76
C LYS L 70 -55.58 22.25 -107.18
N LEU L 71 -56.50 22.41 -106.23
CA LEU L 71 -57.84 22.91 -106.54
C LEU L 71 -57.86 24.44 -106.57
N GLU L 161 -21.04 -4.60 -24.66
CA GLU L 161 -22.19 -3.90 -25.22
C GLU L 161 -21.79 -3.03 -26.41
N MET L 162 -20.69 -2.28 -26.28
CA MET L 162 -20.28 -1.41 -27.37
C MET L 162 -19.80 -2.23 -28.57
N GLU L 163 -19.07 -3.31 -28.31
CA GLU L 163 -18.63 -4.19 -29.40
C GLU L 163 -19.82 -4.78 -30.13
N LEU L 164 -20.83 -5.22 -29.37
CA LEU L 164 -22.00 -5.82 -29.99
C LEU L 164 -22.78 -4.80 -30.80
N GLU L 165 -22.88 -3.56 -30.30
CA GLU L 165 -23.60 -2.54 -31.05
C GLU L 165 -22.85 -2.17 -32.31
N ILE L 166 -21.52 -2.03 -32.24
CA ILE L 166 -20.74 -1.78 -33.44
C ILE L 166 -21.03 -2.86 -34.48
N ASP L 167 -21.02 -4.12 -34.04
CA ASP L 167 -21.31 -5.22 -34.97
C ASP L 167 -22.71 -5.11 -35.58
N ARG L 168 -23.72 -4.84 -34.75
CA ARG L 168 -25.09 -4.76 -35.25
C ARG L 168 -25.29 -3.56 -36.18
N ASN L 169 -24.66 -2.43 -35.85
CA ASN L 169 -24.74 -1.26 -36.71
C ASN L 169 -24.08 -1.52 -38.05
N LEU L 170 -22.90 -2.14 -38.04
CA LEU L 170 -22.26 -2.54 -39.29
C LEU L 170 -23.14 -3.50 -40.08
N ASP L 171 -23.81 -4.43 -39.39
CA ASP L 171 -24.74 -5.31 -40.07
C ASP L 171 -25.75 -4.50 -40.86
N GLN L 172 -26.37 -3.53 -40.18
CA GLN L 172 -27.43 -2.75 -40.82
C GLN L 172 -26.88 -1.86 -41.92
N ILE L 173 -25.72 -1.24 -41.69
CA ILE L 173 -25.08 -0.44 -42.74
C ILE L 173 -24.82 -1.29 -43.98
N GLN L 174 -24.39 -2.54 -43.78
CA GLN L 174 -24.17 -3.43 -44.92
C GLN L 174 -25.48 -3.71 -45.65
N GLN L 175 -26.56 -3.87 -44.89
CA GLN L 175 -27.86 -4.16 -45.47
C GLN L 175 -28.33 -2.99 -46.34
N VAL L 176 -28.24 -1.79 -45.78
CA VAL L 176 -28.68 -0.61 -46.50
C VAL L 176 -27.74 -0.37 -47.68
N SER L 177 -26.43 -0.52 -47.48
CA SER L 177 -25.45 -0.35 -48.54
C SER L 177 -25.75 -1.25 -49.72
N ASN L 178 -26.14 -2.50 -49.46
CA ASN L 178 -26.48 -3.38 -50.57
C ASN L 178 -27.61 -2.76 -51.35
N ARG L 179 -28.60 -2.22 -50.63
CA ARG L 179 -29.71 -1.63 -51.34
C ARG L 179 -29.30 -0.32 -52.05
N LEU L 180 -28.38 0.44 -51.45
CA LEU L 180 -27.91 1.67 -52.08
C LEU L 180 -27.15 1.37 -53.37
N LYS L 181 -26.30 0.34 -53.37
CA LYS L 181 -25.59 -0.03 -54.59
C LYS L 181 -26.55 -0.41 -55.70
N LYS L 182 -27.48 -1.29 -55.38
CA LYS L 182 -28.47 -1.67 -56.37
C LYS L 182 -29.21 -0.44 -56.89
N MET L 183 -29.53 0.50 -56.01
CA MET L 183 -30.21 1.73 -56.43
C MET L 183 -29.38 2.56 -57.38
N ALA L 184 -28.07 2.68 -57.12
CA ALA L 184 -27.23 3.48 -58.02
C ALA L 184 -27.19 2.85 -59.39
N LEU L 185 -27.04 1.53 -59.43
CA LEU L 185 -27.03 0.83 -60.71
C LEU L 185 -28.37 1.04 -61.41
N THR L 186 -29.44 0.88 -60.64
CA THR L 186 -30.79 1.00 -61.14
C THR L 186 -31.11 2.39 -61.70
N THR L 187 -30.69 3.42 -61.00
CA THR L 187 -30.97 4.78 -61.48
C THR L 187 -30.23 5.04 -62.78
N GLY L 188 -28.99 4.54 -62.86
CA GLY L 188 -28.24 4.65 -64.09
C GLY L 188 -28.94 4.04 -65.29
N LYS L 189 -29.52 2.84 -65.13
CA LYS L 189 -30.18 2.23 -66.30
C LYS L 189 -31.35 3.10 -66.77
N GLU L 190 -32.12 3.68 -65.85
CA GLU L 190 -33.26 4.48 -66.33
C GLU L 190 -32.78 5.74 -67.00
N LEU L 191 -31.73 6.33 -66.45
CA LEU L 191 -31.22 7.53 -67.10
C LEU L 191 -30.76 7.21 -68.51
N ASP L 192 -30.08 6.07 -68.71
CA ASP L 192 -29.69 5.69 -70.07
C ASP L 192 -30.90 5.54 -70.99
N SER L 193 -31.90 4.77 -70.55
CA SER L 193 -33.06 4.51 -71.39
C SER L 193 -33.83 5.79 -71.70
N GLN L 194 -34.10 6.58 -70.67
CA GLN L 194 -34.83 7.82 -70.90
C GLN L 194 -34.01 8.77 -71.74
N GLN L 195 -32.69 8.73 -71.64
CA GLN L 195 -31.90 9.63 -72.45
C GLN L 195 -32.11 9.36 -73.92
N LYS L 196 -32.12 8.07 -74.29
CA LYS L 196 -32.38 7.75 -75.70
C LYS L 196 -33.81 8.12 -76.10
N ARG L 197 -34.75 7.85 -75.21
CA ARG L 197 -36.15 8.24 -75.45
C ARG L 197 -36.29 9.75 -75.62
N LEU L 198 -35.64 10.53 -74.76
CA LEU L 198 -35.67 11.99 -74.86
C LEU L 198 -35.04 12.47 -76.15
N ASN L 199 -33.92 11.87 -76.56
CA ASN L 199 -33.31 12.26 -77.82
C ASN L 199 -34.31 12.07 -78.96
N ASN L 200 -35.00 10.94 -78.97
CA ASN L 200 -35.98 10.67 -80.02
C ASN L 200 -37.17 11.61 -79.92
N ILE L 201 -37.63 11.91 -78.70
CA ILE L 201 -38.71 12.87 -78.51
C ILE L 201 -38.32 14.23 -79.05
N GLU L 202 -37.09 14.66 -78.77
CA GLU L 202 -36.65 15.97 -79.24
C GLU L 202 -36.69 16.01 -80.76
N GLU L 203 -36.10 14.98 -81.40
CA GLU L 203 -36.07 14.98 -82.86
C GLU L 203 -37.48 14.94 -83.45
N SER L 204 -38.36 14.06 -82.93
CA SER L 204 -39.71 13.96 -83.46
C SER L 204 -40.50 15.25 -83.26
N THR L 205 -40.37 15.84 -82.07
CA THR L 205 -41.05 17.13 -81.82
C THR L 205 -40.47 18.14 -82.78
N ASP L 206 -39.14 18.19 -82.88
CA ASP L 206 -38.47 19.15 -83.81
C ASP L 206 -39.12 19.04 -85.19
N ASP L 207 -39.19 17.83 -85.74
CA ASP L 207 -39.76 17.63 -87.10
C ASP L 207 -41.20 18.15 -87.15
N LEU L 208 -42.10 17.53 -86.38
CA LEU L 208 -43.54 17.91 -86.43
C LEU L 208 -43.67 19.45 -86.44
N ASP L 209 -42.99 20.11 -85.51
CA ASP L 209 -43.03 21.61 -85.45
C ASP L 209 -42.90 22.16 -86.87
N ILE L 210 -41.84 21.77 -87.58
CA ILE L 210 -41.64 22.23 -88.96
C ILE L 210 -42.74 21.75 -89.90
N ASN L 211 -43.16 20.48 -89.79
CA ASN L 211 -44.20 20.04 -90.73
C ASN L 211 -45.41 20.96 -90.60
N LEU L 212 -45.73 21.35 -89.38
CA LEU L 212 -46.85 22.24 -89.16
C LEU L 212 -46.59 23.61 -89.80
N HIS L 213 -45.36 24.14 -89.63
CA HIS L 213 -45.02 25.40 -90.28
C HIS L 213 -45.14 25.29 -91.81
N MET L 214 -44.70 24.17 -92.37
CA MET L 214 -44.78 23.91 -93.80
C MET L 214 -46.21 24.04 -94.28
N ASN L 215 -47.10 23.27 -93.68
CA ASN L 215 -48.50 23.31 -94.09
C ASN L 215 -49.15 24.65 -93.81
N THR L 216 -48.76 25.33 -92.73
CA THR L 216 -49.32 26.67 -92.46
C THR L 216 -48.93 27.66 -93.55
N ASN L 217 -47.66 27.69 -93.94
CA ASN L 217 -47.25 28.57 -95.03
C ASN L 217 -48.00 28.23 -96.31
N ARG L 218 -48.17 26.94 -96.61
CA ARG L 218 -48.91 26.57 -97.82
C ARG L 218 -50.37 27.01 -97.74
N LEU L 219 -51.01 26.82 -96.58
CA LEU L 219 -52.40 27.24 -96.43
C LEU L 219 -52.55 28.74 -96.57
N ALA L 220 -51.56 29.51 -96.10
CA ALA L 220 -51.63 30.96 -96.20
C ALA L 220 -51.84 31.40 -97.64
N GLY L 221 -51.30 30.68 -98.60
CA GLY L 221 -51.36 31.05 -99.99
C GLY L 221 -52.59 30.58 -100.73
N ILE L 222 -53.50 29.89 -100.04
CA ILE L 222 -54.70 29.36 -100.65
C ILE L 222 -55.90 30.23 -100.29
PB ADP M . 21.79 -47.14 14.74
O1B ADP M . 22.69 -46.00 15.15
O2B ADP M . 20.40 -46.74 14.35
O3B ADP M . 21.87 -48.35 15.63
PA ADP M . 22.46 -49.24 13.13
O1A ADP M . 23.51 -49.82 14.05
O2A ADP M . 21.05 -49.77 13.24
O3A ADP M . 22.43 -47.66 13.36
O5' ADP M . 22.98 -49.42 11.63
C5' ADP M . 22.94 -50.74 11.11
C4' ADP M . 24.34 -51.18 10.69
O4' ADP M . 24.89 -51.98 11.73
C3' ADP M . 24.37 -52.01 9.42
O3' ADP M . 25.62 -51.89 8.75
C2' ADP M . 24.16 -53.38 9.98
O2' ADP M . 24.68 -54.39 9.13
C1' ADP M . 24.92 -53.35 11.30
N9 ADP M . 24.24 -54.19 12.30
C8 ADP M . 23.83 -53.75 13.49
N7 ADP M . 23.23 -54.75 14.19
C5 ADP M . 23.27 -55.85 13.43
C6 ADP M . 22.82 -57.24 13.57
N6 ADP M . 22.21 -57.65 14.70
N1 ADP M . 23.06 -58.09 12.55
C2 ADP M . 23.68 -57.68 11.43
N3 ADP M . 24.11 -56.42 11.24
C4 ADP M . 23.94 -55.48 12.18
H5'1 ADP M . 22.26 -50.77 10.25
H5'2 ADP M . 22.55 -51.42 11.87
H4' ADP M . 24.95 -50.28 10.54
H3' ADP M . 23.53 -51.73 8.76
HO3' ADP M . 25.61 -52.41 7.93
H2' ADP M . 23.09 -53.55 10.19
HO2' ADP M . 24.22 -54.36 8.27
H1' ADP M . 25.95 -53.68 11.14
H8 ADP M . 23.94 -52.73 13.85
HN61 ADP M . 22.05 -56.98 15.45
HN62 ADP M . 21.90 -58.60 14.81
H2 ADP M . 23.83 -58.40 10.63
PG ATP N . 51.91 -34.97 40.15
O1G ATP N . 50.98 -35.06 41.33
O2G ATP N . 51.22 -34.40 38.92
O3G ATP N . 53.20 -34.24 40.49
PB ATP N . 52.50 -37.86 40.31
O1B ATP N . 53.03 -37.75 41.68
O2B ATP N . 51.17 -38.58 40.11
O3B ATP N . 52.36 -36.41 39.71
PA ATP N . 53.60 -38.87 37.79
O1A ATP N . 53.39 -37.67 36.97
O2A ATP N . 52.66 -40.06 37.58
O3A ATP N . 53.56 -38.49 39.31
O5' ATP N . 55.10 -39.35 37.61
C5' ATP N . 55.83 -39.12 36.39
C4' ATP N . 56.89 -40.18 36.24
O4' ATP N . 56.92 -40.97 37.44
C3' ATP N . 56.60 -41.19 35.12
O3' ATP N . 57.39 -40.82 33.99
C2' ATP N . 57.03 -42.54 35.71
O2' ATP N . 58.11 -43.15 35.00
C1' ATP N . 57.58 -42.16 37.08
N9 ATP N . 57.28 -43.17 38.08
C8 ATP N . 56.15 -43.25 38.85
N7 ATP N . 56.13 -44.28 39.68
C5 ATP N . 57.35 -44.90 39.44
C6 ATP N . 57.96 -46.04 39.99
N6 ATP N . 57.39 -46.79 40.95
N1 ATP N . 59.17 -46.40 39.53
C2 ATP N . 59.74 -45.65 38.58
N3 ATP N . 59.27 -44.56 37.98
C4 ATP N . 58.06 -44.23 38.45
H5'1 ATP N . 56.24 -38.25 36.42
H5'2 ATP N . 55.21 -39.17 35.63
H4' ATP N . 57.74 -39.75 36.09
H3' ATP N . 55.66 -41.20 34.88
HO3' ATP N . 57.19 -41.36 33.37
H2' ATP N . 56.28 -43.14 35.77
HO2' ATP N . 58.30 -43.86 35.43
H1' ATP N . 58.53 -42.02 37.04
H8 ATP N . 55.45 -42.65 38.79
HN61 ATP N . 56.61 -46.58 41.25
HN62 ATP N . 57.80 -47.48 41.25
H2 ATP N . 60.58 -45.94 38.29
PG ATP O . -5.18 -37.15 26.65
O1G ATP O . -5.11 -36.44 27.96
O2G ATP O . -5.47 -36.19 25.50
O3G ATP O . -3.97 -38.04 26.41
PB ATP O . -7.94 -38.10 26.43
O1B ATP O . -8.61 -37.54 27.62
O2B ATP O . -8.14 -37.36 25.13
O3B ATP O . -6.41 -38.14 26.65
PA ATP O . -9.36 -40.34 25.22
O1A ATP O . -8.98 -40.10 23.81
O2A ATP O . -10.71 -39.77 25.65
O3A ATP O . -8.31 -39.62 26.13
O5' ATP O . -9.28 -41.86 25.65
C5' ATP O . -8.71 -42.85 24.77
C4' ATP O . -9.49 -44.11 24.93
O4' ATP O . -9.66 -44.40 26.34
C3' ATP O . -10.91 -43.99 24.42
O3' ATP O . -10.95 -44.28 23.03
C2' ATP O . -11.61 -45.12 25.18
O2' ATP O . -11.35 -46.33 24.50
C1' ATP O . -10.89 -45.06 26.54
N9 ATP O . -11.62 -44.33 27.54
C8 ATP O . -11.24 -43.17 28.15
N7 ATP O . -12.09 -42.70 29.04
C5 ATP O . -13.12 -43.63 29.00
C6 ATP O . -14.34 -43.72 29.70
N6 ATP O . -14.74 -42.83 30.61
N1 ATP O . -15.15 -44.77 29.43
C2 ATP O . -14.75 -45.66 28.51
N3 ATP O . -13.63 -45.69 27.79
C4 ATP O . -12.85 -44.64 28.10
H5'1 ATP O . -7.78 -43.00 25.03
H5'2 ATP O . -8.75 -42.54 23.85
H4' ATP O . -9.02 -44.84 24.49
H3' ATP O . -11.29 -43.13 24.60
HO3' ATP O . -10.52 -45.00 22.91
H2' ATP O . -12.56 -44.97 25.27
HO2' ATP O . -10.51 -46.49 24.59
H1' ATP O . -10.73 -45.97 26.84
H8 ATP O . -10.43 -42.75 27.97
HN61 ATP O . -14.19 -42.23 30.89
HN62 ATP O . -15.54 -42.86 30.92
H2 ATP O . -15.33 -46.36 28.37
PG ATP P . 23.99 -43.01 54.27
O1G ATP P . 23.93 -42.07 55.43
O2G ATP P . 23.27 -42.44 53.05
O3G ATP P . 25.41 -43.46 53.96
PB ATP P . 21.79 -44.77 55.11
O1B ATP P . 21.68 -44.42 56.53
O2B ATP P . 20.75 -44.24 54.15
O3B ATP P . 23.20 -44.33 54.61
PA ATP P . 21.06 -47.40 54.07
O1A ATP P . 21.10 -46.93 52.66
O2A ATP P . 19.67 -47.54 54.66
O3A ATP P . 21.84 -46.35 54.91
O5' ATP P . 21.86 -48.75 54.26
C5' ATP P . 21.61 -49.87 53.40
C4' ATP P . 21.92 -51.16 54.11
O4' ATP P . 21.42 -51.07 55.46
C3' ATP P . 21.25 -52.38 53.47
O3' ATP P . 22.24 -53.39 53.37
C2' ATP P . 20.14 -52.73 54.47
O2' ATP P . 19.92 -54.14 54.54
C1' ATP P . 20.81 -52.30 55.77
N9 ATP P . 19.84 -52.08 56.84
C8 ATP P . 19.24 -50.89 57.16
N7 ATP P . 18.40 -50.97 58.18
C5 ATP P . 18.48 -52.30 58.55
C6 ATP P . 17.84 -53.03 59.57
N6 ATP P . 16.96 -52.49 60.43
N1 ATP P . 18.13 -54.34 59.69
C2 ATP P . 19.00 -54.88 58.82
N3 ATP P . 19.67 -54.30 57.83
C4 ATP P . 19.36 -52.99 57.74
H5'1 ATP P . 22.16 -49.81 52.60
H5'2 ATP P . 20.67 -49.87 53.14
H4' ATP P . 22.87 -51.29 54.12
H3' ATP P . 20.86 -52.18 52.60
HO3' ATP P . 22.51 -53.54 54.15
H2' ATP P . 19.32 -52.26 54.30
HO2' ATP P . 19.35 -54.26 55.16
H1' ATP P . 21.47 -52.95 56.06
H8 ATP P . 19.40 -50.10 56.69
HN61 ATP P . 16.76 -51.65 60.38
HN62 ATP P . 16.59 -52.99 61.03
H2 ATP P . 19.16 -55.79 58.95
PG ATP Q . -15.24 -7.52 27.66
O1G ATP Q . -14.23 -6.74 28.44
O2G ATP Q . -15.23 -7.17 26.18
O3G ATP Q . -15.11 -9.01 27.90
PB ATP Q . -17.76 -6.03 27.89
O1B ATP Q . -17.81 -5.18 29.09
O2B ATP Q . -17.46 -5.36 26.56
O3B ATP Q . -16.68 -7.14 28.15
PA ATP Q . -20.61 -6.43 27.51
O1A ATP Q . -20.99 -6.75 26.12
O2A ATP Q . -20.68 -4.96 27.85
O3A ATP Q . -19.12 -6.83 27.75
O5' ATP Q . -21.42 -7.26 28.58
C5' ATP Q . -21.84 -8.61 28.32
C4' ATP Q . -23.25 -8.72 28.84
O4' ATP Q . -23.30 -8.18 30.17
C3' ATP Q . -24.24 -7.86 28.06
O3' ATP Q . -24.81 -8.62 27.00
C2' ATP Q . -25.34 -7.58 29.09
O2' ATP Q . -26.34 -8.60 29.04
C1' ATP Q . -24.59 -7.67 30.43
N9 ATP Q . -24.42 -6.38 31.07
C8 ATP Q . -23.24 -5.79 31.40
N7 ATP Q . -23.37 -4.61 31.97
C5 ATP Q . -24.74 -4.42 32.01
C6 ATP Q . -25.53 -3.36 32.49
N6 ATP Q . -25.03 -2.25 33.05
N1 ATP Q . -26.87 -3.48 32.39
C2 ATP Q . -27.37 -4.58 31.82
N3 ATP Q . -26.72 -5.65 31.33
C4 ATP Q . -25.40 -5.50 31.46
H5'1 ATP Q . -21.27 -9.23 28.78
H5'2 ATP Q . -21.82 -8.80 27.37
H4' ATP Q . -23.53 -9.65 28.82
H3' ATP Q . -23.83 -7.04 27.72
HO3' ATP Q . -25.35 -8.10 26.58
H2' ATP Q . -25.73 -6.71 28.96
HO2' ATP Q . -26.91 -8.41 29.65
H1' ATP Q . -25.07 -8.27 31.02
H8 ATP Q . -22.41 -6.18 31.24
HN61 ATP Q . -24.50 -2.31 33.72
HN62 ATP Q . -25.24 -1.48 32.74
H2 ATP Q . -28.30 -4.62 31.78
PG ATP R . 2.64 -20.46 61.57
O1G ATP R . 3.26 -19.10 61.68
O2G ATP R . 2.46 -20.90 60.13
O3G ATP R . 3.36 -21.51 62.42
PB ATP R . 0.35 -19.70 63.29
O1B ATP R . 1.18 -19.72 64.50
O2B ATP R . -0.15 -18.36 62.75
O3B ATP R . 1.17 -20.43 62.16
PA ATP R . -2.24 -20.91 62.64
O1A ATP R . -1.91 -21.20 61.23
O2A ATP R . -3.15 -19.70 62.90
O3A ATP R . -0.90 -20.67 63.41
O5' ATP R . -2.85 -22.18 63.35
C5' ATP R . -4.03 -22.83 62.82
C4' ATP R . -4.72 -23.61 63.89
O4' ATP R . -4.78 -22.81 65.10
C3' ATP R . -6.17 -23.96 63.55
O3' ATP R . -6.44 -25.25 64.09
C2' ATP R . -6.95 -22.86 64.27
O2' ATP R . -8.26 -23.25 64.63
C1' ATP R . -6.11 -22.73 65.53
N9 ATP R . -6.30 -21.43 66.19
C8 ATP R . -5.64 -20.27 65.89
N7 ATP R . -5.98 -19.25 66.64
C5 ATP R . -6.94 -19.79 67.49
C6 ATP R . -7.70 -19.23 68.53
N6 ATP R . -7.61 -17.94 68.90
N1 ATP R . -8.55 -20.03 69.20
C2 ATP R . -8.64 -21.32 68.83
N3 ATP R . -7.97 -21.96 67.87
C4 ATP R . -7.13 -21.14 67.24
H5'1 ATP R . -3.77 -23.43 62.10
H5'2 ATP R . -4.63 -22.16 62.47
H4' ATP R . -4.22 -24.43 64.06
H3' ATP R . -6.33 -23.94 62.59
HO3' ATP R . -7.29 -25.35 64.08
H2' ATP R . -6.98 -22.04 63.75
HO2' ATP R . -8.61 -22.59 65.05
H1' ATP R . -6.33 -23.43 66.15
H8 ATP R . -5.01 -20.21 65.21
HN61 ATP R . -6.89 -17.50 68.76
HN62 ATP R . -8.28 -17.55 69.28
H2 ATP R . -9.24 -21.83 69.32
PG ATP S . 0.36 16.74 16.20
O1G ATP S . 1.82 16.84 16.45
O2G ATP S . -0.32 15.75 17.13
O3G ATP S . 0.04 16.48 14.74
PB ATP S . -0.20 19.63 16.13
O1B ATP S . 0.88 19.77 15.14
O2B ATP S . -0.10 20.43 17.42
O3B ATP S . -0.33 18.12 16.53
PA ATP S . -2.47 21.23 15.26
O1A ATP S . -3.48 21.03 14.21
O2A ATP S . -1.48 22.36 15.01
O3A ATP S . -1.61 19.96 15.47
O5' ATP S . -3.11 21.36 16.69
C5' ATP S . -3.26 22.64 17.35
C4' ATP S . -4.70 23.10 17.36
O4' ATP S . -4.80 24.15 18.33
C3' ATP S . -5.13 23.69 16.02
O3' ATP S . -5.99 22.75 15.38
C2' ATP S . -5.95 24.94 16.39
O2' ATP S . -7.35 24.63 16.41
C1' ATP S . -5.48 25.28 17.81
N9 ATP S . -4.58 26.42 17.85
C8 ATP S . -4.84 27.73 17.56
N7 ATP S . -3.80 28.51 17.67
C5 ATP S . -2.78 27.66 18.07
C6 ATP S . -1.43 27.87 18.37
N6 ATP S . -0.83 29.07 18.31
N1 ATP S . -0.68 26.80 18.72
C2 ATP S . -1.27 25.61 18.78
N3 ATP S . -2.54 25.28 18.53
C4 ATP S . -3.25 26.37 18.18
H5'1 ATP S . -2.73 23.30 16.89
H5'2 ATP S . -2.96 22.55 18.27
H4' ATP S . -5.27 22.36 17.59
H3' ATP S . -4.38 23.92 15.45
HO3' ATP S . -6.21 23.09 14.64
H2' ATP S . -5.77 25.67 15.79
HO2' ATP S . -7.56 24.44 15.61
H1' ATP S . -6.26 25.46 18.36
H8 ATP S . -5.69 28.03 17.31
HN61 ATP S . -1.18 29.74 18.70
HN62 ATP S . -0.09 29.16 17.86
H2 ATP S . -0.72 24.90 19.04
PG ATP T . 8.90 10.64 56.59
O1G ATP T . 10.38 10.42 56.70
O2G ATP T . 8.31 9.95 55.38
O3G ATP T . 8.18 10.29 57.89
PB ATP T . 9.25 13.58 56.62
O1B ATP T . 9.66 13.63 58.04
O2B ATP T . 10.31 13.83 55.55
O3B ATP T . 8.60 12.18 56.37
PA ATP T . 6.48 14.39 56.01
O1A ATP T . 6.13 13.00 55.68
O2A ATP T . 6.10 15.49 55.01
O3A ATP T . 8.02 14.55 56.34
O5' ATP T . 5.79 14.71 57.40
C5' ATP T . 5.24 16.01 57.69
C4' ATP T . 3.74 15.95 57.82
O4' ATP T . 3.32 17.01 58.70
C3' ATP T . 2.98 16.20 56.53
O3' ATP T . 1.67 15.63 56.61
C2' ATP T . 2.88 17.72 56.47
O2' ATP T . 1.66 18.15 55.88
C1' ATP T . 2.90 18.13 57.95
N9 ATP T . 3.81 19.22 58.23
C8 ATP T . 5.10 19.34 57.80
N7 ATP T . 5.71 20.42 58.23
C5 ATP T . 4.75 21.05 59.01
C6 ATP T . 4.76 22.24 59.74
N6 ATP T . 5.83 23.06 59.83
N1 ATP T . 3.64 22.58 60.41
C2 ATP T . 2.58 21.78 60.33
N3 ATP T . 2.45 20.62 59.67
C4 ATP T . 3.58 20.32 59.02
H5'1 ATP T . 5.47 16.63 56.97
H5'2 ATP T . 5.62 16.34 58.52
H4' ATP T . 3.48 15.09 58.19
H3' ATP T . 3.45 15.85 55.76
HO3' ATP T . 1.28 16.01 57.26
H2' ATP T . 3.63 18.10 55.98
HO2' ATP T . 1.03 17.84 56.37
H1' ATP T . 1.99 18.38 58.21
H8 ATP T . 5.51 18.73 57.24
HN61 ATP T . 6.56 22.86 59.42
HN62 ATP T . 5.78 23.78 60.30
H2 ATP T . 1.84 22.06 60.82
PB ADP U . 27.03 14.35 -2.00
O1B ADP U . 26.76 13.97 -3.43
O2B ADP U . 25.96 13.91 -1.02
O3B ADP U . 28.45 14.11 -1.54
PA ADP U . 27.50 16.77 -3.25
O1A ADP U . 28.80 16.13 -3.68
O2A ADP U . 26.39 16.96 -4.26
O3A ADP U . 26.92 15.94 -2.01
O5' ADP U . 27.83 18.20 -2.59
C5' ADP U . 28.46 19.23 -3.33
C4' ADP U . 27.82 20.55 -2.93
O4' ADP U . 28.82 21.39 -2.35
C3' ADP U . 27.24 21.35 -4.07
O3' ADP U . 26.21 22.23 -3.62
C2' ADP U . 28.43 22.14 -4.56
O2' ADP U . 28.04 23.35 -5.21
C1' ADP U . 29.18 22.43 -3.27
N9 ADP U . 30.64 22.40 -3.54
C8 ADP U . 31.29 23.17 -4.42
N7 ADP U . 32.63 22.89 -4.40
C5 ADP U . 32.81 21.91 -3.50
C6 ADP U . 33.96 21.14 -3.00
N6 ADP U . 35.20 21.35 -3.46
N1 ADP U . 33.71 20.20 -2.05
C2 ADP U . 32.48 19.97 -1.58
N3 ADP U . 31.40 20.64 -2.00
C4 ADP U . 31.50 21.60 -2.94
H5'1 ADP U . 28.33 19.06 -4.41
H5'2 ADP U . 29.53 19.25 -3.12
H4' ADP U . 27.04 20.35 -2.20
H3' ADP U . 26.87 20.69 -4.87
HO3' ADP U . 25.82 22.69 -4.37
H2' ADP U . 29.05 21.52 -5.23
HO2' ADP U . 27.50 23.14 -5.99
H1' ADP U . 28.88 23.41 -2.88
H8 ADP U . 30.84 23.93 -5.05
HN61 ADP U . 35.36 22.05 -4.17
HN62 ADP U . 35.98 20.80 -3.10
H2 ADP U . 32.35 19.21 -0.82
PG ATP V . 37.08 18.72 41.60
O1G ATP V . 37.95 17.55 41.30
O2G ATP V . 35.65 18.50 41.14
O3G ATP V . 37.16 19.16 43.06
PB ATP V . 38.91 20.78 40.49
O1B ATP V . 39.57 20.98 41.79
O2B ATP V . 39.65 20.08 39.36
O3B ATP V . 37.58 19.98 40.77
PA ATP V . 38.16 22.84 38.56
O1A ATP V . 36.79 22.65 38.04
O2A ATP V . 39.32 22.38 37.67
O3A ATP V . 38.31 22.14 39.94
O5' ATP V . 38.37 24.35 38.95
C5' ATP V . 37.41 25.04 39.78
C4' ATP V . 37.28 26.47 39.32
O4' ATP V . 38.49 27.18 39.66
C3' ATP V . 37.06 26.65 37.82
O3' ATP V . 36.16 27.72 37.56
C2' ATP V . 38.45 27.05 37.32
O2' ATP V . 38.40 27.95 36.21
C1' ATP V . 38.98 27.83 38.51
N9 ATP V . 40.44 27.79 38.59
C8 ATP V . 41.21 26.67 38.76
N7 ATP V . 42.50 26.92 38.80
C5 ATP V . 42.58 28.29 38.64
C6 ATP V . 43.67 29.18 38.60
N6 ATP V . 44.94 28.80 38.70
N1 ATP V . 43.39 30.49 38.43
C2 ATP V . 42.12 30.87 38.32
N3 ATP V . 41.01 30.13 38.35
C4 ATP V . 41.31 28.83 38.52
H5'1 ATP V . 37.73 25.04 40.70
H5'2 ATP V . 36.55 24.60 39.74
H4' ATP V . 36.53 26.87 39.78
H3' ATP V . 36.76 25.82 37.39
HO3' ATP V . 36.51 28.42 37.90
H2' ATP V . 38.99 26.27 37.10
HO2' ATP V . 37.98 28.63 36.47
H1' ATP V . 38.68 28.75 38.47
H8 ATP V . 40.86 25.81 38.84
HN61 ATP V . 45.13 27.97 38.82
HN62 ATP V . 45.57 29.39 38.68
H2 ATP V . 41.99 31.79 38.20
PG ATP W . 58.06 -3.77 32.96
O1G ATP W . 57.87 -5.10 33.63
O2G ATP W . 56.90 -3.43 32.03
O3G ATP W . 58.35 -2.65 33.96
PB ATP W . 60.71 -4.56 31.93
O1B ATP W . 61.30 -4.51 33.27
O2B ATP W . 60.48 -5.90 31.25
O3B ATP W . 59.33 -3.81 32.03
PA ATP W . 61.83 -3.63 29.38
O1A ATP W . 60.63 -3.28 28.62
O2A ATP W . 62.43 -5.00 29.07
O3A ATP W . 61.49 -3.62 30.92
O5' ATP W . 62.96 -2.54 29.28
C5' ATP W . 62.83 -1.42 28.38
C4' ATP W . 64.17 -1.17 27.73
O4' ATP W . 65.21 -1.65 28.60
C3' ATP W . 64.36 -1.93 26.43
O3' ATP W . 64.06 -1.06 25.35
C2' ATP W . 65.84 -2.32 26.41
O2' ATP W . 66.63 -1.54 25.53
C1' ATP W . 66.33 -2.02 27.83
N9 ATP W . 66.89 -3.22 28.43
C8 ATP W . 66.21 -4.20 29.10
N7 ATP W . 66.96 -5.18 29.53
C5 ATP W . 68.23 -4.82 29.11
C6 ATP W . 69.48 -5.44 29.26
N6 ATP W . 69.68 -6.61 29.89
N1 ATP W . 70.56 -4.82 28.72
C2 ATP W . 70.38 -3.66 28.09
N3 ATP W . 69.25 -2.98 27.90
C4 ATP W . 68.21 -3.61 28.43
H5'1 ATP W . 62.56 -0.63 28.88
H5'2 ATP W . 62.17 -1.62 27.70
H4' ATP W . 64.27 -0.22 27.57
H3' ATP W . 63.79 -2.72 26.39
HO3' ATP W . 64.17 -1.50 24.63
H2' ATP W . 65.94 -3.26 26.20
HO2' ATP W . 67.43 -1.79 25.62
H1' ATP W . 66.98 -1.31 27.82
H8 ATP W . 65.29 -4.17 29.24
HN61 ATP W . 69.00 -7.02 30.24
HN62 ATP W . 70.46 -6.95 29.95
H2 ATP W . 71.15 -3.27 27.74
#